data_1SOJ
#
_entry.id   1SOJ
#
_cell.length_a   275.046
_cell.length_b   147.078
_cell.length_c   253.485
_cell.angle_alpha   90.00
_cell.angle_beta   109.84
_cell.angle_gamma   90.00
#
_symmetry.space_group_name_H-M   'C 1 2 1'
#
loop_
_entity.id
_entity.type
_entity.pdbx_description
1 polymer "cGMP-inhibited 3',5'-cyclic phosphodiesterase B"
2 non-polymer 'MAGNESIUM ION'
3 non-polymer 3-ISOBUTYL-1-METHYLXANTHINE
4 water water
#
_entity_poly.entity_id   1
_entity_poly.type   'polypeptide(L)'
_entity_poly.pdbx_seq_one_letter_code
;EQEVSLDLILVEEYDSLIEKMSNWNFPIFELVEKMGEKSGRILSQVMYTLFQDTGLLEIFKIPTQQFMNYFRALENGYRD
IPYHNRIHATDVLHAVWYLTTRPVPGLQQIHNGCGTGNETDSDGRINHGRIAYISSKSCSNPDESYGCLSSNIPALELMA
LYVAAAMHDYDHPGRTNAFLVATNAPQAVLYNDRSVLENHHAASAWNLYLSRPEYNFLLHLDHVEFKRFRFLVIEAILAT
DLKKHFDFLAEFNAKANDVNSNGIEWSNENDRLLVCQVCIKLADINGPAKVRDLHLKWTEGIVNEFYEQGDEEANLGLPI
SPFMDRSSPQLAKLQESFITHIVGPLCNSYDAAGLLPGQWLEAEEDNDTESGDDEDGEELDTEDEEMENNLNPKPPRRKS
RRRIFCQLMHHLTENHKIWK
;
_entity_poly.pdbx_strand_id   A,B,C,D,E,F,G,H,I,J,K,L
#
loop_
_chem_comp.id
_chem_comp.type
_chem_comp.name
_chem_comp.formula
IBM non-polymer 3-ISOBUTYL-1-METHYLXANTHINE 'C10 H14 N4 O2'
MG non-polymer 'MAGNESIUM ION' 'Mg 2'
#
# COMPACT_ATOMS: atom_id res chain seq x y z
N LEU A 6 -7.68 34.22 25.68
CA LEU A 6 -6.87 35.03 24.72
C LEU A 6 -6.53 34.24 23.46
N ASP A 7 -6.19 32.96 23.64
CA ASP A 7 -5.85 32.06 22.53
C ASP A 7 -7.02 31.96 21.54
N LEU A 8 -8.21 31.66 22.07
CA LEU A 8 -9.42 31.55 21.26
C LEU A 8 -9.79 32.92 20.69
N ILE A 9 -9.64 33.98 21.49
CA ILE A 9 -9.95 35.35 21.06
C ILE A 9 -9.16 35.76 19.82
N LEU A 10 -7.90 35.32 19.74
CA LEU A 10 -7.03 35.62 18.61
C LEU A 10 -7.40 34.79 17.38
N VAL A 11 -7.80 33.53 17.61
CA VAL A 11 -8.21 32.64 16.52
C VAL A 11 -9.52 33.14 15.91
N GLU A 12 -10.41 33.64 16.76
CA GLU A 12 -11.68 34.16 16.27
C GLU A 12 -11.42 35.36 15.36
N GLU A 13 -10.49 36.23 15.76
CA GLU A 13 -10.16 37.41 14.97
C GLU A 13 -9.63 37.03 13.58
N TYR A 14 -8.81 35.98 13.53
CA TYR A 14 -8.25 35.52 12.28
C TYR A 14 -9.36 35.02 11.35
N ASP A 15 -10.22 34.14 11.87
CA ASP A 15 -11.31 33.60 11.06
C ASP A 15 -12.23 34.74 10.61
N SER A 16 -12.45 35.70 11.49
CA SER A 16 -13.29 36.85 11.19
C SER A 16 -12.75 37.58 9.97
N LEU A 17 -11.48 37.98 10.06
CA LEU A 17 -10.82 38.72 8.99
C LEU A 17 -10.86 37.95 7.68
N ILE A 18 -10.39 36.71 7.70
CA ILE A 18 -10.39 35.90 6.48
C ILE A 18 -11.78 35.86 5.86
N GLU A 19 -12.82 35.79 6.67
CA GLU A 19 -14.15 35.76 6.12
C GLU A 19 -14.45 37.07 5.42
N LYS A 20 -14.08 38.18 6.06
CA LYS A 20 -14.31 39.51 5.49
C LYS A 20 -13.53 39.66 4.19
N MET A 21 -12.23 39.35 4.25
CA MET A 21 -11.35 39.47 3.10
C MET A 21 -11.65 38.53 1.96
N SER A 22 -12.51 37.55 2.20
CA SER A 22 -12.83 36.60 1.14
C SER A 22 -13.70 37.20 0.05
N ASN A 23 -14.27 38.37 0.32
CA ASN A 23 -15.10 39.08 -0.64
C ASN A 23 -14.23 40.06 -1.40
N TRP A 24 -14.38 40.11 -2.72
CA TRP A 24 -13.61 41.05 -3.51
C TRP A 24 -13.89 42.46 -3.01
N ASN A 25 -15.11 42.70 -2.55
CA ASN A 25 -15.47 44.03 -2.04
C ASN A 25 -15.25 44.05 -0.54
N PHE A 26 -14.06 43.63 -0.13
CA PHE A 26 -13.69 43.59 1.27
C PHE A 26 -13.87 44.99 1.88
N PRO A 27 -14.71 45.10 2.92
CA PRO A 27 -14.98 46.37 3.61
C PRO A 27 -13.80 46.84 4.44
N ILE A 28 -12.69 47.11 3.74
CA ILE A 28 -11.47 47.55 4.38
C ILE A 28 -11.66 48.75 5.31
N PHE A 29 -12.50 49.71 4.93
CA PHE A 29 -12.70 50.86 5.79
C PHE A 29 -13.38 50.53 7.11
N GLU A 30 -14.11 49.43 7.13
CA GLU A 30 -14.78 48.99 8.33
C GLU A 30 -13.71 48.45 9.27
N LEU A 31 -12.81 47.65 8.72
CA LEU A 31 -11.73 47.08 9.51
C LEU A 31 -10.99 48.23 10.18
N VAL A 32 -10.70 49.27 9.41
CA VAL A 32 -9.99 50.42 9.93
C VAL A 32 -10.70 50.94 11.18
N GLU A 33 -12.02 50.91 11.15
CA GLU A 33 -12.77 51.37 12.31
C GLU A 33 -12.71 50.39 13.47
N LYS A 34 -12.90 49.11 13.18
CA LYS A 34 -12.84 48.10 14.21
C LYS A 34 -11.52 48.16 14.97
N MET A 35 -10.42 48.41 14.27
CA MET A 35 -9.12 48.46 14.93
C MET A 35 -8.96 49.68 15.80
N GLY A 36 -9.79 50.70 15.58
CA GLY A 36 -9.70 51.90 16.40
C GLY A 36 -8.31 52.47 16.50
N GLU A 37 -7.82 52.63 17.73
CA GLU A 37 -6.50 53.20 17.95
C GLU A 37 -5.36 52.34 17.43
N LYS A 38 -5.62 51.06 17.23
CA LYS A 38 -4.59 50.18 16.71
C LYS A 38 -4.68 50.12 15.18
N SER A 39 -5.43 51.07 14.63
CA SER A 39 -5.64 51.21 13.19
C SER A 39 -4.33 51.27 12.40
N GLY A 40 -3.31 51.90 12.98
CA GLY A 40 -2.05 52.05 12.31
C GLY A 40 -1.29 50.78 12.02
N ARG A 41 -1.79 49.65 12.51
CA ARG A 41 -1.11 48.38 12.28
C ARG A 41 -1.89 47.49 11.33
N ILE A 42 -2.76 48.11 10.55
CA ILE A 42 -3.59 47.36 9.61
C ILE A 42 -2.82 46.61 8.53
N LEU A 43 -1.80 47.24 7.95
CA LEU A 43 -1.01 46.61 6.90
C LEU A 43 -0.26 45.39 7.41
N SER A 44 0.36 45.51 8.58
CA SER A 44 1.11 44.39 9.15
C SER A 44 0.16 43.24 9.52
N GLN A 45 -0.97 43.56 10.13
CA GLN A 45 -1.96 42.55 10.52
C GLN A 45 -2.50 41.81 9.32
N VAL A 46 -2.78 42.54 8.24
CA VAL A 46 -3.32 41.90 7.05
C VAL A 46 -2.27 41.05 6.41
N MET A 47 -1.02 41.52 6.44
CA MET A 47 0.11 40.78 5.87
C MET A 47 0.32 39.47 6.60
N TYR A 48 0.20 39.52 7.93
CA TYR A 48 0.37 38.33 8.74
C TYR A 48 -0.76 37.34 8.42
N THR A 49 -1.99 37.84 8.43
CA THR A 49 -3.15 37.01 8.14
C THR A 49 -3.03 36.34 6.78
N LEU A 50 -2.58 37.07 5.77
CA LEU A 50 -2.45 36.50 4.44
C LEU A 50 -1.30 35.54 4.32
N PHE A 51 -0.17 35.86 4.94
CA PHE A 51 0.96 34.95 4.88
C PHE A 51 0.65 33.62 5.57
N GLN A 52 -0.31 33.64 6.49
CA GLN A 52 -0.76 32.43 7.16
C GLN A 52 -1.71 31.69 6.22
N ASP A 53 -2.77 32.37 5.81
CA ASP A 53 -3.74 31.79 4.90
C ASP A 53 -3.07 31.21 3.65
N THR A 54 -1.93 31.77 3.28
CA THR A 54 -1.19 31.32 2.11
C THR A 54 -0.24 30.18 2.40
N GLY A 55 0.25 30.16 3.63
CA GLY A 55 1.18 29.13 4.04
C GLY A 55 2.61 29.55 3.80
N LEU A 56 2.80 30.73 3.23
CA LEU A 56 4.13 31.22 2.95
C LEU A 56 5.05 31.20 4.19
N LEU A 57 4.51 31.54 5.36
CA LEU A 57 5.31 31.53 6.57
C LEU A 57 5.99 30.18 6.75
N GLU A 58 5.26 29.10 6.54
CA GLU A 58 5.84 27.78 6.70
C GLU A 58 6.71 27.38 5.49
N ILE A 59 6.21 27.62 4.29
CA ILE A 59 6.93 27.26 3.08
C ILE A 59 8.35 27.85 3.06
N PHE A 60 8.52 29.03 3.66
CA PHE A 60 9.83 29.68 3.68
C PHE A 60 10.37 29.90 5.08
N LYS A 61 9.94 29.07 6.01
CA LYS A 61 10.42 29.15 7.39
C LYS A 61 10.61 30.59 7.86
N ILE A 62 9.56 31.40 7.74
CA ILE A 62 9.67 32.80 8.13
C ILE A 62 9.38 33.02 9.62
N PRO A 63 10.40 33.45 10.37
CA PRO A 63 10.22 33.72 11.80
C PRO A 63 9.17 34.82 12.02
N THR A 64 8.15 34.50 12.80
CA THR A 64 7.09 35.46 13.06
C THR A 64 7.55 36.82 13.59
N GLN A 65 8.57 36.82 14.45
CA GLN A 65 9.06 38.05 15.03
C GLN A 65 9.62 39.04 14.02
N GLN A 66 10.64 38.64 13.26
CA GLN A 66 11.23 39.54 12.27
C GLN A 66 10.20 40.02 11.28
N PHE A 67 9.34 39.11 10.81
CA PHE A 67 8.29 39.43 9.88
C PHE A 67 7.51 40.62 10.41
N MET A 68 6.92 40.46 11.59
CA MET A 68 6.17 41.57 12.15
C MET A 68 7.03 42.79 12.42
N ASN A 69 8.29 42.60 12.74
CA ASN A 69 9.16 43.74 13.00
C ASN A 69 9.29 44.63 11.79
N TYR A 70 9.59 44.02 10.64
CA TYR A 70 9.75 44.75 9.39
C TYR A 70 8.45 45.42 8.93
N PHE A 71 7.39 44.62 8.77
CA PHE A 71 6.14 45.20 8.31
C PHE A 71 5.54 46.19 9.28
N ARG A 72 5.80 46.07 10.57
CA ARG A 72 5.25 47.07 11.48
C ARG A 72 5.99 48.36 11.18
N ALA A 73 7.25 48.23 10.79
CA ALA A 73 8.11 49.38 10.48
C ALA A 73 7.75 49.96 9.13
N LEU A 74 7.58 49.08 8.16
CA LEU A 74 7.23 49.51 6.82
C LEU A 74 5.96 50.36 6.90
N GLU A 75 4.97 49.89 7.66
CA GLU A 75 3.72 50.65 7.81
C GLU A 75 3.97 52.08 8.18
N ASN A 76 4.78 52.29 9.23
CA ASN A 76 5.04 53.64 9.68
C ASN A 76 5.68 54.52 8.62
N GLY A 77 6.19 53.90 7.57
CA GLY A 77 6.80 54.65 6.49
C GLY A 77 5.75 55.38 5.68
N TYR A 78 4.52 54.86 5.67
CA TYR A 78 3.41 55.48 4.95
C TYR A 78 2.91 56.71 5.69
N ARG A 79 3.01 57.86 5.01
CA ARG A 79 2.62 59.14 5.55
C ARG A 79 1.14 59.24 5.76
N ASP A 80 0.74 60.24 6.51
CA ASP A 80 -0.68 60.44 6.78
C ASP A 80 -1.26 61.40 5.75
N ILE A 81 -1.38 60.91 4.52
CA ILE A 81 -1.93 61.67 3.42
C ILE A 81 -3.26 61.04 2.99
N PRO A 82 -4.14 61.82 2.35
CA PRO A 82 -5.46 61.37 1.89
C PRO A 82 -5.59 60.10 1.07
N TYR A 83 -4.59 59.74 0.27
CA TYR A 83 -4.75 58.52 -0.51
C TYR A 83 -3.63 57.51 -0.43
N HIS A 84 -2.42 57.95 -0.75
CA HIS A 84 -1.27 57.05 -0.75
C HIS A 84 -0.74 56.75 0.65
N ASN A 85 -1.55 56.04 1.43
CA ASN A 85 -1.25 55.70 2.81
C ASN A 85 -1.29 54.20 3.01
N ARG A 86 -1.04 53.75 4.24
CA ARG A 86 -1.03 52.34 4.54
C ARG A 86 -2.32 51.60 4.22
N ILE A 87 -3.45 52.31 4.26
CA ILE A 87 -4.73 51.68 3.93
C ILE A 87 -4.73 51.33 2.45
N HIS A 88 -4.22 52.24 1.61
CA HIS A 88 -4.15 51.99 0.17
C HIS A 88 -3.29 50.73 -0.05
N ALA A 89 -2.10 50.72 0.54
CA ALA A 89 -1.19 49.57 0.40
C ALA A 89 -1.90 48.30 0.80
N THR A 90 -2.59 48.34 1.93
CA THR A 90 -3.31 47.15 2.38
C THR A 90 -4.30 46.70 1.30
N ASP A 91 -5.05 47.65 0.75
CA ASP A 91 -6.02 47.36 -0.32
C ASP A 91 -5.32 46.72 -1.51
N VAL A 92 -4.24 47.34 -1.98
CA VAL A 92 -3.53 46.76 -3.12
C VAL A 92 -3.05 45.35 -2.81
N LEU A 93 -2.65 45.11 -1.55
CA LEU A 93 -2.20 43.79 -1.12
C LEU A 93 -3.36 42.80 -1.25
N HIS A 94 -4.47 43.12 -0.60
CA HIS A 94 -5.66 42.27 -0.65
C HIS A 94 -6.06 41.93 -2.07
N ALA A 95 -5.93 42.90 -2.98
CA ALA A 95 -6.27 42.69 -4.37
C ALA A 95 -5.39 41.65 -5.04
N VAL A 96 -4.06 41.80 -4.96
CA VAL A 96 -3.15 40.81 -5.60
C VAL A 96 -3.33 39.44 -4.99
N TRP A 97 -3.59 39.40 -3.70
CA TRP A 97 -3.80 38.13 -3.05
C TRP A 97 -5.04 37.47 -3.66
N TYR A 98 -6.14 38.22 -3.66
CA TYR A 98 -7.40 37.73 -4.21
C TYR A 98 -7.29 37.36 -5.68
N LEU A 99 -6.68 38.23 -6.48
CA LEU A 99 -6.53 37.96 -7.90
C LEU A 99 -5.71 36.74 -8.30
N THR A 100 -4.84 36.28 -7.39
CA THR A 100 -3.97 35.14 -7.69
C THR A 100 -4.35 33.91 -6.87
N THR A 101 -5.46 34.02 -6.17
CA THR A 101 -5.92 32.96 -5.32
C THR A 101 -7.28 32.35 -5.66
N ARG A 102 -8.28 33.20 -5.84
CA ARG A 102 -9.62 32.74 -6.16
C ARG A 102 -9.71 32.04 -7.51
N PRO A 103 -10.77 31.24 -7.71
CA PRO A 103 -11.06 30.47 -8.93
C PRO A 103 -11.26 31.31 -10.19
N VAL A 104 -10.55 30.91 -11.24
CA VAL A 104 -10.60 31.56 -12.53
C VAL A 104 -11.20 30.60 -13.56
N PRO A 105 -12.42 30.88 -14.02
CA PRO A 105 -13.16 30.07 -14.99
C PRO A 105 -12.32 29.67 -16.18
N GLY A 106 -12.19 28.37 -16.40
CA GLY A 106 -11.44 27.87 -17.54
C GLY A 106 -9.93 27.97 -17.51
N LEU A 107 -9.36 28.44 -16.40
CA LEU A 107 -7.90 28.57 -16.30
C LEU A 107 -7.23 27.20 -16.24
N GLN A 108 -6.40 26.93 -17.24
CA GLN A 108 -5.67 25.67 -17.34
C GLN A 108 -4.49 25.72 -16.38
N GLN A 109 -4.50 24.86 -15.37
CA GLN A 109 -3.43 24.82 -14.38
C GLN A 109 -2.40 23.75 -14.68
N ILE A 110 -1.35 24.14 -15.39
CA ILE A 110 -0.29 23.21 -15.76
C ILE A 110 0.48 22.74 -14.54
N HIS A 111 1.02 23.69 -13.80
CA HIS A 111 1.82 23.36 -12.62
C HIS A 111 0.98 23.01 -11.37
N ASN A 112 -0.28 22.65 -11.60
CA ASN A 112 -1.24 22.29 -10.55
C ASN A 112 -0.60 21.67 -9.30
N GLY A 113 -0.46 22.48 -8.23
CA GLY A 113 0.12 22.01 -6.97
C GLY A 113 -0.62 20.81 -6.34
N ARG A 130 12.61 20.74 -6.11
CA ARG A 130 11.17 20.99 -6.44
C ARG A 130 10.73 22.36 -5.96
N ILE A 131 10.02 23.09 -6.83
CA ILE A 131 9.54 24.41 -6.50
C ILE A 131 8.19 24.32 -5.77
N ALA A 132 8.07 25.13 -4.72
CA ALA A 132 6.86 25.17 -3.90
C ALA A 132 5.79 26.08 -4.51
N TYR A 133 4.53 25.76 -4.23
CA TYR A 133 3.40 26.50 -4.73
C TYR A 133 2.45 26.72 -3.59
N ILE A 134 1.85 27.90 -3.50
CA ILE A 134 0.93 28.14 -2.40
C ILE A 134 -0.48 27.70 -2.76
N SER A 135 -1.39 27.85 -1.80
CA SER A 135 -2.79 27.52 -1.98
C SER A 135 -3.54 28.11 -0.81
N SER A 136 -4.46 29.01 -1.09
CA SER A 136 -5.20 29.64 -0.01
C SER A 136 -6.09 28.65 0.72
N LYS A 137 -6.05 28.72 2.04
CA LYS A 137 -6.84 27.85 2.88
C LYS A 137 -8.26 28.42 2.99
N SER A 138 -8.51 29.56 2.38
CA SER A 138 -9.83 30.14 2.49
C SER A 138 -10.68 30.04 1.24
N CYS A 139 -10.27 29.19 0.30
CA CYS A 139 -11.05 28.99 -0.91
C CYS A 139 -10.43 27.86 -1.73
N SER A 140 -11.20 27.37 -2.71
CA SER A 140 -10.74 26.29 -3.59
C SER A 140 -11.60 26.28 -4.85
N ASN A 141 -11.03 25.79 -5.94
CA ASN A 141 -11.75 25.73 -7.20
C ASN A 141 -12.93 24.76 -7.09
N PRO A 142 -14.11 25.19 -7.54
CA PRO A 142 -15.32 24.35 -7.49
C PRO A 142 -15.13 23.01 -8.17
N ASP A 143 -14.36 23.01 -9.26
CA ASP A 143 -14.07 21.78 -9.99
C ASP A 143 -13.01 22.00 -11.05
N GLU A 144 -12.79 20.98 -11.88
CA GLU A 144 -11.77 21.07 -12.93
C GLU A 144 -12.07 22.18 -13.95
N SER A 145 -13.27 22.76 -13.89
CA SER A 145 -13.65 23.83 -14.81
C SER A 145 -12.96 25.12 -14.40
N TYR A 146 -12.35 25.12 -13.22
CA TYR A 146 -11.65 26.30 -12.70
C TYR A 146 -10.15 26.14 -12.54
N GLY A 147 -9.50 27.22 -12.16
CA GLY A 147 -8.07 27.22 -11.94
C GLY A 147 -7.70 28.49 -11.18
N CYS A 148 -6.42 28.69 -10.90
CA CYS A 148 -5.98 29.89 -10.22
C CYS A 148 -4.49 30.06 -10.42
N LEU A 149 -4.04 31.31 -10.39
CA LEU A 149 -2.63 31.59 -10.59
C LEU A 149 -1.74 30.90 -9.56
N SER A 150 -2.23 30.77 -8.33
CA SER A 150 -1.45 30.13 -7.26
C SER A 150 -0.92 28.77 -7.70
N SER A 151 -1.53 28.20 -8.74
CA SER A 151 -1.11 26.90 -9.22
C SER A 151 -0.18 26.96 -10.42
N ASN A 152 -0.03 28.13 -11.02
CA ASN A 152 0.84 28.25 -12.18
C ASN A 152 2.07 29.09 -11.89
N ILE A 153 2.02 29.84 -10.80
CA ILE A 153 3.13 30.69 -10.40
C ILE A 153 3.70 30.23 -9.07
N PRO A 154 5.00 29.87 -9.06
CA PRO A 154 5.69 29.41 -7.85
C PRO A 154 5.50 30.35 -6.65
N ALA A 155 5.45 29.77 -5.46
CA ALA A 155 5.24 30.52 -4.22
C ALA A 155 6.24 31.66 -4.02
N LEU A 156 7.48 31.45 -4.44
CA LEU A 156 8.51 32.49 -4.26
C LEU A 156 8.05 33.75 -4.99
N GLU A 157 7.66 33.58 -6.23
CA GLU A 157 7.20 34.65 -7.08
C GLU A 157 5.96 35.34 -6.54
N LEU A 158 4.98 34.57 -6.07
CA LEU A 158 3.78 35.21 -5.53
C LEU A 158 4.10 35.91 -4.20
N MET A 159 5.11 35.45 -3.48
CA MET A 159 5.43 36.12 -2.23
C MET A 159 6.06 37.45 -2.57
N ALA A 160 6.83 37.49 -3.64
CA ALA A 160 7.47 38.74 -4.06
C ALA A 160 6.36 39.75 -4.39
N LEU A 161 5.31 39.25 -5.02
CA LEU A 161 4.20 40.08 -5.41
C LEU A 161 3.51 40.67 -4.18
N TYR A 162 3.18 39.82 -3.22
CA TYR A 162 2.52 40.27 -1.99
C TYR A 162 3.38 41.28 -1.25
N VAL A 163 4.68 41.03 -1.17
CA VAL A 163 5.59 41.94 -0.48
C VAL A 163 5.71 43.24 -1.25
N ALA A 164 5.88 43.13 -2.56
CA ALA A 164 5.98 44.30 -3.40
C ALA A 164 4.74 45.18 -3.19
N ALA A 165 3.58 44.55 -3.12
CA ALA A 165 2.34 45.29 -2.94
C ALA A 165 2.34 46.05 -1.63
N ALA A 166 2.86 45.42 -0.58
CA ALA A 166 2.90 46.04 0.73
C ALA A 166 3.82 47.24 0.79
N MET A 167 4.86 47.22 -0.03
CA MET A 167 5.80 48.32 -0.03
C MET A 167 5.77 49.21 -1.29
N HIS A 168 4.86 48.96 -2.24
CA HIS A 168 4.85 49.73 -3.47
C HIS A 168 4.65 51.23 -3.41
N ASP A 169 4.01 51.75 -2.37
CA ASP A 169 3.85 53.20 -2.27
C ASP A 169 4.52 53.73 -0.99
N TYR A 170 5.50 52.98 -0.48
CA TYR A 170 6.23 53.34 0.74
C TYR A 170 6.76 54.77 0.71
N ASP A 171 6.48 55.52 1.78
CA ASP A 171 6.90 56.90 1.89
C ASP A 171 6.49 57.83 0.75
N HIS A 172 5.24 57.71 0.29
CA HIS A 172 4.71 58.55 -0.76
C HIS A 172 4.51 59.96 -0.20
N PRO A 173 4.97 60.99 -0.94
CA PRO A 173 4.82 62.37 -0.48
C PRO A 173 3.47 62.98 -0.78
N GLY A 174 2.65 62.26 -1.56
CA GLY A 174 1.34 62.75 -1.93
C GLY A 174 1.45 63.76 -3.07
N ARG A 175 2.43 63.50 -3.93
CA ARG A 175 2.69 64.35 -5.07
C ARG A 175 3.02 63.42 -6.23
N THR A 176 2.86 63.87 -7.47
CA THR A 176 3.09 63.01 -8.64
C THR A 176 4.50 63.10 -9.17
N ASN A 177 4.93 62.11 -9.96
CA ASN A 177 6.27 62.18 -10.51
C ASN A 177 6.43 63.45 -11.32
N ALA A 178 5.39 63.81 -12.06
CA ALA A 178 5.43 65.01 -12.89
C ALA A 178 5.75 66.25 -12.07
N PHE A 179 5.14 66.35 -10.90
CA PHE A 179 5.35 67.48 -10.02
C PHE A 179 6.80 67.50 -9.57
N LEU A 180 7.27 66.37 -9.08
CA LEU A 180 8.64 66.27 -8.62
C LEU A 180 9.60 66.65 -9.75
N VAL A 181 9.39 66.06 -10.94
CA VAL A 181 10.25 66.35 -12.08
C VAL A 181 10.22 67.83 -12.49
N ALA A 182 9.03 68.41 -12.50
CA ALA A 182 8.84 69.80 -12.88
C ALA A 182 9.51 70.74 -11.91
N THR A 183 9.32 70.52 -10.61
CA THR A 183 9.91 71.38 -9.61
C THR A 183 11.37 71.03 -9.29
N ASN A 184 11.95 70.12 -10.08
CA ASN A 184 13.33 69.68 -9.87
C ASN A 184 13.59 69.29 -8.42
N ALA A 185 12.67 68.52 -7.87
CA ALA A 185 12.75 68.02 -6.51
C ALA A 185 13.99 67.15 -6.39
N PRO A 186 14.72 67.26 -5.28
CA PRO A 186 15.92 66.46 -5.10
C PRO A 186 15.71 65.00 -5.45
N GLN A 187 14.57 64.46 -5.06
CA GLN A 187 14.28 63.06 -5.33
C GLN A 187 14.19 62.77 -6.83
N ALA A 188 13.76 63.77 -7.60
CA ALA A 188 13.65 63.62 -9.04
C ALA A 188 15.03 63.74 -9.66
N VAL A 189 15.84 64.65 -9.13
CA VAL A 189 17.20 64.81 -9.64
C VAL A 189 18.01 63.56 -9.30
N LEU A 190 17.73 62.98 -8.14
CA LEU A 190 18.43 61.79 -7.72
C LEU A 190 18.18 60.63 -8.66
N TYR A 191 16.95 60.47 -9.14
CA TYR A 191 16.66 59.36 -10.04
C TYR A 191 16.62 59.71 -11.52
N ASN A 192 17.12 60.89 -11.86
CA ASN A 192 17.17 61.32 -13.25
C ASN A 192 15.79 61.31 -13.91
N ASP A 193 14.79 61.78 -13.16
CA ASP A 193 13.41 61.87 -13.59
C ASP A 193 12.78 60.56 -14.07
N ARG A 194 13.40 59.42 -13.82
CA ARG A 194 12.84 58.14 -14.26
C ARG A 194 12.21 57.37 -13.11
N SER A 195 10.88 57.21 -13.18
CA SER A 195 10.11 56.52 -12.15
C SER A 195 10.53 57.01 -10.78
N VAL A 196 10.68 58.31 -10.64
CA VAL A 196 11.10 58.91 -9.38
C VAL A 196 10.50 58.27 -8.15
N LEU A 197 9.20 58.37 -7.97
CA LEU A 197 8.58 57.77 -6.79
C LEU A 197 8.75 56.27 -6.70
N GLU A 198 8.40 55.56 -7.77
CA GLU A 198 8.51 54.11 -7.76
C GLU A 198 9.90 53.66 -7.35
N ASN A 199 10.96 54.27 -7.89
CA ASN A 199 12.32 53.90 -7.51
C ASN A 199 12.51 54.10 -6.01
N HIS A 200 12.15 55.29 -5.56
CA HIS A 200 12.28 55.63 -4.16
C HIS A 200 11.52 54.67 -3.25
N HIS A 201 10.35 54.19 -3.67
CA HIS A 201 9.59 53.27 -2.82
C HIS A 201 10.41 51.99 -2.63
N ALA A 202 10.78 51.36 -3.74
CA ALA A 202 11.55 50.13 -3.69
C ALA A 202 12.86 50.29 -2.94
N ALA A 203 13.64 51.33 -3.28
CA ALA A 203 14.90 51.57 -2.62
C ALA A 203 14.73 51.83 -1.12
N SER A 204 13.82 52.70 -0.73
CA SER A 204 13.61 53.00 0.68
C SER A 204 13.21 51.79 1.51
N ALA A 205 12.34 50.96 0.94
CA ALA A 205 11.85 49.79 1.62
C ALA A 205 12.92 48.73 1.78
N TRP A 206 13.68 48.49 0.71
CA TRP A 206 14.75 47.51 0.77
C TRP A 206 15.84 48.00 1.71
N ASN A 207 16.04 49.31 1.75
CA ASN A 207 17.04 49.85 2.64
C ASN A 207 16.62 49.59 4.07
N LEU A 208 15.35 49.86 4.37
CA LEU A 208 14.79 49.64 5.70
C LEU A 208 15.03 48.18 6.11
N TYR A 209 14.74 47.28 5.19
CA TYR A 209 14.90 45.86 5.43
C TYR A 209 16.32 45.52 5.84
N LEU A 210 17.30 46.14 5.19
CA LEU A 210 18.68 45.85 5.52
C LEU A 210 19.18 46.65 6.72
N SER A 211 18.40 47.63 7.17
CA SER A 211 18.76 48.48 8.30
C SER A 211 19.12 47.75 9.56
N ARG A 212 18.35 46.72 9.86
CA ARG A 212 18.55 46.01 11.10
C ARG A 212 18.42 44.53 10.91
N PRO A 213 19.12 43.76 11.73
CA PRO A 213 19.02 42.31 11.59
C PRO A 213 17.67 41.78 12.09
N GLU A 214 16.99 42.53 12.95
CA GLU A 214 15.70 42.08 13.46
C GLU A 214 14.58 42.16 12.43
N TYR A 215 14.91 42.62 11.23
CA TYR A 215 13.94 42.73 10.14
C TYR A 215 14.11 41.56 9.22
N ASN A 216 15.33 41.05 9.12
CA ASN A 216 15.63 39.94 8.22
C ASN A 216 14.78 38.69 8.43
N PHE A 217 13.58 38.66 7.83
CA PHE A 217 12.69 37.53 7.99
C PHE A 217 12.84 36.55 6.84
N LEU A 218 13.77 36.82 5.94
CA LEU A 218 13.98 35.92 4.82
C LEU A 218 15.31 35.19 4.99
N LEU A 219 15.81 35.21 6.23
CA LEU A 219 17.08 34.56 6.55
C LEU A 219 17.20 33.12 6.10
N HIS A 220 16.09 32.41 5.98
CA HIS A 220 16.22 31.02 5.55
C HIS A 220 16.17 30.80 4.05
N LEU A 221 16.52 31.83 3.29
CA LEU A 221 16.55 31.72 1.84
C LEU A 221 18.01 31.74 1.43
N ASP A 222 18.41 30.83 0.55
CA ASP A 222 19.81 30.84 0.13
C ASP A 222 20.08 32.09 -0.69
N HIS A 223 21.34 32.49 -0.77
CA HIS A 223 21.73 33.68 -1.51
C HIS A 223 21.11 33.70 -2.91
N VAL A 224 20.94 32.53 -3.51
CA VAL A 224 20.35 32.46 -4.83
C VAL A 224 18.90 32.91 -4.84
N GLU A 225 18.09 32.30 -3.98
CA GLU A 225 16.68 32.66 -3.87
C GLU A 225 16.52 34.11 -3.51
N PHE A 226 17.20 34.54 -2.45
CA PHE A 226 17.08 35.94 -2.05
C PHE A 226 17.40 36.91 -3.17
N LYS A 227 18.46 36.64 -3.92
CA LYS A 227 18.87 37.50 -5.03
C LYS A 227 17.67 37.68 -5.97
N ARG A 228 17.06 36.56 -6.35
CA ARG A 228 15.92 36.58 -7.25
C ARG A 228 14.70 37.24 -6.62
N PHE A 229 14.44 36.93 -5.36
CA PHE A 229 13.29 37.52 -4.70
C PHE A 229 13.36 39.04 -4.75
N ARG A 230 14.53 39.59 -4.45
CA ARG A 230 14.69 41.03 -4.46
C ARG A 230 14.41 41.57 -5.84
N PHE A 231 14.91 40.88 -6.86
CA PHE A 231 14.70 41.27 -8.25
C PHE A 231 13.21 41.35 -8.55
N LEU A 232 12.52 40.25 -8.26
CA LEU A 232 11.11 40.18 -8.51
C LEU A 232 10.37 41.31 -7.80
N VAL A 233 10.68 41.56 -6.54
CA VAL A 233 10.00 42.64 -5.83
C VAL A 233 10.20 44.01 -6.50
N ILE A 234 11.40 44.28 -6.97
CA ILE A 234 11.67 45.54 -7.62
C ILE A 234 10.89 45.63 -8.92
N GLU A 235 10.98 44.60 -9.75
CA GLU A 235 10.24 44.59 -11.01
C GLU A 235 8.75 44.88 -10.78
N ALA A 236 8.19 44.29 -9.74
CA ALA A 236 6.78 44.51 -9.47
C ALA A 236 6.53 45.96 -9.10
N ILE A 237 7.31 46.49 -8.18
CA ILE A 237 7.09 47.87 -7.78
C ILE A 237 7.31 48.85 -8.93
N LEU A 238 8.39 48.72 -9.66
CA LEU A 238 8.61 49.67 -10.73
C LEU A 238 7.56 49.58 -11.84
N ALA A 239 6.84 48.46 -11.91
CA ALA A 239 5.84 48.33 -12.95
C ALA A 239 4.63 49.19 -12.60
N THR A 240 4.58 49.69 -11.37
CA THR A 240 3.45 50.52 -10.98
C THR A 240 3.59 51.96 -11.39
N ASP A 241 4.57 52.26 -12.25
CA ASP A 241 4.73 53.64 -12.76
C ASP A 241 3.81 53.79 -14.00
N LEU A 242 2.77 54.61 -13.85
CA LEU A 242 1.82 54.78 -14.94
C LEU A 242 2.41 55.28 -16.24
N LYS A 243 3.49 56.05 -16.20
CA LYS A 243 4.10 56.53 -17.43
C LYS A 243 4.46 55.34 -18.33
N LYS A 244 4.56 54.14 -17.77
CA LYS A 244 4.91 53.00 -18.59
C LYS A 244 3.71 52.07 -18.81
N HIS A 245 2.54 52.56 -18.40
CA HIS A 245 1.30 51.81 -18.52
C HIS A 245 1.04 51.20 -19.88
N PHE A 246 1.12 52.00 -20.94
CA PHE A 246 0.81 51.46 -22.24
C PHE A 246 1.84 50.52 -22.81
N ASP A 247 3.06 50.59 -22.28
CA ASP A 247 4.09 49.71 -22.74
C ASP A 247 3.85 48.33 -22.16
N PHE A 248 3.53 48.26 -20.87
CA PHE A 248 3.25 46.96 -20.28
C PHE A 248 2.08 46.34 -20.98
N LEU A 249 1.01 47.10 -21.08
CA LEU A 249 -0.21 46.66 -21.75
C LEU A 249 0.07 46.08 -23.12
N ALA A 250 0.83 46.82 -23.92
CA ALA A 250 1.17 46.39 -25.27
C ALA A 250 1.92 45.07 -25.23
N GLU A 251 2.92 45.01 -24.35
CA GLU A 251 3.75 43.83 -24.19
C GLU A 251 2.95 42.64 -23.69
N PHE A 252 2.06 42.89 -22.74
CA PHE A 252 1.23 41.82 -22.20
C PHE A 252 0.32 41.25 -23.28
N ASN A 253 -0.30 42.11 -24.08
CA ASN A 253 -1.20 41.62 -25.13
C ASN A 253 -0.46 40.85 -26.22
N ALA A 254 0.76 41.27 -26.53
CA ALA A 254 1.56 40.62 -27.55
C ALA A 254 1.82 39.17 -27.15
N LYS A 255 1.84 38.91 -25.85
CA LYS A 255 2.09 37.56 -25.38
C LYS A 255 0.82 36.79 -25.10
N ALA A 256 -0.12 37.42 -24.41
CA ALA A 256 -1.36 36.76 -24.02
C ALA A 256 -2.54 36.77 -24.98
N ASN A 257 -2.84 37.95 -25.54
CA ASN A 257 -3.99 38.10 -26.43
C ASN A 257 -3.68 38.32 -27.91
N ASP A 258 -3.01 37.36 -28.52
CA ASP A 258 -2.67 37.47 -29.92
C ASP A 258 -2.95 36.11 -30.54
N VAL A 259 -3.93 36.03 -31.42
CA VAL A 259 -4.30 34.76 -32.03
C VAL A 259 -3.14 34.10 -32.79
N ASN A 260 -2.15 34.90 -33.16
CA ASN A 260 -0.99 34.40 -33.88
C ASN A 260 0.16 34.06 -32.90
N SER A 261 -0.02 34.47 -31.64
CA SER A 261 0.96 34.19 -30.58
C SER A 261 0.52 32.92 -29.87
N ASN A 262 1.02 32.75 -28.65
CA ASN A 262 0.69 31.57 -27.86
C ASN A 262 0.46 31.87 -26.39
N GLY A 263 -0.72 31.46 -25.93
CA GLY A 263 -1.12 31.65 -24.54
C GLY A 263 -0.17 32.38 -23.61
N ILE A 264 0.52 31.64 -22.74
CA ILE A 264 1.41 32.26 -21.80
C ILE A 264 2.65 31.42 -21.55
N GLU A 265 2.48 30.11 -21.36
CA GLU A 265 3.61 29.25 -21.06
C GLU A 265 4.11 29.58 -19.65
N TRP A 266 3.35 29.14 -18.65
CA TRP A 266 3.71 29.43 -17.28
C TRP A 266 5.05 28.84 -16.90
N SER A 267 5.64 28.07 -17.81
CA SER A 267 6.93 27.46 -17.57
C SER A 267 8.03 28.44 -17.92
N ASN A 268 7.63 29.63 -18.33
CA ASN A 268 8.58 30.67 -18.71
C ASN A 268 8.66 31.76 -17.65
N GLU A 269 9.84 31.98 -17.11
CA GLU A 269 10.01 33.01 -16.09
C GLU A 269 9.51 34.35 -16.55
N ASN A 270 9.98 34.78 -17.70
CA ASN A 270 9.61 36.07 -18.26
C ASN A 270 8.11 36.22 -18.38
N ASP A 271 7.47 35.25 -19.04
CA ASP A 271 6.03 35.33 -19.19
C ASP A 271 5.36 35.45 -17.83
N ARG A 272 5.78 34.62 -16.88
CA ARG A 272 5.21 34.64 -15.54
C ARG A 272 5.38 36.00 -14.88
N LEU A 273 6.54 36.62 -15.07
CA LEU A 273 6.82 37.92 -14.47
C LEU A 273 5.84 38.96 -14.99
N LEU A 274 5.67 38.95 -16.30
CA LEU A 274 4.76 39.85 -16.96
C LEU A 274 3.36 39.68 -16.36
N VAL A 275 2.91 38.44 -16.22
CA VAL A 275 1.62 38.20 -15.64
C VAL A 275 1.55 38.87 -14.26
N CYS A 276 2.62 38.72 -13.47
CA CYS A 276 2.66 39.32 -12.14
C CYS A 276 2.64 40.82 -12.12
N GLN A 277 3.31 41.41 -13.10
CA GLN A 277 3.36 42.86 -13.19
C GLN A 277 2.02 43.43 -13.57
N VAL A 278 1.39 42.81 -14.55
CA VAL A 278 0.07 43.26 -14.98
C VAL A 278 -0.88 43.09 -13.81
N CYS A 279 -0.68 42.02 -13.03
CA CYS A 279 -1.55 41.77 -11.90
C CYS A 279 -1.44 42.84 -10.81
N ILE A 280 -0.22 43.26 -10.49
CA ILE A 280 -0.09 44.27 -9.46
C ILE A 280 -0.57 45.61 -10.03
N LYS A 281 -0.37 45.82 -11.33
CA LYS A 281 -0.84 47.06 -11.96
C LYS A 281 -2.36 47.14 -11.81
N LEU A 282 -3.05 46.02 -12.07
CA LEU A 282 -4.50 46.02 -11.95
C LEU A 282 -4.91 46.24 -10.50
N ALA A 283 -4.19 45.60 -9.59
CA ALA A 283 -4.50 45.74 -8.18
C ALA A 283 -4.25 47.16 -7.65
N ASP A 284 -3.25 47.86 -8.20
CA ASP A 284 -2.94 49.21 -7.75
C ASP A 284 -4.04 50.20 -8.16
N ILE A 285 -4.72 49.92 -9.26
CA ILE A 285 -5.76 50.84 -9.71
C ILE A 285 -7.13 50.19 -9.76
N ASN A 286 -7.38 49.25 -8.84
CA ASN A 286 -8.65 48.54 -8.79
C ASN A 286 -9.85 49.42 -8.39
N GLY A 287 -9.59 50.61 -7.87
CA GLY A 287 -10.66 51.50 -7.46
C GLY A 287 -12.00 51.36 -8.17
N PRO A 288 -12.11 51.81 -9.43
CA PRO A 288 -13.34 51.72 -10.20
C PRO A 288 -13.84 50.32 -10.55
N ALA A 289 -13.22 49.28 -10.04
CA ALA A 289 -13.71 47.94 -10.34
C ALA A 289 -14.30 47.30 -9.08
N LYS A 290 -14.57 48.12 -8.08
CA LYS A 290 -15.17 47.67 -6.81
C LYS A 290 -16.62 48.20 -6.78
N VAL A 291 -17.36 47.87 -5.72
CA VAL A 291 -18.72 48.34 -5.57
C VAL A 291 -18.67 49.87 -5.50
N ARG A 292 -19.76 50.55 -5.82
CA ARG A 292 -19.75 52.01 -5.82
C ARG A 292 -19.34 52.59 -4.49
N ASP A 293 -19.89 52.04 -3.43
CA ASP A 293 -19.58 52.48 -2.07
C ASP A 293 -18.06 52.68 -1.87
N LEU A 294 -17.29 51.64 -2.19
CA LEU A 294 -15.84 51.68 -2.06
C LEU A 294 -15.21 52.60 -3.06
N HIS A 295 -15.58 52.43 -4.33
CA HIS A 295 -15.04 53.26 -5.40
C HIS A 295 -15.10 54.74 -5.06
N LEU A 296 -16.24 55.21 -4.57
CA LEU A 296 -16.35 56.62 -4.26
C LEU A 296 -15.44 57.04 -3.12
N LYS A 297 -15.34 56.18 -2.11
CA LYS A 297 -14.50 56.48 -0.96
C LYS A 297 -13.06 56.67 -1.42
N TRP A 298 -12.56 55.78 -2.28
CA TRP A 298 -11.21 55.92 -2.78
C TRP A 298 -11.08 57.19 -3.65
N THR A 299 -12.01 57.38 -4.58
CA THR A 299 -11.98 58.55 -5.45
C THR A 299 -11.85 59.83 -4.62
N GLU A 300 -12.63 59.91 -3.56
CA GLU A 300 -12.60 61.07 -2.68
C GLU A 300 -11.17 61.29 -2.19
N GLY A 301 -10.47 60.21 -1.87
CA GLY A 301 -9.12 60.30 -1.38
C GLY A 301 -8.15 60.82 -2.41
N ILE A 302 -8.20 60.24 -3.59
CA ILE A 302 -7.32 60.65 -4.69
C ILE A 302 -7.47 62.11 -5.00
N VAL A 303 -8.70 62.58 -5.17
CA VAL A 303 -8.86 63.97 -5.51
C VAL A 303 -8.44 64.90 -4.38
N ASN A 304 -8.70 64.52 -3.14
CA ASN A 304 -8.30 65.40 -2.06
C ASN A 304 -6.79 65.58 -2.06
N GLU A 305 -6.09 64.52 -2.41
CA GLU A 305 -4.65 64.55 -2.50
C GLU A 305 -4.23 65.42 -3.70
N PHE A 306 -4.89 65.24 -4.85
CA PHE A 306 -4.62 66.05 -6.05
C PHE A 306 -4.83 67.54 -5.74
N TYR A 307 -5.90 67.86 -5.02
CA TYR A 307 -6.18 69.25 -4.70
C TYR A 307 -5.11 69.84 -3.81
N GLU A 308 -4.49 69.00 -2.97
CA GLU A 308 -3.43 69.49 -2.11
C GLU A 308 -2.24 69.81 -3.00
N GLN A 309 -1.97 68.93 -3.96
CA GLN A 309 -0.87 69.20 -4.88
C GLN A 309 -1.19 70.45 -5.67
N GLY A 310 -2.47 70.66 -5.97
CA GLY A 310 -2.88 71.83 -6.72
C GLY A 310 -2.66 73.10 -5.95
N ASP A 311 -3.00 73.09 -4.66
CA ASP A 311 -2.80 74.26 -3.83
C ASP A 311 -1.30 74.59 -3.77
N GLU A 312 -0.44 73.57 -3.83
CA GLU A 312 0.97 73.89 -3.78
C GLU A 312 1.43 74.52 -5.08
N GLU A 313 1.08 73.92 -6.21
CA GLU A 313 1.45 74.49 -7.50
C GLU A 313 1.02 75.94 -7.50
N ALA A 314 -0.17 76.19 -6.98
CA ALA A 314 -0.69 77.53 -6.88
C ALA A 314 0.33 78.34 -6.07
N ASN A 315 0.59 77.95 -4.82
CA ASN A 315 1.54 78.69 -3.98
C ASN A 315 2.92 78.89 -4.61
N LEU A 316 3.31 78.02 -5.52
CA LEU A 316 4.59 78.11 -6.19
C LEU A 316 4.44 78.97 -7.42
N GLY A 317 3.24 79.49 -7.62
CA GLY A 317 2.95 80.33 -8.77
C GLY A 317 3.05 79.57 -10.08
N LEU A 318 2.71 78.29 -10.06
CA LEU A 318 2.75 77.49 -11.27
C LEU A 318 1.37 77.16 -11.78
N PRO A 319 1.29 76.74 -13.05
CA PRO A 319 -0.01 76.39 -13.61
C PRO A 319 -0.48 75.15 -12.87
N ILE A 320 -1.71 75.17 -12.37
CA ILE A 320 -2.24 74.03 -11.64
C ILE A 320 -2.47 72.89 -12.61
N SER A 321 -2.03 71.69 -12.27
CA SER A 321 -2.20 70.56 -13.16
C SER A 321 -3.65 70.21 -13.39
N PRO A 322 -3.95 69.55 -14.52
CA PRO A 322 -5.31 69.13 -14.91
C PRO A 322 -6.03 68.37 -13.77
N PHE A 323 -7.29 68.72 -13.52
CA PHE A 323 -8.09 68.06 -12.49
C PHE A 323 -7.61 68.27 -11.07
N MET A 324 -6.62 69.12 -10.88
CA MET A 324 -6.11 69.33 -9.54
C MET A 324 -6.46 70.67 -8.90
N ASP A 325 -7.29 71.46 -9.59
CA ASP A 325 -7.73 72.75 -9.08
C ASP A 325 -9.08 72.58 -8.38
N ARG A 326 -9.12 72.70 -7.06
CA ARG A 326 -10.38 72.54 -6.36
C ARG A 326 -11.39 73.61 -6.72
N SER A 327 -10.91 74.76 -7.20
CA SER A 327 -11.78 75.86 -7.58
C SER A 327 -12.46 75.57 -8.90
N SER A 328 -11.80 74.80 -9.77
CA SER A 328 -12.34 74.47 -11.08
C SER A 328 -12.18 72.98 -11.35
N PRO A 329 -12.80 72.14 -10.49
CA PRO A 329 -12.75 70.68 -10.58
C PRO A 329 -13.46 70.06 -11.76
N GLN A 330 -13.10 68.83 -12.06
CA GLN A 330 -13.66 68.08 -13.17
C GLN A 330 -13.64 66.65 -12.73
N LEU A 331 -14.11 66.43 -11.51
CA LEU A 331 -14.16 65.12 -10.92
C LEU A 331 -14.68 64.06 -11.88
N ALA A 332 -15.87 64.26 -12.42
CA ALA A 332 -16.46 63.29 -13.34
C ALA A 332 -15.60 63.12 -14.59
N LYS A 333 -15.16 64.24 -15.16
CA LYS A 333 -14.33 64.13 -16.36
C LYS A 333 -13.07 63.33 -16.03
N LEU A 334 -12.51 63.54 -14.83
CA LEU A 334 -11.31 62.84 -14.39
C LEU A 334 -11.54 61.34 -14.33
N GLN A 335 -12.56 60.95 -13.58
CA GLN A 335 -12.88 59.54 -13.42
C GLN A 335 -13.28 58.87 -14.71
N GLU A 336 -14.08 59.57 -15.51
CA GLU A 336 -14.52 59.01 -16.78
C GLU A 336 -13.29 58.75 -17.62
N SER A 337 -12.44 59.76 -17.73
CA SER A 337 -11.21 59.68 -18.51
C SER A 337 -10.27 58.57 -18.03
N PHE A 338 -10.13 58.47 -16.71
CA PHE A 338 -9.28 57.45 -16.13
C PHE A 338 -9.72 56.06 -16.49
N ILE A 339 -11.02 55.79 -16.34
CA ILE A 339 -11.54 54.47 -16.66
C ILE A 339 -11.40 54.16 -18.12
N THR A 340 -11.69 55.13 -18.97
CA THR A 340 -11.62 54.94 -20.40
C THR A 340 -10.22 54.62 -20.93
N HIS A 341 -9.24 55.39 -20.49
CA HIS A 341 -7.87 55.22 -20.97
C HIS A 341 -6.92 54.33 -20.19
N ILE A 342 -7.15 54.19 -18.89
CA ILE A 342 -6.23 53.38 -18.12
C ILE A 342 -6.75 52.07 -17.56
N VAL A 343 -7.63 52.15 -16.58
CA VAL A 343 -8.15 50.92 -16.00
C VAL A 343 -8.90 50.06 -16.99
N GLY A 344 -9.75 50.70 -17.80
CA GLY A 344 -10.54 49.98 -18.77
C GLY A 344 -9.71 49.09 -19.66
N PRO A 345 -8.88 49.67 -20.52
CA PRO A 345 -8.06 48.84 -21.41
C PRO A 345 -7.24 47.75 -20.69
N LEU A 346 -6.75 48.05 -19.50
CA LEU A 346 -5.98 47.09 -18.73
C LEU A 346 -6.85 45.90 -18.36
N CYS A 347 -8.03 46.20 -17.80
CA CYS A 347 -8.97 45.17 -17.41
C CYS A 347 -9.40 44.30 -18.55
N ASN A 348 -9.58 44.90 -19.72
CA ASN A 348 -9.98 44.12 -20.86
C ASN A 348 -8.86 43.17 -21.21
N SER A 349 -7.64 43.68 -21.33
CA SER A 349 -6.51 42.82 -21.67
C SER A 349 -6.41 41.66 -20.70
N TYR A 350 -6.51 41.97 -19.42
CA TYR A 350 -6.40 40.95 -18.40
C TYR A 350 -7.56 39.95 -18.56
N ASP A 351 -8.76 40.47 -18.80
CA ASP A 351 -9.93 39.62 -18.98
C ASP A 351 -9.80 38.72 -20.22
N ALA A 352 -9.32 39.32 -21.31
CA ALA A 352 -9.12 38.59 -22.57
C ALA A 352 -8.14 37.44 -22.41
N ALA A 353 -7.21 37.58 -21.47
CA ALA A 353 -6.24 36.52 -21.25
C ALA A 353 -6.87 35.45 -20.35
N GLY A 354 -8.11 35.69 -19.94
CA GLY A 354 -8.82 34.76 -19.07
C GLY A 354 -8.16 34.50 -17.73
N LEU A 355 -7.67 35.56 -17.09
CA LEU A 355 -7.01 35.45 -15.80
C LEU A 355 -7.86 36.07 -14.70
N LEU A 356 -9.00 36.65 -15.07
CA LEU A 356 -9.87 37.28 -14.10
C LEU A 356 -10.74 36.29 -13.36
N PRO A 357 -10.74 36.36 -12.04
CA PRO A 357 -11.58 35.41 -11.31
C PRO A 357 -13.06 35.70 -11.55
N GLY A 358 -13.81 34.66 -11.87
CA GLY A 358 -15.23 34.80 -12.10
C GLY A 358 -15.92 33.47 -11.90
N GLN A 359 -17.13 33.33 -12.41
CA GLN A 359 -17.87 32.08 -12.27
C GLN A 359 -18.71 31.87 -13.51
N TRP A 360 -18.92 30.60 -13.85
CA TRP A 360 -19.71 30.24 -15.00
C TRP A 360 -21.18 30.57 -14.72
N LEU A 361 -21.98 30.62 -15.78
CA LEU A 361 -23.40 30.93 -15.62
C LEU A 361 -24.33 29.73 -15.74
N GLU A 362 -24.03 28.82 -16.65
CA GLU A 362 -24.87 27.65 -16.82
C GLU A 362 -24.11 26.38 -16.50
N ALA A 363 -24.61 25.26 -17.03
CA ALA A 363 -23.99 23.94 -16.84
C ALA A 363 -23.54 23.34 -18.18
N GLU A 364 -22.52 23.95 -18.81
CA GLU A 364 -21.98 23.47 -20.11
C GLU A 364 -20.66 22.70 -19.91
N SER A 400 -13.55 28.30 -23.71
CA SER A 400 -14.53 29.10 -22.90
C SER A 400 -15.89 29.29 -23.61
N ARG A 401 -16.37 28.20 -24.22
CA ARG A 401 -17.65 28.15 -24.93
C ARG A 401 -18.84 28.17 -23.96
N ARG A 402 -18.80 29.12 -23.02
CA ARG A 402 -19.84 29.33 -22.01
C ARG A 402 -19.74 30.75 -21.44
N ARG A 403 -20.86 31.24 -20.92
CA ARG A 403 -20.92 32.58 -20.37
C ARG A 403 -20.41 32.62 -18.93
N ILE A 404 -19.52 33.58 -18.67
CA ILE A 404 -18.99 33.74 -17.34
C ILE A 404 -19.48 35.07 -16.82
N PHE A 405 -19.31 35.27 -15.53
CA PHE A 405 -19.72 36.52 -14.91
C PHE A 405 -18.55 36.99 -14.08
N CYS A 406 -17.95 38.09 -14.52
CA CYS A 406 -16.82 38.62 -13.80
C CYS A 406 -17.25 39.82 -12.97
N GLN A 407 -17.45 39.58 -11.69
CA GLN A 407 -17.85 40.63 -10.78
C GLN A 407 -17.10 41.95 -10.92
N LEU A 408 -15.77 41.94 -11.01
CA LEU A 408 -15.07 43.21 -11.09
C LEU A 408 -15.22 43.84 -12.46
N MET A 409 -15.42 42.99 -13.45
CA MET A 409 -15.61 43.48 -14.81
C MET A 409 -16.96 44.17 -14.83
N HIS A 410 -17.91 43.64 -14.09
CA HIS A 410 -19.24 44.22 -14.00
C HIS A 410 -19.20 45.58 -13.30
N HIS A 411 -18.54 45.63 -12.14
CA HIS A 411 -18.41 46.86 -11.37
C HIS A 411 -17.77 47.98 -12.18
N LEU A 412 -16.78 47.63 -12.96
CA LEU A 412 -16.11 48.62 -13.78
C LEU A 412 -17.14 49.26 -14.73
N THR A 413 -17.88 48.43 -15.44
CA THR A 413 -18.89 48.89 -16.38
C THR A 413 -19.95 49.80 -15.72
N GLU A 414 -20.44 49.39 -14.56
CA GLU A 414 -21.44 50.18 -13.89
C GLU A 414 -20.89 51.51 -13.43
N ASN A 415 -19.68 51.49 -12.89
CA ASN A 415 -19.08 52.72 -12.41
C ASN A 415 -18.82 53.70 -13.54
N HIS A 416 -18.39 53.17 -14.68
CA HIS A 416 -18.13 54.03 -15.81
C HIS A 416 -19.36 54.87 -16.14
N LYS A 417 -20.54 54.27 -16.01
CA LYS A 417 -21.79 54.96 -16.29
C LYS A 417 -22.08 56.11 -15.35
N ILE A 418 -21.72 55.98 -14.08
CA ILE A 418 -22.01 57.08 -13.16
C ILE A 418 -21.12 58.28 -13.43
N TRP A 419 -20.07 58.10 -14.22
CA TRP A 419 -19.19 59.24 -14.51
C TRP A 419 -19.46 59.85 -15.89
N LYS A 420 -20.24 59.15 -16.70
CA LYS A 420 -20.59 59.63 -18.03
C LYS A 420 -21.56 60.80 -17.98
N GLU B 3 47.57 92.42 -21.85
CA GLU B 3 46.62 92.98 -22.86
C GLU B 3 46.72 92.21 -24.19
N VAL B 4 47.21 92.89 -25.24
CA VAL B 4 47.36 92.30 -26.57
C VAL B 4 48.46 91.21 -26.62
N SER B 5 49.56 91.46 -25.91
CA SER B 5 50.66 90.52 -25.83
C SER B 5 50.24 89.28 -24.99
N LEU B 6 49.18 89.45 -24.19
CA LEU B 6 48.61 88.41 -23.33
C LEU B 6 47.46 87.68 -24.05
N ASP B 7 46.71 88.45 -24.86
CA ASP B 7 45.58 87.92 -25.65
C ASP B 7 46.06 87.14 -26.89
N LEU B 8 47.19 87.57 -27.45
CA LEU B 8 47.78 86.93 -28.63
C LEU B 8 48.41 85.57 -28.27
N ILE B 9 48.84 85.44 -27.02
CA ILE B 9 49.45 84.20 -26.51
C ILE B 9 48.36 83.17 -26.17
N LEU B 10 47.21 83.68 -25.69
CA LEU B 10 46.07 82.83 -25.33
C LEU B 10 45.49 82.21 -26.61
N VAL B 11 45.57 82.97 -27.70
CA VAL B 11 45.10 82.54 -29.01
C VAL B 11 45.98 81.41 -29.55
N GLU B 12 47.29 81.55 -29.36
CA GLU B 12 48.26 80.56 -29.80
C GLU B 12 47.98 79.21 -29.16
N GLU B 13 47.79 79.21 -27.84
CA GLU B 13 47.50 77.96 -27.13
C GLU B 13 46.27 77.33 -27.74
N TYR B 14 45.26 78.15 -27.97
CA TYR B 14 44.01 77.70 -28.57
C TYR B 14 44.30 77.01 -29.90
N ASP B 15 44.93 77.72 -30.83
CA ASP B 15 45.24 77.13 -32.13
C ASP B 15 46.08 75.86 -32.01
N SER B 16 46.92 75.78 -30.99
CA SER B 16 47.75 74.60 -30.78
C SER B 16 46.88 73.42 -30.43
N LEU B 17 46.15 73.58 -29.33
CA LEU B 17 45.25 72.54 -28.84
C LEU B 17 44.33 72.06 -29.94
N ILE B 18 43.71 73.01 -30.65
CA ILE B 18 42.80 72.65 -31.72
C ILE B 18 43.52 71.83 -32.76
N GLU B 19 44.68 72.30 -33.18
CA GLU B 19 45.46 71.59 -34.19
C GLU B 19 45.78 70.17 -33.72
N LYS B 20 46.14 70.04 -32.45
CA LYS B 20 46.46 68.73 -31.90
C LYS B 20 45.25 67.83 -31.84
N MET B 21 44.12 68.39 -31.41
CA MET B 21 42.90 67.62 -31.31
C MET B 21 42.30 67.30 -32.67
N SER B 22 42.70 68.07 -33.68
CA SER B 22 42.19 67.86 -35.02
C SER B 22 42.60 66.51 -35.57
N ASN B 23 43.09 65.63 -34.71
CA ASN B 23 43.52 64.32 -35.16
C ASN B 23 42.85 63.23 -34.32
N TRP B 24 42.33 62.19 -34.97
CA TRP B 24 41.68 61.11 -34.23
C TRP B 24 42.59 60.55 -33.13
N ASN B 25 43.89 60.47 -33.42
CA ASN B 25 44.84 59.99 -32.44
C ASN B 25 45.45 61.15 -31.67
N PHE B 26 44.57 62.00 -31.15
CA PHE B 26 44.99 63.15 -30.38
C PHE B 26 45.86 62.66 -29.21
N PRO B 27 47.07 63.21 -29.10
CA PRO B 27 48.01 62.84 -28.01
C PRO B 27 47.64 63.49 -26.67
N ILE B 28 46.61 62.94 -26.01
CA ILE B 28 46.11 63.45 -24.73
C ILE B 28 47.19 63.51 -23.65
N PHE B 29 47.88 62.39 -23.45
CA PHE B 29 48.91 62.34 -22.42
C PHE B 29 50.01 63.38 -22.58
N GLU B 30 50.34 63.71 -23.82
CA GLU B 30 51.35 64.73 -24.04
C GLU B 30 50.82 66.05 -23.48
N LEU B 31 49.51 66.27 -23.62
CA LEU B 31 48.90 67.50 -23.10
C LEU B 31 48.92 67.46 -21.58
N VAL B 32 48.70 66.28 -21.02
CA VAL B 32 48.69 66.13 -19.58
C VAL B 32 50.00 66.61 -18.99
N GLU B 33 51.09 66.28 -19.68
CA GLU B 33 52.42 66.70 -19.25
C GLU B 33 52.62 68.17 -19.54
N LYS B 34 52.30 68.61 -20.76
CA LYS B 34 52.47 70.02 -21.10
C LYS B 34 51.78 70.91 -20.06
N MET B 35 50.74 70.39 -19.41
CA MET B 35 50.02 71.17 -18.39
C MET B 35 50.70 71.05 -17.03
N GLY B 36 51.36 69.92 -16.82
CA GLY B 36 52.05 69.69 -15.58
C GLY B 36 51.21 69.76 -14.32
N GLU B 37 51.42 70.82 -13.55
CA GLU B 37 50.67 70.99 -12.31
C GLU B 37 49.23 71.43 -12.55
N LYS B 38 49.03 72.17 -13.63
CA LYS B 38 47.69 72.62 -13.97
C LYS B 38 46.97 71.52 -14.75
N SER B 39 47.57 70.32 -14.76
CA SER B 39 47.02 69.18 -15.47
C SER B 39 45.65 68.77 -14.90
N GLY B 40 45.34 69.21 -13.68
CA GLY B 40 44.07 68.85 -13.11
C GLY B 40 42.86 69.50 -13.78
N ARG B 41 43.11 70.39 -14.73
CA ARG B 41 42.04 71.09 -15.44
C ARG B 41 42.00 70.75 -16.93
N ILE B 42 42.31 69.51 -17.28
CA ILE B 42 42.28 69.12 -18.68
C ILE B 42 40.86 69.22 -19.24
N LEU B 43 39.92 68.59 -18.53
CA LEU B 43 38.52 68.57 -18.93
C LEU B 43 37.95 69.98 -19.15
N SER B 44 38.05 70.83 -18.13
CA SER B 44 37.51 72.17 -18.26
C SER B 44 38.20 72.95 -19.39
N GLN B 45 39.48 72.70 -19.64
CA GLN B 45 40.15 73.43 -20.70
C GLN B 45 39.73 72.92 -22.05
N VAL B 46 39.64 71.61 -22.20
CA VAL B 46 39.23 71.06 -23.48
C VAL B 46 37.76 71.43 -23.79
N MET B 47 36.91 71.34 -22.78
CA MET B 47 35.49 71.68 -22.95
C MET B 47 35.36 73.08 -23.49
N TYR B 48 36.04 74.01 -22.84
CA TYR B 48 35.99 75.40 -23.28
C TYR B 48 36.51 75.54 -24.69
N THR B 49 37.58 74.84 -25.00
CA THR B 49 38.15 74.92 -26.33
C THR B 49 37.17 74.40 -27.36
N LEU B 50 36.64 73.21 -27.12
CA LEU B 50 35.69 72.61 -28.05
C LEU B 50 34.39 73.41 -28.20
N PHE B 51 33.96 74.07 -27.13
CA PHE B 51 32.76 74.86 -27.22
C PHE B 51 32.95 76.12 -28.03
N GLN B 52 34.20 76.44 -28.38
CA GLN B 52 34.45 77.61 -29.21
C GLN B 52 34.60 77.12 -30.63
N ASP B 53 35.21 75.97 -30.78
CA ASP B 53 35.41 75.43 -32.11
C ASP B 53 34.06 75.09 -32.74
N THR B 54 33.06 74.83 -31.91
CA THR B 54 31.73 74.47 -32.40
C THR B 54 30.78 75.65 -32.48
N GLY B 55 31.03 76.69 -31.69
CA GLY B 55 30.18 77.85 -31.70
C GLY B 55 29.10 77.80 -30.65
N LEU B 56 29.04 76.69 -29.91
CA LEU B 56 28.05 76.52 -28.86
C LEU B 56 28.05 77.66 -27.85
N LEU B 57 29.21 78.25 -27.58
CA LEU B 57 29.22 79.33 -26.61
C LEU B 57 28.38 80.48 -27.10
N GLU B 58 28.47 80.74 -28.39
CA GLU B 58 27.73 81.84 -29.01
C GLU B 58 26.26 81.52 -29.25
N ILE B 59 26.00 80.33 -29.77
CA ILE B 59 24.63 79.88 -30.05
C ILE B 59 23.75 80.02 -28.82
N PHE B 60 24.22 79.53 -27.68
CA PHE B 60 23.41 79.64 -26.48
C PHE B 60 23.83 80.74 -25.52
N LYS B 61 24.60 81.69 -26.03
CA LYS B 61 25.05 82.79 -25.21
C LYS B 61 25.48 82.27 -23.84
N ILE B 62 26.45 81.36 -23.83
CA ILE B 62 26.93 80.79 -22.58
C ILE B 62 27.98 81.67 -21.93
N PRO B 63 27.72 82.15 -20.72
CA PRO B 63 28.68 83.01 -20.01
C PRO B 63 29.93 82.21 -19.64
N THR B 64 31.11 82.75 -19.91
CA THR B 64 32.34 82.01 -19.63
C THR B 64 32.57 81.68 -18.16
N GLN B 65 32.28 82.64 -17.30
CA GLN B 65 32.49 82.42 -15.88
C GLN B 65 31.77 81.17 -15.36
N GLN B 66 30.44 81.17 -15.41
CA GLN B 66 29.68 80.03 -14.92
C GLN B 66 30.07 78.72 -15.60
N PHE B 67 30.41 78.78 -16.89
CA PHE B 67 30.80 77.60 -17.63
C PHE B 67 32.04 76.98 -16.98
N MET B 68 33.07 77.80 -16.82
CA MET B 68 34.30 77.34 -16.21
C MET B 68 34.00 76.91 -14.79
N ASN B 69 33.32 77.76 -14.04
CA ASN B 69 32.98 77.39 -12.66
C ASN B 69 32.47 75.97 -12.56
N TYR B 70 31.41 75.66 -13.31
CA TYR B 70 30.83 74.32 -13.28
C TYR B 70 31.76 73.23 -13.75
N PHE B 71 32.39 73.42 -14.90
CA PHE B 71 33.24 72.36 -15.38
C PHE B 71 34.53 72.16 -14.55
N ARG B 72 34.96 73.20 -13.86
CA ARG B 72 36.13 73.07 -13.00
C ARG B 72 35.68 72.13 -11.88
N ALA B 73 34.52 72.40 -11.28
CA ALA B 73 33.97 71.58 -10.21
C ALA B 73 33.67 70.17 -10.67
N LEU B 74 33.25 70.04 -11.91
CA LEU B 74 32.93 68.73 -12.43
C LEU B 74 34.19 67.87 -12.47
N GLU B 75 35.31 68.44 -12.90
CA GLU B 75 36.59 67.70 -12.96
C GLU B 75 36.95 67.15 -11.60
N ASN B 76 36.97 68.04 -10.61
CA ASN B 76 37.33 67.70 -9.26
C ASN B 76 36.57 66.51 -8.74
N GLY B 77 35.41 66.23 -9.34
CA GLY B 77 34.61 65.11 -8.89
C GLY B 77 35.17 63.79 -9.38
N TYR B 78 36.06 63.85 -10.36
CA TYR B 78 36.65 62.62 -10.87
C TYR B 78 37.77 62.18 -9.94
N ARG B 79 37.59 61.00 -9.36
CA ARG B 79 38.57 60.44 -8.44
C ARG B 79 39.88 60.16 -9.13
N ASP B 80 40.95 60.17 -8.35
CA ASP B 80 42.27 59.91 -8.88
C ASP B 80 42.55 58.40 -8.91
N ILE B 81 41.93 57.72 -9.87
CA ILE B 81 42.10 56.29 -10.02
C ILE B 81 42.79 56.01 -11.34
N PRO B 82 43.21 54.76 -11.57
CA PRO B 82 43.89 54.39 -12.82
C PRO B 82 43.22 54.58 -14.18
N TYR B 83 41.89 54.48 -14.24
CA TYR B 83 41.24 54.62 -15.54
C TYR B 83 40.11 55.64 -15.62
N HIS B 84 39.07 55.42 -14.83
CA HIS B 84 37.90 56.29 -14.81
C HIS B 84 38.17 57.62 -14.14
N ASN B 85 39.00 58.43 -14.78
CA ASN B 85 39.39 59.74 -14.25
C ASN B 85 39.14 60.86 -15.26
N ARG B 86 39.34 62.11 -14.81
CA ARG B 86 39.12 63.25 -15.69
C ARG B 86 39.78 63.10 -17.07
N ILE B 87 40.87 62.35 -17.14
CA ILE B 87 41.54 62.17 -18.43
C ILE B 87 40.73 61.30 -19.36
N HIS B 88 40.12 60.24 -18.82
CA HIS B 88 39.29 59.35 -19.63
C HIS B 88 38.12 60.16 -20.17
N ALA B 89 37.52 60.94 -19.27
CA ALA B 89 36.40 61.78 -19.61
C ALA B 89 36.80 62.65 -20.77
N THR B 90 37.91 63.35 -20.63
CA THR B 90 38.38 64.23 -21.69
C THR B 90 38.55 63.50 -23.01
N ASP B 91 39.01 62.25 -22.93
CA ASP B 91 39.22 61.46 -24.13
C ASP B 91 37.89 61.17 -24.83
N VAL B 92 36.88 60.77 -24.05
CA VAL B 92 35.56 60.46 -24.60
C VAL B 92 34.94 61.70 -25.21
N LEU B 93 35.09 62.82 -24.52
CA LEU B 93 34.56 64.09 -25.01
C LEU B 93 35.18 64.38 -26.39
N HIS B 94 36.49 64.22 -26.49
CA HIS B 94 37.18 64.47 -27.75
C HIS B 94 36.66 63.55 -28.86
N ALA B 95 36.38 62.30 -28.53
CA ALA B 95 35.89 61.34 -29.50
C ALA B 95 34.53 61.73 -30.08
N VAL B 96 33.55 62.00 -29.20
CA VAL B 96 32.22 62.36 -29.67
C VAL B 96 32.31 63.63 -30.49
N TRP B 97 33.17 64.54 -30.06
CA TRP B 97 33.34 65.77 -30.80
C TRP B 97 33.87 65.49 -32.20
N TYR B 98 34.87 64.62 -32.28
CA TYR B 98 35.48 64.27 -33.55
C TYR B 98 34.46 63.52 -34.45
N LEU B 99 33.87 62.45 -33.91
CA LEU B 99 32.91 61.66 -34.64
C LEU B 99 31.69 62.39 -35.22
N THR B 100 31.29 63.48 -34.59
CA THR B 100 30.11 64.23 -35.04
C THR B 100 30.49 65.54 -35.70
N THR B 101 31.68 65.59 -36.28
CA THR B 101 32.16 66.83 -36.87
C THR B 101 32.99 66.67 -38.14
N ARG B 102 33.87 65.68 -38.13
CA ARG B 102 34.72 65.44 -39.27
C ARG B 102 33.90 64.83 -40.41
N PRO B 103 34.37 65.01 -41.65
CA PRO B 103 33.74 64.51 -42.86
C PRO B 103 33.48 63.01 -42.88
N VAL B 104 32.30 62.66 -43.38
CA VAL B 104 31.89 61.28 -43.51
C VAL B 104 31.53 61.04 -44.97
N PRO B 105 32.26 60.10 -45.61
CA PRO B 105 32.02 59.76 -47.01
C PRO B 105 30.56 59.42 -47.28
N GLY B 106 30.00 60.06 -48.30
CA GLY B 106 28.62 59.83 -48.71
C GLY B 106 27.48 60.07 -47.73
N LEU B 107 27.70 60.93 -46.75
CA LEU B 107 26.65 61.22 -45.77
C LEU B 107 25.74 62.33 -46.26
N GLN B 108 24.43 62.03 -46.33
CA GLN B 108 23.44 63.01 -46.76
C GLN B 108 23.50 64.26 -45.88
N GLN B 109 23.35 65.43 -46.49
CA GLN B 109 23.39 66.70 -45.75
C GLN B 109 21.99 67.28 -45.51
N ILE B 110 21.00 66.39 -45.57
CA ILE B 110 19.59 66.75 -45.37
C ILE B 110 19.35 67.41 -44.02
N HIS B 111 19.35 68.74 -44.05
CA HIS B 111 19.11 69.57 -42.87
C HIS B 111 19.70 70.96 -43.13
N ASN B 112 19.62 71.83 -42.12
CA ASN B 112 20.14 73.19 -42.22
C ASN B 112 21.67 73.20 -42.39
N GLY B 113 22.11 72.90 -43.62
CA GLY B 113 23.54 72.85 -43.98
C GLY B 113 23.99 74.13 -44.71
N ASP B 123 22.68 87.97 -34.26
CA ASP B 123 22.93 89.17 -33.43
C ASP B 123 22.99 88.92 -31.91
N GLY B 124 22.40 89.81 -31.11
CA GLY B 124 22.48 89.67 -29.67
C GLY B 124 21.39 88.93 -28.93
N ARG B 125 20.33 88.56 -29.64
CA ARG B 125 19.23 87.86 -29.00
C ARG B 125 19.13 86.46 -29.53
N ILE B 126 18.72 85.54 -28.68
CA ILE B 126 18.57 84.17 -29.10
C ILE B 126 17.23 83.97 -29.77
N ASN B 127 17.23 83.44 -30.97
CA ASN B 127 15.98 83.21 -31.64
C ASN B 127 15.54 81.79 -31.33
N HIS B 128 14.54 81.66 -30.45
CA HIS B 128 14.04 80.35 -30.04
C HIS B 128 13.04 79.77 -31.03
N GLY B 129 12.84 80.49 -32.13
CA GLY B 129 11.92 80.04 -33.15
C GLY B 129 12.65 79.17 -34.15
N ARG B 130 13.94 79.41 -34.31
CA ARG B 130 14.78 78.67 -35.23
C ARG B 130 15.71 77.64 -34.55
N ILE B 131 15.78 76.45 -35.13
CA ILE B 131 16.63 75.35 -34.62
C ILE B 131 18.09 75.53 -35.08
N ALA B 132 18.99 75.79 -34.13
CA ALA B 132 20.39 75.99 -34.48
C ALA B 132 21.18 74.69 -34.72
N TYR B 133 22.20 74.78 -35.58
CA TYR B 133 23.08 73.66 -35.90
C TYR B 133 24.50 74.18 -35.78
N ILE B 134 25.40 73.42 -35.15
CA ILE B 134 26.80 73.85 -35.00
C ILE B 134 27.64 73.44 -36.18
N SER B 135 28.78 74.12 -36.32
CA SER B 135 29.74 73.82 -37.39
C SER B 135 31.16 74.01 -36.87
N SER B 136 31.97 72.95 -36.92
CA SER B 136 33.34 73.03 -36.44
C SER B 136 34.19 73.93 -37.32
N LYS B 137 34.93 74.83 -36.68
CA LYS B 137 35.80 75.74 -37.39
C LYS B 137 37.09 75.06 -37.76
N SER B 138 37.43 73.98 -37.06
CA SER B 138 38.67 73.26 -37.32
C SER B 138 38.61 72.27 -38.48
N CYS B 139 37.52 72.27 -39.23
CA CYS B 139 37.41 71.38 -40.37
C CYS B 139 36.19 71.67 -41.21
N SER B 140 36.10 71.00 -42.35
CA SER B 140 34.99 71.19 -43.27
C SER B 140 35.01 70.07 -44.29
N ASN B 141 33.83 69.70 -44.78
CA ASN B 141 33.71 68.63 -45.77
C ASN B 141 34.52 68.93 -47.01
N PRO B 142 35.41 68.01 -47.36
CA PRO B 142 36.25 68.20 -48.54
C PRO B 142 35.41 68.73 -49.72
N ASP B 143 34.33 68.02 -50.05
CA ASP B 143 33.44 68.39 -51.15
C ASP B 143 32.02 67.90 -50.87
N GLU B 144 31.19 67.87 -51.91
CA GLU B 144 29.80 67.42 -51.75
C GLU B 144 29.68 65.91 -51.53
N SER B 145 30.75 65.17 -51.77
CA SER B 145 30.74 63.71 -51.57
C SER B 145 30.78 63.41 -50.06
N TYR B 146 31.10 64.43 -49.26
CA TYR B 146 31.20 64.30 -47.81
C TYR B 146 30.12 65.03 -47.02
N GLY B 147 29.77 64.44 -45.88
CA GLY B 147 28.78 65.05 -45.01
C GLY B 147 29.20 64.82 -43.58
N CYS B 148 28.91 65.77 -42.71
CA CYS B 148 29.26 65.59 -41.30
C CYS B 148 27.99 65.50 -40.47
N LEU B 149 28.07 64.76 -39.38
CA LEU B 149 26.94 64.58 -38.48
C LEU B 149 26.36 65.88 -37.92
N SER B 150 27.22 66.85 -37.67
CA SER B 150 26.78 68.13 -37.12
C SER B 150 25.76 68.84 -37.99
N SER B 151 25.56 68.34 -39.21
CA SER B 151 24.62 68.96 -40.12
C SER B 151 23.25 68.32 -40.08
N ASN B 152 23.12 67.20 -39.38
CA ASN B 152 21.85 66.49 -39.30
C ASN B 152 21.27 66.48 -37.90
N ILE B 153 22.13 66.69 -36.90
CA ILE B 153 21.70 66.70 -35.52
C ILE B 153 21.82 68.11 -34.97
N PRO B 154 20.69 68.72 -34.58
CA PRO B 154 20.71 70.08 -34.05
C PRO B 154 21.71 70.32 -32.90
N ALA B 155 22.16 71.56 -32.82
CA ALA B 155 23.13 72.01 -31.83
C ALA B 155 22.74 71.63 -30.41
N LEU B 156 21.47 71.83 -30.04
CA LEU B 156 21.04 71.50 -28.69
C LEU B 156 21.34 70.04 -28.38
N GLU B 157 21.14 69.17 -29.35
CA GLU B 157 21.37 67.76 -29.17
C GLU B 157 22.85 67.35 -29.09
N LEU B 158 23.70 67.98 -29.89
CA LEU B 158 25.12 67.67 -29.86
C LEU B 158 25.71 68.24 -28.56
N MET B 159 25.28 69.44 -28.17
CA MET B 159 25.75 70.04 -26.94
C MET B 159 25.43 69.12 -25.77
N ALA B 160 24.27 68.47 -25.82
CA ALA B 160 23.90 67.54 -24.77
C ALA B 160 24.85 66.33 -24.80
N LEU B 161 25.22 65.88 -26.00
CA LEU B 161 26.11 64.75 -26.15
C LEU B 161 27.49 65.08 -25.55
N TYR B 162 28.01 66.25 -25.91
CA TYR B 162 29.30 66.70 -25.41
C TYR B 162 29.28 66.85 -23.89
N VAL B 163 28.27 67.53 -23.36
CA VAL B 163 28.18 67.73 -21.93
C VAL B 163 28.02 66.41 -21.20
N ALA B 164 27.37 65.45 -21.86
CA ALA B 164 27.17 64.15 -21.23
C ALA B 164 28.50 63.45 -21.15
N ALA B 165 29.27 63.51 -22.24
CA ALA B 165 30.57 62.87 -22.27
C ALA B 165 31.40 63.39 -21.12
N ALA B 166 31.38 64.71 -20.93
CA ALA B 166 32.16 65.32 -19.87
C ALA B 166 31.77 64.86 -18.47
N MET B 167 30.54 64.37 -18.32
CA MET B 167 30.11 63.92 -17.00
C MET B 167 29.76 62.44 -16.87
N HIS B 168 29.90 61.68 -17.94
CA HIS B 168 29.51 60.27 -17.93
C HIS B 168 30.13 59.34 -16.89
N ASP B 169 31.29 59.70 -16.33
CA ASP B 169 31.90 58.84 -15.33
C ASP B 169 32.19 59.62 -14.02
N TYR B 170 31.50 60.74 -13.84
CA TYR B 170 31.68 61.56 -12.65
C TYR B 170 31.65 60.74 -11.38
N ASP B 171 32.64 60.96 -10.52
CA ASP B 171 32.74 60.26 -9.24
C ASP B 171 32.74 58.73 -9.30
N HIS B 172 33.49 58.19 -10.25
CA HIS B 172 33.60 56.76 -10.42
C HIS B 172 34.49 56.18 -9.32
N PRO B 173 34.02 55.12 -8.64
CA PRO B 173 34.74 54.45 -7.55
C PRO B 173 35.82 53.46 -8.00
N GLY B 174 35.93 53.24 -9.29
CA GLY B 174 36.91 52.31 -9.80
C GLY B 174 36.44 50.87 -9.64
N ARG B 175 35.14 50.69 -9.46
CA ARG B 175 34.59 49.36 -9.31
C ARG B 175 33.47 49.11 -10.34
N THR B 176 33.23 47.85 -10.71
CA THR B 176 32.18 47.59 -11.69
C THR B 176 30.81 47.58 -11.06
N ASN B 177 29.78 47.65 -11.89
CA ASN B 177 28.42 47.63 -11.38
C ASN B 177 28.19 46.31 -10.65
N ALA B 178 28.59 45.21 -11.28
CA ALA B 178 28.44 43.88 -10.70
C ALA B 178 29.01 43.86 -9.29
N PHE B 179 30.18 44.45 -9.12
CA PHE B 179 30.83 44.47 -7.82
C PHE B 179 29.90 45.11 -6.81
N LEU B 180 29.43 46.32 -7.15
CA LEU B 180 28.52 47.08 -6.27
C LEU B 180 27.26 46.32 -5.92
N VAL B 181 26.68 45.63 -6.90
CA VAL B 181 25.47 44.86 -6.70
C VAL B 181 25.75 43.69 -5.77
N ALA B 182 26.85 42.99 -6.04
CA ALA B 182 27.27 41.84 -5.25
C ALA B 182 27.56 42.24 -3.79
N THR B 183 28.40 43.24 -3.60
CA THR B 183 28.74 43.68 -2.25
C THR B 183 27.61 44.46 -1.58
N ASN B 184 26.44 44.52 -2.23
CA ASN B 184 25.29 45.24 -1.69
C ASN B 184 25.65 46.65 -1.22
N ALA B 185 26.33 47.37 -2.10
CA ALA B 185 26.74 48.71 -1.81
C ALA B 185 25.52 49.58 -1.60
N PRO B 186 25.62 50.60 -0.75
CA PRO B 186 24.47 51.46 -0.54
C PRO B 186 23.97 52.07 -1.87
N GLN B 187 24.88 52.29 -2.81
CA GLN B 187 24.50 52.85 -4.08
C GLN B 187 23.71 51.86 -4.92
N ALA B 188 24.01 50.58 -4.80
CA ALA B 188 23.30 49.60 -5.58
C ALA B 188 21.87 49.44 -5.05
N VAL B 189 21.71 49.59 -3.74
CA VAL B 189 20.38 49.47 -3.16
C VAL B 189 19.54 50.67 -3.60
N LEU B 190 20.16 51.85 -3.54
CA LEU B 190 19.53 53.10 -3.93
C LEU B 190 18.92 53.08 -5.32
N TYR B 191 19.64 52.48 -6.28
CA TYR B 191 19.16 52.41 -7.64
C TYR B 191 18.62 51.03 -8.02
N ASN B 192 18.24 50.26 -7.01
CA ASN B 192 17.66 48.96 -7.27
C ASN B 192 18.43 48.10 -8.30
N ASP B 193 19.75 48.13 -8.19
CA ASP B 193 20.67 47.39 -9.05
C ASP B 193 20.55 47.66 -10.55
N ARG B 194 19.94 48.79 -10.92
CA ARG B 194 19.79 49.11 -12.35
C ARG B 194 20.76 50.23 -12.72
N SER B 195 21.66 49.95 -13.66
CA SER B 195 22.68 50.92 -14.09
C SER B 195 23.20 51.74 -12.91
N VAL B 196 23.49 51.06 -11.80
CA VAL B 196 23.95 51.69 -10.58
C VAL B 196 24.95 52.82 -10.78
N LEU B 197 26.05 52.55 -11.45
CA LEU B 197 27.05 53.59 -11.66
C LEU B 197 26.58 54.71 -12.57
N GLU B 198 26.14 54.34 -13.77
CA GLU B 198 25.67 55.31 -14.75
C GLU B 198 24.62 56.23 -14.14
N ASN B 199 23.71 55.67 -13.35
CA ASN B 199 22.69 56.49 -12.71
C ASN B 199 23.32 57.50 -11.77
N HIS B 200 24.31 57.03 -11.01
CA HIS B 200 25.01 57.89 -10.07
C HIS B 200 25.77 59.01 -10.77
N HIS B 201 26.40 58.70 -11.89
CA HIS B 201 27.13 59.72 -12.63
C HIS B 201 26.21 60.88 -13.00
N ALA B 202 25.11 60.57 -13.69
CA ALA B 202 24.14 61.59 -14.12
C ALA B 202 23.49 62.35 -12.98
N ALA B 203 22.96 61.61 -12.01
CA ALA B 203 22.29 62.23 -10.87
C ALA B 203 23.23 63.11 -10.08
N SER B 204 24.50 62.71 -10.00
CA SER B 204 25.51 63.44 -9.24
C SER B 204 25.93 64.72 -9.93
N ALA B 205 26.22 64.62 -11.23
CA ALA B 205 26.64 65.78 -12.02
C ALA B 205 25.52 66.81 -12.06
N TRP B 206 24.27 66.34 -12.20
CA TRP B 206 23.14 67.26 -12.26
C TRP B 206 22.93 67.90 -10.91
N ASN B 207 22.99 67.11 -9.86
CA ASN B 207 22.85 67.66 -8.55
C ASN B 207 23.92 68.75 -8.36
N LEU B 208 25.15 68.49 -8.82
CA LEU B 208 26.25 69.43 -8.72
C LEU B 208 25.87 70.71 -9.47
N TYR B 209 25.37 70.54 -10.70
CA TYR B 209 24.97 71.67 -11.53
C TYR B 209 23.96 72.58 -10.84
N LEU B 210 22.95 72.00 -10.22
CA LEU B 210 21.92 72.81 -9.56
C LEU B 210 22.33 73.27 -8.16
N SER B 211 23.48 72.78 -7.69
CA SER B 211 24.01 73.11 -6.37
C SER B 211 24.12 74.57 -6.06
N ARG B 212 24.76 75.28 -6.98
CA ARG B 212 25.02 76.68 -6.79
C ARG B 212 24.68 77.48 -8.02
N PRO B 213 24.19 78.71 -7.83
CA PRO B 213 23.85 79.54 -8.99
C PRO B 213 25.02 79.90 -9.91
N GLU B 214 26.25 79.92 -9.38
CA GLU B 214 27.39 80.26 -10.22
C GLU B 214 27.76 79.16 -11.22
N TYR B 215 27.01 78.06 -11.23
CA TYR B 215 27.28 76.97 -12.15
C TYR B 215 26.32 77.05 -13.33
N ASN B 216 25.25 77.81 -13.13
CA ASN B 216 24.20 77.93 -14.14
C ASN B 216 24.62 78.57 -15.45
N PHE B 217 25.36 77.84 -16.28
CA PHE B 217 25.79 78.41 -17.54
C PHE B 217 24.76 78.24 -18.67
N LEU B 218 23.68 77.51 -18.39
CA LEU B 218 22.62 77.31 -19.37
C LEU B 218 21.45 78.26 -19.11
N LEU B 219 21.73 79.35 -18.42
CA LEU B 219 20.68 80.31 -18.08
C LEU B 219 19.99 80.99 -19.23
N HIS B 220 20.36 80.67 -20.46
CA HIS B 220 19.70 81.32 -21.58
C HIS B 220 18.94 80.36 -22.45
N LEU B 221 18.56 79.21 -21.89
CA LEU B 221 17.76 78.25 -22.63
C LEU B 221 16.38 78.38 -22.03
N ASP B 222 15.32 78.41 -22.83
CA ASP B 222 14.01 78.51 -22.22
C ASP B 222 13.69 77.20 -21.50
N HIS B 223 12.60 77.18 -20.72
CA HIS B 223 12.26 75.98 -19.98
C HIS B 223 12.19 74.77 -20.86
N VAL B 224 11.60 74.94 -22.03
CA VAL B 224 11.48 73.80 -22.94
C VAL B 224 12.86 73.26 -23.31
N GLU B 225 13.70 74.13 -23.84
CA GLU B 225 15.06 73.79 -24.23
C GLU B 225 15.84 73.13 -23.09
N PHE B 226 15.75 73.68 -21.88
CA PHE B 226 16.48 73.09 -20.77
C PHE B 226 15.99 71.68 -20.45
N LYS B 227 14.68 71.56 -20.30
CA LYS B 227 14.03 70.30 -20.01
C LYS B 227 14.51 69.25 -21.01
N ARG B 228 14.54 69.61 -22.29
CA ARG B 228 14.98 68.67 -23.30
C ARG B 228 16.47 68.34 -23.19
N PHE B 229 17.26 69.37 -22.89
CA PHE B 229 18.70 69.20 -22.75
C PHE B 229 18.97 68.20 -21.64
N ARG B 230 18.35 68.42 -20.49
CA ARG B 230 18.55 67.54 -19.37
C ARG B 230 18.19 66.12 -19.73
N PHE B 231 17.07 65.94 -20.41
CA PHE B 231 16.62 64.62 -20.82
C PHE B 231 17.62 63.94 -21.76
N LEU B 232 18.13 64.71 -22.72
CA LEU B 232 19.10 64.19 -23.66
C LEU B 232 20.40 63.78 -22.96
N VAL B 233 20.87 64.61 -22.04
CA VAL B 233 22.10 64.28 -21.34
C VAL B 233 21.96 62.95 -20.60
N ILE B 234 20.91 62.83 -19.81
CA ILE B 234 20.67 61.61 -19.05
C ILE B 234 20.62 60.38 -19.95
N GLU B 235 19.92 60.49 -21.07
CA GLU B 235 19.81 59.36 -22.01
C GLU B 235 21.18 58.92 -22.52
N ALA B 236 22.07 59.90 -22.79
CA ALA B 236 23.40 59.57 -23.27
C ALA B 236 24.20 58.88 -22.17
N ILE B 237 24.32 59.54 -21.02
CA ILE B 237 25.06 58.95 -19.93
C ILE B 237 24.58 57.53 -19.61
N LEU B 238 23.28 57.32 -19.46
CA LEU B 238 22.78 55.97 -19.15
C LEU B 238 22.98 54.92 -20.23
N ALA B 239 23.40 55.33 -21.43
CA ALA B 239 23.61 54.37 -22.49
C ALA B 239 25.00 53.77 -22.39
N THR B 240 25.83 54.35 -21.52
CA THR B 240 27.18 53.86 -21.38
C THR B 240 27.25 52.63 -20.48
N ASP B 241 26.12 52.18 -19.95
CA ASP B 241 26.09 50.98 -19.13
C ASP B 241 26.25 49.79 -20.08
N LEU B 242 27.38 49.11 -20.02
CA LEU B 242 27.62 47.99 -20.90
C LEU B 242 26.63 46.84 -20.82
N LYS B 243 25.88 46.72 -19.72
CA LYS B 243 24.90 45.63 -19.59
C LYS B 243 23.90 45.71 -20.74
N LYS B 244 23.61 46.93 -21.17
CA LYS B 244 22.64 47.12 -22.23
C LYS B 244 23.35 47.22 -23.59
N HIS B 245 24.64 46.91 -23.62
CA HIS B 245 25.41 47.01 -24.86
C HIS B 245 24.80 46.30 -26.06
N PHE B 246 24.45 45.03 -25.89
CA PHE B 246 23.90 44.31 -27.02
C PHE B 246 22.53 44.78 -27.44
N ASP B 247 21.78 45.32 -26.49
CA ASP B 247 20.45 45.83 -26.77
C ASP B 247 20.53 47.05 -27.67
N PHE B 248 21.42 47.99 -27.34
CA PHE B 248 21.59 49.19 -28.16
C PHE B 248 22.09 48.80 -29.53
N LEU B 249 22.99 47.83 -29.55
CA LEU B 249 23.56 47.39 -30.81
C LEU B 249 22.46 46.82 -31.70
N ALA B 250 21.64 45.97 -31.09
CA ALA B 250 20.52 45.34 -31.78
C ALA B 250 19.60 46.39 -32.39
N GLU B 251 19.08 47.24 -31.51
CA GLU B 251 18.17 48.30 -31.92
C GLU B 251 18.79 49.15 -33.01
N PHE B 252 20.05 49.51 -32.84
CA PHE B 252 20.70 50.33 -33.85
C PHE B 252 20.72 49.63 -35.19
N ASN B 253 21.05 48.33 -35.18
CA ASN B 253 21.10 47.61 -36.43
C ASN B 253 19.73 47.56 -37.10
N ALA B 254 18.69 47.32 -36.29
CA ALA B 254 17.32 47.28 -36.79
C ALA B 254 16.98 48.52 -37.62
N LYS B 255 17.40 49.70 -37.17
CA LYS B 255 17.12 50.91 -37.93
C LYS B 255 18.09 51.10 -39.08
N ALA B 256 19.35 51.27 -38.74
CA ALA B 256 20.40 51.52 -39.73
C ALA B 256 20.71 50.45 -40.78
N ASN B 257 21.13 49.27 -40.35
CA ASN B 257 21.47 48.26 -41.34
C ASN B 257 21.14 46.83 -40.94
N ASP B 258 20.03 46.35 -41.47
CA ASP B 258 19.58 44.99 -41.20
C ASP B 258 18.94 44.51 -42.49
N VAL B 259 18.42 43.30 -42.50
CA VAL B 259 17.79 42.75 -43.70
C VAL B 259 16.66 43.69 -44.17
N ASN B 260 15.73 43.96 -43.26
CA ASN B 260 14.60 44.83 -43.60
C ASN B 260 14.81 46.22 -43.02
N SER B 261 16.07 46.59 -42.78
CA SER B 261 16.40 47.91 -42.22
C SER B 261 15.64 49.01 -42.96
N ASN B 262 15.34 50.09 -42.25
CA ASN B 262 14.61 51.21 -42.82
C ASN B 262 15.53 52.34 -43.30
N GLY B 263 16.35 52.85 -42.39
CA GLY B 263 17.28 53.93 -42.70
C GLY B 263 17.58 54.75 -41.44
N ILE B 264 17.30 56.05 -41.47
CA ILE B 264 17.55 56.87 -40.31
C ILE B 264 16.52 57.99 -40.13
N GLU B 265 16.25 58.73 -41.19
CA GLU B 265 15.28 59.83 -41.11
C GLU B 265 15.72 60.72 -39.97
N TRP B 266 16.65 61.61 -40.26
CA TRP B 266 17.15 62.52 -39.24
C TRP B 266 16.04 63.40 -38.67
N SER B 267 14.87 63.35 -39.30
CA SER B 267 13.74 64.14 -38.85
C SER B 267 13.03 63.44 -37.69
N ASN B 268 13.45 62.23 -37.41
CA ASN B 268 12.89 61.42 -36.33
C ASN B 268 13.74 61.59 -35.07
N GLU B 269 13.22 62.30 -34.07
CA GLU B 269 13.96 62.54 -32.83
C GLU B 269 14.53 61.27 -32.24
N ASN B 270 13.73 60.21 -32.23
CA ASN B 270 14.18 58.94 -31.67
C ASN B 270 15.40 58.38 -32.36
N ASP B 271 15.38 58.38 -33.69
CA ASP B 271 16.51 57.89 -34.45
C ASP B 271 17.74 58.75 -34.17
N ARG B 272 17.54 60.05 -34.06
CA ARG B 272 18.65 60.93 -33.78
C ARG B 272 19.29 60.60 -32.43
N LEU B 273 18.46 60.32 -31.43
CA LEU B 273 18.98 59.98 -30.12
C LEU B 273 19.76 58.67 -30.19
N LEU B 274 19.21 57.69 -30.89
CA LEU B 274 19.86 56.40 -31.01
C LEU B 274 21.26 56.58 -31.60
N VAL B 275 21.37 57.43 -32.61
CA VAL B 275 22.67 57.68 -33.21
C VAL B 275 23.59 58.31 -32.18
N CYS B 276 23.07 59.30 -31.44
CA CYS B 276 23.87 59.96 -30.43
C CYS B 276 24.35 58.98 -29.37
N GLN B 277 23.49 58.05 -29.00
CA GLN B 277 23.86 57.09 -27.98
C GLN B 277 24.92 56.13 -28.48
N VAL B 278 24.76 55.66 -29.70
CA VAL B 278 25.74 54.75 -30.26
C VAL B 278 27.09 55.47 -30.35
N CYS B 279 27.05 56.80 -30.44
CA CYS B 279 28.26 57.59 -30.52
C CYS B 279 29.04 57.58 -29.19
N ILE B 280 28.45 58.06 -28.08
CA ILE B 280 29.16 58.03 -26.79
C ILE B 280 29.53 56.59 -26.53
N LYS B 281 28.66 55.66 -26.92
CA LYS B 281 28.93 54.25 -26.71
C LYS B 281 30.30 53.89 -27.27
N LEU B 282 30.56 54.34 -28.50
CA LEU B 282 31.82 54.09 -29.18
C LEU B 282 32.92 54.93 -28.58
N ALA B 283 32.64 56.20 -28.36
CA ALA B 283 33.62 57.09 -27.78
C ALA B 283 34.03 56.64 -26.37
N ASP B 284 33.16 55.93 -25.67
CA ASP B 284 33.49 55.49 -24.32
C ASP B 284 34.46 54.33 -24.34
N ILE B 285 34.49 53.60 -25.45
CA ILE B 285 35.40 52.48 -25.57
C ILE B 285 36.29 52.57 -26.80
N ASN B 286 36.72 53.79 -27.13
CA ASN B 286 37.56 54.01 -28.30
C ASN B 286 38.96 53.42 -28.18
N GLY B 287 39.33 52.99 -26.97
CA GLY B 287 40.65 52.40 -26.76
C GLY B 287 41.25 51.60 -27.91
N PRO B 288 40.80 50.36 -28.10
CA PRO B 288 41.33 49.53 -29.20
C PRO B 288 41.06 50.03 -30.61
N ALA B 289 40.67 51.29 -30.76
CA ALA B 289 40.39 51.82 -32.09
C ALA B 289 41.31 52.97 -32.37
N LYS B 290 42.24 53.21 -31.44
CA LYS B 290 43.23 54.28 -31.63
C LYS B 290 44.53 53.61 -32.08
N VAL B 291 45.59 54.40 -32.19
CA VAL B 291 46.87 53.87 -32.60
C VAL B 291 47.45 53.01 -31.45
N ARG B 292 48.31 52.05 -31.80
CA ARG B 292 48.93 51.13 -30.83
C ARG B 292 49.40 51.86 -29.57
N ASP B 293 50.17 52.92 -29.77
CA ASP B 293 50.65 53.72 -28.65
C ASP B 293 49.52 53.95 -27.63
N LEU B 294 48.50 54.71 -28.06
CA LEU B 294 47.34 55.06 -27.23
C LEU B 294 46.58 53.86 -26.70
N HIS B 295 46.30 52.89 -27.57
CA HIS B 295 45.59 51.69 -27.14
C HIS B 295 46.20 51.04 -25.89
N LEU B 296 47.51 50.81 -25.93
CA LEU B 296 48.20 50.16 -24.81
C LEU B 296 48.16 51.00 -23.55
N LYS B 297 48.43 52.29 -23.69
CA LYS B 297 48.42 53.17 -22.53
C LYS B 297 47.10 53.11 -21.77
N TRP B 298 45.99 53.00 -22.51
CA TRP B 298 44.63 52.90 -21.94
C TRP B 298 44.47 51.53 -21.29
N THR B 299 44.87 50.49 -22.04
CA THR B 299 44.78 49.13 -21.54
C THR B 299 45.46 49.02 -20.18
N GLU B 300 46.57 49.73 -20.04
CA GLU B 300 47.31 49.71 -18.80
C GLU B 300 46.44 50.22 -17.65
N GLY B 301 45.82 51.38 -17.84
CA GLY B 301 44.97 51.94 -16.80
C GLY B 301 43.80 51.07 -16.38
N ILE B 302 43.18 50.40 -17.35
CA ILE B 302 42.03 49.55 -17.08
C ILE B 302 42.40 48.35 -16.23
N VAL B 303 43.42 47.62 -16.65
CA VAL B 303 43.85 46.45 -15.89
C VAL B 303 44.29 46.85 -14.48
N ASN B 304 45.07 47.93 -14.37
CA ASN B 304 45.52 48.32 -13.04
C ASN B 304 44.34 48.52 -12.12
N GLU B 305 43.28 49.10 -12.68
CA GLU B 305 42.07 49.37 -11.91
C GLU B 305 41.36 48.05 -11.63
N PHE B 306 41.28 47.20 -12.64
CA PHE B 306 40.64 45.89 -12.46
C PHE B 306 41.30 45.13 -11.31
N TYR B 307 42.62 45.22 -11.24
CA TYR B 307 43.42 44.56 -10.21
C TYR B 307 43.15 45.19 -8.86
N GLU B 308 43.11 46.52 -8.80
CA GLU B 308 42.83 47.19 -7.54
C GLU B 308 41.50 46.68 -6.99
N GLN B 309 40.59 46.31 -7.89
CA GLN B 309 39.30 45.79 -7.47
C GLN B 309 39.48 44.38 -6.92
N GLY B 310 40.21 43.56 -7.68
CA GLY B 310 40.48 42.20 -7.25
C GLY B 310 41.06 42.14 -5.84
N ASP B 311 41.90 43.11 -5.53
CA ASP B 311 42.51 43.17 -4.21
C ASP B 311 41.42 43.32 -3.16
N GLU B 312 40.56 44.32 -3.33
CA GLU B 312 39.46 44.56 -2.39
C GLU B 312 38.51 43.38 -2.35
N GLU B 313 38.34 42.70 -3.48
CA GLU B 313 37.45 41.54 -3.51
C GLU B 313 38.04 40.49 -2.57
N ALA B 314 39.37 40.40 -2.55
CA ALA B 314 40.08 39.46 -1.70
C ALA B 314 39.95 39.88 -0.24
N ASN B 315 40.24 41.15 0.06
CA ASN B 315 40.12 41.63 1.44
C ASN B 315 38.71 41.50 1.97
N LEU B 316 37.77 41.18 1.08
CA LEU B 316 36.38 41.02 1.49
C LEU B 316 36.02 39.54 1.51
N GLY B 317 36.96 38.70 1.09
CA GLY B 317 36.70 37.28 1.07
C GLY B 317 35.74 36.91 -0.05
N LEU B 318 35.93 37.51 -1.21
CA LEU B 318 35.07 37.22 -2.34
C LEU B 318 35.91 36.71 -3.49
N PRO B 319 35.32 35.83 -4.30
CA PRO B 319 36.02 35.24 -5.46
C PRO B 319 36.53 36.36 -6.35
N ILE B 320 37.79 36.32 -6.72
CA ILE B 320 38.33 37.37 -7.58
C ILE B 320 37.66 37.26 -8.94
N SER B 321 37.19 38.39 -9.44
CA SER B 321 36.50 38.44 -10.71
C SER B 321 37.45 38.22 -11.86
N PRO B 322 36.99 37.54 -12.92
CA PRO B 322 37.78 37.24 -14.12
C PRO B 322 38.68 38.39 -14.56
N PHE B 323 39.92 38.07 -14.89
CA PHE B 323 40.87 39.07 -15.33
C PHE B 323 41.24 40.12 -14.29
N MET B 324 40.70 40.02 -13.09
CA MET B 324 41.01 41.01 -12.06
C MET B 324 42.04 40.57 -11.04
N ASP B 325 42.56 39.37 -11.23
CA ASP B 325 43.57 38.81 -10.31
C ASP B 325 44.97 39.05 -10.87
N ARG B 326 45.70 39.99 -10.27
CA ARG B 326 47.05 40.32 -10.75
C ARG B 326 48.06 39.17 -10.64
N SER B 327 47.84 38.28 -9.67
CA SER B 327 48.73 37.16 -9.47
C SER B 327 48.29 36.05 -10.43
N SER B 328 47.69 36.42 -11.55
CA SER B 328 47.22 35.45 -12.54
C SER B 328 46.54 36.20 -13.72
N PRO B 329 47.18 37.27 -14.19
CA PRO B 329 46.66 38.08 -15.29
C PRO B 329 46.43 37.31 -16.58
N GLN B 330 45.52 37.81 -17.41
CA GLN B 330 45.24 37.19 -18.69
C GLN B 330 44.93 38.27 -19.71
N LEU B 331 45.72 39.34 -19.60
CA LEU B 331 45.62 40.51 -20.46
C LEU B 331 45.33 40.20 -21.91
N ALA B 332 46.15 39.38 -22.54
CA ALA B 332 45.94 39.03 -23.94
C ALA B 332 44.54 38.50 -24.20
N LYS B 333 44.09 37.59 -23.34
CA LYS B 333 42.77 36.98 -23.46
C LYS B 333 41.68 38.05 -23.34
N LEU B 334 41.87 38.93 -22.36
CA LEU B 334 40.95 40.02 -22.07
C LEU B 334 40.73 40.89 -23.30
N GLN B 335 41.76 41.62 -23.69
CA GLN B 335 41.68 42.49 -24.86
C GLN B 335 41.17 41.77 -26.09
N GLU B 336 41.64 40.56 -26.31
CA GLU B 336 41.21 39.79 -27.47
C GLU B 336 39.70 39.68 -27.47
N SER B 337 39.14 39.19 -26.37
CA SER B 337 37.69 39.02 -26.23
C SER B 337 36.93 40.34 -26.36
N PHE B 338 37.41 41.37 -25.67
CA PHE B 338 36.78 42.67 -25.70
C PHE B 338 36.69 43.23 -27.12
N ILE B 339 37.80 43.18 -27.83
CA ILE B 339 37.83 43.69 -29.19
C ILE B 339 36.99 42.80 -30.10
N THR B 340 36.67 41.60 -29.67
CA THR B 340 35.91 40.73 -30.52
C THR B 340 34.41 40.73 -30.29
N HIS B 341 34.00 40.81 -29.02
CA HIS B 341 32.59 40.80 -28.69
C HIS B 341 31.97 42.15 -28.36
N ILE B 342 32.79 43.17 -28.19
CA ILE B 342 32.25 44.47 -27.85
C ILE B 342 32.60 45.59 -28.81
N VAL B 343 33.80 46.14 -28.70
CA VAL B 343 34.21 47.21 -29.61
C VAL B 343 34.13 46.81 -31.07
N GLY B 344 34.49 45.55 -31.36
CA GLY B 344 34.46 45.07 -32.71
C GLY B 344 33.11 45.24 -33.37
N PRO B 345 32.13 44.43 -32.96
CA PRO B 345 30.79 44.53 -33.55
C PRO B 345 30.19 45.95 -33.54
N LEU B 346 30.54 46.74 -32.53
CA LEU B 346 30.02 48.11 -32.47
C LEU B 346 30.54 48.93 -33.65
N CYS B 347 31.86 48.97 -33.83
CA CYS B 347 32.41 49.73 -34.94
C CYS B 347 31.89 49.25 -36.28
N ASN B 348 31.72 47.95 -36.42
CA ASN B 348 31.24 47.44 -37.69
C ASN B 348 29.86 47.98 -37.94
N SER B 349 29.00 47.81 -36.94
CA SER B 349 27.63 48.28 -37.03
C SER B 349 27.56 49.76 -37.35
N TYR B 350 28.38 50.55 -36.65
CA TYR B 350 28.41 51.99 -36.85
C TYR B 350 28.97 52.31 -38.22
N ASP B 351 29.89 51.47 -38.69
CA ASP B 351 30.52 51.67 -39.99
C ASP B 351 29.54 51.31 -41.09
N ALA B 352 28.81 50.23 -40.90
CA ALA B 352 27.82 49.75 -41.86
C ALA B 352 26.78 50.84 -42.11
N ALA B 353 26.46 51.61 -41.07
CA ALA B 353 25.50 52.67 -41.21
C ALA B 353 26.14 53.84 -41.97
N GLY B 354 27.46 53.76 -42.18
CA GLY B 354 28.17 54.81 -42.89
C GLY B 354 28.16 56.14 -42.16
N LEU B 355 28.38 56.10 -40.86
CA LEU B 355 28.40 57.31 -40.03
C LEU B 355 29.81 57.60 -39.53
N LEU B 356 30.77 56.81 -39.96
CA LEU B 356 32.16 56.95 -39.54
C LEU B 356 33.02 57.83 -40.40
N PRO B 357 33.70 58.82 -39.80
CA PRO B 357 34.55 59.70 -40.60
C PRO B 357 35.52 58.84 -41.41
N GLY B 358 36.02 59.38 -42.50
CA GLY B 358 36.94 58.63 -43.32
C GLY B 358 37.18 59.36 -44.62
N GLN B 359 37.85 58.71 -45.56
CA GLN B 359 38.10 59.36 -46.84
C GLN B 359 37.99 58.36 -47.98
N TRP B 360 37.54 58.87 -49.12
CA TRP B 360 37.38 58.07 -50.32
C TRP B 360 38.76 57.65 -50.81
N LEU B 361 38.85 56.43 -51.35
CA LEU B 361 40.13 55.93 -51.84
C LEU B 361 40.42 56.40 -53.27
N GLU B 362 39.43 56.28 -54.14
CA GLU B 362 39.58 56.65 -55.55
C GLU B 362 38.62 57.76 -55.96
N ALA B 363 38.75 58.13 -57.24
CA ALA B 363 37.91 59.14 -57.92
C ALA B 363 36.55 58.47 -58.15
N GLU B 364 35.52 59.27 -58.40
CA GLU B 364 34.16 58.76 -58.62
C GLU B 364 34.02 57.99 -59.96
N GLU B 365 35.07 57.21 -60.27
CA GLU B 365 35.15 56.39 -61.49
C GLU B 365 35.93 55.10 -61.17
N ASP B 366 35.31 54.20 -60.43
CA ASP B 366 35.91 52.92 -60.03
C ASP B 366 35.48 51.71 -60.89
N ASN B 367 35.13 51.95 -62.16
CA ASN B 367 34.69 50.89 -63.10
C ASN B 367 35.89 50.28 -63.86
N ASP B 368 36.65 49.43 -63.17
CA ASP B 368 37.83 48.73 -63.70
C ASP B 368 37.38 47.52 -64.54
N THR B 369 36.97 47.79 -65.79
CA THR B 369 36.50 46.73 -66.70
C THR B 369 37.59 45.66 -66.91
N GLU B 370 38.85 46.05 -66.69
CA GLU B 370 40.02 45.15 -66.82
C GLU B 370 40.19 44.24 -65.59
N SER B 371 39.09 44.08 -64.84
CA SER B 371 39.02 43.27 -63.62
C SER B 371 39.07 41.77 -63.96
N SER B 400 28.52 53.85 -51.89
CA SER B 400 27.53 52.97 -52.61
C SER B 400 28.24 51.96 -53.52
N ARG B 401 29.36 52.39 -54.13
CA ARG B 401 30.17 51.54 -55.01
C ARG B 401 31.68 51.88 -54.95
N ARG B 402 32.01 53.14 -54.63
CA ARG B 402 33.41 53.58 -54.53
C ARG B 402 34.04 53.14 -53.19
N ARG B 403 35.38 53.14 -53.11
CA ARG B 403 36.07 52.72 -51.89
C ARG B 403 36.45 53.80 -50.87
N ILE B 404 36.27 53.45 -49.61
CA ILE B 404 36.56 54.36 -48.51
C ILE B 404 37.50 53.74 -47.48
N PHE B 405 38.33 54.58 -46.86
CA PHE B 405 39.27 54.14 -45.85
C PHE B 405 38.98 54.82 -44.53
N CYS B 406 38.64 53.99 -43.53
CA CYS B 406 38.33 54.49 -42.20
C CYS B 406 39.50 54.23 -41.25
N GLN B 407 40.08 55.31 -40.74
CA GLN B 407 41.22 55.24 -39.84
C GLN B 407 40.98 54.34 -38.62
N LEU B 408 39.99 54.66 -37.78
CA LEU B 408 39.75 53.84 -36.58
C LEU B 408 39.29 52.42 -36.90
N MET B 409 38.89 52.20 -38.14
CA MET B 409 38.44 50.89 -38.54
C MET B 409 39.67 49.96 -38.69
N HIS B 410 40.77 50.53 -39.20
CA HIS B 410 42.00 49.75 -39.37
C HIS B 410 42.73 49.60 -38.04
N HIS B 411 42.81 50.69 -37.27
CA HIS B 411 43.47 50.62 -35.96
C HIS B 411 42.93 49.43 -35.19
N LEU B 412 41.64 49.19 -35.36
CA LEU B 412 40.97 48.11 -34.67
C LEU B 412 41.50 46.74 -35.12
N THR B 413 41.67 46.57 -36.43
CA THR B 413 42.16 45.31 -36.99
C THR B 413 43.60 45.06 -36.55
N GLU B 414 44.39 46.14 -36.54
CA GLU B 414 45.79 46.07 -36.15
C GLU B 414 45.91 45.67 -34.68
N ASN B 415 45.36 46.48 -33.78
CA ASN B 415 45.45 46.18 -32.35
C ASN B 415 44.97 44.77 -32.05
N HIS B 416 43.99 44.29 -32.80
CA HIS B 416 43.47 42.96 -32.56
C HIS B 416 44.59 41.93 -32.68
N LYS B 417 45.42 42.08 -33.70
CA LYS B 417 46.52 41.17 -33.94
C LYS B 417 47.40 40.98 -32.71
N ILE B 418 47.88 42.08 -32.13
CA ILE B 418 48.75 42.00 -30.95
C ILE B 418 48.11 41.45 -29.66
N TRP B 419 47.07 40.63 -29.79
CA TRP B 419 46.40 40.02 -28.64
C TRP B 419 46.00 38.58 -28.95
N LYS B 420 45.87 38.26 -30.24
CA LYS B 420 45.48 36.91 -30.65
C LYS B 420 46.56 35.92 -30.29
N LEU C 6 -10.66 56.73 -79.26
CA LEU C 6 -11.02 57.43 -77.98
C LEU C 6 -11.84 56.51 -77.07
N ASP C 7 -12.76 55.76 -77.67
CA ASP C 7 -13.62 54.82 -76.93
C ASP C 7 -12.77 53.78 -76.19
N LEU C 8 -11.85 53.14 -76.92
CA LEU C 8 -10.96 52.14 -76.34
C LEU C 8 -9.98 52.81 -75.35
N ILE C 9 -9.52 54.02 -75.69
CA ILE C 9 -8.58 54.77 -74.84
C ILE C 9 -9.16 55.02 -73.44
N LEU C 10 -10.47 55.28 -73.39
CA LEU C 10 -11.17 55.55 -72.12
C LEU C 10 -11.41 54.25 -71.34
N VAL C 11 -11.69 53.16 -72.06
CA VAL C 11 -11.90 51.86 -71.42
C VAL C 11 -10.58 51.36 -70.82
N GLU C 12 -9.47 51.61 -71.52
CA GLU C 12 -8.17 51.20 -71.03
C GLU C 12 -7.86 51.93 -69.72
N GLU C 13 -8.16 53.22 -69.68
CA GLU C 13 -7.92 54.02 -68.48
C GLU C 13 -8.70 53.47 -67.29
N TYR C 14 -9.94 53.05 -67.52
CA TYR C 14 -10.78 52.50 -66.47
C TYR C 14 -10.17 51.22 -65.91
N ASP C 15 -9.83 50.30 -66.80
CA ASP C 15 -9.25 49.03 -66.38
C ASP C 15 -7.93 49.27 -65.66
N SER C 16 -7.16 50.24 -66.15
CA SER C 16 -5.88 50.58 -65.54
C SER C 16 -6.09 50.98 -64.09
N LEU C 17 -6.94 51.99 -63.88
CA LEU C 17 -7.25 52.48 -62.55
C LEU C 17 -7.74 51.39 -61.63
N ILE C 18 -8.77 50.65 -62.05
CA ILE C 18 -9.29 49.58 -61.22
C ILE C 18 -8.19 48.61 -60.79
N GLU C 19 -7.27 48.33 -61.69
CA GLU C 19 -6.19 47.42 -61.36
C GLU C 19 -5.34 48.03 -60.25
N LYS C 20 -5.01 49.31 -60.40
CA LYS C 20 -4.21 50.04 -59.41
C LYS C 20 -4.93 50.08 -58.07
N MET C 21 -6.18 50.51 -58.10
CA MET C 21 -6.99 50.63 -56.89
C MET C 21 -7.30 49.32 -56.23
N SER C 22 -7.05 48.21 -56.90
CA SER C 22 -7.36 46.92 -56.29
C SER C 22 -6.43 46.53 -55.16
N ASN C 23 -5.31 47.26 -55.04
CA ASN C 23 -4.33 47.03 -53.99
C ASN C 23 -4.64 47.95 -52.85
N TRP C 24 -4.61 47.42 -51.62
CA TRP C 24 -4.86 48.25 -50.47
C TRP C 24 -3.85 49.40 -50.45
N ASN C 25 -2.64 49.14 -50.91
CA ASN C 25 -1.62 50.18 -50.96
C ASN C 25 -1.65 50.87 -52.31
N PHE C 26 -2.84 51.31 -52.70
CA PHE C 26 -3.04 51.99 -53.97
C PHE C 26 -2.13 53.21 -54.04
N PRO C 27 -1.23 53.25 -55.05
CA PRO C 27 -0.28 54.36 -55.25
C PRO C 27 -0.98 55.63 -55.70
N ILE C 28 -1.85 56.14 -54.85
CA ILE C 28 -2.62 57.34 -55.15
C ILE C 28 -1.74 58.51 -55.60
N PHE C 29 -0.58 58.68 -55.00
CA PHE C 29 0.26 59.81 -55.39
C PHE C 29 0.78 59.70 -56.81
N GLU C 30 0.88 58.47 -57.30
CA GLU C 30 1.33 58.24 -58.67
C GLU C 30 0.23 58.71 -59.62
N LEU C 31 -1.01 58.34 -59.30
CA LEU C 31 -2.17 58.72 -60.11
C LEU C 31 -2.15 60.24 -60.22
N VAL C 32 -1.94 60.92 -59.09
CA VAL C 32 -1.90 62.39 -59.08
C VAL C 32 -0.91 62.90 -60.12
N GLU C 33 0.20 62.18 -60.28
CA GLU C 33 1.19 62.57 -61.25
C GLU C 33 0.74 62.27 -62.67
N LYS C 34 0.24 61.07 -62.89
CA LYS C 34 -0.22 60.69 -64.21
C LYS C 34 -1.25 61.69 -64.72
N MET C 35 -2.14 62.18 -63.85
CA MET C 35 -3.16 63.13 -64.29
C MET C 35 -2.61 64.49 -64.64
N GLY C 36 -1.39 64.78 -64.18
CA GLY C 36 -0.77 66.06 -64.48
C GLY C 36 -1.66 67.26 -64.20
N GLU C 37 -1.88 68.08 -65.23
CA GLU C 37 -2.70 69.27 -65.07
C GLU C 37 -4.15 68.98 -64.76
N LYS C 38 -4.60 67.76 -65.07
CA LYS C 38 -5.98 67.42 -64.79
C LYS C 38 -6.07 66.75 -63.42
N SER C 39 -5.00 66.94 -62.65
CA SER C 39 -4.89 66.41 -61.30
C SER C 39 -6.05 66.82 -60.38
N GLY C 40 -6.54 68.03 -60.57
CA GLY C 40 -7.62 68.54 -59.75
C GLY C 40 -8.96 67.84 -59.87
N ARG C 41 -9.06 66.88 -60.79
CA ARG C 41 -10.31 66.15 -60.99
C ARG C 41 -10.18 64.71 -60.52
N ILE C 42 -9.19 64.46 -59.67
CA ILE C 42 -8.96 63.11 -59.17
C ILE C 42 -10.11 62.51 -58.36
N LEU C 43 -10.72 63.32 -57.49
CA LEU C 43 -11.81 62.82 -56.65
C LEU C 43 -13.02 62.44 -57.48
N SER C 44 -13.39 63.29 -58.44
CA SER C 44 -14.54 63.01 -59.30
C SER C 44 -14.29 61.78 -60.16
N GLN C 45 -13.09 61.69 -60.74
CA GLN C 45 -12.73 60.54 -61.57
C GLN C 45 -12.74 59.23 -60.78
N VAL C 46 -12.24 59.26 -59.56
CA VAL C 46 -12.21 58.04 -58.75
C VAL C 46 -13.63 57.69 -58.34
N MET C 47 -14.44 58.70 -58.06
CA MET C 47 -15.83 58.49 -57.67
C MET C 47 -16.60 57.82 -58.81
N TYR C 48 -16.36 58.31 -60.02
CA TYR C 48 -17.02 57.76 -61.18
C TYR C 48 -16.60 56.31 -61.36
N THR C 49 -15.30 56.08 -61.35
CA THR C 49 -14.76 54.73 -61.51
C THR C 49 -15.34 53.76 -60.49
N LEU C 50 -15.45 54.20 -59.24
CA LEU C 50 -15.97 53.33 -58.19
C LEU C 50 -17.47 53.11 -58.30
N PHE C 51 -18.21 54.16 -58.64
CA PHE C 51 -19.65 54.00 -58.77
C PHE C 51 -19.99 53.06 -59.92
N GLN C 52 -19.05 52.92 -60.86
CA GLN C 52 -19.25 52.01 -61.99
C GLN C 52 -18.90 50.61 -61.50
N ASP C 53 -17.68 50.45 -61.00
CA ASP C 53 -17.25 49.16 -60.49
C ASP C 53 -18.24 48.58 -59.47
N THR C 54 -18.94 49.47 -58.78
CA THR C 54 -19.92 49.05 -57.77
C THR C 54 -21.29 48.75 -58.36
N GLY C 55 -21.61 49.45 -59.44
CA GLY C 55 -22.88 49.28 -60.09
C GLY C 55 -23.92 50.25 -59.54
N LEU C 56 -23.52 51.06 -58.58
CA LEU C 56 -24.44 52.01 -57.98
C LEU C 56 -25.10 52.89 -59.03
N LEU C 57 -24.36 53.31 -60.04
CA LEU C 57 -24.94 54.16 -61.08
C LEU C 57 -26.20 53.55 -61.66
N GLU C 58 -26.17 52.26 -61.94
CA GLU C 58 -27.31 51.57 -62.49
C GLU C 58 -28.36 51.26 -61.43
N ILE C 59 -27.91 50.73 -60.30
CA ILE C 59 -28.83 50.39 -59.21
C ILE C 59 -29.73 51.55 -58.81
N PHE C 60 -29.23 52.78 -58.92
CA PHE C 60 -30.02 53.95 -58.54
C PHE C 60 -30.24 54.91 -59.70
N LYS C 61 -30.20 54.39 -60.92
CA LYS C 61 -30.44 55.21 -62.09
C LYS C 61 -29.83 56.59 -61.95
N ILE C 62 -28.53 56.66 -61.71
CA ILE C 62 -27.89 57.97 -61.56
C ILE C 62 -27.39 58.54 -62.87
N PRO C 63 -27.96 59.68 -63.29
CA PRO C 63 -27.54 60.31 -64.55
C PRO C 63 -26.06 60.71 -64.49
N THR C 64 -25.27 60.22 -65.43
CA THR C 64 -23.86 60.53 -65.45
C THR C 64 -23.51 62.01 -65.40
N GLN C 65 -24.28 62.85 -66.07
CA GLN C 65 -24.00 64.28 -66.10
C GLN C 65 -24.07 64.97 -64.74
N GLN C 66 -25.21 64.88 -64.06
CA GLN C 66 -25.35 65.53 -62.76
C GLN C 66 -24.32 65.00 -61.78
N PHE C 67 -24.11 63.69 -61.79
CA PHE C 67 -23.13 63.05 -60.92
C PHE C 67 -21.82 63.79 -61.08
N MET C 68 -21.27 63.80 -62.28
CA MET C 68 -20.01 64.49 -62.50
C MET C 68 -20.11 65.97 -62.20
N ASN C 69 -21.26 66.58 -62.43
CA ASN C 69 -21.37 68.01 -62.16
C ASN C 69 -21.13 68.32 -60.69
N TYR C 70 -21.81 67.57 -59.81
CA TYR C 70 -21.69 67.77 -58.38
C TYR C 70 -20.29 67.45 -57.86
N PHE C 71 -19.82 66.23 -58.12
CA PHE C 71 -18.51 65.89 -57.62
C PHE C 71 -17.40 66.72 -58.22
N ARG C 72 -17.56 67.23 -59.44
CA ARG C 72 -16.50 68.07 -59.97
C ARG C 72 -16.49 69.33 -59.16
N ALA C 73 -17.68 69.72 -58.68
CA ALA C 73 -17.85 70.94 -57.90
C ALA C 73 -17.38 70.72 -56.46
N LEU C 74 -17.76 69.58 -55.91
CA LEU C 74 -17.38 69.23 -54.57
C LEU C 74 -15.85 69.30 -54.48
N GLU C 75 -15.16 68.70 -55.45
CA GLU C 75 -13.70 68.72 -55.45
C GLU C 75 -13.15 70.10 -55.26
N ASN C 76 -13.62 71.05 -56.06
CA ASN C 76 -13.09 72.40 -55.96
C ASN C 76 -13.28 73.01 -54.58
N GLY C 77 -14.14 72.40 -53.77
CA GLY C 77 -14.38 72.91 -52.44
C GLY C 77 -13.19 72.67 -51.54
N TYR C 78 -12.41 71.62 -51.86
CA TYR C 78 -11.23 71.27 -51.09
C TYR C 78 -10.12 72.27 -51.38
N ARG C 79 -9.69 72.94 -50.31
CA ARG C 79 -8.63 73.95 -50.40
C ARG C 79 -7.30 73.34 -50.74
N ASP C 80 -6.36 74.19 -51.12
CA ASP C 80 -5.03 73.73 -51.46
C ASP C 80 -4.12 73.80 -50.21
N ILE C 81 -4.38 72.89 -49.28
CA ILE C 81 -3.64 72.82 -48.04
C ILE C 81 -2.87 71.50 -48.04
N PRO C 82 -1.78 71.41 -47.26
CA PRO C 82 -0.93 70.22 -47.14
C PRO C 82 -1.55 68.86 -46.88
N TYR C 83 -2.66 68.80 -46.15
CA TYR C 83 -3.23 67.48 -45.89
C TYR C 83 -4.70 67.29 -46.20
N HIS C 84 -5.54 68.11 -45.60
CA HIS C 84 -6.98 68.00 -45.80
C HIS C 84 -7.45 68.56 -47.13
N ASN C 85 -7.03 67.88 -48.20
CA ASN C 85 -7.34 68.29 -49.56
C ASN C 85 -8.06 67.17 -50.31
N ARG C 86 -8.39 67.40 -51.58
CA ARG C 86 -9.09 66.42 -52.38
C ARG C 86 -8.38 65.07 -52.48
N ILE C 87 -7.05 65.06 -52.40
CA ILE C 87 -6.32 63.80 -52.46
C ILE C 87 -6.62 62.98 -51.20
N HIS C 88 -6.69 63.66 -50.05
CA HIS C 88 -7.02 62.95 -48.81
C HIS C 88 -8.40 62.33 -48.96
N ALA C 89 -9.37 63.14 -49.39
CA ALA C 89 -10.74 62.66 -49.57
C ALA C 89 -10.74 61.44 -50.47
N THR C 90 -10.05 61.54 -51.59
CA THR C 90 -9.99 60.42 -52.52
C THR C 90 -9.49 59.17 -51.79
N ASP C 91 -8.41 59.33 -51.03
CA ASP C 91 -7.84 58.22 -50.27
C ASP C 91 -8.87 57.65 -49.32
N VAL C 92 -9.54 58.50 -48.54
CA VAL C 92 -10.55 58.00 -47.61
C VAL C 92 -11.64 57.25 -48.35
N LEU C 93 -11.98 57.73 -49.55
CA LEU C 93 -12.99 57.07 -50.39
C LEU C 93 -12.52 55.67 -50.75
N HIS C 94 -11.35 55.59 -51.38
CA HIS C 94 -10.77 54.31 -51.77
C HIS C 94 -10.73 53.31 -50.61
N ALA C 95 -10.43 53.80 -49.41
CA ALA C 95 -10.38 52.94 -48.25
C ALA C 95 -11.74 52.34 -47.89
N VAL C 96 -12.79 53.16 -47.77
CA VAL C 96 -14.13 52.62 -47.43
C VAL C 96 -14.63 51.69 -48.51
N TRP C 97 -14.28 52.00 -49.74
CA TRP C 97 -14.70 51.14 -50.84
C TRP C 97 -14.02 49.78 -50.65
N TYR C 98 -12.71 49.80 -50.52
CA TYR C 98 -11.94 48.59 -50.32
C TYR C 98 -12.37 47.81 -49.08
N LEU C 99 -12.54 48.50 -47.96
CA LEU C 99 -12.92 47.84 -46.72
C LEU C 99 -14.27 47.15 -46.72
N THR C 100 -15.17 47.59 -47.60
CA THR C 100 -16.52 47.02 -47.65
C THR C 100 -16.73 46.18 -48.89
N THR C 101 -15.66 45.95 -49.63
CA THR C 101 -15.74 45.21 -50.87
C THR C 101 -14.94 43.91 -50.92
N ARG C 102 -13.66 44.00 -50.57
CA ARG C 102 -12.78 42.84 -50.59
C ARG C 102 -13.21 41.75 -49.61
N PRO C 103 -12.71 40.51 -49.83
CA PRO C 103 -12.98 39.32 -49.02
C PRO C 103 -12.51 39.42 -47.57
N VAL C 104 -13.42 39.07 -46.67
CA VAL C 104 -13.16 39.08 -45.24
C VAL C 104 -13.23 37.64 -44.74
N PRO C 105 -12.08 37.09 -44.32
CA PRO C 105 -11.96 35.73 -43.81
C PRO C 105 -13.01 35.40 -42.76
N GLY C 106 -13.78 34.36 -43.01
CA GLY C 106 -14.80 33.93 -42.07
C GLY C 106 -16.04 34.78 -41.89
N LEU C 107 -16.18 35.85 -42.67
CA LEU C 107 -17.35 36.72 -42.55
C LEU C 107 -18.61 36.04 -43.02
N GLN C 108 -19.55 35.86 -42.09
CA GLN C 108 -20.82 35.21 -42.41
C GLN C 108 -21.65 36.13 -43.28
N GLN C 109 -21.91 35.71 -44.52
CA GLN C 109 -22.71 36.51 -45.44
C GLN C 109 -24.19 36.15 -45.36
N ILE C 110 -24.72 36.15 -44.15
CA ILE C 110 -26.12 35.81 -43.93
C ILE C 110 -27.02 36.69 -44.79
N HIS C 111 -26.99 37.99 -44.51
CA HIS C 111 -27.80 38.95 -45.25
C HIS C 111 -27.40 39.07 -46.73
N ASN C 112 -26.66 38.08 -47.22
CA ASN C 112 -26.16 38.04 -48.62
C ASN C 112 -27.14 38.49 -49.71
N GLY C 113 -26.70 38.36 -50.96
CA GLY C 113 -27.54 38.71 -52.11
C GLY C 113 -27.20 37.74 -53.25
N ARG C 130 -37.90 44.59 -52.74
CA ARG C 130 -36.57 43.99 -52.42
C ARG C 130 -35.53 45.10 -52.22
N ILE C 131 -34.53 44.85 -51.38
CA ILE C 131 -33.46 45.81 -51.11
C ILE C 131 -32.24 45.46 -51.97
N ALA C 132 -31.67 46.44 -52.66
CA ALA C 132 -30.51 46.17 -53.53
C ALA C 132 -29.20 46.10 -52.75
N TYR C 133 -28.27 45.29 -53.26
CA TYR C 133 -26.96 45.10 -52.67
C TYR C 133 -25.91 45.21 -53.76
N ILE C 134 -24.80 45.88 -53.49
CA ILE C 134 -23.78 46.00 -54.51
C ILE C 134 -22.83 44.81 -54.50
N SER C 135 -21.90 44.82 -55.45
CA SER C 135 -20.89 43.78 -55.57
C SER C 135 -19.84 44.31 -56.52
N SER C 136 -18.61 44.43 -56.04
CA SER C 136 -17.57 44.96 -56.90
C SER C 136 -17.25 44.00 -58.02
N LYS C 137 -17.10 44.55 -59.21
CA LYS C 137 -16.80 43.79 -60.41
C LYS C 137 -15.29 43.55 -60.48
N SER C 138 -14.55 44.06 -59.50
CA SER C 138 -13.11 43.90 -59.55
C SER C 138 -12.54 42.92 -58.53
N CYS C 139 -13.42 42.13 -57.93
CA CYS C 139 -12.99 41.13 -56.97
C CYS C 139 -14.17 40.26 -56.55
N SER C 140 -13.86 39.14 -55.91
CA SER C 140 -14.88 38.20 -55.45
C SER C 140 -14.28 37.29 -54.39
N ASN C 141 -15.11 36.80 -53.48
CA ASN C 141 -14.65 35.92 -52.42
C ASN C 141 -14.13 34.61 -53.02
N PRO C 142 -12.93 34.18 -52.58
CA PRO C 142 -12.32 32.93 -53.08
C PRO C 142 -13.27 31.73 -52.91
N ASP C 143 -14.03 31.73 -51.81
CA ASP C 143 -14.95 30.63 -51.56
C ASP C 143 -15.85 30.95 -50.37
N GLU C 144 -16.63 29.97 -49.94
CA GLU C 144 -17.54 30.15 -48.82
C GLU C 144 -16.83 30.50 -47.53
N SER C 145 -15.50 30.35 -47.50
CA SER C 145 -14.72 30.66 -46.30
C SER C 145 -14.61 32.17 -46.12
N TYR C 146 -15.02 32.92 -47.15
CA TYR C 146 -14.95 34.38 -47.12
C TYR C 146 -16.31 35.08 -47.18
N GLY C 147 -16.28 36.40 -47.06
CA GLY C 147 -17.48 37.21 -47.11
C GLY C 147 -17.07 38.65 -47.28
N CYS C 148 -18.04 39.56 -47.31
CA CYS C 148 -17.74 40.97 -47.45
C CYS C 148 -18.94 41.79 -47.04
N LEU C 149 -18.69 43.00 -46.57
CA LEU C 149 -19.76 43.87 -46.11
C LEU C 149 -20.78 44.17 -47.21
N SER C 150 -20.31 44.26 -48.45
CA SER C 150 -21.19 44.54 -49.57
C SER C 150 -22.39 43.59 -49.62
N SER C 151 -22.26 42.46 -48.95
CA SER C 151 -23.33 41.47 -48.92
C SER C 151 -24.19 41.55 -47.67
N ASN C 152 -23.78 42.33 -46.67
CA ASN C 152 -24.58 42.44 -45.45
C ASN C 152 -25.17 43.83 -45.28
N ILE C 153 -24.64 44.77 -46.02
CA ILE C 153 -25.12 46.14 -45.95
C ILE C 153 -25.73 46.57 -47.28
N PRO C 154 -27.02 46.94 -47.26
CA PRO C 154 -27.73 47.39 -48.47
C PRO C 154 -26.98 48.46 -49.26
N ALA C 155 -27.12 48.42 -50.59
CA ALA C 155 -26.43 49.37 -51.47
C ALA C 155 -26.67 50.84 -51.13
N LEU C 156 -27.88 51.15 -50.67
CA LEU C 156 -28.22 52.53 -50.32
C LEU C 156 -27.26 53.02 -49.27
N GLU C 157 -27.12 52.20 -48.23
CA GLU C 157 -26.24 52.51 -47.11
C GLU C 157 -24.77 52.62 -47.50
N LEU C 158 -24.28 51.71 -48.32
CA LEU C 158 -22.89 51.81 -48.73
C LEU C 158 -22.68 53.00 -49.66
N MET C 159 -23.71 53.42 -50.38
CA MET C 159 -23.52 54.56 -51.26
C MET C 159 -23.41 55.80 -50.40
N ALA C 160 -24.14 55.83 -49.30
CA ALA C 160 -24.10 56.97 -48.40
C ALA C 160 -22.68 57.08 -47.86
N LEU C 161 -22.10 55.92 -47.56
CA LEU C 161 -20.75 55.85 -47.03
C LEU C 161 -19.75 56.42 -48.03
N TYR C 162 -19.81 55.94 -49.27
CA TYR C 162 -18.90 56.41 -50.32
C TYR C 162 -19.05 57.91 -50.53
N VAL C 163 -20.29 58.38 -50.54
CA VAL C 163 -20.53 59.80 -50.76
C VAL C 163 -20.04 60.59 -49.55
N ALA C 164 -20.35 60.10 -48.36
CA ALA C 164 -19.93 60.77 -47.15
C ALA C 164 -18.41 60.91 -47.16
N ALA C 165 -17.73 59.83 -47.56
CA ALA C 165 -16.27 59.86 -47.62
C ALA C 165 -15.76 60.94 -48.57
N ALA C 166 -16.44 61.11 -49.70
CA ALA C 166 -16.02 62.10 -50.69
C ALA C 166 -16.20 63.52 -50.19
N MET C 167 -17.17 63.72 -49.31
CA MET C 167 -17.40 65.05 -48.80
C MET C 167 -17.06 65.26 -47.33
N HIS C 168 -16.49 64.26 -46.67
CA HIS C 168 -16.21 64.41 -45.23
C HIS C 168 -15.26 65.51 -44.77
N ASP C 169 -14.34 65.96 -45.61
CA ASP C 169 -13.44 67.05 -45.20
C ASP C 169 -13.64 68.26 -46.11
N TYR C 170 -14.81 68.36 -46.75
CA TYR C 170 -15.13 69.46 -47.65
C TYR C 170 -14.83 70.84 -47.04
N ASP C 171 -14.12 71.67 -47.80
CA ASP C 171 -13.77 73.02 -47.36
C ASP C 171 -13.04 73.12 -46.01
N HIS C 172 -12.11 72.21 -45.78
CA HIS C 172 -11.33 72.21 -44.55
C HIS C 172 -10.38 73.41 -44.58
N PRO C 173 -10.32 74.18 -43.47
CA PRO C 173 -9.44 75.36 -43.41
C PRO C 173 -7.98 75.02 -43.05
N GLY C 174 -7.74 73.75 -42.70
CA GLY C 174 -6.41 73.34 -42.32
C GLY C 174 -6.09 73.75 -40.89
N ARG C 175 -7.14 73.74 -40.08
CA ARG C 175 -7.03 74.13 -38.70
C ARG C 175 -7.90 73.12 -37.91
N THR C 176 -7.64 72.93 -36.63
CA THR C 176 -8.39 71.95 -35.83
C THR C 176 -9.63 72.54 -35.15
N ASN C 177 -10.55 71.68 -34.70
CA ASN C 177 -11.73 72.23 -34.03
C ASN C 177 -11.29 73.01 -32.80
N ALA C 178 -10.29 72.48 -32.10
CA ALA C 178 -9.79 73.13 -30.89
C ALA C 178 -9.36 74.56 -31.17
N PHE C 179 -8.65 74.76 -32.28
CA PHE C 179 -8.18 76.08 -32.67
C PHE C 179 -9.35 77.00 -32.91
N LEU C 180 -10.31 76.52 -33.70
CA LEU C 180 -11.49 77.31 -34.00
C LEU C 180 -12.23 77.67 -32.73
N VAL C 181 -12.45 76.69 -31.88
CA VAL C 181 -13.15 76.92 -30.62
C VAL C 181 -12.41 77.90 -29.71
N ALA C 182 -11.10 77.74 -29.63
CA ALA C 182 -10.26 78.59 -28.79
C ALA C 182 -10.26 80.03 -29.26
N THR C 183 -10.08 80.23 -30.56
CA THR C 183 -10.05 81.57 -31.12
C THR C 183 -11.45 82.16 -31.37
N ASN C 184 -12.48 81.46 -30.91
CA ASN C 184 -13.87 81.90 -31.10
C ASN C 184 -14.16 82.25 -32.56
N ALA C 185 -13.70 81.39 -33.45
CA ALA C 185 -13.89 81.54 -34.85
C ALA C 185 -15.39 81.54 -35.16
N PRO C 186 -15.83 82.42 -36.07
CA PRO C 186 -17.27 82.46 -36.38
C PRO C 186 -17.87 81.09 -36.61
N GLN C 187 -17.13 80.23 -37.29
CA GLN C 187 -17.62 78.90 -37.58
C GLN C 187 -17.86 78.09 -36.31
N ALA C 188 -17.05 78.37 -35.29
CA ALA C 188 -17.16 77.66 -34.02
C ALA C 188 -18.32 78.21 -33.24
N VAL C 189 -18.52 79.51 -33.34
CA VAL C 189 -19.63 80.13 -32.65
C VAL C 189 -20.93 79.69 -33.30
N LEU C 190 -20.88 79.53 -34.62
CA LEU C 190 -22.04 79.12 -35.37
C LEU C 190 -22.53 77.75 -34.95
N TYR C 191 -21.60 76.83 -34.73
CA TYR C 191 -22.00 75.49 -34.32
C TYR C 191 -21.93 75.19 -32.83
N ASN C 192 -21.79 76.26 -32.03
CA ASN C 192 -21.73 76.12 -30.58
C ASN C 192 -20.61 75.16 -30.13
N ASP C 193 -19.47 75.28 -30.78
CA ASP C 193 -18.28 74.49 -30.50
C ASP C 193 -18.46 72.97 -30.60
N ARG C 194 -19.54 72.48 -31.19
CA ARG C 194 -19.76 71.04 -31.30
C ARG C 194 -19.49 70.54 -32.71
N SER C 195 -18.46 69.71 -32.84
CA SER C 195 -18.04 69.16 -34.13
C SER C 195 -18.01 70.26 -35.17
N VAL C 196 -17.46 71.42 -34.81
CA VAL C 196 -17.39 72.56 -35.70
C VAL C 196 -17.12 72.21 -37.16
N LEU C 197 -15.94 71.68 -37.45
CA LEU C 197 -15.59 71.34 -38.82
C LEU C 197 -16.50 70.29 -39.43
N GLU C 198 -16.66 69.17 -38.75
CA GLU C 198 -17.52 68.10 -39.27
C GLU C 198 -18.90 68.62 -39.64
N ASN C 199 -19.53 69.42 -38.79
CA ASN C 199 -20.84 69.95 -39.13
C ASN C 199 -20.73 70.76 -40.40
N HIS C 200 -19.79 71.67 -40.44
CA HIS C 200 -19.58 72.51 -41.60
C HIS C 200 -19.34 71.71 -42.89
N HIS C 201 -18.63 70.60 -42.80
CA HIS C 201 -18.37 69.81 -44.00
C HIS C 201 -19.69 69.31 -44.56
N ALA C 202 -20.45 68.58 -43.73
CA ALA C 202 -21.73 68.03 -44.15
C ALA C 202 -22.70 69.11 -44.62
N ALA C 203 -22.86 70.18 -43.84
CA ALA C 203 -23.76 71.25 -44.21
C ALA C 203 -23.36 71.93 -45.52
N SER C 204 -22.08 72.27 -45.67
CA SER C 204 -21.61 72.92 -46.89
C SER C 204 -21.81 72.09 -48.13
N ALA C 205 -21.56 70.80 -48.01
CA ALA C 205 -21.66 69.88 -49.14
C ALA C 205 -23.11 69.67 -49.54
N TRP C 206 -23.98 69.49 -48.55
CA TRP C 206 -25.38 69.28 -48.83
C TRP C 206 -25.97 70.56 -49.39
N ASN C 207 -25.46 71.69 -48.94
CA ASN C 207 -25.96 72.94 -49.45
C ASN C 207 -25.61 73.06 -50.91
N LEU C 208 -24.37 72.74 -51.24
CA LEU C 208 -23.87 72.77 -52.61
C LEU C 208 -24.78 71.92 -53.49
N TYR C 209 -25.09 70.72 -53.01
CA TYR C 209 -25.92 69.78 -53.72
C TYR C 209 -27.27 70.39 -54.06
N LEU C 210 -27.86 71.12 -53.13
CA LEU C 210 -29.15 71.71 -53.39
C LEU C 210 -29.04 73.03 -54.14
N SER C 211 -27.83 73.56 -54.30
CA SER C 211 -27.62 74.84 -54.99
C SER C 211 -28.16 74.92 -56.38
N ARG C 212 -27.99 73.83 -57.12
CA ARG C 212 -28.40 73.83 -58.49
C ARG C 212 -29.05 72.54 -58.87
N PRO C 213 -29.99 72.60 -59.83
CA PRO C 213 -30.66 71.38 -60.25
C PRO C 213 -29.74 70.47 -61.05
N GLU C 214 -28.68 71.02 -61.64
CA GLU C 214 -27.76 70.20 -62.42
C GLU C 214 -26.86 69.32 -61.57
N TYR C 215 -27.02 69.39 -60.25
CA TYR C 215 -26.23 68.58 -59.31
C TYR C 215 -27.07 67.42 -58.88
N ASN C 216 -28.38 67.62 -58.81
CA ASN C 216 -29.29 66.58 -58.35
C ASN C 216 -29.18 65.25 -59.09
N PHE C 217 -28.23 64.41 -58.68
CA PHE C 217 -28.05 63.12 -59.34
C PHE C 217 -28.76 62.01 -58.61
N LEU C 218 -29.52 62.37 -57.60
CA LEU C 218 -30.26 61.35 -56.87
C LEU C 218 -31.76 61.52 -57.14
N LEU C 219 -32.06 62.26 -58.21
CA LEU C 219 -33.45 62.51 -58.60
C LEU C 219 -34.33 61.28 -58.68
N HIS C 220 -33.77 60.11 -58.98
CA HIS C 220 -34.62 58.94 -59.08
C HIS C 220 -34.83 58.20 -57.77
N LEU C 221 -34.67 58.89 -56.66
CA LEU C 221 -34.88 58.28 -55.35
C LEU C 221 -36.16 58.88 -54.79
N ASP C 222 -37.06 58.06 -54.26
CA ASP C 222 -38.30 58.60 -53.71
C ASP C 222 -37.98 59.42 -52.46
N HIS C 223 -38.86 60.34 -52.11
CA HIS C 223 -38.64 61.19 -50.95
C HIS C 223 -38.24 60.38 -49.74
N VAL C 224 -38.74 59.15 -49.63
CA VAL C 224 -38.41 58.32 -48.49
C VAL C 224 -36.93 57.94 -48.49
N GLU C 225 -36.47 57.36 -49.60
CA GLU C 225 -35.08 56.97 -49.71
C GLU C 225 -34.14 58.15 -49.54
N PHE C 226 -34.40 59.23 -50.28
CA PHE C 226 -33.56 60.40 -50.16
C PHE C 226 -33.44 60.91 -48.73
N LYS C 227 -34.55 60.95 -48.01
CA LYS C 227 -34.57 61.42 -46.64
C LYS C 227 -33.56 60.60 -45.84
N ARG C 228 -33.63 59.28 -45.96
CA ARG C 228 -32.74 58.39 -45.25
C ARG C 228 -31.29 58.52 -45.73
N PHE C 229 -31.10 58.61 -47.04
CA PHE C 229 -29.76 58.73 -47.57
C PHE C 229 -29.04 59.92 -46.96
N ARG C 230 -29.73 61.05 -46.90
CA ARG C 230 -29.14 62.26 -46.36
C ARG C 230 -28.76 62.05 -44.90
N PHE C 231 -29.63 61.37 -44.15
CA PHE C 231 -29.39 61.07 -42.75
C PHE C 231 -28.11 60.25 -42.62
N LEU C 232 -28.07 59.14 -43.35
CA LEU C 232 -26.92 58.28 -43.33
C LEU C 232 -25.63 59.05 -43.65
N VAL C 233 -25.66 59.88 -44.69
CA VAL C 233 -24.47 60.64 -45.03
C VAL C 233 -24.00 61.54 -43.90
N ILE C 234 -24.94 62.20 -43.24
CA ILE C 234 -24.59 63.08 -42.14
C ILE C 234 -23.98 62.28 -40.98
N GLU C 235 -24.66 61.21 -40.57
CA GLU C 235 -24.16 60.37 -39.50
C GLU C 235 -22.72 59.91 -39.78
N ALA C 236 -22.42 59.56 -41.04
CA ALA C 236 -21.09 59.11 -41.36
C ALA C 236 -20.10 60.25 -41.20
N ILE C 237 -20.41 61.40 -41.77
CA ILE C 237 -19.48 62.51 -41.67
C ILE C 237 -19.26 62.96 -40.23
N LEU C 238 -20.32 63.14 -39.47
CA LEU C 238 -20.12 63.59 -38.12
C LEU C 238 -19.39 62.60 -37.23
N ALA C 239 -19.35 61.34 -37.65
CA ALA C 239 -18.66 60.34 -36.86
C ALA C 239 -17.16 60.53 -37.00
N THR C 240 -16.74 61.33 -37.98
CA THR C 240 -15.32 61.54 -38.16
C THR C 240 -14.75 62.61 -37.24
N ASP C 241 -15.49 62.99 -36.21
CA ASP C 241 -14.99 63.97 -35.23
C ASP C 241 -14.25 63.17 -34.16
N LEU C 242 -12.93 63.33 -34.11
CA LEU C 242 -12.13 62.59 -33.14
C LEU C 242 -12.50 62.79 -31.67
N LYS C 243 -13.03 63.95 -31.32
CA LYS C 243 -13.43 64.18 -29.94
C LYS C 243 -14.42 63.11 -29.50
N LYS C 244 -15.05 62.42 -30.45
CA LYS C 244 -16.01 61.41 -30.06
C LYS C 244 -15.48 60.01 -30.32
N HIS C 245 -14.21 59.94 -30.69
CA HIS C 245 -13.55 58.69 -30.99
C HIS C 245 -13.77 57.57 -29.97
N PHE C 246 -13.52 57.84 -28.70
CA PHE C 246 -13.64 56.78 -27.72
C PHE C 246 -15.07 56.35 -27.43
N ASP C 247 -16.03 57.22 -27.73
CA ASP C 247 -17.43 56.90 -27.51
C ASP C 247 -17.87 55.92 -28.58
N PHE C 248 -17.49 56.18 -29.83
CA PHE C 248 -17.87 55.25 -30.89
C PHE C 248 -17.24 53.91 -30.59
N LEU C 249 -15.93 53.92 -30.36
CA LEU C 249 -15.19 52.70 -30.06
C LEU C 249 -15.86 51.90 -28.95
N ALA C 250 -16.20 52.56 -27.85
CA ALA C 250 -16.85 51.91 -26.73
C ALA C 250 -18.16 51.26 -27.15
N GLU C 251 -18.96 52.05 -27.85
CA GLU C 251 -20.25 51.62 -28.34
C GLU C 251 -20.12 50.46 -29.33
N PHE C 252 -19.15 50.55 -30.23
CA PHE C 252 -18.93 49.51 -31.21
C PHE C 252 -18.54 48.20 -30.55
N ASN C 253 -17.66 48.26 -29.55
CA ASN C 253 -17.25 47.04 -28.86
C ASN C 253 -18.37 46.41 -28.05
N ALA C 254 -19.21 47.24 -27.47
CA ALA C 254 -20.33 46.76 -26.66
C ALA C 254 -21.25 45.90 -27.52
N LYS C 255 -21.31 46.20 -28.81
CA LYS C 255 -22.17 45.45 -29.72
C LYS C 255 -21.45 44.30 -30.40
N ALA C 256 -20.25 44.57 -30.93
CA ALA C 256 -19.48 43.56 -31.66
C ALA C 256 -18.56 42.62 -30.90
N ASN C 257 -17.76 43.18 -29.99
CA ASN C 257 -16.78 42.40 -29.25
C ASN C 257 -17.08 42.18 -27.77
N ASP C 258 -18.20 41.55 -27.48
CA ASP C 258 -18.57 41.29 -26.09
C ASP C 258 -19.08 39.87 -26.06
N VAL C 259 -18.36 38.98 -25.37
CA VAL C 259 -18.76 37.57 -25.32
C VAL C 259 -20.15 37.36 -24.72
N ASN C 260 -20.63 38.36 -23.97
CA ASN C 260 -21.95 38.28 -23.36
C ASN C 260 -23.01 38.96 -24.25
N SER C 261 -22.54 39.65 -25.29
CA SER C 261 -23.41 40.33 -26.26
C SER C 261 -23.60 39.38 -27.44
N ASN C 262 -24.01 39.95 -28.57
CA ASN C 262 -24.24 39.14 -29.77
C ASN C 262 -23.75 39.81 -31.03
N GLY C 263 -22.91 39.07 -31.74
CA GLY C 263 -22.34 39.53 -33.01
C GLY C 263 -22.69 40.92 -33.50
N ILE C 264 -23.58 41.01 -34.49
CA ILE C 264 -23.93 42.30 -35.03
C ILE C 264 -25.39 42.37 -35.44
N GLU C 265 -25.90 41.34 -36.10
CA GLU C 265 -27.28 41.35 -36.58
C GLU C 265 -27.40 42.37 -37.69
N TRP C 266 -26.87 42.01 -38.85
CA TRP C 266 -26.91 42.91 -39.98
C TRP C 266 -28.33 43.28 -40.39
N SER C 267 -29.31 42.65 -39.77
CA SER C 267 -30.72 42.92 -40.07
C SER C 267 -31.18 44.12 -39.27
N ASN C 268 -30.25 44.69 -38.49
CA ASN C 268 -30.56 45.83 -37.65
C ASN C 268 -29.97 47.11 -38.22
N GLU C 269 -30.83 48.09 -38.51
CA GLU C 269 -30.36 49.35 -39.06
C GLU C 269 -29.28 49.98 -38.20
N ASN C 270 -29.58 50.13 -36.92
CA ASN C 270 -28.65 50.73 -35.98
C ASN C 270 -27.31 50.03 -36.00
N ASP C 271 -27.31 48.72 -35.81
CA ASP C 271 -26.06 47.98 -35.81
C ASP C 271 -25.30 48.22 -37.11
N ARG C 272 -26.00 48.15 -38.23
CA ARG C 272 -25.36 48.38 -39.52
C ARG C 272 -24.76 49.79 -39.62
N LEU C 273 -25.45 50.78 -39.08
CA LEU C 273 -24.98 52.15 -39.13
C LEU C 273 -23.65 52.27 -38.40
N LEU C 274 -23.63 51.68 -37.21
CA LEU C 274 -22.44 51.68 -36.37
C LEU C 274 -21.29 51.07 -37.15
N VAL C 275 -21.54 49.92 -37.77
CA VAL C 275 -20.48 49.30 -38.56
C VAL C 275 -19.97 50.29 -39.60
N CYS C 276 -20.87 51.01 -40.26
CA CYS C 276 -20.47 51.99 -41.27
C CYS C 276 -19.67 53.15 -40.73
N GLN C 277 -20.05 53.62 -39.56
CA GLN C 277 -19.36 54.73 -38.93
C GLN C 277 -17.96 54.33 -38.54
N VAL C 278 -17.83 53.19 -37.90
CA VAL C 278 -16.53 52.71 -37.49
C VAL C 278 -15.68 52.51 -38.75
N CYS C 279 -16.32 52.09 -39.84
CA CYS C 279 -15.61 51.87 -41.07
C CYS C 279 -15.06 53.15 -41.68
N ILE C 280 -15.85 54.20 -41.69
CA ILE C 280 -15.35 55.44 -42.26
C ILE C 280 -14.30 56.03 -41.30
N LYS C 281 -14.48 55.82 -40.00
CA LYS C 281 -13.53 56.31 -39.01
C LYS C 281 -12.18 55.67 -39.30
N LEU C 282 -12.17 54.36 -39.54
CA LEU C 282 -10.92 53.67 -39.81
C LEU C 282 -10.32 54.14 -41.12
N ALA C 283 -11.17 54.36 -42.11
CA ALA C 283 -10.71 54.83 -43.40
C ALA C 283 -10.15 56.25 -43.35
N ASP C 284 -10.68 57.08 -42.46
CA ASP C 284 -10.22 58.47 -42.35
C ASP C 284 -8.82 58.54 -41.74
N ILE C 285 -8.48 57.56 -40.91
CA ILE C 285 -7.17 57.59 -40.29
C ILE C 285 -6.34 56.37 -40.63
N ASN C 286 -6.51 55.87 -41.86
CA ASN C 286 -5.78 54.69 -42.30
C ASN C 286 -4.28 54.90 -42.49
N GLY C 287 -3.84 56.16 -42.48
CA GLY C 287 -2.43 56.46 -42.67
C GLY C 287 -1.42 55.41 -42.21
N PRO C 288 -1.23 55.23 -40.90
CA PRO C 288 -0.28 54.26 -40.36
C PRO C 288 -0.59 52.78 -40.60
N ALA C 289 -1.62 52.47 -41.40
CA ALA C 289 -1.92 51.08 -41.66
C ALA C 289 -1.61 50.74 -43.12
N LYS C 290 -0.88 51.63 -43.78
CA LYS C 290 -0.47 51.43 -45.17
C LYS C 290 1.04 51.11 -45.18
N VAL C 291 1.60 50.89 -46.38
CA VAL C 291 3.03 50.60 -46.51
C VAL C 291 3.77 51.84 -45.99
N ARG C 292 5.02 51.70 -45.57
CA ARG C 292 5.75 52.84 -45.04
C ARG C 292 5.82 54.00 -46.01
N ASP C 293 6.12 53.68 -47.26
CA ASP C 293 6.21 54.68 -48.32
C ASP C 293 5.03 55.68 -48.25
N LEU C 294 3.81 55.15 -48.23
CA LEU C 294 2.60 55.96 -48.20
C LEU C 294 2.42 56.64 -46.86
N HIS C 295 2.55 55.86 -45.80
CA HIS C 295 2.40 56.38 -44.45
C HIS C 295 3.25 57.63 -44.23
N LEU C 296 4.51 57.60 -44.63
CA LEU C 296 5.36 58.76 -44.42
C LEU C 296 4.90 59.95 -45.23
N LYS C 297 4.47 59.71 -46.46
CA LYS C 297 4.01 60.80 -47.31
C LYS C 297 2.84 61.51 -46.64
N TRP C 298 1.89 60.74 -46.12
CA TRP C 298 0.74 61.35 -45.44
C TRP C 298 1.19 62.09 -44.19
N THR C 299 1.99 61.43 -43.36
CA THR C 299 2.50 62.03 -42.13
C THR C 299 3.11 63.40 -42.41
N GLU C 300 3.94 63.45 -43.45
CA GLU C 300 4.57 64.68 -43.83
C GLU C 300 3.53 65.77 -44.03
N GLY C 301 2.41 65.39 -44.64
CA GLY C 301 1.32 66.33 -44.92
C GLY C 301 0.65 66.85 -43.67
N ILE C 302 0.28 65.94 -42.78
CA ILE C 302 -0.35 66.30 -41.54
C ILE C 302 0.50 67.25 -40.72
N VAL C 303 1.77 66.92 -40.51
CA VAL C 303 2.61 67.81 -39.72
C VAL C 303 2.82 69.15 -40.38
N ASN C 304 2.97 69.19 -41.71
CA ASN C 304 3.17 70.48 -42.35
C ASN C 304 1.99 71.37 -42.09
N GLU C 305 0.81 70.77 -42.07
CA GLU C 305 -0.42 71.50 -41.83
C GLU C 305 -0.44 71.94 -40.36
N PHE C 306 -0.08 71.04 -39.44
CA PHE C 306 -0.03 71.39 -38.01
C PHE C 306 0.94 72.55 -37.77
N TYR C 307 2.10 72.51 -38.41
CA TYR C 307 3.08 73.57 -38.22
C TYR C 307 2.53 74.89 -38.72
N GLU C 308 1.67 74.87 -39.75
CA GLU C 308 1.11 76.12 -40.25
C GLU C 308 0.16 76.63 -39.18
N GLN C 309 -0.62 75.75 -38.58
CA GLN C 309 -1.50 76.17 -37.51
C GLN C 309 -0.67 76.71 -36.35
N GLY C 310 0.49 76.09 -36.14
CA GLY C 310 1.38 76.52 -35.07
C GLY C 310 1.90 77.92 -35.31
N ASP C 311 2.32 78.20 -36.54
CA ASP C 311 2.83 79.51 -36.85
C ASP C 311 1.73 80.54 -36.61
N GLU C 312 0.47 80.15 -36.80
CA GLU C 312 -0.58 81.15 -36.59
C GLU C 312 -0.77 81.40 -35.12
N GLU C 313 -0.88 80.33 -34.33
CA GLU C 313 -1.04 80.49 -32.89
C GLU C 313 0.08 81.41 -32.41
N ALA C 314 1.28 81.17 -32.90
CA ALA C 314 2.42 82.02 -32.57
C ALA C 314 2.04 83.47 -32.92
N ASN C 315 1.74 83.75 -34.20
CA ASN C 315 1.37 85.10 -34.60
C ASN C 315 0.24 85.73 -33.80
N LEU C 316 -0.64 84.91 -33.23
CA LEU C 316 -1.75 85.42 -32.43
C LEU C 316 -1.31 85.54 -30.98
N GLY C 317 -0.02 85.28 -30.74
CA GLY C 317 0.53 85.35 -29.41
C GLY C 317 -0.06 84.31 -28.46
N LEU C 318 -0.38 83.13 -28.98
CA LEU C 318 -0.96 82.10 -28.14
C LEU C 318 -0.01 80.95 -27.96
N PRO C 319 -0.28 80.12 -26.96
CA PRO C 319 0.58 78.97 -26.71
C PRO C 319 0.44 78.03 -27.91
N ILE C 320 1.55 77.63 -28.51
CA ILE C 320 1.48 76.73 -29.66
C ILE C 320 1.01 75.37 -29.19
N SER C 321 0.05 74.80 -29.89
CA SER C 321 -0.47 73.49 -29.51
C SER C 321 0.57 72.38 -29.59
N PRO C 322 0.38 71.30 -28.82
CA PRO C 322 1.29 70.16 -28.78
C PRO C 322 1.62 69.64 -30.18
N PHE C 323 2.89 69.32 -30.43
CA PHE C 323 3.36 68.79 -31.71
C PHE C 323 3.20 69.74 -32.89
N MET C 324 2.78 70.97 -32.63
CA MET C 324 2.58 71.90 -33.73
C MET C 324 3.63 72.99 -33.88
N ASP C 325 4.67 72.94 -33.05
CA ASP C 325 5.76 73.91 -33.10
C ASP C 325 6.90 73.35 -33.97
N ARG C 326 7.12 73.92 -35.15
CA ARG C 326 8.18 73.41 -36.01
C ARG C 326 9.57 73.60 -35.38
N SER C 327 9.69 74.56 -34.47
CA SER C 327 10.97 74.82 -33.83
C SER C 327 11.27 73.77 -32.76
N SER C 328 10.22 73.20 -32.18
CA SER C 328 10.38 72.19 -31.15
C SER C 328 9.46 70.99 -31.43
N PRO C 329 9.66 70.34 -32.60
CA PRO C 329 8.87 69.18 -33.04
C PRO C 329 9.05 67.91 -32.26
N GLN C 330 8.07 67.03 -32.40
CA GLN C 330 8.06 65.76 -31.71
C GLN C 330 7.36 64.80 -32.64
N LEU C 331 7.77 64.84 -33.89
CA LEU C 331 7.20 64.01 -34.92
C LEU C 331 6.99 62.57 -34.47
N ALA C 332 8.07 61.93 -34.02
CA ALA C 332 8.00 60.54 -33.60
C ALA C 332 7.07 60.38 -32.42
N LYS C 333 7.20 61.26 -31.44
CA LYS C 333 6.32 61.16 -30.29
C LYS C 333 4.85 61.30 -30.73
N LEU C 334 4.61 62.19 -31.69
CA LEU C 334 3.27 62.41 -32.21
C LEU C 334 2.70 61.14 -32.84
N GLN C 335 3.44 60.59 -33.80
CA GLN C 335 3.00 59.40 -34.50
C GLN C 335 2.88 58.20 -33.58
N GLU C 336 3.84 58.04 -32.68
CA GLU C 336 3.82 56.91 -31.76
C GLU C 336 2.55 57.01 -30.95
N SER C 337 2.34 58.20 -30.39
CA SER C 337 1.18 58.46 -29.56
C SER C 337 -0.14 58.24 -30.30
N PHE C 338 -0.20 58.74 -31.53
CA PHE C 338 -1.40 58.61 -32.34
C PHE C 338 -1.77 57.15 -32.56
N ILE C 339 -0.79 56.34 -32.97
CA ILE C 339 -1.04 54.93 -33.21
C ILE C 339 -1.46 54.21 -31.94
N THR C 340 -0.77 54.51 -30.85
CA THR C 340 -1.08 53.85 -29.59
C THR C 340 -2.48 54.13 -29.05
N HIS C 341 -2.90 55.39 -29.06
CA HIS C 341 -4.20 55.77 -28.52
C HIS C 341 -5.40 55.86 -29.44
N ILE C 342 -5.17 56.11 -30.73
CA ILE C 342 -6.28 56.24 -31.63
C ILE C 342 -6.44 55.17 -32.68
N VAL C 343 -5.56 55.14 -33.67
CA VAL C 343 -5.67 54.12 -34.71
C VAL C 343 -5.56 52.70 -34.19
N GLY C 344 -4.59 52.47 -33.31
CA GLY C 344 -4.39 51.14 -32.77
C GLY C 344 -5.64 50.54 -32.17
N PRO C 345 -6.12 51.11 -31.06
CA PRO C 345 -7.33 50.54 -30.45
C PRO C 345 -8.51 50.38 -31.41
N LEU C 346 -8.66 51.30 -32.36
CA LEU C 346 -9.75 51.23 -33.33
C LEU C 346 -9.58 50.00 -34.22
N CYS C 347 -8.37 49.84 -34.75
CA CYS C 347 -8.05 48.70 -35.60
C CYS C 347 -8.23 47.38 -34.90
N ASN C 348 -7.90 47.34 -33.61
CA ASN C 348 -8.06 46.10 -32.91
C ASN C 348 -9.54 45.79 -32.80
N SER C 349 -10.34 46.77 -32.38
CA SER C 349 -11.77 46.56 -32.23
C SER C 349 -12.34 46.07 -33.53
N TYR C 350 -11.98 46.73 -34.61
CA TYR C 350 -12.50 46.35 -35.92
C TYR C 350 -12.03 44.93 -36.26
N ASP C 351 -10.76 44.63 -35.99
CA ASP C 351 -10.22 43.31 -36.27
C ASP C 351 -10.91 42.23 -35.43
N ALA C 352 -11.11 42.53 -34.15
CA ALA C 352 -11.77 41.60 -33.24
C ALA C 352 -13.19 41.26 -33.70
N ALA C 353 -13.82 42.19 -34.41
CA ALA C 353 -15.16 41.95 -34.89
C ALA C 353 -15.09 41.13 -36.18
N GLY C 354 -13.87 40.86 -36.62
CA GLY C 354 -13.67 40.07 -37.83
C GLY C 354 -14.24 40.69 -39.08
N LEU C 355 -14.05 42.00 -39.24
CA LEU C 355 -14.56 42.71 -40.41
C LEU C 355 -13.40 43.17 -41.31
N LEU C 356 -12.17 42.93 -40.86
CA LEU C 356 -11.00 43.33 -41.64
C LEU C 356 -10.70 42.39 -42.78
N PRO C 357 -10.54 42.94 -43.98
CA PRO C 357 -10.23 42.05 -45.09
C PRO C 357 -8.84 41.43 -44.93
N GLY C 358 -8.77 40.12 -45.10
CA GLY C 358 -7.51 39.41 -44.99
C GLY C 358 -7.58 38.11 -45.74
N GLN C 359 -6.66 37.20 -45.45
CA GLN C 359 -6.65 35.90 -46.12
C GLN C 359 -6.16 34.85 -45.16
N TRP C 360 -6.66 33.63 -45.33
CA TRP C 360 -6.27 32.52 -44.47
C TRP C 360 -4.82 32.14 -44.78
N LEU C 361 -4.21 31.37 -43.87
CA LEU C 361 -2.83 30.96 -44.06
C LEU C 361 -2.64 29.51 -44.50
N GLU C 362 -3.45 28.61 -43.94
CA GLU C 362 -3.35 27.21 -44.33
C GLU C 362 -4.63 26.72 -45.00
N ALA C 363 -4.85 25.41 -44.95
CA ALA C 363 -6.07 24.82 -45.53
C ALA C 363 -6.88 24.07 -44.44
N GLU C 364 -7.54 24.84 -43.56
CA GLU C 364 -8.37 24.29 -42.46
C GLU C 364 -9.87 24.32 -42.84
N SER C 400 -13.19 30.91 -36.71
CA SER C 400 -11.79 31.21 -37.14
C SER C 400 -10.78 30.22 -36.53
N ARG C 401 -10.89 28.95 -36.92
CA ARG C 401 -9.99 27.89 -36.40
C ARG C 401 -8.75 27.70 -37.28
N ARG C 402 -8.32 28.79 -37.91
CA ARG C 402 -7.15 28.78 -38.79
C ARG C 402 -6.59 30.20 -38.85
N ARG C 403 -5.27 30.30 -38.66
CA ARG C 403 -4.57 31.58 -38.66
C ARG C 403 -4.80 32.38 -39.94
N ILE C 404 -5.11 33.68 -39.80
CA ILE C 404 -5.31 34.54 -40.97
C ILE C 404 -4.26 35.63 -41.01
N PHE C 405 -4.12 36.27 -42.16
CA PHE C 405 -3.15 37.33 -42.34
C PHE C 405 -3.77 38.62 -42.84
N CYS C 406 -3.81 39.62 -41.96
CA CYS C 406 -4.39 40.90 -42.29
C CYS C 406 -3.33 41.93 -42.64
N GLN C 407 -3.15 42.17 -43.93
CA GLN C 407 -2.16 43.12 -44.40
C GLN C 407 -2.14 44.47 -43.71
N LEU C 408 -3.29 45.10 -43.49
CA LEU C 408 -3.24 46.42 -42.85
C LEU C 408 -2.93 46.34 -41.37
N MET C 409 -3.27 45.20 -40.77
CA MET C 409 -2.99 44.99 -39.37
C MET C 409 -1.48 44.84 -39.24
N HIS C 410 -0.88 44.21 -40.25
CA HIS C 410 0.56 44.02 -40.27
C HIS C 410 1.28 45.36 -40.41
N HIS C 411 0.87 46.16 -41.40
CA HIS C 411 1.45 47.47 -41.64
C HIS C 411 1.41 48.36 -40.41
N LEU C 412 0.30 48.29 -39.69
CA LEU C 412 0.15 49.10 -38.51
C LEU C 412 1.26 48.74 -37.52
N THR C 413 1.39 47.44 -37.25
CA THR C 413 2.41 46.94 -36.34
C THR C 413 3.84 47.35 -36.73
N GLU C 414 4.18 47.22 -38.00
CA GLU C 414 5.51 47.59 -38.44
C GLU C 414 5.76 49.09 -38.33
N ASN C 415 4.76 49.89 -38.69
CA ASN C 415 4.92 51.33 -38.63
C ASN C 415 5.08 51.79 -37.20
N HIS C 416 4.35 51.18 -36.29
CA HIS C 416 4.46 51.56 -34.89
C HIS C 416 5.91 51.47 -34.43
N LYS C 417 6.62 50.46 -34.91
CA LYS C 417 8.01 50.25 -34.54
C LYS C 417 8.93 51.36 -35.02
N ILE C 418 8.69 51.92 -36.19
CA ILE C 418 9.56 52.96 -36.69
C ILE C 418 9.39 54.25 -35.91
N TRP C 419 8.33 54.34 -35.10
CA TRP C 419 8.14 55.56 -34.33
C TRP C 419 8.55 55.39 -32.86
N LYS C 420 8.78 54.15 -32.46
CA LYS C 420 9.19 53.85 -31.09
C LYS C 420 10.62 54.32 -30.83
N GLU D 3 -29.94 112.73 -5.52
CA GLU D 3 -31.31 112.21 -5.85
C GLU D 3 -31.79 111.11 -4.90
N VAL D 4 -32.62 111.52 -3.93
CA VAL D 4 -33.18 110.61 -2.91
C VAL D 4 -34.63 110.21 -3.23
N SER D 5 -35.33 111.08 -3.97
CA SER D 5 -36.72 110.88 -4.38
C SER D 5 -36.82 109.95 -5.61
N LEU D 6 -35.85 110.11 -6.50
CA LEU D 6 -35.77 109.33 -7.74
C LEU D 6 -35.25 107.91 -7.45
N ASP D 7 -34.32 107.81 -6.49
CA ASP D 7 -33.71 106.54 -6.07
C ASP D 7 -34.65 105.73 -5.19
N LEU D 8 -35.46 106.41 -4.38
CA LEU D 8 -36.43 105.78 -3.47
C LEU D 8 -37.61 105.18 -4.25
N ILE D 9 -37.91 105.77 -5.42
CA ILE D 9 -39.00 105.31 -6.30
C ILE D 9 -38.56 104.11 -7.12
N LEU D 10 -37.28 104.08 -7.49
CA LEU D 10 -36.70 102.97 -8.26
C LEU D 10 -36.67 101.72 -7.37
N VAL D 11 -36.46 101.94 -6.07
CA VAL D 11 -36.43 100.85 -5.08
C VAL D 11 -37.82 100.24 -4.92
N GLU D 12 -38.83 101.10 -4.91
CA GLU D 12 -40.22 100.66 -4.78
C GLU D 12 -40.59 99.71 -5.90
N GLU D 13 -40.30 100.11 -7.13
CA GLU D 13 -40.60 99.27 -8.30
C GLU D 13 -39.95 97.91 -8.10
N TYR D 14 -38.68 97.94 -7.68
CA TYR D 14 -37.92 96.73 -7.43
C TYR D 14 -38.68 95.84 -6.43
N ASP D 15 -38.95 96.37 -5.25
CA ASP D 15 -39.65 95.59 -4.24
C ASP D 15 -40.99 95.07 -4.74
N SER D 16 -41.66 95.84 -5.60
CA SER D 16 -42.96 95.41 -6.15
C SER D 16 -42.76 94.20 -7.02
N LEU D 17 -41.94 94.36 -8.04
CA LEU D 17 -41.65 93.30 -8.99
C LEU D 17 -41.24 92.04 -8.26
N ILE D 18 -40.32 92.18 -7.31
CA ILE D 18 -39.83 91.04 -6.55
C ILE D 18 -40.97 90.37 -5.83
N GLU D 19 -41.76 91.18 -5.14
CA GLU D 19 -42.90 90.64 -4.40
C GLU D 19 -43.85 89.90 -5.33
N LYS D 20 -44.08 90.47 -6.51
CA LYS D 20 -44.97 89.83 -7.49
C LYS D 20 -44.39 88.52 -8.01
N MET D 21 -43.10 88.54 -8.32
CA MET D 21 -42.44 87.34 -8.85
C MET D 21 -42.27 86.30 -7.78
N SER D 22 -42.33 86.72 -6.52
CA SER D 22 -42.15 85.78 -5.41
C SER D 22 -43.21 84.73 -5.37
N ASN D 23 -44.00 84.65 -6.42
CA ASN D 23 -45.08 83.68 -6.47
C ASN D 23 -44.98 82.81 -7.73
N TRP D 24 -45.15 81.50 -7.59
CA TRP D 24 -45.07 80.60 -8.74
C TRP D 24 -46.00 81.07 -9.86
N ASN D 25 -47.17 81.56 -9.48
CA ASN D 25 -48.12 82.03 -10.48
C ASN D 25 -47.94 83.52 -10.67
N PHE D 26 -46.70 83.92 -10.92
CA PHE D 26 -46.40 85.32 -11.16
C PHE D 26 -47.26 85.84 -12.32
N PRO D 27 -48.00 86.93 -12.09
CA PRO D 27 -48.86 87.52 -13.12
C PRO D 27 -48.07 88.34 -14.15
N ILE D 28 -47.40 87.64 -15.08
CA ILE D 28 -46.59 88.27 -16.12
C ILE D 28 -47.36 89.27 -16.96
N PHE D 29 -48.50 88.83 -17.49
CA PHE D 29 -49.28 89.70 -18.34
C PHE D 29 -49.69 91.01 -17.69
N GLU D 30 -49.94 90.97 -16.38
CA GLU D 30 -50.30 92.19 -15.67
C GLU D 30 -49.12 93.15 -15.76
N LEU D 31 -47.91 92.60 -15.70
CA LEU D 31 -46.71 93.43 -15.77
C LEU D 31 -46.58 93.99 -17.18
N VAL D 32 -46.94 93.18 -18.16
CA VAL D 32 -46.84 93.59 -19.56
C VAL D 32 -47.66 94.85 -19.77
N GLU D 33 -48.83 94.89 -19.12
CA GLU D 33 -49.69 96.06 -19.22
C GLU D 33 -49.16 97.21 -18.40
N LYS D 34 -48.77 96.93 -17.16
CA LYS D 34 -48.24 97.97 -16.29
C LYS D 34 -47.08 98.69 -16.98
N MET D 35 -46.37 98.00 -17.87
CA MET D 35 -45.26 98.62 -18.59
C MET D 35 -45.74 99.39 -19.82
N GLY D 36 -46.87 98.93 -20.37
CA GLY D 36 -47.46 99.58 -21.54
C GLY D 36 -46.57 99.68 -22.76
N GLU D 37 -46.10 100.89 -23.05
CA GLU D 37 -45.24 101.10 -24.20
C GLU D 37 -43.82 100.61 -23.96
N LYS D 38 -43.38 100.67 -22.71
CA LYS D 38 -42.04 100.21 -22.38
C LYS D 38 -42.09 98.69 -22.15
N SER D 39 -43.21 98.08 -22.55
CA SER D 39 -43.39 96.65 -22.38
C SER D 39 -42.38 95.85 -23.20
N GLY D 40 -41.76 96.49 -24.18
CA GLY D 40 -40.80 95.77 -24.98
C GLY D 40 -39.51 95.40 -24.25
N ARG D 41 -39.38 95.85 -23.01
CA ARG D 41 -38.20 95.59 -22.21
C ARG D 41 -38.50 94.74 -20.97
N ILE D 42 -39.43 93.81 -21.09
CA ILE D 42 -39.76 92.95 -19.96
C ILE D 42 -38.56 92.08 -19.58
N LEU D 43 -37.99 91.39 -20.55
CA LEU D 43 -36.85 90.51 -20.32
C LEU D 43 -35.68 91.23 -19.66
N SER D 44 -35.20 92.31 -20.27
CA SER D 44 -34.08 93.02 -19.70
C SER D 44 -34.37 93.55 -18.29
N GLN D 45 -35.61 93.94 -18.01
CA GLN D 45 -35.92 94.44 -16.68
C GLN D 45 -35.98 93.31 -15.67
N VAL D 46 -36.58 92.19 -16.05
CA VAL D 46 -36.67 91.09 -15.13
C VAL D 46 -35.29 90.49 -14.87
N MET D 47 -34.49 90.37 -15.92
CA MET D 47 -33.14 89.84 -15.78
C MET D 47 -32.37 90.66 -14.77
N TYR D 48 -32.38 91.98 -14.95
CA TYR D 48 -31.68 92.85 -14.03
C TYR D 48 -32.20 92.69 -12.63
N THR D 49 -33.51 92.59 -12.49
CA THR D 49 -34.09 92.44 -11.17
C THR D 49 -33.64 91.14 -10.53
N LEU D 50 -33.77 90.04 -11.27
CA LEU D 50 -33.38 88.74 -10.73
C LEU D 50 -31.88 88.64 -10.44
N PHE D 51 -31.06 89.33 -11.20
CA PHE D 51 -29.64 89.29 -10.96
C PHE D 51 -29.23 90.06 -9.70
N GLN D 52 -30.17 90.82 -9.14
CA GLN D 52 -29.88 91.54 -7.90
C GLN D 52 -30.41 90.70 -6.75
N ASP D 53 -31.55 90.08 -6.97
CA ASP D 53 -32.14 89.26 -5.95
C ASP D 53 -31.24 88.05 -5.64
N THR D 54 -30.42 87.64 -6.61
CA THR D 54 -29.54 86.50 -6.44
C THR D 54 -28.12 86.90 -6.01
N GLY D 55 -27.73 88.12 -6.34
CA GLY D 55 -26.41 88.60 -5.99
C GLY D 55 -25.40 88.39 -7.09
N LEU D 56 -25.85 87.79 -8.19
CA LEU D 56 -24.96 87.54 -9.32
C LEU D 56 -24.27 88.80 -9.82
N LEU D 57 -24.92 89.95 -9.73
CA LEU D 57 -24.28 91.14 -10.22
C LEU D 57 -23.02 91.42 -9.42
N GLU D 58 -23.11 91.20 -8.12
CA GLU D 58 -21.98 91.43 -7.22
C GLU D 58 -20.92 90.33 -7.31
N ILE D 59 -21.36 89.07 -7.27
CA ILE D 59 -20.46 87.94 -7.35
C ILE D 59 -19.51 88.05 -8.51
N PHE D 60 -20.02 88.37 -9.69
CA PHE D 60 -19.14 88.47 -10.84
C PHE D 60 -18.83 89.89 -11.26
N LYS D 61 -19.07 90.83 -10.36
CA LYS D 61 -18.80 92.23 -10.64
C LYS D 61 -19.29 92.56 -12.05
N ILE D 62 -20.57 92.37 -12.30
CA ILE D 62 -21.13 92.64 -13.61
C ILE D 62 -21.51 94.10 -13.76
N PRO D 63 -20.92 94.79 -14.74
CA PRO D 63 -21.21 96.21 -14.97
C PRO D 63 -22.64 96.36 -15.49
N THR D 64 -23.41 97.27 -14.89
CA THR D 64 -24.79 97.46 -15.28
C THR D 64 -24.98 97.88 -16.73
N GLN D 65 -24.16 98.80 -17.20
CA GLN D 65 -24.30 99.27 -18.57
C GLN D 65 -24.27 98.14 -19.60
N GLN D 66 -23.14 97.44 -19.70
CA GLN D 66 -23.03 96.36 -20.66
C GLN D 66 -24.10 95.28 -20.49
N PHE D 67 -24.51 95.03 -19.25
CA PHE D 67 -25.53 94.03 -18.96
C PHE D 67 -26.82 94.43 -19.65
N MET D 68 -27.26 95.65 -19.38
CA MET D 68 -28.49 96.15 -19.99
C MET D 68 -28.29 96.19 -21.49
N ASN D 69 -27.21 96.81 -21.94
CA ASN D 69 -26.94 96.86 -23.38
C ASN D 69 -27.23 95.51 -24.06
N TYR D 70 -26.57 94.46 -23.60
CA TYR D 70 -26.75 93.15 -24.19
C TYR D 70 -28.15 92.59 -24.07
N PHE D 71 -28.71 92.63 -22.87
CA PHE D 71 -30.03 92.07 -22.74
C PHE D 71 -31.13 92.87 -23.43
N ARG D 72 -30.89 94.17 -23.64
CA ARG D 72 -31.85 95.00 -24.35
C ARG D 72 -31.85 94.47 -25.78
N ALA D 73 -30.66 94.31 -26.36
CA ALA D 73 -30.49 93.80 -27.72
C ALA D 73 -31.00 92.38 -27.86
N LEU D 74 -30.85 91.58 -26.81
CA LEU D 74 -31.30 90.21 -26.86
C LEU D 74 -32.82 90.17 -27.01
N GLU D 75 -33.52 91.04 -26.28
CA GLU D 75 -35.00 91.09 -26.36
C GLU D 75 -35.44 91.38 -27.78
N ASN D 76 -34.87 92.45 -28.35
CA ASN D 76 -35.21 92.87 -29.70
C ASN D 76 -35.10 91.75 -30.70
N GLY D 77 -34.32 90.72 -30.39
CA GLY D 77 -34.17 89.61 -31.29
C GLY D 77 -35.38 88.69 -31.27
N TYR D 78 -36.23 88.84 -30.27
CA TYR D 78 -37.42 88.02 -30.19
C TYR D 78 -38.50 88.61 -31.09
N ARG D 79 -38.90 87.82 -32.08
CA ARG D 79 -39.91 88.23 -33.05
C ARG D 79 -41.24 88.41 -32.38
N ASP D 80 -42.06 89.26 -32.98
CA ASP D 80 -43.39 89.54 -32.45
C ASP D 80 -44.39 88.49 -32.94
N ILE D 81 -44.29 87.30 -32.39
CA ILE D 81 -45.19 86.22 -32.78
C ILE D 81 -46.08 85.86 -31.58
N PRO D 82 -47.10 85.03 -31.80
CA PRO D 82 -48.02 84.63 -30.72
C PRO D 82 -47.49 83.91 -29.47
N TYR D 83 -46.43 83.13 -29.59
CA TYR D 83 -45.93 82.42 -28.41
C TYR D 83 -44.46 82.60 -28.08
N HIS D 84 -43.59 82.16 -28.98
CA HIS D 84 -42.15 82.25 -28.81
C HIS D 84 -41.63 83.67 -28.90
N ASN D 85 -42.01 84.49 -27.93
CA ASN D 85 -41.61 85.89 -27.88
C ASN D 85 -40.91 86.26 -26.56
N ARG D 86 -40.42 87.50 -26.46
CA ARG D 86 -39.74 87.94 -25.25
C ARG D 86 -40.53 87.65 -23.99
N ILE D 87 -41.86 87.61 -24.08
CA ILE D 87 -42.65 87.32 -22.88
C ILE D 87 -42.52 85.86 -22.45
N HIS D 88 -42.49 84.94 -23.40
CA HIS D 88 -42.31 83.52 -23.08
C HIS D 88 -40.96 83.36 -22.41
N ALA D 89 -39.96 84.00 -23.01
CA ALA D 89 -38.60 83.94 -22.50
C ALA D 89 -38.61 84.37 -21.05
N THR D 90 -39.19 85.54 -20.79
CA THR D 90 -39.26 86.05 -19.44
C THR D 90 -39.94 85.08 -18.49
N ASP D 91 -40.96 84.39 -18.98
CA ASP D 91 -41.67 83.43 -18.15
C ASP D 91 -40.77 82.25 -17.75
N VAL D 92 -40.02 81.73 -18.73
CA VAL D 92 -39.12 80.60 -18.50
C VAL D 92 -38.01 81.00 -17.53
N LEU D 93 -37.49 82.21 -17.72
CA LEU D 93 -36.46 82.74 -16.85
C LEU D 93 -36.99 82.75 -15.43
N HIS D 94 -38.18 83.28 -15.24
CA HIS D 94 -38.78 83.35 -13.92
C HIS D 94 -38.94 81.96 -13.30
N ALA D 95 -39.28 80.97 -14.10
CA ALA D 95 -39.47 79.61 -13.62
C ALA D 95 -38.16 78.97 -13.10
N VAL D 96 -37.10 79.01 -13.90
CA VAL D 96 -35.83 78.44 -13.47
C VAL D 96 -35.36 79.17 -12.23
N TRP D 97 -35.58 80.47 -12.19
CA TRP D 97 -35.17 81.23 -11.03
C TRP D 97 -35.93 80.76 -9.79
N TYR D 98 -37.23 80.58 -9.92
CA TYR D 98 -38.07 80.12 -8.82
C TYR D 98 -37.69 78.69 -8.41
N LEU D 99 -37.68 77.77 -9.36
CA LEU D 99 -37.34 76.37 -9.10
C LEU D 99 -36.00 76.09 -8.41
N THR D 100 -35.02 76.97 -8.63
CA THR D 100 -33.68 76.78 -8.06
C THR D 100 -33.41 77.75 -6.91
N THR D 101 -34.46 78.18 -6.24
CA THR D 101 -34.30 79.15 -5.18
C THR D 101 -35.22 78.97 -3.98
N ARG D 102 -36.48 78.67 -4.26
CA ARG D 102 -37.46 78.47 -3.21
C ARG D 102 -37.20 77.16 -2.49
N PRO D 103 -37.64 77.07 -1.22
CA PRO D 103 -37.49 75.90 -0.37
C PRO D 103 -38.02 74.62 -0.94
N VAL D 104 -37.26 73.55 -0.74
CA VAL D 104 -37.63 72.23 -1.20
C VAL D 104 -37.63 71.30 0.02
N PRO D 105 -38.78 70.70 0.34
CA PRO D 105 -38.91 69.79 1.48
C PRO D 105 -37.88 68.68 1.43
N GLY D 106 -37.18 68.49 2.55
CA GLY D 106 -36.17 67.45 2.69
C GLY D 106 -34.95 67.44 1.78
N LEU D 107 -34.61 68.59 1.21
CA LEU D 107 -33.47 68.65 0.32
C LEU D 107 -32.16 68.86 1.06
N GLN D 108 -31.25 67.92 0.83
CA GLN D 108 -29.91 67.93 1.42
C GLN D 108 -29.14 69.21 1.08
N GLN D 109 -28.75 69.96 2.11
CA GLN D 109 -28.01 71.21 1.94
C GLN D 109 -26.53 71.02 1.65
N ILE D 110 -26.11 69.77 1.68
CA ILE D 110 -24.70 69.43 1.45
C ILE D 110 -24.01 70.25 0.35
N HIS D 111 -23.25 71.24 0.80
CA HIS D 111 -22.49 72.15 -0.06
C HIS D 111 -22.41 73.49 0.67
N ASN D 112 -21.79 74.48 0.03
CA ASN D 112 -21.63 75.81 0.61
C ASN D 112 -22.97 76.46 0.93
N GLY D 113 -23.52 76.07 2.08
CA GLY D 113 -24.80 76.55 2.60
C GLY D 113 -24.61 77.28 3.94
N ASP D 123 -15.36 91.97 -0.83
CA ASP D 123 -14.66 93.22 -1.23
C ASP D 123 -14.66 93.39 -2.75
N GLY D 124 -13.88 94.37 -3.23
CA GLY D 124 -13.82 94.68 -4.64
C GLY D 124 -13.12 93.75 -5.60
N ARG D 125 -12.39 92.76 -5.09
CA ARG D 125 -11.71 91.84 -5.98
C ARG D 125 -12.40 90.51 -5.98
N ILE D 126 -12.41 89.85 -7.14
CA ILE D 126 -13.05 88.56 -7.28
C ILE D 126 -12.02 87.49 -6.98
N ASN D 127 -12.38 86.59 -6.08
CA ASN D 127 -11.52 85.50 -5.69
C ASN D 127 -11.76 84.23 -6.50
N HIS D 128 -11.02 84.05 -7.60
CA HIS D 128 -11.20 82.87 -8.44
C HIS D 128 -10.71 81.54 -7.82
N GLY D 129 -10.33 81.58 -6.54
CA GLY D 129 -9.88 80.38 -5.86
C GLY D 129 -11.05 79.72 -5.15
N ARG D 130 -12.04 80.52 -4.79
CA ARG D 130 -13.21 79.99 -4.11
C ARG D 130 -14.46 79.89 -5.02
N ILE D 131 -15.19 78.78 -4.88
CA ILE D 131 -16.43 78.58 -5.66
C ILE D 131 -17.62 79.30 -4.99
N ALA D 132 -18.17 80.31 -5.68
CA ALA D 132 -19.32 81.07 -5.16
C ALA D 132 -20.68 80.40 -5.37
N TYR D 133 -21.58 80.67 -4.42
CA TYR D 133 -22.95 80.14 -4.44
C TYR D 133 -23.91 81.31 -4.21
N ILE D 134 -24.98 81.41 -5.00
CA ILE D 134 -25.93 82.52 -4.82
C ILE D 134 -26.99 82.18 -3.80
N SER D 135 -27.64 83.23 -3.30
CA SER D 135 -28.72 83.09 -2.33
C SER D 135 -29.77 84.17 -2.58
N SER D 136 -31.01 83.75 -2.84
CA SER D 136 -32.09 84.70 -3.10
C SER D 136 -32.46 85.51 -1.86
N LYS D 137 -32.55 86.82 -2.03
CA LYS D 137 -32.89 87.70 -0.93
C LYS D 137 -34.39 87.70 -0.72
N SER D 138 -35.15 87.28 -1.73
CA SER D 138 -36.61 87.28 -1.62
C SER D 138 -37.18 86.04 -0.94
N CYS D 139 -36.33 85.21 -0.37
CA CYS D 139 -36.83 84.04 0.33
C CYS D 139 -35.73 83.31 1.07
N SER D 140 -36.12 82.33 1.86
CA SER D 140 -35.18 81.56 2.66
C SER D 140 -35.88 80.32 3.18
N ASN D 141 -35.12 79.24 3.38
CA ASN D 141 -35.68 77.98 3.86
C ASN D 141 -36.35 78.18 5.20
N PRO D 142 -37.62 77.79 5.28
CA PRO D 142 -38.37 77.91 6.51
C PRO D 142 -37.51 77.46 7.71
N ASP D 143 -37.00 76.22 7.63
CA ASP D 143 -36.17 75.63 8.69
C ASP D 143 -35.19 74.63 8.10
N GLU D 144 -34.60 73.79 8.95
CA GLU D 144 -33.64 72.80 8.50
C GLU D 144 -34.28 71.65 7.70
N SER D 145 -35.60 71.54 7.76
CA SER D 145 -36.31 70.49 7.02
C SER D 145 -36.33 70.84 5.52
N TYR D 146 -36.00 72.09 5.20
CA TYR D 146 -35.99 72.59 3.83
C TYR D 146 -34.61 72.89 3.28
N GLY D 147 -34.48 72.69 1.96
CA GLY D 147 -33.23 72.97 1.29
C GLY D 147 -33.54 73.55 -0.08
N CYS D 148 -32.71 74.47 -0.57
CA CYS D 148 -32.95 75.03 -1.87
C CYS D 148 -31.81 74.63 -2.80
N LEU D 149 -32.14 74.52 -4.08
CA LEU D 149 -31.17 74.12 -5.10
C LEU D 149 -29.96 75.04 -5.18
N SER D 150 -30.16 76.33 -4.95
CA SER D 150 -29.07 77.30 -5.03
C SER D 150 -27.95 76.99 -4.08
N SER D 151 -28.17 76.07 -3.16
CA SER D 151 -27.13 75.71 -2.19
C SER D 151 -26.28 74.52 -2.61
N ASN D 152 -26.68 73.84 -3.68
CA ASN D 152 -25.96 72.69 -4.18
C ASN D 152 -25.32 72.92 -5.54
N ILE D 153 -25.82 73.89 -6.29
CA ILE D 153 -25.31 74.20 -7.60
C ILE D 153 -24.62 75.55 -7.57
N PRO D 154 -23.31 75.59 -7.81
CA PRO D 154 -22.57 76.85 -7.79
C PRO D 154 -23.16 77.97 -8.63
N ALA D 155 -22.91 79.20 -8.19
CA ALA D 155 -23.39 80.42 -8.84
C ALA D 155 -23.10 80.47 -10.34
N LEU D 156 -21.89 80.12 -10.73
CA LEU D 156 -21.54 80.16 -12.14
C LEU D 156 -22.52 79.31 -12.93
N GLU D 157 -22.88 78.16 -12.39
CA GLU D 157 -23.78 77.24 -13.07
C GLU D 157 -25.23 77.71 -13.13
N LEU D 158 -25.73 78.35 -12.06
CA LEU D 158 -27.09 78.85 -12.06
C LEU D 158 -27.14 80.07 -12.98
N MET D 159 -26.12 80.92 -12.92
CA MET D 159 -26.10 82.08 -13.79
C MET D 159 -26.18 81.65 -15.25
N ALA D 160 -25.54 80.53 -15.57
CA ALA D 160 -25.59 80.03 -16.93
C ALA D 160 -27.02 79.58 -17.26
N LEU D 161 -27.68 78.96 -16.28
CA LEU D 161 -29.04 78.49 -16.47
C LEU D 161 -29.98 79.68 -16.75
N TYR D 162 -29.86 80.72 -15.92
CA TYR D 162 -30.68 81.91 -16.07
C TYR D 162 -30.41 82.59 -17.40
N VAL D 163 -29.14 82.79 -17.74
CA VAL D 163 -28.79 83.43 -19.00
C VAL D 163 -29.25 82.60 -20.19
N ALA D 164 -29.26 81.28 -20.03
CA ALA D 164 -29.69 80.41 -21.10
C ALA D 164 -31.19 80.59 -21.30
N ALA D 165 -31.93 80.61 -20.21
CA ALA D 165 -33.36 80.79 -20.28
C ALA D 165 -33.67 82.06 -21.05
N ALA D 166 -32.96 83.12 -20.72
CA ALA D 166 -33.20 84.39 -21.39
C ALA D 166 -32.96 84.36 -22.88
N MET D 167 -32.15 83.42 -23.35
CA MET D 167 -31.88 83.36 -24.77
C MET D 167 -32.30 82.08 -25.48
N HIS D 168 -32.95 81.16 -24.77
CA HIS D 168 -33.31 79.88 -25.36
C HIS D 168 -34.22 79.86 -26.59
N ASP D 169 -34.95 80.94 -26.86
CA ASP D 169 -35.80 80.97 -28.03
C ASP D 169 -35.49 82.20 -28.91
N TYR D 170 -34.31 82.78 -28.74
CA TYR D 170 -33.92 83.96 -29.50
C TYR D 170 -34.17 83.78 -30.98
N ASP D 171 -34.80 84.80 -31.58
CA ASP D 171 -35.12 84.80 -33.00
C ASP D 171 -35.92 83.59 -33.53
N HIS D 172 -36.93 83.20 -32.77
CA HIS D 172 -37.78 82.08 -33.15
C HIS D 172 -38.70 82.51 -34.29
N PRO D 173 -38.78 81.71 -35.36
CA PRO D 173 -39.61 81.97 -36.53
C PRO D 173 -41.09 81.57 -36.38
N GLY D 174 -41.43 80.97 -35.26
CA GLY D 174 -42.80 80.57 -35.05
C GLY D 174 -43.12 79.28 -35.77
N ARG D 175 -42.09 78.55 -36.15
CA ARG D 175 -42.28 77.29 -36.84
C ARG D 175 -41.55 76.15 -36.11
N THR D 176 -42.04 74.91 -36.23
CA THR D 176 -41.38 73.80 -35.57
C THR D 176 -40.14 73.32 -36.30
N ASN D 177 -39.33 72.52 -35.63
CA ASN D 177 -38.14 72.00 -36.26
C ASN D 177 -38.52 71.14 -37.44
N ALA D 178 -39.50 70.27 -37.24
CA ALA D 178 -39.99 69.38 -38.29
C ALA D 178 -40.35 70.20 -39.55
N PHE D 179 -41.03 71.32 -39.35
CA PHE D 179 -41.40 72.16 -40.47
C PHE D 179 -40.16 72.56 -41.25
N LEU D 180 -39.20 73.15 -40.54
CA LEU D 180 -37.95 73.58 -41.15
C LEU D 180 -37.22 72.46 -41.90
N VAL D 181 -37.20 71.28 -41.31
CA VAL D 181 -36.53 70.14 -41.93
C VAL D 181 -37.27 69.70 -43.20
N ALA D 182 -38.59 69.65 -43.10
CA ALA D 182 -39.43 69.26 -44.21
C ALA D 182 -39.31 70.27 -45.35
N THR D 183 -39.49 71.55 -45.06
CA THR D 183 -39.41 72.57 -46.10
C THR D 183 -37.97 72.84 -46.55
N ASN D 184 -37.03 72.04 -46.06
CA ASN D 184 -35.61 72.21 -46.39
C ASN D 184 -35.16 73.64 -46.25
N ALA D 185 -35.45 74.22 -45.10
CA ALA D 185 -35.09 75.60 -44.82
C ALA D 185 -33.59 75.72 -44.81
N PRO D 186 -33.07 76.88 -45.21
CA PRO D 186 -31.62 77.04 -45.20
C PRO D 186 -31.04 76.74 -43.81
N GLN D 187 -31.79 77.03 -42.77
CA GLN D 187 -31.32 76.79 -41.43
C GLN D 187 -31.23 75.30 -41.11
N ALA D 188 -32.13 74.51 -41.66
CA ALA D 188 -32.11 73.08 -41.39
C ALA D 188 -30.92 72.44 -42.10
N VAL D 189 -30.57 72.96 -43.26
CA VAL D 189 -29.44 72.40 -44.00
C VAL D 189 -28.16 72.74 -43.25
N LEU D 190 -28.09 73.99 -42.77
CA LEU D 190 -26.93 74.48 -42.02
C LEU D 190 -26.58 73.62 -40.80
N TYR D 191 -27.60 73.18 -40.07
CA TYR D 191 -27.39 72.36 -38.89
C TYR D 191 -27.66 70.89 -39.11
N ASN D 192 -27.63 70.47 -40.37
CA ASN D 192 -27.84 69.05 -40.68
C ASN D 192 -29.05 68.40 -39.98
N ASP D 193 -30.14 69.15 -39.92
CA ASP D 193 -31.39 68.73 -39.31
C ASP D 193 -31.30 68.32 -37.86
N ARG D 194 -30.26 68.73 -37.15
CA ARG D 194 -30.11 68.37 -35.73
C ARG D 194 -30.40 69.60 -34.87
N SER D 195 -31.42 69.50 -34.02
CA SER D 195 -31.85 70.60 -33.16
C SER D 195 -31.73 71.93 -33.88
N VAL D 196 -32.22 71.97 -35.11
CA VAL D 196 -32.16 73.17 -35.95
C VAL D 196 -32.46 74.48 -35.23
N LEU D 197 -33.61 74.59 -34.58
CA LEU D 197 -33.95 75.81 -33.89
C LEU D 197 -33.06 76.10 -32.69
N GLU D 198 -33.03 75.14 -31.77
CA GLU D 198 -32.23 75.26 -30.57
C GLU D 198 -30.78 75.68 -30.89
N ASN D 199 -30.20 75.08 -31.93
CA ASN D 199 -28.85 75.42 -32.30
C ASN D 199 -28.79 76.87 -32.72
N HIS D 200 -29.78 77.31 -33.48
CA HIS D 200 -29.84 78.67 -33.97
C HIS D 200 -29.97 79.66 -32.82
N HIS D 201 -30.78 79.32 -31.83
CA HIS D 201 -30.97 80.20 -30.69
C HIS D 201 -29.65 80.49 -30.00
N ALA D 202 -28.94 79.43 -29.62
CA ALA D 202 -27.64 79.57 -28.94
C ALA D 202 -26.58 80.26 -29.78
N ALA D 203 -26.40 79.78 -31.00
CA ALA D 203 -25.41 80.34 -31.90
C ALA D 203 -25.65 81.81 -32.18
N SER D 204 -26.92 82.17 -32.25
CA SER D 204 -27.32 83.53 -32.56
C SER D 204 -27.12 84.48 -31.40
N ALA D 205 -27.55 84.06 -30.22
CA ALA D 205 -27.40 84.86 -29.01
C ALA D 205 -25.92 85.08 -28.70
N TRP D 206 -25.11 84.03 -28.87
CA TRP D 206 -23.68 84.14 -28.61
C TRP D 206 -23.05 85.04 -29.63
N ASN D 207 -23.39 84.86 -30.90
CA ASN D 207 -22.84 85.71 -31.92
C ASN D 207 -23.18 87.17 -31.58
N LEU D 208 -24.41 87.39 -31.11
CA LEU D 208 -24.84 88.74 -30.72
C LEU D 208 -23.93 89.25 -29.60
N TYR D 209 -23.75 88.41 -28.57
CA TYR D 209 -22.90 88.77 -27.42
C TYR D 209 -21.51 89.20 -27.82
N LEU D 210 -20.88 88.46 -28.73
CA LEU D 210 -19.52 88.80 -29.14
C LEU D 210 -19.48 89.90 -30.20
N SER D 211 -20.65 90.28 -30.71
CA SER D 211 -20.79 91.31 -31.75
C SER D 211 -20.10 92.60 -31.46
N ARG D 212 -20.39 93.14 -30.28
CA ARG D 212 -19.88 94.43 -29.89
C ARG D 212 -19.30 94.41 -28.49
N PRO D 213 -18.25 95.19 -28.26
CA PRO D 213 -17.66 95.23 -26.92
C PRO D 213 -18.55 95.75 -25.82
N GLU D 214 -19.54 96.58 -26.17
CA GLU D 214 -20.45 97.12 -25.16
C GLU D 214 -21.44 96.09 -24.60
N TYR D 215 -21.36 94.86 -25.08
CA TYR D 215 -22.25 93.80 -24.60
C TYR D 215 -21.52 92.92 -23.62
N ASN D 216 -20.20 93.03 -23.61
CA ASN D 216 -19.35 92.21 -22.75
C ASN D 216 -19.50 92.39 -21.26
N PHE D 217 -20.60 91.91 -20.70
CA PHE D 217 -20.81 92.10 -19.28
C PHE D 217 -20.15 91.03 -18.43
N LEU D 218 -19.57 90.03 -19.08
CA LEU D 218 -18.88 88.95 -18.37
C LEU D 218 -17.38 89.18 -18.37
N LEU D 219 -16.97 90.43 -18.56
CA LEU D 219 -15.56 90.76 -18.62
C LEU D 219 -14.74 90.49 -17.36
N HIS D 220 -15.36 89.98 -16.31
CA HIS D 220 -14.59 89.72 -15.13
C HIS D 220 -14.52 88.24 -14.77
N LEU D 221 -14.73 87.39 -15.77
CA LEU D 221 -14.61 85.96 -15.53
C LEU D 221 -13.30 85.57 -16.18
N ASP D 222 -12.48 84.76 -15.54
CA ASP D 222 -11.24 84.39 -16.20
C ASP D 222 -11.55 83.49 -17.40
N HIS D 223 -10.56 83.21 -18.24
CA HIS D 223 -10.79 82.38 -19.42
C HIS D 223 -11.45 81.08 -19.07
N VAL D 224 -10.99 80.46 -17.99
CA VAL D 224 -11.57 79.19 -17.61
C VAL D 224 -13.06 79.34 -17.32
N GLU D 225 -13.39 80.25 -16.40
CA GLU D 225 -14.76 80.53 -16.02
C GLU D 225 -15.64 80.84 -17.22
N PHE D 226 -15.16 81.67 -18.15
CA PHE D 226 -15.96 82.01 -19.33
C PHE D 226 -16.23 80.78 -20.19
N LYS D 227 -15.16 80.09 -20.54
CA LYS D 227 -15.23 78.91 -21.34
C LYS D 227 -16.28 77.97 -20.77
N ARG D 228 -16.27 77.77 -19.46
CA ARG D 228 -17.23 76.88 -18.83
C ARG D 228 -18.63 77.45 -18.89
N PHE D 229 -18.74 78.76 -18.71
CA PHE D 229 -20.05 79.41 -18.73
C PHE D 229 -20.68 79.20 -20.09
N ARG D 230 -19.92 79.49 -21.13
CA ARG D 230 -20.43 79.34 -22.47
C ARG D 230 -20.88 77.91 -22.71
N PHE D 231 -20.08 76.95 -22.28
CA PHE D 231 -20.42 75.53 -22.44
C PHE D 231 -21.71 75.17 -21.73
N LEU D 232 -21.87 75.70 -20.53
CA LEU D 232 -23.06 75.42 -19.74
C LEU D 232 -24.30 76.02 -20.39
N VAL D 233 -24.18 77.25 -20.88
CA VAL D 233 -25.32 77.89 -21.51
C VAL D 233 -25.80 77.06 -22.71
N ILE D 234 -24.87 76.73 -23.61
CA ILE D 234 -25.21 75.94 -24.77
C ILE D 234 -25.90 74.63 -24.41
N GLU D 235 -25.37 73.93 -23.41
CA GLU D 235 -25.96 72.67 -23.00
C GLU D 235 -27.40 72.84 -22.53
N ALA D 236 -27.68 73.95 -21.86
CA ALA D 236 -29.04 74.20 -21.38
C ALA D 236 -29.95 74.49 -22.56
N ILE D 237 -29.58 75.48 -23.37
CA ILE D 237 -30.40 75.82 -24.51
C ILE D 237 -30.68 74.61 -25.36
N LEU D 238 -29.68 73.83 -25.73
CA LEU D 238 -29.92 72.66 -26.57
C LEU D 238 -30.75 71.54 -25.95
N ALA D 239 -31.02 71.63 -24.66
CA ALA D 239 -31.80 70.59 -24.01
C ALA D 239 -33.30 70.87 -24.17
N THR D 240 -33.59 72.06 -24.68
CA THR D 240 -34.97 72.43 -24.87
C THR D 240 -35.58 71.84 -26.14
N ASP D 241 -34.79 71.12 -26.93
CA ASP D 241 -35.30 70.48 -28.14
C ASP D 241 -36.13 69.28 -27.70
N LEU D 242 -37.44 69.38 -27.86
CA LEU D 242 -38.32 68.29 -27.45
C LEU D 242 -38.05 66.93 -28.08
N LYS D 243 -37.32 66.87 -29.18
CA LYS D 243 -37.06 65.58 -29.82
C LYS D 243 -36.29 64.71 -28.88
N LYS D 244 -35.48 65.33 -28.04
CA LYS D 244 -34.67 64.58 -27.09
C LYS D 244 -35.36 64.51 -25.73
N HIS D 245 -36.62 64.92 -25.68
CA HIS D 245 -37.37 64.92 -24.42
C HIS D 245 -37.35 63.60 -23.66
N PHE D 246 -37.66 62.51 -24.33
CA PHE D 246 -37.70 61.25 -23.62
C PHE D 246 -36.34 60.75 -23.21
N ASP D 247 -35.32 61.16 -23.95
CA ASP D 247 -33.95 60.75 -23.65
C ASP D 247 -33.50 61.41 -22.35
N PHE D 248 -33.75 62.71 -22.21
CA PHE D 248 -33.39 63.41 -20.99
C PHE D 248 -34.15 62.84 -19.83
N LEU D 249 -35.42 62.57 -20.06
CA LEU D 249 -36.25 62.04 -19.00
C LEU D 249 -35.71 60.70 -18.53
N ALA D 250 -35.35 59.85 -19.49
CA ALA D 250 -34.82 58.52 -19.21
C ALA D 250 -33.55 58.62 -18.38
N GLU D 251 -32.59 59.37 -18.90
CA GLU D 251 -31.32 59.57 -18.24
C GLU D 251 -31.53 60.12 -16.84
N PHE D 252 -32.40 61.11 -16.72
CA PHE D 252 -32.64 61.69 -15.43
C PHE D 252 -33.18 60.64 -14.46
N ASN D 253 -34.12 59.83 -14.90
CA ASN D 253 -34.66 58.82 -14.02
C ASN D 253 -33.59 57.84 -13.57
N ALA D 254 -32.74 57.43 -14.51
CA ALA D 254 -31.65 56.50 -14.22
C ALA D 254 -30.83 56.96 -13.02
N LYS D 255 -30.52 58.26 -12.96
CA LYS D 255 -29.74 58.77 -11.84
C LYS D 255 -30.61 58.96 -10.60
N ALA D 256 -31.56 59.88 -10.71
CA ALA D 256 -32.44 60.23 -9.60
C ALA D 256 -33.36 59.19 -9.00
N ASN D 257 -34.27 58.65 -9.79
CA ASN D 257 -35.20 57.67 -9.24
C ASN D 257 -35.59 56.55 -10.18
N ASP D 258 -34.98 55.39 -9.99
CA ASP D 258 -35.26 54.22 -10.79
C ASP D 258 -35.10 53.03 -9.85
N VAL D 259 -35.26 51.82 -10.37
CA VAL D 259 -35.12 50.63 -9.53
C VAL D 259 -33.74 50.60 -8.87
N ASN D 260 -32.70 50.68 -9.68
CA ASN D 260 -31.33 50.65 -9.18
C ASN D 260 -30.72 52.06 -9.17
N SER D 261 -31.58 53.07 -9.11
CA SER D 261 -31.13 54.46 -9.10
C SER D 261 -30.00 54.64 -8.09
N ASN D 262 -29.11 55.59 -8.37
CA ASN D 262 -27.98 55.87 -7.49
C ASN D 262 -28.25 57.02 -6.53
N GLY D 263 -28.59 58.19 -7.07
CA GLY D 263 -28.85 59.38 -6.28
C GLY D 263 -28.54 60.63 -7.09
N ILE D 264 -27.66 61.48 -6.60
CA ILE D 264 -27.32 62.69 -7.34
C ILE D 264 -25.85 63.10 -7.20
N GLU D 265 -25.34 63.12 -5.97
CA GLU D 265 -23.95 63.51 -5.74
C GLU D 265 -23.75 64.86 -6.42
N TRP D 266 -24.12 65.92 -5.70
CA TRP D 266 -23.98 67.24 -6.24
C TRP D 266 -22.52 67.57 -6.54
N SER D 267 -21.61 66.69 -6.14
CA SER D 267 -20.19 66.90 -6.35
C SER D 267 -19.80 66.44 -7.76
N ASN D 268 -20.75 65.80 -8.44
CA ASN D 268 -20.57 65.30 -9.79
C ASN D 268 -21.07 66.35 -10.80
N GLU D 269 -20.15 67.01 -11.51
CA GLU D 269 -20.53 68.05 -12.47
C GLU D 269 -21.60 67.58 -13.43
N ASN D 270 -21.47 66.36 -13.92
CA ASN D 270 -22.43 65.82 -14.87
C ASN D 270 -23.84 65.77 -14.31
N ASP D 271 -23.98 65.24 -13.09
CA ASP D 271 -25.26 65.15 -12.45
C ASP D 271 -25.84 66.54 -12.25
N ARG D 272 -25.00 67.49 -11.87
CA ARG D 272 -25.47 68.84 -11.69
C ARG D 272 -26.05 69.42 -12.99
N LEU D 273 -25.36 69.16 -14.11
CA LEU D 273 -25.83 69.66 -15.40
C LEU D 273 -27.17 69.01 -15.73
N LEU D 274 -27.26 67.71 -15.52
CA LEU D 274 -28.50 67.02 -15.82
C LEU D 274 -29.66 67.66 -15.07
N VAL D 275 -29.44 67.98 -13.80
CA VAL D 275 -30.49 68.61 -13.03
C VAL D 275 -30.82 69.96 -13.64
N CYS D 276 -29.81 70.72 -14.02
CA CYS D 276 -30.05 72.02 -14.60
C CYS D 276 -30.83 71.92 -15.89
N GLN D 277 -30.54 70.89 -16.66
CA GLN D 277 -31.23 70.73 -17.93
C GLN D 277 -32.68 70.35 -17.73
N VAL D 278 -32.93 69.43 -16.80
CA VAL D 278 -34.29 69.02 -16.50
C VAL D 278 -35.09 70.24 -15.99
N CYS D 279 -34.38 71.22 -15.43
CA CYS D 279 -35.01 72.41 -14.92
C CYS D 279 -35.52 73.30 -16.06
N ILE D 280 -34.65 73.77 -16.97
CA ILE D 280 -35.14 74.61 -18.09
C ILE D 280 -36.17 73.79 -18.83
N LYS D 281 -35.93 72.48 -18.92
CA LYS D 281 -36.87 71.61 -19.62
C LYS D 281 -38.28 71.83 -19.08
N LEU D 282 -38.40 71.84 -17.75
CA LEU D 282 -39.68 72.04 -17.08
C LEU D 282 -40.13 73.49 -17.20
N ALA D 283 -39.20 74.41 -16.96
CA ALA D 283 -39.54 75.81 -17.05
C ALA D 283 -39.97 76.21 -18.46
N ASP D 284 -39.51 75.48 -19.48
CA ASP D 284 -39.86 75.82 -20.86
C ASP D 284 -41.29 75.43 -21.16
N ILE D 285 -41.80 74.43 -20.44
CA ILE D 285 -43.17 73.99 -20.65
C ILE D 285 -44.02 74.06 -19.36
N ASN D 286 -43.79 75.10 -18.56
CA ASN D 286 -44.52 75.25 -17.31
C ASN D 286 -45.99 75.54 -17.51
N GLY D 287 -46.39 75.88 -18.72
CA GLY D 287 -47.79 76.18 -18.99
C GLY D 287 -48.84 75.44 -18.17
N PRO D 288 -49.11 74.17 -18.51
CA PRO D 288 -50.11 73.41 -17.77
C PRO D 288 -49.79 73.11 -16.31
N ALA D 289 -48.81 73.81 -15.74
CA ALA D 289 -48.46 73.59 -14.35
C ALA D 289 -48.69 74.86 -13.55
N LYS D 290 -49.25 75.85 -14.21
CA LYS D 290 -49.58 77.11 -13.55
C LYS D 290 -51.08 77.09 -13.26
N VAL D 291 -51.58 78.20 -12.73
CA VAL D 291 -53.00 78.30 -12.42
C VAL D 291 -53.81 78.35 -13.72
N ARG D 292 -55.07 77.92 -13.67
CA ARG D 292 -55.95 77.90 -14.83
C ARG D 292 -55.84 79.18 -15.66
N ASP D 293 -55.97 80.32 -15.01
CA ASP D 293 -55.86 81.60 -15.69
C ASP D 293 -54.66 81.59 -16.65
N LEU D 294 -53.47 81.48 -16.09
CA LEU D 294 -52.21 81.46 -16.84
C LEU D 294 -52.13 80.35 -17.86
N HIS D 295 -52.49 79.14 -17.47
CA HIS D 295 -52.43 78.00 -18.38
C HIS D 295 -53.14 78.29 -19.70
N LEU D 296 -54.39 78.75 -19.61
CA LEU D 296 -55.17 79.04 -20.80
C LEU D 296 -54.57 80.14 -21.66
N LYS D 297 -54.18 81.24 -21.03
CA LYS D 297 -53.59 82.36 -21.77
C LYS D 297 -52.39 81.91 -22.62
N TRP D 298 -51.59 80.97 -22.10
CA TRP D 298 -50.42 80.44 -22.82
C TRP D 298 -50.94 79.53 -23.95
N THR D 299 -51.88 78.65 -23.62
CA THR D 299 -52.44 77.72 -24.59
C THR D 299 -52.91 78.50 -25.81
N GLU D 300 -53.48 79.67 -25.55
CA GLU D 300 -53.98 80.50 -26.62
C GLU D 300 -52.85 80.87 -27.58
N GLY D 301 -51.75 81.42 -27.04
CA GLY D 301 -50.63 81.81 -27.88
C GLY D 301 -50.03 80.68 -28.71
N ILE D 302 -49.96 79.48 -28.14
CA ILE D 302 -49.38 78.34 -28.83
C ILE D 302 -50.21 77.90 -30.03
N VAL D 303 -51.51 77.73 -29.81
CA VAL D 303 -52.38 77.32 -30.89
C VAL D 303 -52.42 78.39 -31.98
N ASN D 304 -52.52 79.66 -31.62
CA ASN D 304 -52.54 80.70 -32.64
C ASN D 304 -51.31 80.59 -33.54
N GLU D 305 -50.18 80.30 -32.92
CA GLU D 305 -48.93 80.16 -33.66
C GLU D 305 -48.98 78.88 -34.49
N PHE D 306 -49.43 77.79 -33.89
CA PHE D 306 -49.54 76.54 -34.60
C PHE D 306 -50.37 76.71 -35.88
N TYR D 307 -51.44 77.49 -35.77
CA TYR D 307 -52.36 77.79 -36.87
C TYR D 307 -51.67 78.63 -37.92
N GLU D 308 -50.94 79.66 -37.48
CA GLU D 308 -50.22 80.51 -38.41
C GLU D 308 -49.27 79.65 -39.25
N GLN D 309 -48.79 78.56 -38.66
CA GLN D 309 -47.90 77.66 -39.38
C GLN D 309 -48.71 76.86 -40.40
N GLY D 310 -49.84 76.32 -39.94
CA GLY D 310 -50.71 75.57 -40.82
C GLY D 310 -51.08 76.36 -42.06
N ASP D 311 -51.26 77.66 -41.89
CA ASP D 311 -51.61 78.51 -43.00
C ASP D 311 -50.50 78.46 -44.03
N GLU D 312 -49.27 78.71 -43.58
CA GLU D 312 -48.11 78.68 -44.48
C GLU D 312 -47.90 77.31 -45.09
N GLU D 313 -48.24 76.27 -44.33
CA GLU D 313 -48.08 74.91 -44.84
C GLU D 313 -49.00 74.76 -46.03
N ALA D 314 -50.18 75.38 -45.93
CA ALA D 314 -51.17 75.35 -47.00
C ALA D 314 -50.68 76.16 -48.18
N ASN D 315 -50.22 77.38 -47.94
CA ASN D 315 -49.74 78.21 -49.04
C ASN D 315 -48.55 77.58 -49.72
N LEU D 316 -48.02 76.52 -49.14
CA LEU D 316 -46.88 75.84 -49.73
C LEU D 316 -47.31 74.52 -50.34
N GLY D 317 -48.58 74.20 -50.18
CA GLY D 317 -49.09 72.96 -50.73
C GLY D 317 -48.59 71.77 -49.94
N LEU D 318 -48.59 71.89 -48.63
CA LEU D 318 -48.14 70.80 -47.79
C LEU D 318 -49.23 70.40 -46.85
N PRO D 319 -49.28 69.12 -46.48
CA PRO D 319 -50.29 68.59 -45.58
C PRO D 319 -50.25 69.39 -44.28
N ILE D 320 -51.39 69.87 -43.81
CA ILE D 320 -51.41 70.63 -42.56
C ILE D 320 -51.03 69.68 -41.42
N SER D 321 -50.11 70.12 -40.59
CA SER D 321 -49.64 69.33 -39.47
C SER D 321 -50.70 69.21 -38.38
N PRO D 322 -50.76 68.04 -37.73
CA PRO D 322 -51.73 67.77 -36.67
C PRO D 322 -51.95 68.94 -35.72
N PHE D 323 -53.20 69.22 -35.42
CA PHE D 323 -53.55 70.30 -34.52
C PHE D 323 -53.21 71.69 -35.04
N MET D 324 -52.68 71.78 -36.25
CA MET D 324 -52.32 73.09 -36.77
C MET D 324 -53.32 73.68 -37.77
N ASP D 325 -54.40 72.96 -38.00
CA ASP D 325 -55.43 73.38 -38.94
C ASP D 325 -56.57 74.07 -38.20
N ARG D 326 -56.65 75.39 -38.31
CA ARG D 326 -57.69 76.16 -37.61
C ARG D 326 -59.11 75.85 -38.04
N SER D 327 -59.28 75.39 -39.28
CA SER D 327 -60.59 75.05 -39.78
C SER D 327 -60.89 73.61 -39.37
N SER D 328 -60.31 73.17 -38.26
CA SER D 328 -60.51 71.81 -37.77
C SER D 328 -59.68 71.59 -36.50
N PRO D 329 -59.72 72.56 -35.57
CA PRO D 329 -58.98 72.51 -34.29
C PRO D 329 -59.34 71.33 -33.42
N GLN D 330 -58.39 70.93 -32.58
CA GLN D 330 -58.60 69.83 -31.67
C GLN D 330 -57.90 70.12 -30.35
N LEU D 331 -58.03 71.39 -29.96
CA LEU D 331 -57.44 71.92 -28.76
C LEU D 331 -57.50 70.98 -27.56
N ALA D 332 -58.70 70.54 -27.19
CA ALA D 332 -58.84 69.64 -26.06
C ALA D 332 -57.95 68.41 -26.19
N LYS D 333 -57.95 67.80 -27.38
CA LYS D 333 -57.14 66.61 -27.62
C LYS D 333 -55.65 66.90 -27.47
N LEU D 334 -55.25 68.06 -28.01
CA LEU D 334 -53.88 68.54 -27.96
C LEU D 334 -53.38 68.63 -26.52
N GLN D 335 -53.93 69.58 -25.77
CA GLN D 335 -53.54 69.76 -24.38
C GLN D 335 -53.61 68.48 -23.58
N GLU D 336 -54.67 67.71 -23.77
CA GLU D 336 -54.82 66.47 -23.04
C GLU D 336 -53.58 65.60 -23.24
N SER D 337 -53.23 65.37 -24.51
CA SER D 337 -52.07 64.55 -24.86
C SER D 337 -50.76 65.11 -24.33
N PHE D 338 -50.57 66.42 -24.51
CA PHE D 338 -49.36 67.08 -24.06
C PHE D 338 -49.16 66.93 -22.56
N ILE D 339 -50.20 67.19 -21.80
CA ILE D 339 -50.12 67.09 -20.36
C ILE D 339 -49.96 65.63 -19.95
N THR D 340 -50.24 64.70 -20.83
CA THR D 340 -50.14 63.31 -20.45
C THR D 340 -48.84 62.65 -20.83
N HIS D 341 -48.31 62.98 -22.00
CA HIS D 341 -47.08 62.37 -22.48
C HIS D 341 -45.82 63.22 -22.35
N ILE D 342 -45.98 64.49 -22.05
CA ILE D 342 -44.82 65.34 -21.92
C ILE D 342 -44.66 66.02 -20.56
N VAL D 343 -45.39 67.11 -20.32
CA VAL D 343 -45.29 67.80 -19.04
C VAL D 343 -45.59 66.88 -17.86
N GLY D 344 -46.57 66.02 -18.02
CA GLY D 344 -46.93 65.10 -16.97
C GLY D 344 -45.77 64.29 -16.45
N PRO D 345 -45.30 63.32 -17.23
CA PRO D 345 -44.17 62.49 -16.78
C PRO D 345 -42.94 63.29 -16.32
N LEU D 346 -42.72 64.47 -16.89
CA LEU D 346 -41.58 65.28 -16.51
C LEU D 346 -41.73 65.73 -15.07
N CYS D 347 -42.85 66.37 -14.75
CA CYS D 347 -43.06 66.81 -13.37
C CYS D 347 -43.01 65.67 -12.38
N ASN D 348 -43.54 64.53 -12.75
CA ASN D 348 -43.53 63.41 -11.83
C ASN D 348 -42.11 63.01 -11.55
N SER D 349 -41.34 62.83 -12.62
CA SER D 349 -39.95 62.45 -12.51
C SER D 349 -39.16 63.44 -11.65
N TYR D 350 -39.37 64.73 -11.92
CA TYR D 350 -38.69 65.77 -11.19
C TYR D 350 -39.16 65.79 -9.75
N ASP D 351 -40.41 65.42 -9.54
CA ASP D 351 -41.00 65.42 -8.21
C ASP D 351 -40.47 64.23 -7.42
N ALA D 352 -40.37 63.09 -8.10
CA ALA D 352 -39.89 61.86 -7.48
C ALA D 352 -38.48 62.08 -6.97
N ALA D 353 -37.71 62.90 -7.66
CA ALA D 353 -36.36 63.18 -7.24
C ALA D 353 -36.38 64.12 -6.04
N GLY D 354 -37.56 64.65 -5.72
CA GLY D 354 -37.70 65.56 -4.60
C GLY D 354 -36.96 66.86 -4.77
N LEU D 355 -37.00 67.43 -5.97
CA LEU D 355 -36.31 68.69 -6.26
C LEU D 355 -37.31 69.82 -6.46
N LEU D 356 -38.59 69.52 -6.23
CA LEU D 356 -39.65 70.51 -6.44
C LEU D 356 -40.03 71.31 -5.22
N PRO D 357 -40.02 72.64 -5.34
CA PRO D 357 -40.40 73.47 -4.18
C PRO D 357 -41.74 73.00 -3.67
N GLY D 358 -42.01 73.25 -2.39
CA GLY D 358 -43.27 72.82 -1.82
C GLY D 358 -43.24 73.03 -0.32
N GLN D 359 -44.24 72.52 0.38
CA GLN D 359 -44.27 72.66 1.83
C GLN D 359 -44.82 71.42 2.48
N TRP D 360 -44.30 71.16 3.69
CA TRP D 360 -44.71 70.00 4.46
C TRP D 360 -46.16 70.21 4.89
N LEU D 361 -46.91 69.11 4.93
CA LEU D 361 -48.31 69.18 5.34
C LEU D 361 -48.48 69.16 6.88
N GLU D 362 -47.80 68.22 7.53
CA GLU D 362 -47.89 68.06 8.97
C GLU D 362 -46.53 68.22 9.66
N ALA D 363 -46.51 67.96 10.97
CA ALA D 363 -45.30 68.04 11.78
C ALA D 363 -44.34 66.90 11.36
N GLU D 364 -43.22 66.74 12.07
CA GLU D 364 -42.25 65.68 11.75
C GLU D 364 -42.59 64.37 12.47
N GLU D 365 -43.40 64.48 13.51
CA GLU D 365 -43.83 63.32 14.29
C GLU D 365 -45.12 62.75 13.67
N ASP D 366 -45.10 62.56 12.35
CA ASP D 366 -46.24 62.03 11.59
C ASP D 366 -46.57 60.55 11.87
N ASN D 367 -46.75 60.21 13.15
CA ASN D 367 -47.07 58.85 13.58
C ASN D 367 -48.51 58.77 14.14
N ASP D 368 -49.25 57.76 13.67
CA ASP D 368 -50.65 57.54 14.04
C ASP D 368 -50.84 56.16 14.73
N THR D 369 -51.18 56.18 16.03
CA THR D 369 -51.40 54.97 16.83
C THR D 369 -52.86 54.47 16.78
N GLU D 370 -53.59 54.91 15.75
CA GLU D 370 -55.00 54.56 15.51
C GLU D 370 -55.44 54.84 14.05
N SER D 371 -54.94 54.03 13.11
CA SER D 371 -55.28 54.16 11.68
C SER D 371 -55.90 52.89 11.08
N SER D 400 -39.24 61.89 2.93
CA SER D 400 -38.78 60.51 3.26
C SER D 400 -39.95 59.56 3.58
N ARG D 401 -41.11 60.15 3.87
CA ARG D 401 -42.35 59.42 4.18
C ARG D 401 -43.52 60.38 4.49
N ARG D 402 -43.21 61.54 5.07
CA ARG D 402 -44.26 62.53 5.40
C ARG D 402 -44.89 63.07 4.12
N ARG D 403 -46.03 63.74 4.26
CA ARG D 403 -46.71 64.28 3.07
C ARG D 403 -46.42 65.76 2.84
N ILE D 404 -46.17 66.08 1.56
CA ILE D 404 -45.85 67.43 1.16
C ILE D 404 -46.86 67.89 0.10
N PHE D 405 -47.05 69.20 0.00
CA PHE D 405 -47.95 69.79 -0.98
C PHE D 405 -47.14 70.58 -1.99
N CYS D 406 -47.16 70.11 -3.23
CA CYS D 406 -46.44 70.76 -4.31
C CYS D 406 -47.46 71.55 -5.14
N GLN D 407 -47.34 72.87 -5.12
CA GLN D 407 -48.26 73.72 -5.84
C GLN D 407 -48.38 73.37 -7.33
N LEU D 408 -47.29 73.42 -8.08
CA LEU D 408 -47.37 73.12 -9.51
C LEU D 408 -47.74 71.66 -9.80
N MET D 409 -47.66 70.82 -8.79
CA MET D 409 -47.99 69.43 -8.99
C MET D 409 -49.51 69.29 -9.05
N HIS D 410 -50.22 70.11 -8.28
CA HIS D 410 -51.68 70.06 -8.27
C HIS D 410 -52.25 70.83 -9.46
N HIS D 411 -51.68 72.00 -9.76
CA HIS D 411 -52.14 72.78 -10.91
C HIS D 411 -52.18 71.87 -12.13
N LEU D 412 -51.24 70.95 -12.20
CA LEU D 412 -51.16 70.04 -13.32
C LEU D 412 -52.36 69.10 -13.35
N THR D 413 -52.73 68.55 -12.19
CA THR D 413 -53.86 67.63 -12.10
C THR D 413 -55.16 68.33 -12.43
N GLU D 414 -55.27 69.56 -11.97
CA GLU D 414 -56.46 70.38 -12.20
C GLU D 414 -56.61 70.70 -13.69
N ASN D 415 -55.63 71.38 -14.27
CA ASN D 415 -55.71 71.71 -15.68
C ASN D 415 -55.99 70.50 -16.55
N HIS D 416 -55.48 69.35 -16.14
CA HIS D 416 -55.68 68.14 -16.93
C HIS D 416 -57.17 67.86 -17.08
N LYS D 417 -57.91 68.04 -15.99
CA LYS D 417 -59.35 67.81 -16.01
C LYS D 417 -60.06 68.58 -17.12
N ILE D 418 -59.84 69.90 -17.18
CA ILE D 418 -60.50 70.71 -18.19
C ILE D 418 -60.09 70.44 -19.66
N TRP D 419 -59.65 69.23 -19.97
CA TRP D 419 -59.25 68.85 -21.33
C TRP D 419 -59.66 67.40 -21.63
N LYS D 420 -59.85 66.60 -20.58
CA LYS D 420 -60.26 65.22 -20.76
C LYS D 420 -61.66 65.14 -21.34
N LEU E 6 34.29 13.90 53.31
CA LEU E 6 33.82 12.54 52.87
C LEU E 6 32.78 11.97 53.85
N ASP E 7 33.01 12.16 55.14
CA ASP E 7 32.10 11.69 56.20
C ASP E 7 30.72 12.29 56.01
N LEU E 8 30.65 13.62 55.87
CA LEU E 8 29.38 14.33 55.65
C LEU E 8 28.78 13.95 54.28
N ILE E 9 29.64 13.82 53.27
CA ILE E 9 29.21 13.46 51.91
C ILE E 9 28.46 12.12 51.88
N LEU E 10 28.91 11.17 52.70
CA LEU E 10 28.29 9.84 52.79
C LEU E 10 26.97 9.91 53.57
N VAL E 11 26.93 10.73 54.61
CA VAL E 11 25.71 10.90 55.41
C VAL E 11 24.63 11.58 54.58
N GLU E 12 25.03 12.54 53.75
CA GLU E 12 24.08 13.23 52.89
C GLU E 12 23.45 12.24 51.91
N GLU E 13 24.28 11.36 51.34
CA GLU E 13 23.79 10.36 50.40
C GLU E 13 22.75 9.45 51.05
N TYR E 14 22.99 9.07 52.30
CA TYR E 14 22.06 8.20 53.02
C TYR E 14 20.72 8.90 53.21
N ASP E 15 20.76 10.12 53.73
CA ASP E 15 19.53 10.87 53.95
C ASP E 15 18.79 11.08 52.64
N SER E 16 19.55 11.33 51.58
CA SER E 16 19.00 11.55 50.26
C SER E 16 18.18 10.33 49.84
N LEU E 17 18.84 9.17 49.84
CA LEU E 17 18.20 7.92 49.45
C LEU E 17 16.97 7.64 50.28
N ILE E 18 17.10 7.67 51.59
CA ILE E 18 15.96 7.40 52.46
C ILE E 18 14.79 8.30 52.12
N GLU E 19 15.07 9.55 51.79
CA GLU E 19 13.99 10.45 51.45
C GLU E 19 13.31 9.97 50.17
N LYS E 20 14.11 9.60 49.17
CA LYS E 20 13.60 9.09 47.90
C LYS E 20 12.80 7.82 48.11
N MET E 21 13.39 6.86 48.79
CA MET E 21 12.75 5.59 49.06
C MET E 21 11.53 5.67 49.95
N SER E 22 11.30 6.82 50.57
CA SER E 22 10.14 6.93 51.46
C SER E 22 8.83 7.00 50.72
N ASN E 23 8.91 7.23 49.41
CA ASN E 23 7.72 7.28 48.57
C ASN E 23 7.48 5.90 48.00
N TRP E 24 6.24 5.45 48.01
CA TRP E 24 5.92 4.15 47.43
C TRP E 24 6.34 4.14 45.95
N ASN E 25 6.24 5.30 45.30
CA ASN E 25 6.63 5.39 43.91
C ASN E 25 8.07 5.84 43.82
N PHE E 26 8.92 5.15 44.56
CA PHE E 26 10.34 5.45 44.59
C PHE E 26 10.91 5.41 43.16
N PRO E 27 11.48 6.54 42.69
CA PRO E 27 12.06 6.65 41.35
C PRO E 27 13.36 5.85 41.21
N ILE E 28 13.23 4.54 41.37
CA ILE E 28 14.37 3.65 41.29
C ILE E 28 15.20 3.82 40.03
N PHE E 29 14.56 4.08 38.89
CA PHE E 29 15.33 4.22 37.65
C PHE E 29 16.20 5.46 37.65
N GLU E 30 15.82 6.45 38.45
CA GLU E 30 16.59 7.68 38.55
C GLU E 30 17.86 7.36 39.31
N LEU E 31 17.71 6.62 40.41
CA LEU E 31 18.86 6.22 41.24
C LEU E 31 19.84 5.51 40.33
N VAL E 32 19.35 4.59 39.51
CA VAL E 32 20.20 3.85 38.60
C VAL E 32 21.05 4.82 37.78
N GLU E 33 20.45 5.95 37.39
CA GLU E 33 21.18 6.93 36.61
C GLU E 33 22.18 7.69 37.46
N LYS E 34 21.76 8.12 38.63
CA LYS E 34 22.64 8.86 39.53
C LYS E 34 23.90 8.04 39.83
N MET E 35 23.76 6.74 40.02
CA MET E 35 24.93 5.90 40.32
C MET E 35 25.88 5.75 39.13
N GLY E 36 25.38 6.03 37.93
CA GLY E 36 26.22 5.92 36.75
C GLY E 36 26.95 4.60 36.62
N GLU E 37 28.27 4.66 36.53
CA GLU E 37 29.08 3.46 36.40
C GLU E 37 29.05 2.55 37.62
N LYS E 38 28.67 3.10 38.76
CA LYS E 38 28.60 2.29 39.96
C LYS E 38 27.18 1.72 40.12
N SER E 39 26.43 1.81 39.03
CA SER E 39 25.05 1.34 38.96
C SER E 39 24.91 -0.12 39.38
N GLY E 40 25.91 -0.93 39.06
CA GLY E 40 25.84 -2.35 39.39
C GLY E 40 25.85 -2.71 40.86
N ARG E 41 26.00 -1.72 41.73
CA ARG E 41 26.03 -1.97 43.15
C ARG E 41 24.77 -1.43 43.81
N ILE E 42 23.72 -1.22 43.02
CA ILE E 42 22.47 -0.68 43.54
C ILE E 42 21.79 -1.57 44.58
N LEU E 43 21.77 -2.88 44.35
CA LEU E 43 21.12 -3.78 45.29
C LEU E 43 21.83 -3.81 46.65
N SER E 44 23.15 -3.88 46.64
CA SER E 44 23.92 -3.90 47.89
C SER E 44 23.78 -2.57 48.64
N GLN E 45 23.85 -1.46 47.91
CA GLN E 45 23.69 -0.14 48.51
C GLN E 45 22.31 0.06 49.15
N VAL E 46 21.28 -0.41 48.47
CA VAL E 46 19.94 -0.26 48.99
C VAL E 46 19.76 -1.17 50.20
N MET E 47 20.36 -2.35 50.13
CA MET E 47 20.29 -3.31 51.24
C MET E 47 20.94 -2.72 52.49
N TYR E 48 22.10 -2.10 52.29
CA TYR E 48 22.81 -1.50 53.40
C TYR E 48 21.96 -0.37 54.01
N THR E 49 21.48 0.52 53.14
CA THR E 49 20.65 1.63 53.57
C THR E 49 19.43 1.16 54.36
N LEU E 50 18.78 0.11 53.89
CA LEU E 50 17.60 -0.39 54.59
C LEU E 50 17.93 -1.09 55.89
N PHE E 51 19.00 -1.88 55.89
CA PHE E 51 19.37 -2.57 57.10
C PHE E 51 19.77 -1.58 58.20
N GLN E 52 20.17 -0.38 57.79
CA GLN E 52 20.50 0.66 58.75
C GLN E 52 19.22 1.29 59.24
N ASP E 53 18.43 1.80 58.30
CA ASP E 53 17.15 2.42 58.61
C ASP E 53 16.27 1.50 59.47
N THR E 54 16.45 0.20 59.32
CA THR E 54 15.70 -0.78 60.09
C THR E 54 16.31 -1.07 61.45
N GLY E 55 17.63 -0.97 61.51
CA GLY E 55 18.33 -1.24 62.75
C GLY E 55 18.76 -2.70 62.83
N LEU E 56 18.41 -3.47 61.81
CA LEU E 56 18.77 -4.88 61.80
C LEU E 56 20.25 -5.10 62.01
N LEU E 57 21.10 -4.24 61.43
CA LEU E 57 22.54 -4.40 61.58
C LEU E 57 22.93 -4.49 63.04
N GLU E 58 22.35 -3.61 63.86
CA GLU E 58 22.65 -3.61 65.27
C GLU E 58 21.92 -4.73 66.01
N ILE E 59 20.63 -4.88 65.74
CA ILE E 59 19.83 -5.91 66.40
C ILE E 59 20.45 -7.30 66.28
N PHE E 60 21.14 -7.57 65.19
CA PHE E 60 21.77 -8.87 64.98
C PHE E 60 23.27 -8.80 64.84
N LYS E 61 23.88 -7.76 65.42
CA LYS E 61 25.33 -7.61 65.38
C LYS E 61 25.91 -8.05 64.05
N ILE E 62 25.45 -7.44 62.96
CA ILE E 62 25.94 -7.83 61.63
C ILE E 62 27.16 -7.03 61.21
N PRO E 63 28.30 -7.71 61.04
CA PRO E 63 29.53 -7.03 60.63
C PRO E 63 29.37 -6.40 59.25
N THR E 64 29.61 -5.10 59.15
CA THR E 64 29.46 -4.39 57.91
C THR E 64 30.20 -4.99 56.72
N GLN E 65 31.41 -5.47 56.96
CA GLN E 65 32.21 -6.05 55.89
C GLN E 65 31.61 -7.27 55.21
N GLN E 66 31.35 -8.33 55.98
CA GLN E 66 30.78 -9.53 55.41
C GLN E 66 29.45 -9.26 54.69
N PHE E 67 28.62 -8.43 55.33
CA PHE E 67 27.33 -8.05 54.78
C PHE E 67 27.55 -7.56 53.37
N MET E 68 28.34 -6.51 53.22
CA MET E 68 28.59 -5.97 51.90
C MET E 68 29.28 -6.98 51.01
N ASN E 69 30.12 -7.84 51.56
CA ASN E 69 30.80 -8.82 50.73
C ASN E 69 29.82 -9.72 50.01
N TYR E 70 28.88 -10.27 50.77
CA TYR E 70 27.88 -11.19 50.23
C TYR E 70 26.95 -10.50 49.26
N PHE E 71 26.31 -9.43 49.69
CA PHE E 71 25.38 -8.76 48.79
C PHE E 71 26.05 -8.17 47.57
N ARG E 72 27.32 -7.79 47.66
CA ARG E 72 27.95 -7.27 46.47
C ARG E 72 28.09 -8.44 45.51
N ALA E 73 28.27 -9.63 46.07
CA ALA E 73 28.46 -10.85 45.29
C ALA E 73 27.12 -11.32 44.72
N LEU E 74 26.11 -11.30 45.58
CA LEU E 74 24.79 -11.71 45.18
C LEU E 74 24.39 -10.88 43.97
N GLU E 75 24.60 -9.57 44.04
CA GLU E 75 24.25 -8.70 42.92
C GLU E 75 24.78 -9.21 41.62
N ASN E 76 26.08 -9.51 41.60
CA ASN E 76 26.68 -9.96 40.35
C ASN E 76 26.05 -11.22 39.82
N GLY E 77 25.28 -11.90 40.66
CA GLY E 77 24.63 -13.13 40.23
C GLY E 77 23.50 -12.84 39.26
N TYR E 78 22.93 -11.63 39.37
CA TYR E 78 21.85 -11.22 38.49
C TYR E 78 22.37 -10.89 37.11
N ARG E 79 21.90 -11.64 36.12
CA ARG E 79 22.28 -11.48 34.71
C ARG E 79 21.84 -10.16 34.14
N ASP E 80 22.40 -9.82 33.00
CA ASP E 80 22.05 -8.57 32.35
C ASP E 80 20.92 -8.82 31.35
N ILE E 81 19.74 -9.09 31.89
CA ILE E 81 18.57 -9.37 31.08
C ILE E 81 17.57 -8.21 31.30
N PRO E 82 16.65 -8.00 30.34
CA PRO E 82 15.64 -6.94 30.38
C PRO E 82 14.77 -6.77 31.61
N TYR E 83 14.46 -7.84 32.33
CA TYR E 83 13.62 -7.65 33.50
C TYR E 83 14.10 -8.26 34.79
N HIS E 84 14.34 -9.55 34.80
CA HIS E 84 14.79 -10.23 36.01
C HIS E 84 16.26 -9.97 36.34
N ASN E 85 16.55 -8.71 36.67
CA ASN E 85 17.90 -8.28 36.98
C ASN E 85 17.97 -7.67 38.38
N ARG E 86 19.16 -7.23 38.78
CA ARG E 86 19.36 -6.64 40.10
C ARG E 86 18.45 -5.46 40.40
N ILE E 87 18.05 -4.70 39.37
CA ILE E 87 17.15 -3.56 39.59
C ILE E 87 15.78 -4.09 40.03
N HIS E 88 15.34 -5.17 39.41
CA HIS E 88 14.05 -5.77 39.79
C HIS E 88 14.14 -6.18 41.26
N ALA E 89 15.19 -6.94 41.61
CA ALA E 89 15.38 -7.39 42.97
C ALA E 89 15.34 -6.20 43.93
N THR E 90 16.06 -5.14 43.58
CA THR E 90 16.08 -3.97 44.43
C THR E 90 14.66 -3.46 44.63
N ASP E 91 13.89 -3.37 43.55
CA ASP E 91 12.50 -2.90 43.61
C ASP E 91 11.67 -3.81 44.53
N VAL E 92 11.77 -5.12 44.34
CA VAL E 92 11.01 -6.02 45.19
C VAL E 92 11.40 -5.82 46.66
N LEU E 93 12.68 -5.54 46.90
CA LEU E 93 13.20 -5.31 48.26
C LEU E 93 12.51 -4.08 48.83
N HIS E 94 12.63 -2.96 48.13
CA HIS E 94 12.03 -1.71 48.56
C HIS E 94 10.54 -1.88 48.87
N ALA E 95 9.86 -2.70 48.08
CA ALA E 95 8.44 -2.92 48.29
C ALA E 95 8.14 -3.63 49.60
N VAL E 96 8.80 -4.77 49.88
CA VAL E 96 8.56 -5.50 51.14
C VAL E 96 8.94 -4.65 52.35
N TRP E 97 9.97 -3.85 52.18
CA TRP E 97 10.39 -3.00 53.26
C TRP E 97 9.26 -2.00 53.53
N TYR E 98 8.84 -1.31 52.49
CA TYR E 98 7.77 -0.32 52.59
C TYR E 98 6.47 -0.93 53.10
N LEU E 99 6.08 -2.07 52.56
CA LEU E 99 4.83 -2.70 52.96
C LEU E 99 4.77 -3.17 54.41
N THR E 100 5.93 -3.39 55.04
CA THR E 100 5.95 -3.88 56.41
C THR E 100 6.44 -2.81 57.38
N THR E 101 6.59 -1.60 56.88
CA THR E 101 7.10 -0.52 57.66
C THR E 101 6.15 0.68 57.84
N ARG E 102 5.62 1.18 56.73
CA ARG E 102 4.73 2.32 56.77
C ARG E 102 3.43 2.05 57.53
N PRO E 103 2.73 3.11 57.94
CA PRO E 103 1.47 3.08 58.68
C PRO E 103 0.31 2.43 57.94
N VAL E 104 -0.36 1.50 58.63
CA VAL E 104 -1.51 0.79 58.11
C VAL E 104 -2.74 1.16 58.91
N PRO E 105 -3.67 1.91 58.29
CA PRO E 105 -4.92 2.37 58.91
C PRO E 105 -5.65 1.27 59.65
N GLY E 106 -5.87 1.50 60.94
CA GLY E 106 -6.59 0.53 61.75
C GLY E 106 -5.91 -0.76 62.14
N LEU E 107 -4.64 -0.92 61.77
CA LEU E 107 -3.92 -2.13 62.11
C LEU E 107 -3.64 -2.24 63.61
N GLN E 108 -4.18 -3.28 64.22
CA GLN E 108 -3.99 -3.52 65.64
C GLN E 108 -2.58 -4.02 65.89
N GLN E 109 -1.78 -3.25 66.64
CA GLN E 109 -0.41 -3.64 66.92
C GLN E 109 -0.28 -4.50 68.16
N ILE E 110 0.04 -5.78 67.97
CA ILE E 110 0.17 -6.73 69.07
C ILE E 110 1.33 -6.37 69.96
N HIS E 111 2.43 -7.12 69.85
CA HIS E 111 3.62 -6.89 70.67
C HIS E 111 4.38 -5.64 70.23
N ASN E 112 3.61 -4.57 70.02
CA ASN E 112 4.12 -3.26 69.58
C ASN E 112 5.25 -2.74 70.46
N GLY E 113 6.49 -3.04 70.06
CA GLY E 113 7.66 -2.57 70.81
C GLY E 113 7.76 -1.05 70.65
N ARG E 130 13.68 -12.68 75.10
CA ARG E 130 13.24 -11.35 74.56
C ARG E 130 13.40 -11.27 73.04
N ILE E 131 12.26 -11.30 72.33
CA ILE E 131 12.20 -11.24 70.86
C ILE E 131 12.35 -9.79 70.40
N ALA E 132 13.22 -9.55 69.42
CA ALA E 132 13.42 -8.19 68.94
C ALA E 132 12.46 -7.84 67.81
N TYR E 133 12.14 -6.55 67.70
CA TYR E 133 11.23 -6.05 66.67
C TYR E 133 11.86 -4.82 66.06
N ILE E 134 11.76 -4.66 64.75
CA ILE E 134 12.36 -3.49 64.14
C ILE E 134 11.40 -2.31 64.12
N SER E 135 11.89 -1.18 63.63
CA SER E 135 11.11 0.04 63.52
C SER E 135 11.89 0.97 62.62
N SER E 136 11.29 1.36 61.50
CA SER E 136 11.97 2.23 60.58
C SER E 136 12.16 3.61 61.18
N LYS E 137 13.36 4.13 60.99
CA LYS E 137 13.73 5.43 61.50
C LYS E 137 13.26 6.49 60.53
N SER E 138 12.67 6.08 59.41
CA SER E 138 12.24 7.05 58.42
C SER E 138 10.74 7.28 58.35
N CYS E 139 10.01 6.80 59.36
CA CYS E 139 8.57 7.01 59.42
C CYS E 139 8.03 6.48 60.75
N SER E 140 6.80 6.86 61.05
CA SER E 140 6.13 6.44 62.30
C SER E 140 4.63 6.63 62.14
N ASN E 141 3.86 5.83 62.87
CA ASN E 141 2.41 5.92 62.80
C ASN E 141 1.94 7.27 63.33
N PRO E 142 1.05 7.95 62.58
CA PRO E 142 0.53 9.26 62.99
C PRO E 142 -0.09 9.23 64.40
N ASP E 143 -0.73 8.11 64.74
CA ASP E 143 -1.36 7.97 66.04
C ASP E 143 -1.84 6.54 66.27
N GLU E 144 -2.57 6.32 67.35
CA GLU E 144 -3.06 4.99 67.67
C GLU E 144 -4.03 4.45 66.61
N SER E 145 -4.46 5.30 65.69
CA SER E 145 -5.37 4.88 64.63
C SER E 145 -4.61 4.05 63.58
N TYR E 146 -3.29 4.03 63.69
CA TYR E 146 -2.45 3.30 62.75
C TYR E 146 -1.66 2.17 63.37
N GLY E 147 -0.96 1.42 62.52
CA GLY E 147 -0.13 0.32 62.97
C GLY E 147 0.78 -0.07 61.81
N CYS E 148 1.59 -1.12 62.01
CA CYS E 148 2.47 -1.58 60.95
C CYS E 148 2.94 -2.97 61.27
N LEU E 149 3.24 -3.75 60.25
CA LEU E 149 3.69 -5.12 60.44
C LEU E 149 4.97 -5.22 61.28
N SER E 150 5.84 -4.21 61.16
CA SER E 150 7.10 -4.21 61.91
C SER E 150 6.84 -4.39 63.41
N SER E 151 5.61 -4.15 63.84
CA SER E 151 5.26 -4.29 65.24
C SER E 151 4.59 -5.60 65.58
N ASN E 152 4.20 -6.36 64.56
CA ASN E 152 3.55 -7.65 64.84
C ASN E 152 4.40 -8.82 64.40
N ILE E 153 5.41 -8.55 63.59
CA ILE E 153 6.29 -9.60 63.11
C ILE E 153 7.70 -9.38 63.62
N PRO E 154 8.25 -10.34 64.38
CA PRO E 154 9.61 -10.25 64.93
C PRO E 154 10.67 -9.87 63.89
N ALA E 155 11.68 -9.12 64.32
CA ALA E 155 12.75 -8.68 63.42
C ALA E 155 13.45 -9.80 62.64
N LEU E 156 13.58 -10.96 63.26
CA LEU E 156 14.24 -12.09 62.60
C LEU E 156 13.50 -12.41 61.33
N GLU E 157 12.18 -12.55 61.47
CA GLU E 157 11.29 -12.87 60.36
C GLU E 157 11.29 -11.80 59.28
N LEU E 158 11.24 -10.54 59.66
CA LEU E 158 11.26 -9.51 58.63
C LEU E 158 12.63 -9.44 57.95
N MET E 159 13.69 -9.82 58.65
CA MET E 159 14.99 -9.76 58.01
C MET E 159 15.06 -10.87 56.98
N ALA E 160 14.42 -11.99 57.27
CA ALA E 160 14.41 -13.12 56.34
C ALA E 160 13.70 -12.67 55.08
N LEU E 161 12.65 -11.89 55.26
CA LEU E 161 11.87 -11.38 54.14
C LEU E 161 12.72 -10.46 53.27
N TYR E 162 13.38 -9.48 53.88
CA TYR E 162 14.23 -8.54 53.16
C TYR E 162 15.34 -9.28 52.41
N VAL E 163 15.96 -10.26 53.05
CA VAL E 163 17.03 -11.02 52.43
C VAL E 163 16.46 -11.87 51.30
N ALA E 164 15.34 -12.52 51.56
CA ALA E 164 14.69 -13.36 50.56
C ALA E 164 14.40 -12.50 49.32
N ALA E 165 13.90 -11.30 49.54
CA ALA E 165 13.60 -10.43 48.44
C ALA E 165 14.84 -10.11 47.61
N ALA E 166 15.98 -9.89 48.28
CA ALA E 166 17.21 -9.56 47.59
C ALA E 166 17.74 -10.70 46.76
N MET E 167 17.44 -11.92 47.16
CA MET E 167 17.92 -13.06 46.43
C MET E 167 16.85 -13.87 45.69
N HIS E 168 15.59 -13.42 45.72
CA HIS E 168 14.51 -14.22 45.08
C HIS E 168 14.59 -14.50 43.59
N ASP E 169 15.28 -13.67 42.81
CA ASP E 169 15.39 -13.96 41.38
C ASP E 169 16.88 -14.15 40.99
N TYR E 170 17.70 -14.50 41.98
CA TYR E 170 19.13 -14.71 41.77
C TYR E 170 19.42 -15.63 40.57
N ASP E 171 20.30 -15.18 39.69
CA ASP E 171 20.70 -15.93 38.50
C ASP E 171 19.56 -16.38 37.58
N HIS E 172 18.61 -15.48 37.36
CA HIS E 172 17.48 -15.77 36.49
C HIS E 172 17.98 -15.81 35.05
N PRO E 173 17.61 -16.85 34.28
CA PRO E 173 18.03 -16.99 32.89
C PRO E 173 17.20 -16.18 31.90
N GLY E 174 16.12 -15.58 32.38
CA GLY E 174 15.26 -14.78 31.53
C GLY E 174 14.34 -15.69 30.72
N ARG E 175 14.00 -16.80 31.34
CA ARG E 175 13.15 -17.78 30.71
C ARG E 175 12.16 -18.26 31.81
N THR E 176 10.99 -18.79 31.43
CA THR E 176 9.99 -19.21 32.40
C THR E 176 10.13 -20.67 32.83
N ASN E 177 9.53 -21.06 33.95
CA ASN E 177 9.63 -22.45 34.37
C ASN E 177 9.04 -23.34 33.29
N ALA E 178 7.96 -22.90 32.68
CA ALA E 178 7.31 -23.68 31.63
C ALA E 178 8.28 -24.00 30.49
N PHE E 179 9.06 -23.00 30.10
CA PHE E 179 10.03 -23.16 29.02
C PHE E 179 11.05 -24.19 29.42
N LEU E 180 11.60 -24.03 30.61
CA LEU E 180 12.59 -24.95 31.10
C LEU E 180 12.03 -26.36 31.15
N VAL E 181 10.84 -26.48 31.71
CA VAL E 181 10.21 -27.80 31.82
C VAL E 181 9.95 -28.43 30.47
N ALA E 182 9.45 -27.62 29.54
CA ALA E 182 9.12 -28.06 28.19
C ALA E 182 10.34 -28.53 27.43
N THR E 183 11.41 -27.75 27.46
CA THR E 183 12.62 -28.08 26.76
C THR E 183 13.51 -29.06 27.52
N ASN E 184 13.00 -29.61 28.63
CA ASN E 184 13.75 -30.53 29.46
C ASN E 184 15.13 -30.01 29.81
N ALA E 185 15.17 -28.74 30.20
CA ALA E 185 16.39 -28.07 30.59
C ALA E 185 16.99 -28.78 31.79
N PRO E 186 18.32 -28.96 31.81
CA PRO E 186 18.95 -29.64 32.93
C PRO E 186 18.46 -29.14 34.28
N GLN E 187 18.24 -27.83 34.38
CA GLN E 187 17.80 -27.25 35.63
C GLN E 187 16.41 -27.74 36.02
N ALA E 188 15.60 -28.04 35.01
CA ALA E 188 14.24 -28.50 35.22
C ALA E 188 14.27 -29.96 35.59
N VAL E 189 15.17 -30.71 34.97
CA VAL E 189 15.31 -32.13 35.29
C VAL E 189 15.87 -32.26 36.69
N LEU E 190 16.76 -31.35 37.05
CA LEU E 190 17.38 -31.36 38.36
C LEU E 190 16.37 -31.19 39.47
N TYR E 191 15.40 -30.29 39.28
CA TYR E 191 14.38 -30.07 40.30
C TYR E 191 13.04 -30.80 40.07
N ASN E 192 13.03 -31.77 39.15
CA ASN E 192 11.85 -32.54 38.85
C ASN E 192 10.66 -31.66 38.47
N ASP E 193 10.92 -30.63 37.67
CA ASP E 193 9.94 -29.67 37.19
C ASP E 193 9.14 -28.93 38.26
N ARG E 194 9.57 -28.96 39.52
CA ARG E 194 8.83 -28.29 40.57
C ARG E 194 9.54 -27.01 40.98
N SER E 195 8.89 -25.87 40.74
CA SER E 195 9.44 -24.56 41.06
C SER E 195 10.90 -24.48 40.62
N VAL E 196 11.18 -24.97 39.43
CA VAL E 196 12.52 -24.98 38.89
C VAL E 196 13.34 -23.73 39.21
N LEU E 197 12.94 -22.59 38.69
CA LEU E 197 13.69 -21.37 38.95
C LEU E 197 13.75 -21.00 40.42
N GLU E 198 12.59 -20.94 41.06
CA GLU E 198 12.54 -20.57 42.46
C GLU E 198 13.47 -21.41 43.32
N ASN E 199 13.52 -22.72 43.07
CA ASN E 199 14.41 -23.57 43.85
C ASN E 199 15.83 -23.15 43.61
N HIS E 200 16.17 -23.04 42.34
CA HIS E 200 17.50 -22.65 41.93
C HIS E 200 17.93 -21.31 42.53
N HIS E 201 17.02 -20.34 42.61
CA HIS E 201 17.41 -19.06 43.19
C HIS E 201 17.83 -19.25 44.63
N ALA E 202 16.96 -19.84 45.43
CA ALA E 202 17.25 -20.06 46.83
C ALA E 202 18.51 -20.91 47.04
N ALA E 203 18.61 -22.02 46.34
CA ALA E 203 19.76 -22.89 46.47
C ALA E 203 21.07 -22.20 46.04
N SER E 204 21.06 -21.52 44.90
CA SER E 204 22.26 -20.85 44.44
C SER E 204 22.77 -19.76 45.38
N ALA E 205 21.82 -19.01 45.93
CA ALA E 205 22.14 -17.91 46.81
C ALA E 205 22.68 -18.42 48.14
N TRP E 206 22.04 -19.45 48.70
CA TRP E 206 22.49 -20.02 49.95
C TRP E 206 23.82 -20.70 49.77
N ASN E 207 24.04 -21.25 48.59
CA ASN E 207 25.30 -21.90 48.33
C ASN E 207 26.39 -20.84 48.31
N LEU E 208 26.12 -19.72 47.65
CA LEU E 208 27.05 -18.61 47.55
C LEU E 208 27.44 -18.17 48.96
N TYR E 209 26.43 -18.04 49.81
CA TYR E 209 26.63 -17.62 51.18
C TYR E 209 27.59 -18.54 51.92
N LEU E 210 27.46 -19.83 51.71
CA LEU E 210 28.34 -20.76 52.39
C LEU E 210 29.68 -20.93 51.67
N SER E 211 29.82 -20.38 50.47
CA SER E 211 31.05 -20.50 49.70
C SER E 211 32.29 -20.00 50.40
N ARG E 212 32.15 -18.88 51.09
CA ARG E 212 33.30 -18.28 51.71
C ARG E 212 32.96 -17.77 53.09
N PRO E 213 33.97 -17.75 53.97
CA PRO E 213 33.72 -17.27 55.31
C PRO E 213 33.54 -15.77 55.34
N GLU E 214 34.05 -15.06 54.34
CA GLU E 214 33.93 -13.60 54.33
C GLU E 214 32.53 -13.12 53.99
N TYR E 215 31.61 -14.06 53.76
CA TYR E 215 30.22 -13.76 53.44
C TYR E 215 29.38 -13.92 54.67
N ASN E 216 29.77 -14.85 55.54
CA ASN E 216 29.03 -15.13 56.75
C ASN E 216 28.77 -13.92 57.64
N PHE E 217 27.73 -13.16 57.34
CA PHE E 217 27.40 -11.97 58.13
C PHE E 217 26.36 -12.27 59.18
N LEU E 218 25.98 -13.53 59.33
CA LEU E 218 25.01 -13.90 60.33
C LEU E 218 25.69 -14.72 61.41
N LEU E 219 27.03 -14.62 61.47
CA LEU E 219 27.84 -15.34 62.45
C LEU E 219 27.38 -15.18 63.88
N HIS E 220 26.77 -14.06 64.22
CA HIS E 220 26.33 -13.88 65.59
C HIS E 220 24.95 -14.41 65.92
N LEU E 221 24.48 -15.38 65.12
CA LEU E 221 23.19 -15.99 65.36
C LEU E 221 23.44 -17.41 65.84
N ASP E 222 22.76 -17.83 66.91
CA ASP E 222 22.98 -19.19 67.38
C ASP E 222 22.45 -20.17 66.35
N HIS E 223 22.97 -21.40 66.38
CA HIS E 223 22.55 -22.42 65.43
C HIS E 223 21.02 -22.50 65.34
N VAL E 224 20.34 -22.23 66.44
CA VAL E 224 18.88 -22.30 66.43
C VAL E 224 18.28 -21.21 65.53
N GLU E 225 18.65 -19.96 65.79
CA GLU E 225 18.15 -18.86 65.00
C GLU E 225 18.51 -19.03 63.54
N PHE E 226 19.78 -19.29 63.26
CA PHE E 226 20.19 -19.46 61.87
C PHE E 226 19.38 -20.53 61.15
N LYS E 227 19.15 -21.65 61.81
CA LYS E 227 18.39 -22.75 61.22
C LYS E 227 17.03 -22.21 60.76
N ARG E 228 16.35 -21.50 61.64
CA ARG E 228 15.05 -20.93 61.34
C ARG E 228 15.13 -19.86 60.27
N PHE E 229 16.13 -18.99 60.37
CA PHE E 229 16.28 -17.93 59.39
C PHE E 229 16.36 -18.49 57.99
N ARG E 230 17.16 -19.52 57.81
CA ARG E 230 17.33 -20.12 56.51
C ARG E 230 15.99 -20.65 56.01
N PHE E 231 15.24 -21.28 56.92
CA PHE E 231 13.93 -21.84 56.59
C PHE E 231 13.05 -20.74 56.07
N LEU E 232 12.92 -19.69 56.88
CA LEU E 232 12.09 -18.57 56.52
C LEU E 232 12.48 -18.02 55.16
N VAL E 233 13.76 -17.83 54.91
CA VAL E 233 14.17 -17.28 53.62
C VAL E 233 13.74 -18.18 52.45
N ILE E 234 13.85 -19.49 52.62
CA ILE E 234 13.48 -20.41 51.58
C ILE E 234 11.97 -20.35 51.33
N GLU E 235 11.18 -20.42 52.40
CA GLU E 235 9.73 -20.34 52.28
C GLU E 235 9.32 -19.08 51.53
N ALA E 236 9.97 -17.96 51.81
CA ALA E 236 9.62 -16.73 51.13
C ALA E 236 9.94 -16.82 49.65
N ILE E 237 11.13 -17.27 49.31
CA ILE E 237 11.49 -17.35 47.91
C ILE E 237 10.63 -18.33 47.15
N LEU E 238 10.43 -19.53 47.68
CA LEU E 238 9.62 -20.48 46.95
C LEU E 238 8.17 -20.05 46.80
N ALA E 239 7.71 -19.13 47.62
CA ALA E 239 6.34 -18.67 47.52
C ALA E 239 6.19 -17.78 46.28
N THR E 240 7.30 -17.37 45.69
CA THR E 240 7.22 -16.51 44.53
C THR E 240 7.01 -17.27 43.24
N ASP E 241 6.65 -18.55 43.33
CA ASP E 241 6.36 -19.35 42.13
C ASP E 241 4.88 -19.15 41.81
N LEU E 242 4.60 -18.46 40.71
CA LEU E 242 3.23 -18.20 40.33
C LEU E 242 2.34 -19.42 40.15
N LYS E 243 2.91 -20.55 39.76
CA LYS E 243 2.09 -21.75 39.59
C LYS E 243 1.36 -22.07 40.89
N LYS E 244 1.82 -21.52 42.01
CA LYS E 244 1.17 -21.81 43.28
C LYS E 244 0.39 -20.60 43.79
N HIS E 245 0.27 -19.60 42.93
CA HIS E 245 -0.41 -18.36 43.26
C HIS E 245 -1.78 -18.53 43.87
N PHE E 246 -2.65 -19.28 43.22
CA PHE E 246 -4.00 -19.42 43.73
C PHE E 246 -4.11 -20.23 45.00
N ASP E 247 -3.12 -21.06 45.27
CA ASP E 247 -3.13 -21.85 46.49
C ASP E 247 -2.80 -20.94 47.68
N PHE E 248 -1.78 -20.10 47.52
CA PHE E 248 -1.45 -19.20 48.60
C PHE E 248 -2.63 -18.31 48.88
N LEU E 249 -3.15 -17.69 47.83
CA LEU E 249 -4.30 -16.79 47.92
C LEU E 249 -5.47 -17.46 48.67
N ALA E 250 -5.80 -18.68 48.27
CA ALA E 250 -6.89 -19.42 48.90
C ALA E 250 -6.61 -19.59 50.39
N GLU E 251 -5.41 -20.06 50.69
CA GLU E 251 -4.96 -20.30 52.04
C GLU E 251 -4.94 -19.01 52.87
N PHE E 252 -4.45 -17.93 52.28
CA PHE E 252 -4.40 -16.67 52.98
C PHE E 252 -5.80 -16.16 53.32
N ASN E 253 -6.74 -16.27 52.39
CA ASN E 253 -8.10 -15.81 52.65
C ASN E 253 -8.80 -16.64 53.69
N ALA E 254 -8.53 -17.94 53.70
CA ALA E 254 -9.13 -18.85 54.67
C ALA E 254 -8.76 -18.44 56.10
N LYS E 255 -7.62 -17.80 56.25
CA LYS E 255 -7.17 -17.39 57.57
C LYS E 255 -7.52 -15.95 57.86
N ALA E 256 -7.25 -15.06 56.91
CA ALA E 256 -7.49 -13.63 57.10
C ALA E 256 -8.87 -13.04 56.79
N ASN E 257 -9.43 -13.42 55.64
CA ASN E 257 -10.71 -12.88 55.19
C ASN E 257 -11.87 -13.85 55.21
N ASP E 258 -12.20 -14.37 56.37
CA ASP E 258 -13.31 -15.31 56.49
C ASP E 258 -14.07 -14.88 57.73
N VAL E 259 -15.31 -14.42 57.57
CA VAL E 259 -16.10 -13.96 58.71
C VAL E 259 -16.33 -15.05 59.76
N ASN E 260 -16.18 -16.30 59.35
CA ASN E 260 -16.34 -17.44 60.26
C ASN E 260 -15.00 -17.87 60.85
N SER E 261 -13.91 -17.31 60.32
CA SER E 261 -12.56 -17.59 60.80
C SER E 261 -12.19 -16.50 61.80
N ASN E 262 -10.88 -16.34 62.03
CA ASN E 262 -10.40 -15.33 62.96
C ASN E 262 -9.15 -14.61 62.49
N GLY E 263 -9.27 -13.29 62.46
CA GLY E 263 -8.19 -12.41 62.04
C GLY E 263 -6.89 -13.05 61.57
N ILE E 264 -5.86 -13.02 62.41
CA ILE E 264 -4.58 -13.56 62.02
C ILE E 264 -3.87 -14.23 63.18
N GLU E 265 -3.86 -13.59 64.35
CA GLU E 265 -3.16 -14.12 65.52
C GLU E 265 -1.68 -14.04 65.24
N TRP E 266 -1.13 -12.84 65.32
CA TRP E 266 0.27 -12.63 65.07
C TRP E 266 1.17 -13.41 66.01
N SER E 267 0.56 -14.05 67.00
CA SER E 267 1.30 -14.85 67.97
C SER E 267 1.54 -16.24 67.41
N ASN E 268 1.07 -16.46 66.19
CA ASN E 268 1.20 -17.75 65.55
C ASN E 268 2.25 -17.71 64.45
N GLU E 269 3.26 -18.55 64.57
CA GLU E 269 4.33 -18.60 63.57
C GLU E 269 3.78 -18.81 62.18
N ASN E 270 2.98 -19.85 62.02
CA ASN E 270 2.40 -20.19 60.74
C ASN E 270 1.64 -19.01 60.14
N ASP E 271 0.71 -18.45 60.90
CA ASP E 271 -0.04 -17.31 60.40
C ASP E 271 0.89 -16.20 59.95
N ARG E 272 1.87 -15.88 60.79
CA ARG E 272 2.83 -14.84 60.46
C ARG E 272 3.61 -15.14 59.16
N LEU E 273 3.96 -16.40 58.97
CA LEU E 273 4.70 -16.80 57.78
C LEU E 273 3.89 -16.52 56.55
N LEU E 274 2.63 -16.93 56.61
CA LEU E 274 1.70 -16.74 55.52
C LEU E 274 1.62 -15.25 55.19
N VAL E 275 1.47 -14.42 56.21
CA VAL E 275 1.42 -12.99 55.96
C VAL E 275 2.68 -12.56 55.21
N CYS E 276 3.84 -13.07 55.61
CA CYS E 276 5.11 -12.72 54.96
C CYS E 276 5.21 -13.18 53.52
N GLN E 277 4.68 -14.37 53.25
CA GLN E 277 4.71 -14.91 51.91
C GLN E 277 3.81 -14.10 50.99
N VAL E 278 2.62 -13.80 51.45
CA VAL E 278 1.69 -13.04 50.66
C VAL E 278 2.31 -11.67 50.42
N CYS E 279 3.04 -11.18 51.41
CA CYS E 279 3.66 -9.88 51.28
C CYS E 279 4.76 -9.85 50.21
N ILE E 280 5.59 -10.86 50.18
CA ILE E 280 6.64 -10.86 49.18
C ILE E 280 6.02 -11.13 47.82
N LYS E 281 4.95 -11.93 47.79
CA LYS E 281 4.26 -12.20 46.53
C LYS E 281 3.75 -10.88 45.96
N LEU E 282 3.13 -10.06 46.80
CA LEU E 282 2.62 -8.77 46.32
C LEU E 282 3.75 -7.87 45.87
N ALA E 283 4.84 -7.90 46.61
CA ALA E 283 5.98 -7.07 46.28
C ALA E 283 6.65 -7.51 44.97
N ASP E 284 6.63 -8.81 44.66
CA ASP E 284 7.27 -9.31 43.45
C ASP E 284 6.50 -8.87 42.21
N ILE E 285 5.19 -8.68 42.34
CA ILE E 285 4.40 -8.28 41.19
C ILE E 285 3.72 -6.95 41.38
N ASN E 286 4.37 -6.04 42.10
CA ASN E 286 3.82 -4.73 42.37
C ASN E 286 3.71 -3.83 41.13
N GLY E 287 4.36 -4.22 40.04
CA GLY E 287 4.32 -3.43 38.82
C GLY E 287 3.09 -2.55 38.59
N PRO E 288 1.95 -3.15 38.26
CA PRO E 288 0.71 -2.41 38.01
C PRO E 288 0.09 -1.68 39.19
N ALA E 289 0.76 -1.65 40.33
CA ALA E 289 0.19 -0.93 41.47
C ALA E 289 1.01 0.33 41.76
N LYS E 290 1.87 0.70 40.83
CA LYS E 290 2.70 1.90 40.95
C LYS E 290 2.14 2.98 40.00
N VAL E 291 2.75 4.16 39.97
CA VAL E 291 2.33 5.24 39.08
C VAL E 291 2.51 4.72 37.66
N ARG E 292 1.79 5.28 36.68
CA ARG E 292 1.90 4.80 35.31
C ARG E 292 3.32 4.83 34.78
N ASP E 293 4.00 5.92 35.03
CA ASP E 293 5.38 6.11 34.60
C ASP E 293 6.24 4.86 34.88
N LEU E 294 6.21 4.39 36.13
CA LEU E 294 6.97 3.23 36.55
C LEU E 294 6.40 1.95 35.97
N HIS E 295 5.08 1.78 36.11
CA HIS E 295 4.42 0.59 35.60
C HIS E 295 4.79 0.31 34.14
N LEU E 296 4.77 1.34 33.31
CA LEU E 296 5.09 1.13 31.90
C LEU E 296 6.53 0.71 31.70
N LYS E 297 7.44 1.34 32.46
CA LYS E 297 8.85 1.01 32.34
C LYS E 297 9.05 -0.46 32.66
N TRP E 298 8.44 -0.95 33.72
CA TRP E 298 8.59 -2.36 34.07
C TRP E 298 7.97 -3.24 33.00
N THR E 299 6.75 -2.92 32.59
CA THR E 299 6.04 -3.68 31.57
C THR E 299 6.92 -3.87 30.34
N GLU E 300 7.54 -2.76 29.92
CA GLU E 300 8.43 -2.79 28.78
C GLU E 300 9.50 -3.85 28.97
N GLY E 301 10.02 -3.95 30.19
CA GLY E 301 11.05 -4.93 30.47
C GLY E 301 10.58 -6.36 30.39
N ILE E 302 9.44 -6.64 31.03
CA ILE E 302 8.89 -7.97 31.01
C ILE E 302 8.63 -8.46 29.61
N VAL E 303 7.94 -7.66 28.80
CA VAL E 303 7.68 -8.11 27.44
C VAL E 303 8.94 -8.30 26.61
N ASN E 304 9.92 -7.41 26.76
CA ASN E 304 11.13 -7.56 25.97
C ASN E 304 11.79 -8.88 26.29
N GLU E 305 11.71 -9.28 27.55
CA GLU E 305 12.27 -10.54 27.98
C GLU E 305 11.44 -11.68 27.39
N PHE E 306 10.11 -11.56 27.45
CA PHE E 306 9.20 -12.58 26.87
C PHE E 306 9.48 -12.76 25.38
N TYR E 307 9.66 -11.64 24.68
CA TYR E 307 9.92 -11.71 23.25
C TYR E 307 11.21 -12.42 22.96
N GLU E 308 12.19 -12.31 23.87
CA GLU E 308 13.46 -13.00 23.68
C GLU E 308 13.19 -14.48 23.83
N GLN E 309 12.41 -14.85 24.83
CA GLN E 309 12.09 -16.25 24.99
C GLN E 309 11.32 -16.73 23.78
N GLY E 310 10.52 -15.84 23.20
CA GLY E 310 9.73 -16.19 22.03
C GLY E 310 10.62 -16.48 20.84
N ASP E 311 11.61 -15.63 20.62
CA ASP E 311 12.52 -15.81 19.52
C ASP E 311 13.23 -17.15 19.68
N GLU E 312 13.47 -17.57 20.91
CA GLU E 312 14.15 -18.84 21.06
C GLU E 312 13.24 -19.99 20.72
N GLU E 313 12.03 -19.98 21.27
CA GLU E 313 11.08 -21.05 20.97
C GLU E 313 10.98 -21.15 19.45
N ALA E 314 10.94 -19.99 18.80
CA ALA E 314 10.91 -19.95 17.34
C ALA E 314 12.13 -20.71 16.83
N ASN E 315 13.34 -20.28 17.20
CA ASN E 315 14.55 -20.95 16.75
C ASN E 315 14.60 -22.45 17.04
N LEU E 316 13.89 -22.89 18.06
CA LEU E 316 13.86 -24.30 18.41
C LEU E 316 12.73 -24.98 17.66
N GLY E 317 12.06 -24.22 16.80
CA GLY E 317 10.95 -24.73 16.03
C GLY E 317 9.76 -25.13 16.88
N LEU E 318 9.53 -24.40 17.96
CA LEU E 318 8.42 -24.73 18.84
C LEU E 318 7.35 -23.67 18.76
N PRO E 319 6.15 -24.01 19.22
CA PRO E 319 5.07 -23.03 19.19
C PRO E 319 5.45 -21.92 20.15
N ILE E 320 5.38 -20.68 19.69
CA ILE E 320 5.73 -19.57 20.56
C ILE E 320 4.66 -19.42 21.64
N SER E 321 5.09 -19.28 22.89
CA SER E 321 4.13 -19.14 23.97
C SER E 321 3.26 -17.87 23.86
N PRO E 322 2.08 -17.91 24.49
CA PRO E 322 1.14 -16.79 24.49
C PRO E 322 1.79 -15.47 24.88
N PHE E 323 1.49 -14.41 24.16
CA PHE E 323 2.02 -13.06 24.42
C PHE E 323 3.53 -12.91 24.26
N MET E 324 4.18 -13.95 23.77
CA MET E 324 5.63 -13.88 23.61
C MET E 324 6.14 -13.73 22.18
N ASP E 325 5.21 -13.61 21.23
CA ASP E 325 5.57 -13.43 19.82
C ASP E 325 5.59 -11.92 19.50
N ARG E 326 6.77 -11.37 19.24
CA ARG E 326 6.85 -9.96 18.95
C ARG E 326 6.13 -9.60 17.64
N SER E 327 5.99 -10.58 16.75
CA SER E 327 5.34 -10.33 15.47
C SER E 327 3.84 -10.25 15.64
N SER E 328 3.32 -10.94 16.64
CA SER E 328 1.88 -10.95 16.90
C SER E 328 1.61 -10.72 18.39
N PRO E 329 2.06 -9.57 18.91
CA PRO E 329 1.91 -9.17 20.30
C PRO E 329 0.48 -8.88 20.76
N GLN E 330 0.30 -8.92 22.07
CA GLN E 330 -1.00 -8.68 22.68
C GLN E 330 -0.70 -8.04 24.01
N LEU E 331 0.18 -7.05 23.96
CA LEU E 331 0.61 -6.33 25.14
C LEU E 331 -0.56 -5.96 26.06
N ALA E 332 -1.54 -5.24 25.53
CA ALA E 332 -2.69 -4.83 26.33
C ALA E 332 -3.45 -6.04 26.87
N LYS E 333 -3.70 -7.02 26.02
CA LYS E 333 -4.42 -8.20 26.47
C LYS E 333 -3.64 -8.87 27.61
N LEU E 334 -2.31 -8.89 27.48
CA LEU E 334 -1.44 -9.49 28.49
C LEU E 334 -1.57 -8.79 29.83
N GLN E 335 -1.36 -7.48 29.82
CA GLN E 335 -1.43 -6.70 31.05
C GLN E 335 -2.82 -6.69 31.65
N GLU E 336 -3.85 -6.60 30.82
CA GLU E 336 -5.22 -6.58 31.30
C GLU E 336 -5.46 -7.89 32.01
N SER E 337 -5.13 -8.98 31.32
CA SER E 337 -5.32 -10.32 31.86
C SER E 337 -4.56 -10.54 33.16
N PHE E 338 -3.31 -10.08 33.18
CA PHE E 338 -2.47 -10.21 34.36
C PHE E 338 -3.09 -9.53 35.58
N ILE E 339 -3.49 -8.29 35.42
CA ILE E 339 -4.10 -7.57 36.52
C ILE E 339 -5.38 -8.22 36.98
N THR E 340 -6.21 -8.64 36.04
CA THR E 340 -7.49 -9.26 36.36
C THR E 340 -7.38 -10.56 37.15
N HIS E 341 -6.53 -11.46 36.70
CA HIS E 341 -6.36 -12.77 37.34
C HIS E 341 -5.31 -12.97 38.41
N ILE E 342 -4.24 -12.17 38.38
CA ILE E 342 -3.19 -12.34 39.35
C ILE E 342 -3.00 -11.24 40.36
N VAL E 343 -2.49 -10.09 39.93
CA VAL E 343 -2.29 -9.00 40.88
C VAL E 343 -3.57 -8.53 41.54
N GLY E 344 -4.61 -8.37 40.73
CA GLY E 344 -5.87 -7.89 41.25
C GLY E 344 -6.38 -8.68 42.43
N PRO E 345 -6.75 -9.94 42.21
CA PRO E 345 -7.25 -10.74 43.34
C PRO E 345 -6.32 -10.79 44.55
N LEU E 346 -5.01 -10.77 44.33
CA LEU E 346 -4.04 -10.78 45.42
C LEU E 346 -4.16 -9.49 46.24
N CYS E 347 -4.14 -8.36 45.54
CA CYS E 347 -4.28 -7.06 46.19
C CYS E 347 -5.57 -6.91 46.96
N ASN E 348 -6.65 -7.47 46.45
CA ASN E 348 -7.90 -7.35 47.15
C ASN E 348 -7.80 -8.16 48.42
N SER E 349 -7.35 -9.40 48.34
CA SER E 349 -7.23 -10.21 49.54
C SER E 349 -6.38 -9.50 50.58
N TYR E 350 -5.24 -8.97 50.15
CA TYR E 350 -4.35 -8.31 51.08
C TYR E 350 -5.06 -7.10 51.65
N ASP E 351 -5.75 -6.34 50.80
CA ASP E 351 -6.49 -5.15 51.25
C ASP E 351 -7.60 -5.51 52.23
N ALA E 352 -8.35 -6.57 51.91
CA ALA E 352 -9.43 -7.04 52.76
C ALA E 352 -8.91 -7.42 54.14
N ALA E 353 -7.66 -7.85 54.22
CA ALA E 353 -7.10 -8.24 55.51
C ALA E 353 -6.63 -6.97 56.25
N GLY E 354 -6.78 -5.83 55.59
CA GLY E 354 -6.39 -4.57 56.19
C GLY E 354 -4.92 -4.47 56.54
N LEU E 355 -4.06 -4.93 55.65
CA LEU E 355 -2.63 -4.89 55.86
C LEU E 355 -1.96 -3.89 54.91
N LEU E 356 -2.74 -3.30 54.03
CA LEU E 356 -2.20 -2.35 53.06
C LEU E 356 -1.99 -0.98 53.67
N PRO E 357 -0.79 -0.43 53.48
CA PRO E 357 -0.57 0.89 54.05
C PRO E 357 -1.40 1.95 53.33
N GLY E 358 -2.09 2.78 54.10
CA GLY E 358 -2.91 3.83 53.52
C GLY E 358 -3.11 4.92 54.55
N GLN E 359 -4.10 5.78 54.33
CA GLN E 359 -4.38 6.86 55.27
C GLN E 359 -5.87 7.10 55.32
N TRP E 360 -6.36 7.54 56.47
CA TRP E 360 -7.77 7.83 56.65
C TRP E 360 -8.13 9.08 55.86
N LEU E 361 -9.43 9.29 55.65
CA LEU E 361 -9.89 10.46 54.89
C LEU E 361 -10.48 11.58 55.72
N GLU E 362 -11.24 11.22 56.76
CA GLU E 362 -11.81 12.25 57.62
C GLU E 362 -11.22 12.21 59.03
N ALA E 363 -11.86 12.94 59.94
CA ALA E 363 -11.44 13.01 61.34
C ALA E 363 -12.47 12.30 62.26
N GLU E 364 -12.90 11.10 61.85
CA GLU E 364 -13.88 10.26 62.58
C GLU E 364 -13.22 9.60 63.81
N SER E 400 -12.80 -0.17 61.37
CA SER E 400 -12.84 0.38 59.97
C SER E 400 -14.19 1.03 59.59
N ARG E 401 -14.49 2.19 60.18
CA ARG E 401 -15.73 2.94 59.92
C ARG E 401 -15.47 4.38 59.42
N ARG E 402 -14.28 4.58 58.85
CA ARG E 402 -13.87 5.88 58.30
C ARG E 402 -13.09 5.62 57.00
N ARG E 403 -13.57 6.20 55.91
CA ARG E 403 -12.95 6.04 54.58
C ARG E 403 -11.43 6.17 54.58
N ILE E 404 -10.76 5.15 54.04
CA ILE E 404 -9.31 5.16 53.92
C ILE E 404 -8.95 5.26 52.45
N PHE E 405 -7.83 5.91 52.17
CA PHE E 405 -7.38 6.05 50.80
C PHE E 405 -6.09 5.27 50.61
N CYS E 406 -6.16 4.23 49.80
CA CYS E 406 -5.01 3.37 49.55
C CYS E 406 -4.29 3.67 48.25
N GLN E 407 -3.17 4.37 48.32
CA GLN E 407 -2.46 4.73 47.12
C GLN E 407 -2.17 3.61 46.11
N LEU E 408 -1.68 2.46 46.55
CA LEU E 408 -1.38 1.43 45.56
C LEU E 408 -2.64 0.76 45.03
N MET E 409 -3.68 0.77 45.84
CA MET E 409 -4.95 0.19 45.44
C MET E 409 -5.50 1.09 44.35
N HIS E 410 -5.27 2.39 44.50
CA HIS E 410 -5.74 3.36 43.53
C HIS E 410 -5.01 3.19 42.20
N HIS E 411 -3.68 3.12 42.25
CA HIS E 411 -2.84 2.94 41.07
C HIS E 411 -3.24 1.71 40.28
N LEU E 412 -3.54 0.64 40.99
CA LEU E 412 -3.90 -0.59 40.35
C LEU E 412 -5.16 -0.35 39.51
N THR E 413 -6.17 0.24 40.12
CA THR E 413 -7.43 0.55 39.44
C THR E 413 -7.24 1.41 38.20
N GLU E 414 -6.45 2.47 38.31
CA GLU E 414 -6.22 3.35 37.17
C GLU E 414 -5.47 2.66 36.05
N ASN E 415 -4.46 1.86 36.41
CA ASN E 415 -3.68 1.16 35.41
C ASN E 415 -4.53 0.15 34.67
N HIS E 416 -5.39 -0.53 35.40
CA HIS E 416 -6.25 -1.51 34.77
C HIS E 416 -7.03 -0.88 33.60
N LYS E 417 -7.47 0.36 33.79
CA LYS E 417 -8.21 1.07 32.77
C LYS E 417 -7.41 1.34 31.50
N ILE E 418 -6.12 1.63 31.63
CA ILE E 418 -5.35 1.91 30.43
C ILE E 418 -5.12 0.66 29.61
N TRP E 419 -5.40 -0.51 30.17
CA TRP E 419 -5.20 -1.74 29.41
C TRP E 419 -6.49 -2.30 28.86
N LYS E 420 -7.61 -1.76 29.34
CA LYS E 420 -8.94 -2.19 28.89
C LYS E 420 -9.23 -1.73 27.46
N GLU F 3 19.06 -74.14 19.53
CA GLU F 3 18.11 -73.26 18.80
C GLU F 3 16.67 -73.27 19.40
N VAL F 4 15.97 -74.41 19.30
CA VAL F 4 14.61 -74.54 19.85
C VAL F 4 14.66 -74.81 21.36
N SER F 5 15.85 -75.13 21.85
CA SER F 5 16.09 -75.41 23.28
C SER F 5 16.55 -74.14 24.01
N LEU F 6 17.37 -73.32 23.36
CA LEU F 6 17.84 -72.09 24.02
C LEU F 6 16.63 -71.21 24.41
N ASP F 7 15.62 -71.18 23.54
CA ASP F 7 14.38 -70.40 23.75
C ASP F 7 13.45 -71.08 24.76
N LEU F 8 13.44 -72.41 24.75
CA LEU F 8 12.60 -73.22 25.66
C LEU F 8 13.13 -73.15 27.11
N ILE F 9 14.45 -72.92 27.26
CA ILE F 9 15.11 -72.82 28.56
C ILE F 9 14.89 -71.42 29.16
N LEU F 10 14.84 -70.41 28.28
CA LEU F 10 14.62 -69.03 28.68
C LEU F 10 13.19 -68.88 29.21
N VAL F 11 12.28 -69.66 28.63
CA VAL F 11 10.87 -69.68 29.02
C VAL F 11 10.71 -70.30 30.41
N GLU F 12 11.47 -71.36 30.66
CA GLU F 12 11.43 -72.05 31.95
C GLU F 12 11.81 -71.10 33.07
N GLU F 13 12.91 -70.38 32.90
CA GLU F 13 13.36 -69.42 33.91
C GLU F 13 12.24 -68.44 34.18
N TYR F 14 11.63 -67.96 33.10
CA TYR F 14 10.53 -67.01 33.19
C TYR F 14 9.43 -67.61 34.07
N ASP F 15 8.90 -68.77 33.68
CA ASP F 15 7.84 -69.40 34.45
C ASP F 15 8.23 -69.64 35.90
N SER F 16 9.52 -69.90 36.15
CA SER F 16 9.98 -70.12 37.52
C SER F 16 9.86 -68.85 38.31
N LEU F 17 10.54 -67.81 37.83
CA LEU F 17 10.55 -66.52 38.49
C LEU F 17 9.13 -66.05 38.76
N ILE F 18 8.28 -66.14 37.74
CA ILE F 18 6.89 -65.71 37.89
C ILE F 18 6.22 -66.50 38.99
N GLU F 19 6.38 -67.81 38.95
CA GLU F 19 5.76 -68.64 39.95
C GLU F 19 6.25 -68.26 41.34
N LYS F 20 7.54 -67.97 41.46
CA LYS F 20 8.12 -67.60 42.75
C LYS F 20 7.61 -66.26 43.23
N MET F 21 7.51 -65.31 42.30
CA MET F 21 7.04 -63.97 42.63
C MET F 21 5.56 -63.97 42.88
N SER F 22 4.87 -64.99 42.39
CA SER F 22 3.43 -65.07 42.55
C SER F 22 3.03 -65.21 43.99
N ASN F 23 3.95 -64.95 44.89
CA ASN F 23 3.66 -65.07 46.30
C ASN F 23 4.08 -63.80 47.04
N TRP F 24 3.22 -63.30 47.94
CA TRP F 24 3.55 -62.09 48.69
C TRP F 24 4.90 -62.21 49.39
N ASN F 25 5.19 -63.40 49.88
CA ASN F 25 6.46 -63.62 50.55
C ASN F 25 7.47 -64.18 49.57
N PHE F 26 7.61 -63.49 48.45
CA PHE F 26 8.54 -63.89 47.42
C PHE F 26 9.93 -63.98 48.03
N PRO F 27 10.61 -65.12 47.90
CA PRO F 27 11.96 -65.33 48.43
C PRO F 27 13.05 -64.65 47.58
N ILE F 28 13.17 -63.33 47.71
CA ILE F 28 14.13 -62.53 46.95
C ILE F 28 15.56 -63.01 47.13
N PHE F 29 15.98 -63.15 48.38
CA PHE F 29 17.34 -63.55 48.67
C PHE F 29 17.73 -64.89 48.05
N GLU F 30 16.78 -65.80 47.94
CA GLU F 30 17.07 -67.07 47.32
C GLU F 30 17.41 -66.82 45.85
N LEU F 31 16.75 -65.84 45.25
CA LEU F 31 17.00 -65.51 43.85
C LEU F 31 18.38 -64.86 43.75
N VAL F 32 18.72 -64.05 44.74
CA VAL F 32 20.02 -63.38 44.74
C VAL F 32 21.13 -64.41 44.66
N GLU F 33 20.94 -65.52 45.37
CA GLU F 33 21.94 -66.58 45.35
C GLU F 33 21.87 -67.36 44.06
N LYS F 34 20.66 -67.74 43.64
CA LYS F 34 20.52 -68.49 42.40
C LYS F 34 21.20 -67.76 41.25
N MET F 35 21.27 -66.42 41.34
CA MET F 35 21.93 -65.64 40.29
C MET F 35 23.46 -65.58 40.49
N GLY F 36 23.89 -65.71 41.74
CA GLY F 36 25.29 -65.69 42.05
C GLY F 36 26.05 -64.46 41.60
N GLU F 37 26.89 -64.63 40.58
CA GLU F 37 27.68 -63.53 40.08
C GLU F 37 26.86 -62.57 39.24
N LYS F 38 25.83 -63.09 38.58
CA LYS F 38 24.98 -62.24 37.77
C LYS F 38 23.91 -61.61 38.66
N SER F 39 24.10 -61.73 39.97
CA SER F 39 23.16 -61.20 40.94
C SER F 39 23.05 -59.68 40.85
N GLY F 40 24.02 -59.03 40.22
CA GLY F 40 23.97 -57.59 40.11
C GLY F 40 22.88 -57.07 39.18
N ARG F 41 22.19 -57.99 38.51
CA ARG F 41 21.13 -57.62 37.58
C ARG F 41 19.76 -58.12 38.02
N ILE F 42 19.51 -58.12 39.32
CA ILE F 42 18.21 -58.55 39.81
C ILE F 42 17.12 -57.61 39.34
N LEU F 43 17.31 -56.32 39.56
CA LEU F 43 16.33 -55.31 39.17
C LEU F 43 15.96 -55.38 37.70
N SER F 44 16.95 -55.29 36.82
CA SER F 44 16.68 -55.33 35.40
C SER F 44 16.01 -56.63 34.98
N GLN F 45 16.33 -57.75 35.63
CA GLN F 45 15.70 -59.01 35.25
C GLN F 45 14.26 -59.08 35.74
N VAL F 46 14.02 -58.64 36.97
CA VAL F 46 12.67 -58.67 37.49
C VAL F 46 11.79 -57.67 36.72
N MET F 47 12.32 -56.49 36.43
CA MET F 47 11.57 -55.49 35.68
C MET F 47 11.11 -56.05 34.35
N TYR F 48 12.03 -56.65 33.62
CA TYR F 48 11.68 -57.22 32.34
C TYR F 48 10.64 -58.30 32.51
N THR F 49 10.80 -59.12 33.53
CA THR F 49 9.86 -60.20 33.74
C THR F 49 8.47 -59.65 34.03
N LEU F 50 8.38 -58.71 34.96
CA LEU F 50 7.09 -58.12 35.33
C LEU F 50 6.46 -57.33 34.19
N PHE F 51 7.27 -56.75 33.33
CA PHE F 51 6.70 -56.00 32.21
C PHE F 51 6.13 -56.93 31.15
N GLN F 52 6.38 -58.24 31.27
CA GLN F 52 5.80 -59.17 30.32
C GLN F 52 4.56 -59.76 30.97
N ASP F 53 4.63 -59.97 32.27
CA ASP F 53 3.50 -60.52 32.97
C ASP F 53 2.33 -59.54 32.94
N THR F 54 2.62 -58.26 32.79
CA THR F 54 1.59 -57.24 32.75
C THR F 54 1.17 -56.85 31.33
N GLY F 55 2.05 -57.08 30.38
CA GLY F 55 1.73 -56.72 29.01
C GLY F 55 2.21 -55.33 28.63
N LEU F 56 2.79 -54.62 29.58
CA LEU F 56 3.28 -53.30 29.33
C LEU F 56 4.24 -53.23 28.15
N LEU F 57 5.03 -54.26 27.94
CA LEU F 57 5.96 -54.21 26.82
C LEU F 57 5.23 -54.10 25.52
N GLU F 58 4.12 -54.81 25.42
CA GLU F 58 3.30 -54.80 24.21
C GLU F 58 2.44 -53.55 24.08
N ILE F 59 1.76 -53.17 25.16
CA ILE F 59 0.91 -51.99 25.16
C ILE F 59 1.64 -50.77 24.64
N PHE F 60 2.86 -50.52 25.14
CA PHE F 60 3.57 -49.35 24.68
C PHE F 60 4.69 -49.65 23.69
N LYS F 61 4.63 -50.84 23.10
CA LYS F 61 5.62 -51.24 22.12
C LYS F 61 7.01 -50.83 22.61
N ILE F 62 7.39 -51.35 23.77
CA ILE F 62 8.68 -51.04 24.34
C ILE F 62 9.77 -51.95 23.79
N PRO F 63 10.78 -51.36 23.13
CA PRO F 63 11.88 -52.15 22.56
C PRO F 63 12.70 -52.78 23.68
N THR F 64 12.99 -54.07 23.55
CA THR F 64 13.76 -54.75 24.62
C THR F 64 15.16 -54.22 24.85
N GLN F 65 15.87 -53.91 23.78
CA GLN F 65 17.22 -53.41 23.92
C GLN F 65 17.30 -52.17 24.81
N GLN F 66 16.67 -51.06 24.40
CA GLN F 66 16.72 -49.86 25.19
C GLN F 66 16.22 -50.05 26.62
N PHE F 67 15.22 -50.91 26.79
CA PHE F 67 14.65 -51.18 28.10
C PHE F 67 15.72 -51.75 29.01
N MET F 68 16.37 -52.81 28.54
CA MET F 68 17.42 -53.43 29.32
C MET F 68 18.56 -52.43 29.50
N ASN F 69 19.00 -51.80 28.41
CA ASN F 69 20.06 -50.82 28.52
C ASN F 69 19.84 -49.88 29.71
N TYR F 70 18.70 -49.20 29.73
CA TYR F 70 18.40 -48.27 30.80
C TYR F 70 18.30 -48.90 32.17
N PHE F 71 17.55 -49.98 32.30
CA PHE F 71 17.43 -50.57 33.61
C PHE F 71 18.71 -51.21 34.12
N ARG F 72 19.58 -51.64 33.20
CA ARG F 72 20.86 -52.21 33.61
C ARG F 72 21.63 -51.05 34.27
N ALA F 73 21.67 -49.92 33.59
CA ALA F 73 22.36 -48.73 34.08
C ALA F 73 21.73 -48.23 35.37
N LEU F 74 20.43 -48.37 35.48
CA LEU F 74 19.76 -47.89 36.66
C LEU F 74 20.21 -48.68 37.87
N GLU F 75 20.36 -49.99 37.71
CA GLU F 75 20.81 -50.84 38.82
C GLU F 75 22.16 -50.40 39.32
N ASN F 76 23.10 -50.27 38.39
CA ASN F 76 24.46 -49.89 38.72
C ASN F 76 24.52 -48.62 39.55
N GLY F 77 23.48 -47.82 39.50
CA GLY F 77 23.45 -46.59 40.27
C GLY F 77 23.17 -46.84 41.73
N TYR F 78 22.70 -48.04 42.05
CA TYR F 78 22.44 -48.36 43.44
C TYR F 78 23.74 -48.78 44.13
N ARG F 79 24.12 -47.99 45.14
CA ARG F 79 25.34 -48.24 45.89
C ARG F 79 25.28 -49.55 46.63
N ASP F 80 26.45 -50.13 46.89
CA ASP F 80 26.52 -51.39 47.59
C ASP F 80 26.52 -51.16 49.10
N ILE F 81 25.36 -50.80 49.63
CA ILE F 81 25.22 -50.55 51.05
C ILE F 81 24.31 -51.61 51.66
N PRO F 82 24.22 -51.67 53.00
CA PRO F 82 23.39 -52.66 53.69
C PRO F 82 21.88 -52.72 53.43
N TYR F 83 21.24 -51.61 53.12
CA TYR F 83 19.80 -51.65 52.89
C TYR F 83 19.29 -51.05 51.58
N HIS F 84 19.50 -49.75 51.40
CA HIS F 84 19.08 -49.05 50.21
C HIS F 84 19.87 -49.42 48.97
N ASN F 85 19.72 -50.67 48.53
CA ASN F 85 20.43 -51.19 47.37
C ASN F 85 19.49 -51.76 46.31
N ARG F 86 20.03 -52.14 45.16
CA ARG F 86 19.21 -52.72 44.09
C ARG F 86 18.26 -53.81 44.57
N ILE F 87 18.64 -54.53 45.63
CA ILE F 87 17.75 -55.58 46.13
C ILE F 87 16.50 -55.00 46.79
N HIS F 88 16.67 -53.92 47.55
CA HIS F 88 15.53 -53.27 48.21
C HIS F 88 14.60 -52.77 47.11
N ALA F 89 15.19 -52.14 46.11
CA ALA F 89 14.45 -51.61 44.98
C ALA F 89 13.61 -52.73 44.40
N THR F 90 14.25 -53.84 44.06
CA THR F 90 13.56 -54.96 43.49
C THR F 90 12.41 -55.43 44.38
N ASP F 91 12.60 -55.39 45.69
CA ASP F 91 11.56 -55.82 46.62
C ASP F 91 10.34 -54.90 46.55
N VAL F 92 10.57 -53.59 46.52
CA VAL F 92 9.50 -52.61 46.46
C VAL F 92 8.76 -52.74 45.15
N LEU F 93 9.51 -52.94 44.06
CA LEU F 93 8.91 -53.14 42.75
C LEU F 93 7.95 -54.32 42.79
N HIS F 94 8.42 -55.43 43.35
CA HIS F 94 7.59 -56.62 43.47
C HIS F 94 6.32 -56.36 44.27
N ALA F 95 6.43 -55.55 45.32
CA ALA F 95 5.28 -55.24 46.17
C ALA F 95 4.19 -54.45 45.43
N VAL F 96 4.57 -53.33 44.81
CA VAL F 96 3.58 -52.55 44.08
C VAL F 96 2.97 -53.41 42.99
N TRP F 97 3.77 -54.24 42.36
CA TRP F 97 3.23 -55.09 41.31
C TRP F 97 2.20 -56.05 41.89
N TYR F 98 2.51 -56.66 43.02
CA TYR F 98 1.62 -57.59 43.66
C TYR F 98 0.34 -56.86 44.14
N LEU F 99 0.51 -55.79 44.90
CA LEU F 99 -0.62 -55.03 45.43
C LEU F 99 -1.62 -54.50 44.43
N THR F 100 -1.17 -54.25 43.21
CA THR F 100 -2.03 -53.68 42.17
C THR F 100 -2.40 -54.70 41.11
N THR F 101 -2.41 -55.97 41.47
CA THR F 101 -2.66 -57.02 40.51
C THR F 101 -3.45 -58.21 41.05
N ARG F 102 -3.12 -58.65 42.26
CA ARG F 102 -3.80 -59.77 42.87
C ARG F 102 -5.20 -59.36 43.29
N PRO F 103 -6.10 -60.35 43.41
CA PRO F 103 -7.49 -60.18 43.80
C PRO F 103 -7.71 -59.48 45.12
N VAL F 104 -8.68 -58.57 45.12
CA VAL F 104 -9.05 -57.82 46.31
C VAL F 104 -10.53 -58.07 46.59
N PRO F 105 -10.85 -58.65 47.74
CA PRO F 105 -12.23 -58.94 48.11
C PRO F 105 -13.13 -57.71 48.01
N GLY F 106 -14.25 -57.87 47.31
CA GLY F 106 -15.23 -56.82 47.14
C GLY F 106 -14.84 -55.53 46.45
N LEU F 107 -13.80 -55.58 45.62
CA LEU F 107 -13.35 -54.37 44.93
C LEU F 107 -14.11 -54.15 43.65
N GLN F 108 -14.73 -52.99 43.57
CA GLN F 108 -15.52 -52.56 42.43
C GLN F 108 -14.68 -52.51 41.16
N GLN F 109 -15.03 -53.30 40.15
CA GLN F 109 -14.30 -53.34 38.88
C GLN F 109 -14.74 -52.26 37.90
N ILE F 110 -15.56 -51.33 38.35
CA ILE F 110 -16.03 -50.26 37.47
C ILE F 110 -14.84 -49.62 36.74
N HIS F 111 -14.73 -49.97 35.47
CA HIS F 111 -13.68 -49.49 34.59
C HIS F 111 -13.38 -50.65 33.65
N ASN F 112 -12.47 -50.42 32.70
CA ASN F 112 -12.11 -51.45 31.72
C ASN F 112 -11.83 -52.81 32.37
N GLY F 113 -12.90 -53.60 32.49
CA GLY F 113 -12.86 -54.94 33.07
C GLY F 113 -13.39 -55.98 32.06
N ASP F 123 -3.14 -54.24 17.33
CA ASP F 123 -2.13 -54.76 16.35
C ASP F 123 -0.80 -54.01 16.44
N GLY F 124 -0.23 -53.71 15.28
CA GLY F 124 1.06 -53.04 15.22
C GLY F 124 1.10 -51.59 15.59
N ARG F 125 0.02 -50.86 15.35
CA ARG F 125 -0.02 -49.46 15.68
C ARG F 125 -0.65 -49.26 17.06
N ILE F 126 -0.23 -48.21 17.76
CA ILE F 126 -0.77 -47.91 19.08
C ILE F 126 -1.94 -46.95 18.87
N ASN F 127 -3.04 -47.17 19.57
CA ASN F 127 -4.18 -46.28 19.44
C ASN F 127 -4.17 -45.26 20.56
N HIS F 128 -3.62 -44.07 20.34
CA HIS F 128 -3.58 -43.09 21.42
C HIS F 128 -4.93 -42.52 21.74
N GLY F 129 -5.96 -43.10 21.12
CA GLY F 129 -7.31 -42.63 21.33
C GLY F 129 -8.02 -43.41 22.42
N ARG F 130 -7.58 -44.65 22.62
CA ARG F 130 -8.14 -45.53 23.64
C ARG F 130 -7.16 -45.71 24.83
N ILE F 131 -7.67 -45.55 26.06
CA ILE F 131 -6.90 -45.70 27.30
C ILE F 131 -6.68 -47.16 27.69
N ALA F 132 -5.44 -47.64 27.61
CA ALA F 132 -5.14 -49.05 27.95
C ALA F 132 -5.08 -49.38 29.42
N TYR F 133 -5.41 -50.63 29.73
CA TYR F 133 -5.37 -51.17 31.11
C TYR F 133 -4.61 -52.50 31.06
N ILE F 134 -3.70 -52.72 32.01
CA ILE F 134 -2.93 -53.97 32.03
C ILE F 134 -3.65 -55.06 32.79
N SER F 135 -3.23 -56.29 32.55
CA SER F 135 -3.80 -57.45 33.22
C SER F 135 -2.71 -58.49 33.43
N SER F 136 -2.45 -58.86 34.69
CA SER F 136 -1.42 -59.85 34.99
C SER F 136 -1.79 -61.24 34.50
N LYS F 137 -0.84 -61.88 33.82
CA LYS F 137 -1.05 -63.21 33.29
C LYS F 137 -0.87 -64.25 34.37
N SER F 138 -0.17 -63.88 35.45
CA SER F 138 0.10 -64.82 36.53
C SER F 138 -1.02 -64.93 37.56
N CYS F 139 -2.15 -64.31 37.30
CA CYS F 139 -3.27 -64.44 38.21
C CYS F 139 -4.54 -63.85 37.63
N SER F 140 -5.64 -64.06 38.34
CA SER F 140 -6.95 -63.58 37.90
C SER F 140 -7.94 -63.66 39.06
N ASN F 141 -8.89 -62.74 39.08
CA ASN F 141 -9.88 -62.71 40.15
C ASN F 141 -10.63 -64.04 40.24
N PRO F 142 -10.61 -64.65 41.41
CA PRO F 142 -11.30 -65.91 41.61
C PRO F 142 -12.70 -65.89 40.97
N ASP F 143 -13.51 -64.88 41.33
CA ASP F 143 -14.87 -64.72 40.81
C ASP F 143 -15.26 -63.25 40.81
N GLU F 144 -16.56 -62.97 40.65
CA GLU F 144 -17.04 -61.60 40.63
C GLU F 144 -16.97 -60.91 41.99
N SER F 145 -16.75 -61.67 43.07
CA SER F 145 -16.65 -61.10 44.41
C SER F 145 -15.30 -60.40 44.57
N TYR F 146 -14.40 -60.65 43.62
CA TYR F 146 -13.06 -60.08 43.64
C TYR F 146 -12.77 -59.07 42.54
N GLY F 147 -11.94 -58.09 42.86
CA GLY F 147 -11.56 -57.08 41.90
C GLY F 147 -10.10 -56.75 42.11
N CYS F 148 -9.38 -56.41 41.05
CA CYS F 148 -7.98 -56.06 41.22
C CYS F 148 -7.80 -54.62 40.81
N LEU F 149 -6.81 -53.97 41.42
CA LEU F 149 -6.50 -52.58 41.16
C LEU F 149 -6.18 -52.27 39.70
N SER F 150 -5.53 -53.22 39.02
CA SER F 150 -5.16 -53.02 37.64
C SER F 150 -6.34 -52.77 36.71
N SER F 151 -7.54 -52.96 37.23
CA SER F 151 -8.74 -52.73 36.43
C SER F 151 -9.34 -51.36 36.61
N ASN F 152 -8.84 -50.59 37.57
CA ASN F 152 -9.34 -49.25 37.84
C ASN F 152 -8.32 -48.15 37.53
N ILE F 153 -7.05 -48.53 37.52
CA ILE F 153 -5.98 -47.58 37.23
C ILE F 153 -5.37 -47.89 35.87
N PRO F 154 -5.47 -46.97 34.91
CA PRO F 154 -4.92 -47.20 33.58
C PRO F 154 -3.44 -47.63 33.57
N ALA F 155 -3.09 -48.39 32.52
CA ALA F 155 -1.77 -48.92 32.31
C ALA F 155 -0.66 -47.86 32.41
N LEU F 156 -0.86 -46.72 31.78
CA LEU F 156 0.14 -45.68 31.83
C LEU F 156 0.46 -45.33 33.28
N GLU F 157 -0.54 -45.28 34.13
CA GLU F 157 -0.35 -44.94 35.52
C GLU F 157 0.32 -46.02 36.35
N LEU F 158 0.02 -47.29 36.09
CA LEU F 158 0.65 -48.36 36.83
C LEU F 158 2.09 -48.49 36.35
N MET F 159 2.31 -48.34 35.05
CA MET F 159 3.66 -48.42 34.53
C MET F 159 4.53 -47.36 35.21
N ALA F 160 3.97 -46.18 35.46
CA ALA F 160 4.71 -45.13 36.12
C ALA F 160 5.02 -45.56 37.56
N LEU F 161 4.06 -46.23 38.20
CA LEU F 161 4.24 -46.68 39.57
C LEU F 161 5.38 -47.69 39.64
N TYR F 162 5.37 -48.66 38.72
CA TYR F 162 6.41 -49.69 38.66
C TYR F 162 7.76 -49.08 38.37
N VAL F 163 7.84 -48.21 37.36
CA VAL F 163 9.10 -47.59 37.01
C VAL F 163 9.61 -46.70 38.14
N ALA F 164 8.70 -46.12 38.90
CA ALA F 164 9.09 -45.27 40.02
C ALA F 164 9.70 -46.15 41.09
N ALA F 165 9.06 -47.26 41.37
CA ALA F 165 9.56 -48.17 42.38
C ALA F 165 11.00 -48.56 42.03
N ALA F 166 11.24 -48.88 40.77
CA ALA F 166 12.56 -49.29 40.33
C ALA F 166 13.62 -48.21 40.51
N MET F 167 13.21 -46.95 40.57
CA MET F 167 14.17 -45.89 40.73
C MET F 167 14.05 -45.05 42.00
N HIS F 168 13.10 -45.39 42.87
CA HIS F 168 12.87 -44.58 44.07
C HIS F 168 14.02 -44.36 45.06
N ASP F 169 15.04 -45.21 45.04
CA ASP F 169 16.17 -45.03 45.95
C ASP F 169 17.50 -44.98 45.19
N TYR F 170 17.44 -44.66 43.90
CA TYR F 170 18.64 -44.58 43.05
C TYR F 170 19.73 -43.75 43.71
N ASP F 171 20.94 -44.28 43.72
CA ASP F 171 22.09 -43.62 44.30
C ASP F 171 21.95 -43.15 45.73
N HIS F 172 21.41 -44.00 46.58
CA HIS F 172 21.22 -43.70 47.98
C HIS F 172 22.57 -43.79 48.71
N PRO F 173 22.91 -42.76 49.49
CA PRO F 173 24.16 -42.69 50.25
C PRO F 173 24.17 -43.48 51.56
N GLY F 174 23.03 -44.05 51.93
CA GLY F 174 22.95 -44.78 53.18
C GLY F 174 22.80 -43.87 54.37
N ARG F 175 22.37 -42.64 54.12
CA ARG F 175 22.20 -41.69 55.19
C ARG F 175 20.79 -41.09 55.15
N THR F 176 20.27 -40.66 56.30
CA THR F 176 18.93 -40.08 56.33
C THR F 176 18.91 -38.65 55.85
N ASN F 177 17.71 -38.16 55.54
CA ASN F 177 17.59 -36.78 55.09
C ASN F 177 18.07 -35.85 56.18
N ALA F 178 17.62 -36.11 57.41
CA ALA F 178 18.01 -35.29 58.55
C ALA F 178 19.53 -35.16 58.63
N PHE F 179 20.23 -36.27 58.43
CA PHE F 179 21.67 -36.27 58.46
C PHE F 179 22.20 -35.26 57.47
N LEU F 180 21.78 -35.41 56.21
CA LEU F 180 22.21 -34.51 55.15
C LEU F 180 21.92 -33.05 55.44
N VAL F 181 20.76 -32.77 56.00
CA VAL F 181 20.38 -31.40 56.33
C VAL F 181 21.26 -30.85 57.44
N ALA F 182 21.48 -31.70 58.46
CA ALA F 182 22.30 -31.33 59.60
C ALA F 182 23.74 -31.09 59.19
N THR F 183 24.34 -32.04 58.48
CA THR F 183 25.72 -31.89 58.04
C THR F 183 25.88 -30.89 56.90
N ASN F 184 24.80 -30.20 56.53
CA ASN F 184 24.82 -29.23 55.44
C ASN F 184 25.46 -29.79 54.18
N ALA F 185 25.00 -30.97 53.79
CA ALA F 185 25.52 -31.63 52.62
C ALA F 185 25.21 -30.80 51.39
N PRO F 186 26.09 -30.85 50.38
CA PRO F 186 25.84 -30.07 49.18
C PRO F 186 24.46 -30.41 48.59
N GLN F 187 24.03 -31.65 48.76
CA GLN F 187 22.73 -32.04 48.22
C GLN F 187 21.57 -31.42 48.98
N ALA F 188 21.73 -31.22 50.28
CA ALA F 188 20.66 -30.61 51.05
C ALA F 188 20.53 -29.14 50.70
N VAL F 189 21.64 -28.48 50.39
CA VAL F 189 21.58 -27.08 50.05
C VAL F 189 20.92 -26.95 48.69
N LEU F 190 21.28 -27.83 47.77
CA LEU F 190 20.74 -27.86 46.41
C LEU F 190 19.22 -27.93 46.38
N TYR F 191 18.66 -28.75 47.26
CA TYR F 191 17.21 -28.91 47.31
C TYR F 191 16.55 -28.18 48.48
N ASN F 192 17.23 -27.17 48.99
CA ASN F 192 16.67 -26.37 50.06
C ASN F 192 16.04 -27.18 51.21
N ASP F 193 16.73 -28.25 51.59
CA ASP F 193 16.31 -29.16 52.66
C ASP F 193 14.93 -29.79 52.49
N ARG F 194 14.38 -29.80 51.28
CA ARG F 194 13.04 -30.39 51.05
C ARG F 194 13.20 -31.72 50.33
N SER F 195 12.73 -32.80 50.97
CA SER F 195 12.85 -34.15 50.43
C SER F 195 14.17 -34.35 49.69
N VAL F 196 15.25 -33.92 50.32
CA VAL F 196 16.60 -33.99 49.76
C VAL F 196 16.92 -35.28 49.01
N LEU F 197 16.78 -36.41 49.68
CA LEU F 197 17.08 -37.67 49.03
C LEU F 197 16.10 -38.02 47.90
N GLU F 198 14.82 -38.04 48.23
CA GLU F 198 13.79 -38.37 47.27
C GLU F 198 13.93 -37.51 46.02
N ASN F 199 14.21 -36.23 46.19
CA ASN F 199 14.39 -35.37 45.05
C ASN F 199 15.56 -35.83 44.20
N HIS F 200 16.64 -36.20 44.87
CA HIS F 200 17.84 -36.66 44.21
C HIS F 200 17.60 -37.95 43.44
N HIS F 201 16.85 -38.87 44.03
CA HIS F 201 16.57 -40.14 43.36
C HIS F 201 15.89 -39.90 42.02
N ALA F 202 14.79 -39.15 42.03
CA ALA F 202 14.04 -38.86 40.81
C ALA F 202 14.84 -38.06 39.78
N ALA F 203 15.43 -36.96 40.23
CA ALA F 203 16.21 -36.12 39.32
C ALA F 203 17.37 -36.86 38.71
N SER F 204 17.93 -37.78 39.47
CA SER F 204 19.10 -38.52 39.03
C SER F 204 18.74 -39.60 38.01
N ALA F 205 17.69 -40.36 38.31
CA ALA F 205 17.24 -41.43 37.43
C ALA F 205 16.76 -40.83 36.10
N TRP F 206 16.07 -39.69 36.17
CA TRP F 206 15.58 -39.06 34.95
C TRP F 206 16.74 -38.52 34.14
N ASN F 207 17.67 -37.87 34.82
CA ASN F 207 18.83 -37.36 34.12
C ASN F 207 19.52 -38.53 33.42
N LEU F 208 19.61 -39.66 34.11
CA LEU F 208 20.22 -40.87 33.56
C LEU F 208 19.46 -41.26 32.30
N TYR F 209 18.14 -41.33 32.41
CA TYR F 209 17.28 -41.71 31.28
C TYR F 209 17.51 -40.87 30.05
N LEU F 210 17.59 -39.56 30.22
CA LEU F 210 17.77 -38.68 29.07
C LEU F 210 19.23 -38.58 28.63
N SER F 211 20.13 -39.18 29.41
CA SER F 211 21.58 -39.17 29.15
C SER F 211 21.99 -39.62 27.79
N ARG F 212 21.48 -40.78 27.41
CA ARG F 212 21.84 -41.37 26.15
C ARG F 212 20.63 -41.87 25.39
N PRO F 213 20.67 -41.78 24.06
CA PRO F 213 19.53 -42.23 23.26
C PRO F 213 19.21 -43.73 23.37
N GLU F 214 20.21 -44.53 23.72
CA GLU F 214 19.98 -45.97 23.84
C GLU F 214 19.18 -46.37 25.06
N TYR F 215 18.78 -45.39 25.87
CA TYR F 215 18.00 -45.67 27.08
C TYR F 215 16.53 -45.37 26.83
N ASN F 216 16.28 -44.63 25.75
CA ASN F 216 14.93 -44.20 25.39
C ASN F 216 13.96 -45.31 25.05
N PHE F 217 13.50 -46.05 26.04
CA PHE F 217 12.58 -47.13 25.75
C PHE F 217 11.12 -46.69 25.70
N LEU F 218 10.86 -45.43 26.00
CA LEU F 218 9.50 -44.89 25.96
C LEU F 218 9.28 -44.10 24.69
N LEU F 219 10.09 -44.39 23.67
CA LEU F 219 10.00 -43.68 22.40
C LEU F 219 8.69 -43.82 21.65
N HIS F 220 7.74 -44.56 22.18
CA HIS F 220 6.47 -44.69 21.47
C HIS F 220 5.29 -44.08 22.23
N LEU F 221 5.57 -43.15 23.13
CA LEU F 221 4.50 -42.49 23.86
C LEU F 221 4.46 -41.11 23.25
N ASP F 222 3.27 -40.57 22.97
CA ASP F 222 3.28 -39.24 22.41
C ASP F 222 3.72 -38.23 23.47
N HIS F 223 3.95 -36.98 23.07
CA HIS F 223 4.41 -35.97 24.02
C HIS F 223 3.51 -35.91 25.23
N VAL F 224 2.21 -35.95 25.00
CA VAL F 224 1.28 -35.88 26.12
C VAL F 224 1.52 -37.02 27.09
N GLU F 225 1.44 -38.25 26.58
CA GLU F 225 1.66 -39.44 27.37
C GLU F 225 2.98 -39.40 28.13
N PHE F 226 4.07 -38.98 27.49
CA PHE F 226 5.37 -38.93 28.17
C PHE F 226 5.36 -37.93 29.31
N LYS F 227 4.92 -36.72 29.00
CA LYS F 227 4.84 -35.64 29.95
C LYS F 227 4.09 -36.13 31.19
N ARG F 228 2.98 -36.83 30.98
CA ARG F 228 2.20 -37.33 32.10
C ARG F 228 2.93 -38.44 32.85
N PHE F 229 3.60 -39.31 32.11
CA PHE F 229 4.33 -40.41 32.71
C PHE F 229 5.39 -39.85 33.64
N ARG F 230 6.18 -38.91 33.13
CA ARG F 230 7.23 -38.32 33.92
C ARG F 230 6.65 -37.72 35.19
N PHE F 231 5.55 -36.97 35.06
CA PHE F 231 4.92 -36.34 36.22
C PHE F 231 4.48 -37.36 37.25
N LEU F 232 3.90 -38.46 36.77
CA LEU F 232 3.43 -39.52 37.64
C LEU F 232 4.58 -40.17 38.37
N VAL F 233 5.66 -40.46 37.66
CA VAL F 233 6.80 -41.08 38.30
C VAL F 233 7.34 -40.20 39.44
N ILE F 234 7.58 -38.93 39.14
CA ILE F 234 8.08 -38.02 40.15
C ILE F 234 7.17 -37.98 41.38
N GLU F 235 5.87 -37.91 41.17
CA GLU F 235 4.94 -37.85 42.29
C GLU F 235 5.05 -39.09 43.18
N ALA F 236 5.27 -40.24 42.56
CA ALA F 236 5.39 -41.47 43.32
C ALA F 236 6.68 -41.47 44.12
N ILE F 237 7.80 -41.26 43.44
CA ILE F 237 9.06 -41.24 44.12
C ILE F 237 9.06 -40.26 45.28
N LEU F 238 8.60 -39.04 45.07
CA LEU F 238 8.60 -38.05 46.14
C LEU F 238 7.67 -38.33 47.31
N ALA F 239 6.82 -39.33 47.17
CA ALA F 239 5.88 -39.65 48.24
C ALA F 239 6.55 -40.59 49.23
N THR F 240 7.71 -41.10 48.86
CA THR F 240 8.41 -42.01 49.74
C THR F 240 9.17 -41.29 50.86
N ASP F 241 9.14 -39.95 50.87
CA ASP F 241 9.80 -39.18 51.92
C ASP F 241 8.95 -39.33 53.19
N LEU F 242 9.45 -40.07 54.17
CA LEU F 242 8.71 -40.28 55.40
C LEU F 242 8.30 -39.03 56.17
N LYS F 243 8.93 -37.90 55.91
CA LYS F 243 8.58 -36.68 56.63
C LYS F 243 7.13 -36.33 56.35
N LYS F 244 6.68 -36.68 55.15
CA LYS F 244 5.31 -36.38 54.76
C LYS F 244 4.38 -37.58 55.01
N HIS F 245 4.89 -38.59 55.71
CA HIS F 245 4.13 -39.80 55.98
C HIS F 245 2.75 -39.56 56.58
N PHE F 246 2.67 -38.77 57.64
CA PHE F 246 1.38 -38.56 58.26
C PHE F 246 0.45 -37.71 57.43
N ASP F 247 1.01 -36.86 56.58
CA ASP F 247 0.21 -36.02 55.73
C ASP F 247 -0.50 -36.88 54.69
N PHE F 248 0.24 -37.80 54.05
CA PHE F 248 -0.36 -38.67 53.04
C PHE F 248 -1.40 -39.55 53.70
N LEU F 249 -1.10 -40.00 54.91
CA LEU F 249 -2.01 -40.88 55.60
C LEU F 249 -3.31 -40.14 55.89
N ALA F 250 -3.16 -38.92 56.37
CA ALA F 250 -4.31 -38.07 56.67
C ALA F 250 -5.18 -37.88 55.45
N GLU F 251 -4.59 -37.35 54.40
CA GLU F 251 -5.29 -37.10 53.16
C GLU F 251 -5.94 -38.37 52.65
N PHE F 252 -5.23 -39.48 52.71
CA PHE F 252 -5.81 -40.71 52.23
C PHE F 252 -7.04 -41.07 53.03
N ASN F 253 -6.96 -40.93 54.35
CA ASN F 253 -8.11 -41.27 55.15
C ASN F 253 -9.29 -40.38 54.83
N ALA F 254 -9.04 -39.08 54.66
CA ALA F 254 -10.08 -38.14 54.31
C ALA F 254 -10.91 -38.60 53.12
N LYS F 255 -10.26 -39.13 52.08
CA LYS F 255 -11.00 -39.62 50.92
C LYS F 255 -11.60 -40.97 51.17
N ALA F 256 -10.74 -41.98 51.37
CA ALA F 256 -11.16 -43.36 51.57
C ALA F 256 -12.02 -43.73 52.76
N ASN F 257 -11.52 -43.52 53.97
CA ASN F 257 -12.32 -43.90 55.13
C ASN F 257 -12.19 -42.99 56.33
N ASP F 258 -13.18 -42.11 56.50
CA ASP F 258 -13.20 -41.19 57.62
C ASP F 258 -14.66 -41.04 57.98
N VAL F 259 -14.97 -40.20 58.96
CA VAL F 259 -16.35 -40.00 59.38
C VAL F 259 -17.22 -39.55 58.20
N ASN F 260 -16.79 -38.47 57.56
CA ASN F 260 -17.52 -37.94 56.42
C ASN F 260 -16.84 -38.32 55.10
N SER F 261 -16.05 -39.40 55.13
CA SER F 261 -15.33 -39.86 53.94
C SER F 261 -16.27 -39.89 52.72
N ASN F 262 -15.70 -39.69 51.55
CA ASN F 262 -16.48 -39.69 50.32
C ASN F 262 -16.44 -41.03 49.58
N GLY F 263 -15.24 -41.51 49.27
CA GLY F 263 -15.07 -42.77 48.58
C GLY F 263 -13.78 -42.75 47.78
N ILE F 264 -13.85 -42.98 46.47
CA ILE F 264 -12.64 -42.94 45.66
C ILE F 264 -12.86 -42.37 44.26
N GLU F 265 -13.89 -42.82 43.58
CA GLU F 265 -14.18 -42.32 42.24
C GLU F 265 -12.90 -42.50 41.43
N TRP F 266 -12.72 -43.70 40.89
CA TRP F 266 -11.55 -43.98 40.09
C TRP F 266 -11.47 -43.09 38.85
N SER F 267 -12.53 -42.32 38.60
CA SER F 267 -12.57 -41.45 37.45
C SER F 267 -11.88 -40.13 37.77
N ASN F 268 -11.51 -39.96 39.04
CA ASN F 268 -10.84 -38.77 39.52
C ASN F 268 -9.32 -39.01 39.51
N GLU F 269 -8.61 -38.39 38.57
CA GLU F 269 -7.16 -38.57 38.46
C GLU F 269 -6.45 -38.39 39.79
N ASN F 270 -6.84 -37.36 40.54
CA ASN F 270 -6.21 -37.09 41.82
C ASN F 270 -6.34 -38.24 42.79
N ASP F 271 -7.54 -38.78 42.92
CA ASP F 271 -7.76 -39.89 43.81
C ASP F 271 -6.94 -41.07 43.37
N ARG F 272 -6.84 -41.28 42.06
CA ARG F 272 -6.06 -42.39 41.57
C ARG F 272 -4.59 -42.25 41.95
N LEU F 273 -4.06 -41.04 41.84
CA LEU F 273 -2.66 -40.81 42.20
C LEU F 273 -2.46 -41.07 43.69
N LEU F 274 -3.39 -40.58 44.51
CA LEU F 274 -3.29 -40.78 45.94
C LEU F 274 -3.21 -42.27 46.27
N VAL F 275 -4.01 -43.08 45.59
CA VAL F 275 -3.98 -44.48 45.84
C VAL F 275 -2.61 -45.03 45.42
N CYS F 276 -2.11 -44.59 44.27
CA CYS F 276 -0.83 -45.07 43.82
C CYS F 276 0.27 -44.69 44.78
N GLN F 277 0.19 -43.50 45.35
CA GLN F 277 1.21 -43.07 46.27
C GLN F 277 1.17 -43.88 47.56
N VAL F 278 -0.02 -44.12 48.07
CA VAL F 278 -0.16 -44.89 49.28
C VAL F 278 0.37 -46.31 49.04
N CYS F 279 0.37 -46.72 47.78
CA CYS F 279 0.85 -48.03 47.42
C CYS F 279 2.39 -48.12 47.55
N ILE F 280 3.15 -47.30 46.81
CA ILE F 280 4.62 -47.34 46.95
C ILE F 280 4.94 -47.08 48.40
N LYS F 281 4.17 -46.21 49.03
CA LYS F 281 4.40 -45.90 50.43
C LYS F 281 4.47 -47.18 51.25
N LEU F 282 3.50 -48.06 51.04
CA LEU F 282 3.42 -49.33 51.73
C LEU F 282 4.48 -50.28 51.20
N ALA F 283 4.64 -50.35 49.89
CA ALA F 283 5.63 -51.23 49.31
C ALA F 283 7.05 -50.84 49.75
N ASP F 284 7.26 -49.57 50.06
CA ASP F 284 8.60 -49.12 50.47
C ASP F 284 8.93 -49.60 51.87
N ILE F 285 7.91 -49.83 52.68
CA ILE F 285 8.15 -50.29 54.05
C ILE F 285 7.43 -51.60 54.34
N ASN F 286 7.39 -52.50 53.35
CA ASN F 286 6.71 -53.76 53.52
C ASN F 286 7.38 -54.71 54.50
N GLY F 287 8.61 -54.38 54.91
CA GLY F 287 9.33 -55.22 55.85
C GLY F 287 8.52 -55.95 56.90
N PRO F 288 8.07 -55.25 57.95
CA PRO F 288 7.29 -55.90 59.00
C PRO F 288 5.92 -56.44 58.60
N ALA F 289 5.68 -56.56 57.30
CA ALA F 289 4.40 -57.08 56.82
C ALA F 289 4.61 -58.35 56.05
N LYS F 290 5.85 -58.83 56.04
CA LYS F 290 6.17 -60.06 55.37
C LYS F 290 6.31 -61.14 56.44
N VAL F 291 6.69 -62.34 56.04
CA VAL F 291 6.87 -63.43 56.98
C VAL F 291 8.09 -63.15 57.87
N ARG F 292 8.10 -63.71 59.08
CA ARG F 292 9.19 -63.53 60.03
C ARG F 292 10.56 -63.61 59.37
N ASP F 293 10.79 -64.71 58.64
CA ASP F 293 12.05 -64.89 57.95
C ASP F 293 12.48 -63.58 57.25
N LEU F 294 11.68 -63.13 56.28
CA LEU F 294 11.94 -61.93 55.50
C LEU F 294 12.03 -60.67 56.35
N HIS F 295 11.09 -60.50 57.28
CA HIS F 295 11.09 -59.33 58.13
C HIS F 295 12.43 -59.10 58.81
N LEU F 296 12.94 -60.14 59.47
CA LEU F 296 14.22 -60.06 60.17
C LEU F 296 15.39 -59.75 59.25
N LYS F 297 15.49 -60.46 58.14
CA LYS F 297 16.56 -60.22 57.18
C LYS F 297 16.64 -58.76 56.73
N TRP F 298 15.49 -58.10 56.56
CA TRP F 298 15.43 -56.68 56.18
C TRP F 298 15.85 -55.85 57.38
N THR F 299 15.31 -56.17 58.55
CA THR F 299 15.64 -55.43 59.76
C THR F 299 17.15 -55.38 59.94
N GLU F 300 17.80 -56.49 59.62
CA GLU F 300 19.23 -56.57 59.75
C GLU F 300 19.90 -55.51 58.88
N GLY F 301 19.55 -55.46 57.60
CA GLY F 301 20.15 -54.47 56.71
C GLY F 301 19.95 -53.03 57.14
N ILE F 302 18.77 -52.71 57.67
CA ILE F 302 18.48 -51.34 58.08
C ILE F 302 19.33 -50.89 59.24
N VAL F 303 19.38 -51.71 60.29
CA VAL F 303 20.16 -51.37 61.45
C VAL F 303 21.64 -51.26 61.09
N ASN F 304 22.16 -52.21 60.31
CA ASN F 304 23.57 -52.16 59.94
C ASN F 304 23.88 -50.82 59.30
N GLU F 305 22.97 -50.36 58.47
CA GLU F 305 23.15 -49.09 57.77
C GLU F 305 23.02 -47.95 58.77
N PHE F 306 22.02 -48.04 59.65
CA PHE F 306 21.83 -47.00 60.66
C PHE F 306 23.12 -46.81 61.48
N TYR F 307 23.75 -47.94 61.80
CA TYR F 307 24.98 -47.97 62.58
C TYR F 307 26.12 -47.35 61.77
N GLU F 308 26.24 -47.73 60.50
CA GLU F 308 27.28 -47.17 59.65
C GLU F 308 27.16 -45.63 59.66
N GLN F 309 25.94 -45.13 59.81
CA GLN F 309 25.73 -43.70 59.85
C GLN F 309 26.22 -43.15 61.18
N GLY F 310 25.82 -43.82 62.26
CA GLY F 310 26.24 -43.43 63.59
C GLY F 310 27.75 -43.33 63.70
N ASP F 311 28.46 -44.22 63.01
CA ASP F 311 29.91 -44.19 63.03
C ASP F 311 30.40 -42.86 62.43
N GLU F 312 29.91 -42.52 61.24
CA GLU F 312 30.29 -41.27 60.58
C GLU F 312 29.85 -40.06 61.39
N GLU F 313 28.74 -40.19 62.10
CA GLU F 313 28.26 -39.09 62.92
C GLU F 313 29.30 -38.84 64.00
N ALA F 314 29.90 -39.91 64.50
CA ALA F 314 30.92 -39.85 65.54
C ALA F 314 32.19 -39.26 64.95
N ASN F 315 32.64 -39.76 63.80
CA ASN F 315 33.85 -39.24 63.19
C ASN F 315 33.69 -37.78 62.81
N LEU F 316 32.48 -37.26 62.93
CA LEU F 316 32.26 -35.87 62.60
C LEU F 316 32.03 -35.07 63.86
N GLY F 317 32.02 -35.76 64.98
CA GLY F 317 31.81 -35.09 66.25
C GLY F 317 30.38 -34.64 66.42
N LEU F 318 29.45 -35.50 66.02
CA LEU F 318 28.04 -35.16 66.14
C LEU F 318 27.37 -36.19 67.01
N PRO F 319 26.33 -35.77 67.72
CA PRO F 319 25.56 -36.66 68.59
C PRO F 319 25.05 -37.83 67.77
N ILE F 320 25.25 -39.06 68.25
CA ILE F 320 24.76 -40.22 67.50
C ILE F 320 23.25 -40.19 67.53
N SER F 321 22.65 -40.37 66.35
CA SER F 321 21.20 -40.35 66.22
C SER F 321 20.57 -41.57 66.85
N PRO F 322 19.39 -41.40 67.45
CA PRO F 322 18.64 -42.49 68.09
C PRO F 322 18.67 -43.80 67.33
N PHE F 323 18.91 -44.89 68.05
CA PHE F 323 18.97 -46.21 67.45
C PHE F 323 20.12 -46.42 66.47
N MET F 324 20.97 -45.42 66.28
CA MET F 324 22.08 -45.58 65.34
C MET F 324 23.43 -45.87 65.99
N ASP F 325 23.43 -45.99 67.31
CA ASP F 325 24.64 -46.26 68.06
C ASP F 325 24.77 -47.76 68.33
N ARG F 326 25.68 -48.42 67.64
CA ARG F 326 25.85 -49.87 67.79
C ARG F 326 26.35 -50.31 69.16
N SER F 327 27.05 -49.42 69.85
CA SER F 327 27.54 -49.74 71.18
C SER F 327 26.44 -49.42 72.19
N SER F 328 25.20 -49.51 71.74
CA SER F 328 24.05 -49.22 72.60
C SER F 328 22.75 -49.38 71.79
N PRO F 329 22.64 -50.47 71.02
CA PRO F 329 21.47 -50.75 70.19
C PRO F 329 20.17 -50.87 70.96
N GLN F 330 19.07 -50.60 70.28
CA GLN F 330 17.76 -50.70 70.90
C GLN F 330 16.77 -51.25 69.89
N LEU F 331 17.25 -52.22 69.12
CA LEU F 331 16.51 -52.89 68.06
C LEU F 331 15.06 -53.14 68.40
N ALA F 332 14.80 -53.86 69.49
CA ALA F 332 13.43 -54.16 69.88
C ALA F 332 12.57 -52.89 69.97
N LYS F 333 13.11 -51.86 70.60
CA LYS F 333 12.39 -50.60 70.78
C LYS F 333 12.09 -49.96 69.43
N LEU F 334 13.09 -50.01 68.55
CA LEU F 334 13.01 -49.45 67.20
C LEU F 334 11.85 -50.07 66.42
N GLN F 335 11.98 -51.35 66.11
CA GLN F 335 10.95 -52.06 65.37
C GLN F 335 9.58 -51.90 66.01
N GLU F 336 9.51 -52.03 67.34
CA GLU F 336 8.25 -51.91 68.03
C GLU F 336 7.59 -50.60 67.66
N SER F 337 8.31 -49.50 67.83
CA SER F 337 7.80 -48.16 67.51
C SER F 337 7.43 -47.98 66.04
N PHE F 338 8.30 -48.45 65.16
CA PHE F 338 8.07 -48.33 63.71
C PHE F 338 6.79 -49.04 63.31
N ILE F 339 6.63 -50.28 63.75
CA ILE F 339 5.44 -51.04 63.42
C ILE F 339 4.22 -50.43 64.07
N THR F 340 4.40 -49.58 65.07
CA THR F 340 3.25 -49.02 65.75
C THR F 340 2.82 -47.66 65.24
N HIS F 341 3.78 -46.81 64.93
CA HIS F 341 3.47 -45.46 64.47
C HIS F 341 3.57 -45.24 62.97
N ILE F 342 4.16 -46.18 62.24
CA ILE F 342 4.30 -46.00 60.80
C ILE F 342 3.65 -47.08 59.96
N VAL F 343 4.29 -48.23 59.81
CA VAL F 343 3.71 -49.31 59.02
C VAL F 343 2.33 -49.72 59.52
N GLY F 344 2.17 -49.76 60.84
CA GLY F 344 0.90 -50.14 61.42
C GLY F 344 -0.27 -49.33 60.89
N PRO F 345 -0.38 -48.06 61.28
CA PRO F 345 -1.48 -47.21 60.82
C PRO F 345 -1.64 -47.16 59.30
N LEU F 346 -0.56 -47.31 58.55
CA LEU F 346 -0.64 -47.29 57.11
C LEU F 346 -1.43 -48.49 56.62
N CYS F 347 -1.02 -49.69 57.01
CA CYS F 347 -1.73 -50.88 56.57
C CYS F 347 -3.19 -50.86 56.97
N ASN F 348 -3.46 -50.34 58.17
CA ASN F 348 -4.84 -50.31 58.62
C ASN F 348 -5.65 -49.42 57.71
N SER F 349 -5.14 -48.23 57.49
CA SER F 349 -5.79 -47.26 56.65
C SER F 349 -6.02 -47.83 55.25
N TYR F 350 -5.00 -48.46 54.70
CA TYR F 350 -5.08 -49.04 53.36
C TYR F 350 -6.04 -50.21 53.38
N ASP F 351 -6.12 -50.91 54.51
CA ASP F 351 -7.00 -52.06 54.64
C ASP F 351 -8.44 -51.60 54.77
N ALA F 352 -8.64 -50.53 55.55
CA ALA F 352 -9.95 -49.97 55.76
C ALA F 352 -10.58 -49.54 54.43
N ALA F 353 -9.74 -49.08 53.50
CA ALA F 353 -10.22 -48.68 52.21
C ALA F 353 -10.55 -49.91 51.37
N GLY F 354 -10.19 -51.08 51.88
CA GLY F 354 -10.46 -52.31 51.18
C GLY F 354 -9.73 -52.45 49.87
N LEU F 355 -8.46 -52.05 49.85
CA LEU F 355 -7.64 -52.12 48.66
C LEU F 355 -6.56 -53.17 48.76
N LEU F 356 -6.60 -53.94 49.86
CA LEU F 356 -5.60 -54.97 50.11
C LEU F 356 -5.96 -56.34 49.63
N PRO F 357 -5.08 -56.97 48.85
CA PRO F 357 -5.37 -58.32 48.36
C PRO F 357 -5.72 -59.20 49.55
N GLY F 358 -6.49 -60.25 49.31
CA GLY F 358 -6.87 -61.13 50.40
C GLY F 358 -7.88 -62.13 49.91
N GLN F 359 -8.46 -62.90 50.82
CA GLN F 359 -9.45 -63.87 50.41
C GLN F 359 -10.58 -63.96 51.42
N TRP F 360 -11.78 -64.23 50.90
CA TRP F 360 -12.97 -64.36 51.71
C TRP F 360 -12.82 -65.58 52.59
N LEU F 361 -13.33 -65.50 53.81
CA LEU F 361 -13.25 -66.62 54.74
C LEU F 361 -14.39 -67.63 54.53
N GLU F 362 -15.61 -67.11 54.41
CA GLU F 362 -16.80 -67.94 54.24
C GLU F 362 -17.50 -67.61 52.92
N ALA F 363 -18.59 -68.31 52.63
CA ALA F 363 -19.32 -68.07 51.39
C ALA F 363 -20.21 -66.85 51.54
N GLU F 364 -20.95 -66.46 50.49
CA GLU F 364 -21.85 -65.30 50.54
C GLU F 364 -23.05 -65.52 51.45
N GLU F 365 -23.27 -66.77 51.83
CA GLU F 365 -24.37 -67.08 52.74
C GLU F 365 -23.73 -67.27 54.13
N ASP F 366 -23.08 -66.20 54.59
CA ASP F 366 -22.37 -66.12 55.87
C ASP F 366 -23.22 -65.76 57.09
N ASN F 367 -24.49 -66.18 57.10
CA ASN F 367 -25.38 -65.88 58.21
C ASN F 367 -25.36 -67.00 59.28
N ASP F 368 -25.52 -66.60 60.54
CA ASP F 368 -25.54 -67.50 61.71
C ASP F 368 -26.62 -67.09 62.71
N THR F 369 -27.79 -67.71 62.57
CA THR F 369 -28.94 -67.43 63.43
C THR F 369 -28.87 -68.34 64.67
N GLU F 370 -27.65 -68.55 65.17
CA GLU F 370 -27.40 -69.39 66.35
C GLU F 370 -26.13 -68.96 67.12
N SER F 371 -25.47 -67.92 66.62
CA SER F 371 -24.23 -67.39 67.22
C SER F 371 -24.50 -66.69 68.56
N SER F 400 -18.07 -55.83 52.88
CA SER F 400 -18.82 -54.77 53.61
C SER F 400 -19.39 -55.34 54.90
N ARG F 401 -19.25 -56.65 55.06
CA ARG F 401 -19.74 -57.32 56.25
C ARG F 401 -19.30 -58.78 56.23
N ARG F 402 -18.76 -59.24 55.10
CA ARG F 402 -18.30 -60.62 55.05
C ARG F 402 -16.86 -60.64 55.48
N ARG F 403 -16.53 -61.53 56.42
CA ARG F 403 -15.18 -61.62 56.93
C ARG F 403 -14.14 -61.89 55.83
N ILE F 404 -13.05 -61.14 55.89
CA ILE F 404 -11.97 -61.27 54.91
C ILE F 404 -10.63 -61.51 55.60
N PHE F 405 -9.78 -62.33 54.98
CA PHE F 405 -8.46 -62.63 55.53
C PHE F 405 -7.34 -62.01 54.70
N CYS F 406 -6.53 -61.18 55.34
CA CYS F 406 -5.42 -60.49 54.71
C CYS F 406 -4.06 -61.05 55.15
N GLN F 407 -3.33 -61.65 54.23
CA GLN F 407 -2.03 -62.19 54.58
C GLN F 407 -1.09 -61.17 55.24
N LEU F 408 -0.76 -60.07 54.56
CA LEU F 408 0.15 -59.10 55.15
C LEU F 408 -0.40 -58.39 56.36
N MET F 409 -1.69 -58.52 56.58
CA MET F 409 -2.30 -57.87 57.72
C MET F 409 -1.95 -58.68 58.98
N HIS F 410 -1.90 -60.01 58.84
CA HIS F 410 -1.57 -60.86 59.96
C HIS F 410 -0.08 -60.89 60.22
N HIS F 411 0.71 -60.95 59.16
CA HIS F 411 2.17 -60.94 59.29
C HIS F 411 2.57 -59.76 60.17
N LEU F 412 1.86 -58.66 60.01
CA LEU F 412 2.13 -57.46 60.78
C LEU F 412 1.86 -57.66 62.26
N THR F 413 0.75 -58.29 62.61
CA THR F 413 0.39 -58.55 64.01
C THR F 413 1.39 -59.52 64.65
N GLU F 414 1.81 -60.52 63.88
CA GLU F 414 2.76 -61.51 64.33
C GLU F 414 4.13 -60.87 64.62
N ASN F 415 4.73 -60.28 63.60
CA ASN F 415 6.02 -59.64 63.78
C ASN F 415 6.02 -58.64 64.93
N HIS F 416 4.89 -57.98 65.15
CA HIS F 416 4.82 -57.00 66.21
C HIS F 416 5.13 -57.66 67.55
N LYS F 417 4.59 -58.86 67.75
CA LYS F 417 4.80 -59.60 68.98
C LYS F 417 6.28 -59.76 69.32
N ILE F 418 7.07 -60.26 68.38
CA ILE F 418 8.50 -60.47 68.63
C ILE F 418 9.34 -59.21 68.82
N TRP F 419 8.75 -58.12 69.30
CA TRP F 419 9.47 -56.86 69.55
C TRP F 419 8.92 -56.18 70.79
N LYS F 420 7.69 -56.52 71.17
CA LYS F 420 7.08 -55.93 72.37
C LYS F 420 7.81 -56.37 73.62
N LEU G 6 19.52 -95.71 4.71
CA LEU G 6 19.78 -94.26 4.99
C LEU G 6 20.66 -93.65 3.89
N ASP G 7 21.66 -94.41 3.43
CA ASP G 7 22.57 -93.98 2.38
C ASP G 7 21.78 -93.65 1.09
N LEU G 8 20.94 -94.59 0.67
CA LEU G 8 20.11 -94.41 -0.52
C LEU G 8 19.07 -93.31 -0.29
N ILE G 9 18.51 -93.26 0.91
CA ILE G 9 17.51 -92.25 1.28
C ILE G 9 18.04 -90.83 1.11
N LEU G 10 19.31 -90.63 1.45
CA LEU G 10 19.96 -89.32 1.33
C LEU G 10 20.28 -88.98 -0.14
N VAL G 11 20.66 -90.00 -0.91
CA VAL G 11 20.98 -89.81 -2.33
C VAL G 11 19.69 -89.47 -3.08
N GLU G 12 18.59 -90.09 -2.69
CA GLU G 12 17.32 -89.81 -3.33
C GLU G 12 16.93 -88.36 -3.09
N GLU G 13 17.12 -87.88 -1.87
CA GLU G 13 16.80 -86.50 -1.53
C GLU G 13 17.60 -85.51 -2.37
N TYR G 14 18.88 -85.81 -2.59
CA TYR G 14 19.73 -84.94 -3.38
C TYR G 14 19.21 -84.87 -4.82
N ASP G 15 18.97 -86.03 -5.43
CA ASP G 15 18.49 -86.06 -6.80
C ASP G 15 17.14 -85.36 -6.90
N SER G 16 16.32 -85.54 -5.88
CA SER G 16 15.01 -84.92 -5.84
C SER G 16 15.14 -83.41 -5.93
N LEU G 17 15.91 -82.85 -5.01
CA LEU G 17 16.13 -81.41 -4.94
C LEU G 17 16.69 -80.86 -6.24
N ILE G 18 17.79 -81.45 -6.72
CA ILE G 18 18.39 -80.99 -7.96
C ILE G 18 17.35 -80.95 -9.08
N GLU G 19 16.48 -81.94 -9.11
CA GLU G 19 15.47 -81.96 -10.16
C GLU G 19 14.55 -80.76 -10.00
N LYS G 20 14.11 -80.51 -8.78
CA LYS G 20 13.24 -79.37 -8.48
C LYS G 20 13.92 -78.06 -8.81
N MET G 21 15.13 -77.88 -8.30
CA MET G 21 15.90 -76.67 -8.52
C MET G 21 16.32 -76.44 -9.96
N SER G 22 16.17 -77.45 -10.81
CA SER G 22 16.58 -77.27 -12.19
C SER G 22 15.66 -76.37 -12.99
N ASN G 23 14.49 -76.08 -12.42
CA ASN G 23 13.51 -75.20 -13.05
C ASN G 23 13.72 -73.80 -12.53
N TRP G 24 13.71 -72.83 -13.42
CA TRP G 24 13.87 -71.44 -12.98
C TRP G 24 12.76 -71.09 -11.99
N ASN G 25 11.59 -71.68 -12.17
CA ASN G 25 10.50 -71.42 -11.25
C ASN G 25 10.50 -72.48 -10.16
N PHE G 26 11.66 -72.66 -9.54
CA PHE G 26 11.81 -73.63 -8.49
C PHE G 26 10.79 -73.36 -7.38
N PRO G 27 9.94 -74.34 -7.08
CA PRO G 27 8.89 -74.23 -6.04
C PRO G 27 9.49 -74.23 -4.62
N ILE G 28 10.30 -73.21 -4.36
CA ILE G 28 10.97 -73.07 -3.08
C ILE G 28 10.02 -73.16 -1.89
N PHE G 29 8.84 -72.57 -1.99
CA PHE G 29 7.91 -72.64 -0.87
C PHE G 29 7.41 -74.03 -0.57
N GLU G 30 7.46 -74.90 -1.57
CA GLU G 30 7.04 -76.28 -1.38
C GLU G 30 8.09 -76.97 -0.55
N LEU G 31 9.35 -76.73 -0.90
CA LEU G 31 10.50 -77.32 -0.20
C LEU G 31 10.37 -76.94 1.28
N VAL G 32 10.08 -75.67 1.53
CA VAL G 32 9.91 -75.19 2.90
C VAL G 32 8.92 -76.06 3.63
N GLU G 33 7.86 -76.48 2.93
CA GLU G 33 6.86 -77.33 3.54
C GLU G 33 7.35 -78.75 3.74
N LYS G 34 7.97 -79.32 2.72
CA LYS G 34 8.49 -80.67 2.82
C LYS G 34 9.45 -80.80 4.02
N MET G 35 10.28 -79.78 4.26
CA MET G 35 11.22 -79.84 5.37
C MET G 35 10.54 -79.77 6.74
N GLY G 36 9.30 -79.28 6.77
CA GLY G 36 8.58 -79.18 8.02
C GLY G 36 9.37 -78.49 9.12
N GLU G 37 9.53 -79.18 10.25
CA GLU G 37 10.25 -78.63 11.39
C GLU G 37 11.73 -78.38 11.12
N LYS G 38 12.28 -79.02 10.10
CA LYS G 38 13.67 -78.82 9.79
C LYS G 38 13.81 -77.71 8.75
N SER G 39 12.70 -76.99 8.56
CA SER G 39 12.62 -75.88 7.63
C SER G 39 13.71 -74.82 7.82
N GLY G 40 14.12 -74.63 9.07
CA GLY G 40 15.12 -73.62 9.36
C GLY G 40 16.51 -73.89 8.83
N ARG G 41 16.71 -75.06 8.23
CA ARG G 41 18.01 -75.41 7.68
C ARG G 41 17.99 -75.43 6.16
N ILE G 42 17.02 -74.75 5.57
CA ILE G 42 16.88 -74.73 4.12
C ILE G 42 18.06 -74.10 3.39
N LEU G 43 18.56 -72.97 3.90
CA LEU G 43 19.69 -72.30 3.24
C LEU G 43 20.96 -73.16 3.26
N SER G 44 21.26 -73.79 4.39
CA SER G 44 22.44 -74.61 4.47
C SER G 44 22.31 -75.84 3.56
N GLN G 45 21.15 -76.49 3.59
CA GLN G 45 20.90 -77.66 2.74
C GLN G 45 21.02 -77.33 1.26
N VAL G 46 20.49 -76.19 0.87
CA VAL G 46 20.54 -75.81 -0.53
C VAL G 46 21.97 -75.48 -0.90
N MET G 47 22.70 -74.86 0.03
CA MET G 47 24.09 -74.49 -0.22
C MET G 47 24.93 -75.74 -0.42
N TYR G 48 24.68 -76.74 0.41
CA TYR G 48 25.42 -77.99 0.32
C TYR G 48 25.12 -78.65 -1.04
N THR G 49 23.84 -78.76 -1.36
CA THR G 49 23.41 -79.36 -2.60
C THR G 49 24.04 -78.68 -3.81
N LEU G 50 24.10 -77.35 -3.79
CA LEU G 50 24.67 -76.62 -4.92
C LEU G 50 26.17 -76.73 -4.97
N PHE G 51 26.83 -76.67 -3.82
CA PHE G 51 28.28 -76.79 -3.83
C PHE G 51 28.72 -78.16 -4.32
N GLN G 52 27.83 -79.15 -4.20
CA GLN G 52 28.10 -80.50 -4.69
C GLN G 52 27.86 -80.50 -6.20
N ASP G 53 26.66 -80.12 -6.59
CA ASP G 53 26.32 -80.06 -8.01
C ASP G 53 27.32 -79.23 -8.81
N THR G 54 27.96 -78.27 -8.14
CA THR G 54 28.93 -77.41 -8.80
C THR G 54 30.33 -78.00 -8.79
N GLY G 55 30.61 -78.79 -7.75
CA GLY G 55 31.91 -79.40 -7.62
C GLY G 55 32.86 -78.54 -6.82
N LEU G 56 32.38 -77.37 -6.40
CA LEU G 56 33.20 -76.46 -5.62
C LEU G 56 33.81 -77.13 -4.39
N LEU G 57 33.06 -77.99 -3.72
CA LEU G 57 33.58 -78.69 -2.54
C LEU G 57 34.90 -79.38 -2.85
N GLU G 58 34.97 -80.07 -3.97
CA GLU G 58 36.19 -80.77 -4.36
C GLU G 58 37.23 -79.80 -4.92
N ILE G 59 36.82 -78.91 -5.82
CA ILE G 59 37.73 -77.96 -6.43
C ILE G 59 38.54 -77.18 -5.39
N PHE G 60 37.93 -76.89 -4.24
CA PHE G 60 38.60 -76.13 -3.20
C PHE G 60 38.76 -76.92 -1.90
N LYS G 61 38.82 -78.24 -2.01
CA LYS G 61 39.00 -79.08 -0.84
C LYS G 61 38.27 -78.54 0.38
N ILE G 62 36.96 -78.30 0.26
CA ILE G 62 36.19 -77.79 1.39
C ILE G 62 35.67 -78.86 2.33
N PRO G 63 36.16 -78.89 3.58
CA PRO G 63 35.72 -79.89 4.56
C PRO G 63 34.22 -79.76 4.81
N THR G 64 33.49 -80.85 4.61
CA THR G 64 32.05 -80.83 4.79
C THR G 64 31.58 -80.32 6.14
N GLN G 65 32.28 -80.68 7.21
CA GLN G 65 31.91 -80.24 8.56
C GLN G 65 31.89 -78.72 8.76
N GLN G 66 33.04 -78.06 8.57
CA GLN G 66 33.10 -76.62 8.75
C GLN G 66 32.09 -75.89 7.87
N PHE G 67 31.98 -76.34 6.62
CA PHE G 67 31.05 -75.76 5.68
C PHE G 67 29.67 -75.73 6.32
N MET G 68 29.16 -76.90 6.68
CA MET G 68 27.85 -76.93 7.29
C MET G 68 27.80 -76.16 8.59
N ASN G 69 28.90 -76.14 9.33
CA ASN G 69 28.91 -75.42 10.59
C ASN G 69 28.62 -73.95 10.39
N TYR G 70 29.33 -73.34 9.47
CA TYR G 70 29.16 -71.92 9.18
C TYR G 70 27.81 -71.59 8.61
N PHE G 71 27.43 -72.26 7.54
CA PHE G 71 26.14 -71.96 6.95
C PHE G 71 24.97 -72.30 7.84
N ARG G 72 25.11 -73.28 8.72
CA ARG G 72 23.99 -73.56 9.60
C ARG G 72 23.87 -72.36 10.55
N ALA G 73 25.01 -71.76 10.85
CA ALA G 73 25.08 -70.60 11.75
C ALA G 73 24.59 -69.36 11.04
N LEU G 74 25.08 -69.16 9.83
CA LEU G 74 24.68 -68.02 9.02
C LEU G 74 23.15 -68.00 8.93
N GLU G 75 22.54 -69.15 8.66
CA GLU G 75 21.09 -69.22 8.57
C GLU G 75 20.40 -68.60 9.76
N ASN G 76 20.83 -69.01 10.95
CA ASN G 76 20.20 -68.52 12.16
C ASN G 76 20.31 -67.02 12.31
N GLY G 77 21.21 -66.42 11.53
CA GLY G 77 21.36 -64.98 11.58
C GLY G 77 20.18 -64.27 10.96
N TYR G 78 19.49 -64.93 10.04
CA TYR G 78 18.33 -64.37 9.37
C TYR G 78 17.14 -64.38 10.32
N ARG G 79 16.61 -63.18 10.58
CA ARG G 79 15.49 -62.99 11.49
C ARG G 79 14.22 -63.56 10.93
N ASP G 80 13.22 -63.69 11.79
CA ASP G 80 11.95 -64.21 11.37
C ASP G 80 11.02 -63.06 10.97
N ILE G 81 11.35 -62.44 9.84
CA ILE G 81 10.59 -61.34 9.30
C ILE G 81 9.93 -61.78 7.99
N PRO G 82 8.83 -61.12 7.58
CA PRO G 82 8.06 -61.43 6.37
C PRO G 82 8.78 -61.59 5.04
N TYR G 83 9.87 -60.87 4.82
CA TYR G 83 10.53 -61.03 3.54
C TYR G 83 12.02 -61.31 3.57
N HIS G 84 12.80 -60.43 4.21
CA HIS G 84 14.24 -60.60 4.27
C HIS G 84 14.70 -61.67 5.26
N ASN G 85 14.35 -62.92 4.95
CA ASN G 85 14.66 -64.07 5.78
C ASN G 85 15.49 -65.09 5.02
N ARG G 86 15.82 -66.20 5.67
CA ARG G 86 16.62 -67.25 5.06
C ARG G 86 16.03 -67.80 3.77
N ILE G 87 14.70 -67.78 3.64
CA ILE G 87 14.08 -68.29 2.41
C ILE G 87 14.42 -67.34 1.26
N HIS G 88 14.40 -66.03 1.52
CA HIS G 88 14.76 -65.07 0.48
C HIS G 88 16.20 -65.34 0.04
N ALA G 89 17.11 -65.43 1.00
CA ALA G 89 18.51 -65.69 0.71
C ALA G 89 18.65 -66.95 -0.14
N THR G 90 17.95 -68.01 0.26
CA THR G 90 18.01 -69.25 -0.49
C THR G 90 17.60 -68.98 -1.93
N ASP G 91 16.49 -68.27 -2.12
CA ASP G 91 15.99 -67.93 -3.46
C ASP G 91 17.05 -67.18 -4.24
N VAL G 92 17.62 -66.13 -3.65
CA VAL G 92 18.64 -65.36 -4.35
C VAL G 92 19.82 -66.26 -4.72
N LEU G 93 20.13 -67.23 -3.87
CA LEU G 93 21.22 -68.18 -4.13
C LEU G 93 20.88 -68.98 -5.38
N HIS G 94 19.73 -69.65 -5.33
CA HIS G 94 19.28 -70.47 -6.45
C HIS G 94 19.30 -69.69 -7.75
N ALA G 95 18.96 -68.41 -7.69
CA ALA G 95 18.93 -67.59 -8.89
C ALA G 95 20.32 -67.39 -9.49
N VAL G 96 21.30 -66.96 -8.69
CA VAL G 96 22.66 -66.74 -9.21
C VAL G 96 23.26 -68.05 -9.72
N TRP G 97 22.94 -69.15 -9.03
CA TRP G 97 23.44 -70.43 -9.45
C TRP G 97 22.88 -70.72 -10.85
N TYR G 98 21.56 -70.65 -10.96
CA TYR G 98 20.89 -70.89 -12.23
C TYR G 98 21.35 -69.94 -13.32
N LEU G 99 21.44 -68.65 -13.02
CA LEU G 99 21.85 -67.68 -14.02
C LEU G 99 23.27 -67.83 -14.56
N THR G 100 24.13 -68.49 -13.81
CA THR G 100 25.53 -68.65 -14.23
C THR G 100 25.85 -70.09 -14.61
N THR G 101 24.81 -70.91 -14.67
CA THR G 101 24.97 -72.31 -14.97
C THR G 101 24.28 -72.80 -16.24
N ARG G 102 22.98 -72.50 -16.34
CA ARG G 102 22.19 -72.92 -17.49
C ARG G 102 22.68 -72.32 -18.82
N PRO G 103 22.30 -72.96 -19.94
CA PRO G 103 22.66 -72.57 -21.31
C PRO G 103 22.17 -71.19 -21.72
N VAL G 104 23.07 -70.41 -22.28
CA VAL G 104 22.79 -69.07 -22.75
C VAL G 104 22.98 -69.04 -24.26
N PRO G 105 21.86 -68.89 -25.01
CA PRO G 105 21.85 -68.84 -26.48
C PRO G 105 22.90 -67.90 -27.04
N GLY G 106 23.77 -68.44 -27.89
CA GLY G 106 24.79 -67.63 -28.53
C GLY G 106 25.94 -67.13 -27.68
N LEU G 107 26.00 -67.54 -26.41
CA LEU G 107 27.09 -67.10 -25.54
C LEU G 107 28.42 -67.69 -25.95
N GLN G 108 29.33 -66.81 -26.36
CA GLN G 108 30.66 -67.19 -26.78
C GLN G 108 31.42 -67.75 -25.58
N GLN G 109 31.60 -69.07 -25.52
CA GLN G 109 32.34 -69.67 -24.42
C GLN G 109 33.81 -69.77 -24.78
N ILE G 110 34.44 -68.65 -25.03
CA ILE G 110 35.85 -68.66 -25.41
C ILE G 110 36.72 -69.15 -24.26
N HIS G 111 36.69 -68.43 -23.13
CA HIS G 111 37.51 -68.81 -21.99
C HIS G 111 37.09 -70.17 -21.42
N ASN G 112 36.09 -70.80 -22.06
CA ASN G 112 35.52 -72.10 -21.68
C ASN G 112 36.52 -73.19 -21.32
N GLY G 113 36.50 -73.61 -20.06
CA GLY G 113 37.40 -74.67 -19.58
C GLY G 113 37.22 -76.01 -20.34
N ARG G 130 46.94 -74.10 -13.21
CA ARG G 130 45.97 -73.31 -14.03
C ARG G 130 44.77 -72.88 -13.17
N ILE G 131 43.85 -72.10 -13.75
CA ILE G 131 42.64 -71.61 -13.06
C ILE G 131 41.49 -72.62 -13.20
N ALA G 132 40.78 -72.92 -12.10
CA ALA G 132 39.67 -73.88 -12.15
C ALA G 132 38.36 -73.22 -12.56
N TYR G 133 37.50 -74.01 -13.19
CA TYR G 133 36.20 -73.55 -13.65
C TYR G 133 35.17 -74.59 -13.26
N ILE G 134 34.00 -74.18 -12.83
CA ILE G 134 32.99 -75.14 -12.46
C ILE G 134 32.13 -75.56 -13.65
N SER G 135 31.22 -76.50 -13.40
CA SER G 135 30.31 -76.99 -14.42
C SER G 135 29.24 -77.78 -13.69
N SER G 136 28.00 -77.34 -13.81
CA SER G 136 26.91 -78.01 -13.12
C SER G 136 26.69 -79.40 -13.69
N LYS G 137 26.53 -80.35 -12.78
CA LYS G 137 26.32 -81.73 -13.14
C LYS G 137 24.85 -81.95 -13.46
N SER G 138 24.03 -80.90 -13.32
CA SER G 138 22.60 -81.06 -13.58
C SER G 138 22.11 -80.43 -14.86
N CYS G 139 23.03 -80.07 -15.75
CA CYS G 139 22.66 -79.50 -17.04
C CYS G 139 23.91 -79.32 -17.90
N SER G 140 23.69 -79.10 -19.19
CA SER G 140 24.78 -78.91 -20.15
C SER G 140 24.22 -78.23 -21.40
N ASN G 141 25.07 -77.48 -22.09
CA ASN G 141 24.66 -76.79 -23.29
C ASN G 141 24.27 -77.80 -24.37
N PRO G 142 23.11 -77.59 -25.02
CA PRO G 142 22.62 -78.48 -26.08
C PRO G 142 23.64 -78.67 -27.20
N ASP G 143 24.40 -77.61 -27.49
CA ASP G 143 25.41 -77.66 -28.55
C ASP G 143 26.25 -76.40 -28.56
N GLU G 144 27.10 -76.27 -29.58
CA GLU G 144 27.97 -75.11 -29.68
C GLU G 144 27.19 -73.80 -29.82
N SER G 145 25.89 -73.90 -30.05
CA SER G 145 25.05 -72.71 -30.21
C SER G 145 24.80 -72.06 -28.86
N TYR G 146 25.19 -72.77 -27.80
CA TYR G 146 25.00 -72.27 -26.44
C TYR G 146 26.30 -72.05 -25.68
N GLY G 147 26.15 -71.50 -24.47
CA GLY G 147 27.28 -71.24 -23.60
C GLY G 147 26.76 -70.96 -22.19
N CYS G 148 27.66 -70.66 -21.27
CA CYS G 148 27.24 -70.34 -19.90
C CYS G 148 28.36 -69.63 -19.19
N LEU G 149 27.99 -68.81 -18.21
CA LEU G 149 28.99 -68.05 -17.47
C LEU G 149 30.00 -68.95 -16.75
N SER G 150 29.55 -70.12 -16.32
CA SER G 150 30.44 -71.05 -15.61
C SER G 150 31.70 -71.34 -16.41
N SER G 151 31.66 -71.06 -17.71
CA SER G 151 32.80 -71.31 -18.57
C SER G 151 33.63 -70.08 -18.83
N ASN G 152 33.13 -68.90 -18.47
CA ASN G 152 33.89 -67.68 -18.69
C ASN G 152 34.37 -67.04 -17.40
N ILE G 153 33.78 -67.47 -16.29
CA ILE G 153 34.15 -66.93 -14.99
C ILE G 153 34.74 -68.03 -14.11
N PRO G 154 35.99 -67.84 -13.67
CA PRO G 154 36.68 -68.80 -12.81
C PRO G 154 35.86 -69.24 -11.59
N ALA G 155 36.03 -70.49 -11.19
CA ALA G 155 35.29 -71.06 -10.06
C ALA G 155 35.42 -70.27 -8.77
N LEU G 156 36.58 -69.68 -8.54
CA LEU G 156 36.78 -68.90 -7.33
C LEU G 156 35.76 -67.77 -7.28
N GLU G 157 35.69 -67.05 -8.38
CA GLU G 157 34.77 -65.94 -8.53
C GLU G 157 33.29 -66.34 -8.40
N LEU G 158 32.90 -67.44 -9.02
CA LEU G 158 31.52 -67.87 -8.90
C LEU G 158 31.22 -68.37 -7.50
N MET G 159 32.22 -68.87 -6.79
CA MET G 159 31.96 -69.33 -5.43
C MET G 159 31.73 -68.12 -4.55
N ALA G 160 32.45 -67.04 -4.84
CA ALA G 160 32.29 -65.83 -4.06
C ALA G 160 30.86 -65.34 -4.25
N LEU G 161 30.37 -65.45 -5.48
CA LEU G 161 29.01 -65.04 -5.79
C LEU G 161 27.99 -65.85 -5.01
N TYR G 162 28.10 -67.17 -5.07
CA TYR G 162 27.18 -68.05 -4.36
C TYR G 162 27.21 -67.76 -2.86
N VAL G 163 28.40 -67.58 -2.30
CA VAL G 163 28.53 -67.30 -0.86
C VAL G 163 27.95 -65.93 -0.55
N ALA G 164 28.29 -64.95 -1.37
CA ALA G 164 27.78 -63.61 -1.17
C ALA G 164 26.26 -63.64 -1.16
N ALA G 165 25.67 -64.42 -2.07
CA ALA G 165 24.22 -64.52 -2.15
C ALA G 165 23.64 -65.08 -0.86
N ALA G 166 24.31 -66.07 -0.29
CA ALA G 166 23.84 -66.71 0.92
C ALA G 166 23.89 -65.79 2.12
N MET G 167 24.81 -64.83 2.11
CA MET G 167 24.95 -63.91 3.22
C MET G 167 24.56 -62.47 2.92
N HIS G 168 24.05 -62.19 1.72
CA HIS G 168 23.73 -60.80 1.37
C HIS G 168 22.69 -60.06 2.19
N ASP G 169 21.75 -60.76 2.83
CA ASP G 169 20.77 -60.04 3.64
C ASP G 169 20.88 -60.50 5.11
N TYR G 170 22.05 -61.02 5.48
CA TYR G 170 22.30 -61.51 6.84
C TYR G 170 21.89 -60.50 7.92
N ASP G 171 21.14 -60.98 8.91
CA ASP G 171 20.64 -60.16 10.02
C ASP G 171 19.87 -58.88 9.62
N HIS G 172 18.99 -59.00 8.63
CA HIS G 172 18.21 -57.87 8.17
C HIS G 172 17.17 -57.56 9.24
N PRO G 173 17.03 -56.28 9.61
CA PRO G 173 16.06 -55.88 10.63
C PRO G 173 14.63 -55.70 10.10
N GLY G 174 14.47 -55.78 8.78
CA GLY G 174 13.15 -55.62 8.19
C GLY G 174 12.80 -54.16 8.08
N ARG G 175 13.83 -53.35 7.89
CA ARG G 175 13.66 -51.92 7.78
C ARG G 175 14.59 -51.46 6.64
N THR G 176 14.31 -50.32 6.03
CA THR G 176 15.12 -49.84 4.90
C THR G 176 16.28 -48.95 5.31
N ASN G 177 17.27 -48.76 4.43
CA ASN G 177 18.38 -47.90 4.82
C ASN G 177 17.86 -46.52 5.11
N ALA G 178 16.89 -46.06 4.32
CA ALA G 178 16.33 -44.73 4.52
C ALA G 178 15.77 -44.55 5.92
N PHE G 179 15.10 -45.59 6.41
CA PHE G 179 14.51 -45.54 7.74
C PHE G 179 15.62 -45.41 8.77
N LEU G 180 16.62 -46.28 8.67
CA LEU G 180 17.72 -46.26 9.59
C LEU G 180 18.39 -44.90 9.56
N VAL G 181 18.68 -44.40 8.36
CA VAL G 181 19.34 -43.11 8.24
C VAL G 181 18.52 -41.98 8.82
N ALA G 182 17.21 -42.02 8.55
CA ALA G 182 16.30 -40.98 9.02
C ALA G 182 16.19 -40.96 10.53
N THR G 183 16.02 -42.14 11.12
CA THR G 183 15.89 -42.23 12.58
C THR G 183 17.23 -42.22 13.31
N ASN G 184 18.31 -41.96 12.58
CA ASN G 184 19.66 -41.93 13.14
C ASN G 184 19.96 -43.17 13.96
N ALA G 185 19.59 -44.31 13.41
CA ALA G 185 19.81 -45.61 14.03
C ALA G 185 21.29 -45.82 14.23
N PRO G 186 21.68 -46.37 15.38
CA PRO G 186 23.11 -46.59 15.63
C PRO G 186 23.83 -47.23 14.44
N GLN G 187 23.18 -48.18 13.80
CA GLN G 187 23.77 -48.87 12.68
C GLN G 187 24.04 -47.91 11.50
N ALA G 188 23.20 -46.89 11.38
CA ALA G 188 23.35 -45.93 10.30
C ALA G 188 24.44 -44.95 10.66
N VAL G 189 24.54 -44.63 11.95
CA VAL G 189 25.59 -43.72 12.40
C VAL G 189 26.93 -44.41 12.28
N LEU G 190 26.91 -45.70 12.56
CA LEU G 190 28.12 -46.50 12.48
C LEU G 190 28.72 -46.52 11.10
N TYR G 191 27.88 -46.62 10.07
CA TYR G 191 28.38 -46.66 8.70
C TYR G 191 28.30 -45.35 7.94
N ASN G 192 28.05 -44.27 8.67
CA ASN G 192 27.97 -42.94 8.08
C ASN G 192 26.92 -42.86 6.96
N ASP G 193 25.78 -43.49 7.19
CA ASP G 193 24.65 -43.53 6.26
C ASP G 193 24.96 -44.10 4.87
N ARG G 194 26.09 -44.77 4.69
CA ARG G 194 26.43 -45.32 3.37
C ARG G 194 26.24 -46.83 3.35
N SER G 195 25.27 -47.28 2.54
CA SER G 195 24.93 -48.69 2.40
C SER G 195 24.86 -49.34 3.79
N VAL G 196 24.19 -48.66 4.72
CA VAL G 196 24.05 -49.13 6.07
C VAL G 196 23.81 -50.64 6.21
N LEU G 197 22.69 -51.12 5.70
CA LEU G 197 22.42 -52.54 5.81
C LEU G 197 23.43 -53.41 5.08
N GLU G 198 23.67 -53.11 3.81
CA GLU G 198 24.61 -53.90 3.02
C GLU G 198 25.95 -54.05 3.73
N ASN G 199 26.49 -52.96 4.25
CA ASN G 199 27.78 -53.04 4.97
C ASN G 199 27.65 -54.00 6.13
N HIS G 200 26.62 -53.78 6.94
CA HIS G 200 26.36 -54.61 8.09
C HIS G 200 26.21 -56.09 7.73
N HIS G 201 25.57 -56.41 6.59
CA HIS G 201 25.42 -57.81 6.23
C HIS G 201 26.80 -58.44 6.01
N ALA G 202 27.58 -57.82 5.15
CA ALA G 202 28.92 -58.32 4.83
C ALA G 202 29.79 -58.39 6.07
N ALA G 203 29.85 -57.31 6.84
CA ALA G 203 30.68 -57.30 8.04
C ALA G 203 30.25 -58.35 9.08
N SER G 204 28.96 -58.43 9.35
CA SER G 204 28.45 -59.39 10.33
C SER G 204 28.75 -60.83 9.96
N ALA G 205 28.60 -61.14 8.68
CA ALA G 205 28.80 -62.49 8.19
C ALA G 205 30.25 -62.88 8.22
N TRP G 206 31.11 -61.97 7.78
CA TRP G 206 32.55 -62.23 7.79
C TRP G 206 33.04 -62.32 9.21
N ASN G 207 32.45 -61.55 10.10
CA ASN G 207 32.84 -61.60 11.47
C ASN G 207 32.49 -62.97 12.03
N LEU G 208 31.29 -63.44 11.74
CA LEU G 208 30.82 -64.74 12.18
C LEU G 208 31.81 -65.81 11.73
N TYR G 209 32.20 -65.71 10.47
CA TYR G 209 33.13 -66.65 9.87
C TYR G 209 34.43 -66.73 10.65
N LEU G 210 34.94 -65.58 11.07
CA LEU G 210 36.18 -65.57 11.82
C LEU G 210 35.98 -65.88 13.32
N SER G 211 34.73 -65.91 13.78
CA SER G 211 34.42 -66.16 15.18
C SER G 211 35.00 -67.43 15.73
N ARG G 212 34.93 -68.48 14.95
CA ARG G 212 35.37 -69.76 15.43
C ARG G 212 36.14 -70.50 14.38
N PRO G 213 37.07 -71.36 14.81
CA PRO G 213 37.85 -72.11 13.84
C PRO G 213 37.02 -73.22 13.17
N GLU G 214 35.93 -73.65 13.81
CA GLU G 214 35.11 -74.69 13.23
C GLU G 214 34.26 -74.20 12.04
N TYR G 215 34.41 -72.92 11.70
CA TYR G 215 33.67 -72.34 10.59
C TYR G 215 34.59 -72.25 9.40
N ASN G 216 35.87 -72.08 9.66
CA ASN G 216 36.86 -71.94 8.60
C ASN G 216 36.86 -73.09 7.58
N PHE G 217 35.99 -73.01 6.57
CA PHE G 217 35.91 -74.07 5.56
C PHE G 217 36.71 -73.70 4.32
N LEU G 218 37.41 -72.58 4.36
CA LEU G 218 38.22 -72.16 3.23
C LEU G 218 39.70 -72.30 3.61
N LEU G 219 39.96 -73.07 4.66
CA LEU G 219 41.32 -73.29 5.13
C LEU G 219 42.32 -73.73 4.07
N HIS G 220 41.85 -74.38 3.02
CA HIS G 220 42.80 -74.82 2.01
C HIS G 220 43.04 -73.82 0.89
N LEU G 221 42.80 -72.55 1.18
CA LEU G 221 43.04 -71.49 0.22
C LEU G 221 44.26 -70.71 0.68
N ASP G 222 45.21 -70.43 -0.20
CA ASP G 222 46.39 -69.68 0.22
C ASP G 222 45.97 -68.26 0.57
N HIS G 223 46.77 -67.58 1.39
CA HIS G 223 46.45 -66.23 1.80
C HIS G 223 46.10 -65.35 0.61
N VAL G 224 46.69 -65.62 -0.55
CA VAL G 224 46.41 -64.82 -1.73
C VAL G 224 44.97 -65.01 -2.19
N GLU G 225 44.58 -66.26 -2.39
CA GLU G 225 43.23 -66.57 -2.84
C GLU G 225 42.20 -66.07 -1.84
N PHE G 226 42.39 -66.41 -0.58
CA PHE G 226 41.44 -65.97 0.42
C PHE G 226 41.24 -64.45 0.44
N LYS G 227 42.34 -63.71 0.34
CA LYS G 227 42.30 -62.26 0.34
C LYS G 227 41.34 -61.80 -0.76
N ARG G 228 41.53 -62.35 -1.96
CA ARG G 228 40.70 -62.01 -3.11
C ARG G 228 39.26 -62.47 -2.95
N PHE G 229 39.09 -63.68 -2.43
CA PHE G 229 37.76 -64.21 -2.24
C PHE G 229 36.92 -63.28 -1.38
N ARG G 230 37.51 -62.85 -0.28
CA ARG G 230 36.80 -61.97 0.63
C ARG G 230 36.40 -60.68 -0.08
N PHE G 231 37.32 -60.16 -0.89
CA PHE G 231 37.08 -58.94 -1.64
C PHE G 231 35.88 -59.14 -2.54
N LEU G 232 35.94 -60.19 -3.33
CA LEU G 232 34.87 -60.50 -4.25
C LEU G 232 33.54 -60.60 -3.51
N VAL G 233 33.52 -61.33 -2.40
CA VAL G 233 32.26 -61.46 -1.67
C VAL G 233 31.69 -60.12 -1.21
N ILE G 234 32.56 -59.22 -0.74
CA ILE G 234 32.11 -57.92 -0.29
C ILE G 234 31.57 -57.11 -1.47
N GLU G 235 32.31 -57.06 -2.55
CA GLU G 235 31.86 -56.33 -3.74
C GLU G 235 30.48 -56.80 -4.18
N ALA G 236 30.24 -58.11 -4.13
CA ALA G 236 28.94 -58.62 -4.54
C ALA G 236 27.85 -58.13 -3.59
N ILE G 237 28.07 -58.30 -2.30
CA ILE G 237 27.06 -57.88 -1.34
C ILE G 237 26.80 -56.39 -1.40
N LEU G 238 27.83 -55.58 -1.40
CA LEU G 238 27.58 -54.15 -1.43
C LEU G 238 26.90 -53.68 -2.70
N ALA G 239 26.99 -54.46 -3.77
CA ALA G 239 26.34 -54.06 -5.01
C ALA G 239 24.83 -54.19 -4.88
N THR G 240 24.37 -54.89 -3.85
CA THR G 240 22.93 -55.08 -3.69
C THR G 240 22.25 -53.88 -3.04
N ASP G 241 22.95 -52.75 -2.93
CA ASP G 241 22.35 -51.54 -2.37
C ASP G 241 21.64 -50.81 -3.52
N LEU G 242 20.32 -50.78 -3.49
CA LEU G 242 19.57 -50.14 -4.57
C LEU G 242 19.89 -48.68 -4.81
N LYS G 243 20.34 -47.95 -3.81
CA LYS G 243 20.68 -46.54 -4.00
C LYS G 243 21.74 -46.41 -5.09
N LYS G 244 22.45 -47.49 -5.36
CA LYS G 244 23.49 -47.42 -6.38
C LYS G 244 23.08 -48.15 -7.66
N HIS G 245 21.82 -48.54 -7.71
CA HIS G 245 21.27 -49.27 -8.83
C HIS G 245 21.53 -48.66 -10.20
N PHE G 246 21.23 -47.37 -10.37
CA PHE G 246 21.44 -46.78 -11.68
C PHE G 246 22.89 -46.58 -12.07
N ASP G 247 23.78 -46.54 -11.08
CA ASP G 247 25.19 -46.38 -11.36
C ASP G 247 25.72 -47.69 -11.91
N PHE G 248 25.38 -48.81 -11.27
CA PHE G 248 25.85 -50.08 -11.79
C PHE G 248 25.33 -50.27 -13.20
N LEU G 249 24.03 -50.06 -13.36
CA LEU G 249 23.38 -50.21 -14.65
C LEU G 249 24.09 -49.40 -15.72
N ALA G 250 24.35 -48.13 -15.42
CA ALA G 250 25.03 -47.25 -16.37
C ALA G 250 26.39 -47.80 -16.74
N GLU G 251 27.15 -48.18 -15.71
CA GLU G 251 28.49 -48.74 -15.87
C GLU G 251 28.47 -50.05 -16.64
N PHE G 252 27.50 -50.90 -16.34
CA PHE G 252 27.39 -52.17 -17.02
C PHE G 252 27.11 -51.98 -18.49
N ASN G 253 26.21 -51.05 -18.83
CA ASN G 253 25.88 -50.81 -20.24
C ASN G 253 27.05 -50.20 -21.01
N ALA G 254 27.79 -49.33 -20.34
CA ALA G 254 28.94 -48.69 -20.98
C ALA G 254 29.95 -49.74 -21.44
N LYS G 255 30.00 -50.88 -20.77
CA LYS G 255 30.92 -51.93 -21.12
C LYS G 255 30.31 -52.98 -22.03
N ALA G 256 29.12 -53.43 -21.69
CA ALA G 256 28.46 -54.49 -22.44
C ALA G 256 27.59 -54.11 -23.64
N ASN G 257 26.73 -53.12 -23.47
CA ASN G 257 25.81 -52.71 -24.52
C ASN G 257 26.08 -51.37 -25.18
N ASP G 258 27.25 -51.23 -25.79
CA ASP G 258 27.62 -50.00 -26.45
C ASP G 258 28.24 -50.40 -27.78
N VAL G 259 27.59 -50.06 -28.88
CA VAL G 259 28.10 -50.44 -30.21
C VAL G 259 29.49 -49.87 -30.49
N ASN G 260 29.86 -48.83 -29.75
CA ASN G 260 31.17 -48.20 -29.91
C ASN G 260 32.19 -48.78 -28.91
N SER G 261 31.68 -49.57 -27.95
CA SER G 261 32.51 -50.23 -26.95
C SER G 261 32.82 -51.64 -27.44
N ASN G 262 33.20 -52.51 -26.52
CA ASN G 262 33.52 -53.88 -26.87
C ASN G 262 33.00 -54.90 -25.88
N GLY G 263 32.24 -55.85 -26.40
CA GLY G 263 31.66 -56.92 -25.60
C GLY G 263 31.90 -56.93 -24.10
N ILE G 264 32.79 -57.80 -23.64
CA ILE G 264 33.06 -57.89 -22.22
C ILE G 264 34.52 -58.19 -21.92
N GLU G 265 35.11 -59.12 -22.64
CA GLU G 265 36.50 -59.50 -22.39
C GLU G 265 36.56 -60.23 -21.06
N TRP G 266 36.10 -61.46 -21.06
CA TRP G 266 36.08 -62.24 -19.84
C TRP G 266 37.47 -62.46 -19.26
N SER G 267 38.49 -62.02 -19.99
CA SER G 267 39.85 -62.16 -19.54
C SER G 267 40.21 -60.99 -18.62
N ASN G 268 39.24 -60.11 -18.41
CA ASN G 268 39.42 -58.92 -17.57
C ASN G 268 38.74 -59.10 -16.23
N GLU G 269 39.51 -59.01 -15.15
CA GLU G 269 38.95 -59.15 -13.80
C GLU G 269 37.81 -58.19 -13.58
N ASN G 270 38.07 -56.91 -13.81
CA ASN G 270 37.08 -55.87 -13.62
C ASN G 270 35.81 -56.17 -14.37
N ASP G 271 35.91 -56.42 -15.67
CA ASP G 271 34.73 -56.71 -16.46
C ASP G 271 33.97 -57.88 -15.87
N ARG G 272 34.70 -58.94 -15.52
CA ARG G 272 34.07 -60.11 -14.94
C ARG G 272 33.35 -59.79 -13.62
N LEU G 273 33.95 -58.93 -12.81
CA LEU G 273 33.35 -58.55 -11.53
C LEU G 273 32.01 -57.89 -11.75
N LEU G 274 32.01 -56.95 -12.69
CA LEU G 274 30.83 -56.21 -13.04
C LEU G 274 29.75 -57.19 -13.46
N VAL G 275 30.11 -58.15 -14.30
CA VAL G 275 29.12 -59.13 -14.73
C VAL G 275 28.53 -59.81 -13.49
N CYS G 276 29.39 -60.19 -12.54
CA CYS G 276 28.93 -60.85 -11.32
C CYS G 276 28.02 -60.00 -10.46
N GLN G 277 28.34 -58.72 -10.39
CA GLN G 277 27.55 -57.81 -9.58
C GLN G 277 26.17 -57.62 -10.17
N VAL G 278 26.14 -57.41 -11.49
CA VAL G 278 24.86 -57.23 -12.15
C VAL G 278 24.06 -58.51 -12.01
N CYS G 279 24.76 -59.64 -12.00
CA CYS G 279 24.08 -60.92 -11.86
C CYS G 279 23.43 -61.08 -10.50
N ILE G 280 24.15 -60.74 -9.43
CA ILE G 280 23.55 -60.90 -8.11
C ILE G 280 22.46 -59.85 -7.95
N LYS G 281 22.65 -58.67 -8.54
CA LYS G 281 21.62 -57.64 -8.48
C LYS G 281 20.33 -58.18 -9.08
N LEU G 282 20.42 -58.81 -10.25
CA LEU G 282 19.23 -59.34 -10.90
C LEU G 282 18.63 -60.45 -10.07
N ALA G 283 19.49 -61.27 -9.47
CA ALA G 283 19.02 -62.39 -8.65
C ALA G 283 18.34 -61.91 -7.36
N ASP G 284 18.79 -60.78 -6.82
CA ASP G 284 18.20 -60.25 -5.59
C ASP G 284 16.79 -59.71 -5.83
N ILE G 285 16.52 -59.24 -7.04
CA ILE G 285 15.19 -58.71 -7.33
C ILE G 285 14.47 -59.48 -8.42
N ASN G 286 14.71 -60.78 -8.49
CA ASN G 286 14.09 -61.63 -9.51
C ASN G 286 12.59 -61.80 -9.36
N GLY G 287 12.04 -61.41 -8.21
CA GLY G 287 10.61 -61.54 -7.96
C GLY G 287 9.68 -61.51 -9.17
N PRO G 288 9.48 -60.33 -9.79
CA PRO G 288 8.61 -60.17 -10.94
C PRO G 288 9.04 -60.86 -12.24
N ALA G 289 10.10 -61.65 -12.21
CA ALA G 289 10.52 -62.34 -13.42
C ALA G 289 10.27 -63.84 -13.29
N LYS G 290 9.48 -64.22 -12.29
CA LYS G 290 9.12 -65.63 -12.05
C LYS G 290 7.64 -65.81 -12.47
N VAL G 291 7.13 -67.03 -12.35
CA VAL G 291 5.73 -67.30 -12.67
C VAL G 291 4.89 -66.45 -11.71
N ARG G 292 3.63 -66.15 -12.07
CA ARG G 292 2.80 -65.32 -11.20
C ARG G 292 2.65 -65.89 -9.79
N ASP G 293 2.41 -67.18 -9.72
CA ASP G 293 2.26 -67.86 -8.44
C ASP G 293 3.36 -67.43 -7.43
N LEU G 294 4.61 -67.53 -7.85
CA LEU G 294 5.74 -67.18 -7.01
C LEU G 294 5.84 -65.69 -6.80
N HIS G 295 5.76 -64.93 -7.89
CA HIS G 295 5.84 -63.49 -7.81
C HIS G 295 4.89 -62.91 -6.77
N LEU G 296 3.64 -63.36 -6.77
CA LEU G 296 2.69 -62.83 -5.81
C LEU G 296 3.06 -63.19 -4.38
N LYS G 297 3.53 -64.42 -4.17
CA LYS G 297 3.92 -64.85 -2.84
C LYS G 297 5.02 -63.94 -2.31
N TRP G 298 6.01 -63.63 -3.13
CA TRP G 298 7.09 -62.75 -2.69
C TRP G 298 6.54 -61.37 -2.43
N THR G 299 5.80 -60.82 -3.38
CA THR G 299 5.22 -59.49 -3.24
C THR G 299 4.51 -59.35 -1.90
N GLU G 300 3.70 -60.35 -1.57
CA GLU G 300 2.97 -60.35 -0.32
C GLU G 300 3.93 -60.16 0.84
N GLY G 301 5.08 -60.82 0.79
CA GLY G 301 6.08 -60.71 1.84
C GLY G 301 6.69 -59.32 1.95
N ILE G 302 7.11 -58.77 0.81
CA ILE G 302 7.69 -57.45 0.81
C ILE G 302 6.76 -56.40 1.38
N VAL G 303 5.51 -56.37 0.92
CA VAL G 303 4.60 -55.37 1.43
C VAL G 303 4.29 -55.58 2.90
N ASN G 304 4.15 -56.82 3.35
CA ASN G 304 3.86 -57.03 4.76
C ASN G 304 4.96 -56.45 5.61
N GLU G 305 6.19 -56.57 5.12
CA GLU G 305 7.33 -56.05 5.81
C GLU G 305 7.30 -54.51 5.75
N PHE G 306 6.99 -53.94 4.59
CA PHE G 306 6.89 -52.49 4.45
C PHE G 306 5.82 -51.95 5.41
N TYR G 307 4.71 -52.65 5.52
CA TYR G 307 3.63 -52.18 6.37
C TYR G 307 4.06 -52.18 7.81
N GLU G 308 4.93 -53.11 8.17
CA GLU G 308 5.42 -53.14 9.54
C GLU G 308 6.29 -51.92 9.76
N GLN G 309 7.14 -51.61 8.80
CA GLN G 309 7.96 -50.42 8.94
C GLN G 309 7.06 -49.20 8.99
N GLY G 310 5.93 -49.27 8.30
CA GLY G 310 4.99 -48.16 8.26
C GLY G 310 4.37 -47.95 9.62
N ASP G 311 3.95 -49.03 10.25
CA ASP G 311 3.36 -48.93 11.55
C ASP G 311 4.35 -48.33 12.52
N GLU G 312 5.64 -48.59 12.33
CA GLU G 312 6.58 -48.01 13.25
C GLU G 312 6.71 -46.52 13.01
N GLU G 313 6.89 -46.12 11.76
CA GLU G 313 7.02 -44.70 11.47
C GLU G 313 5.82 -44.00 12.10
N ALA G 314 4.67 -44.65 12.00
CA ALA G 314 3.46 -44.12 12.59
C ALA G 314 3.71 -43.94 14.07
N ASN G 315 4.02 -45.03 14.77
CA ASN G 315 4.30 -44.96 16.20
C ASN G 315 5.36 -43.95 16.62
N LEU G 316 6.28 -43.63 15.72
CA LEU G 316 7.31 -42.65 16.01
C LEU G 316 6.81 -41.27 15.63
N GLY G 317 5.56 -41.19 15.20
CA GLY G 317 4.97 -39.93 14.81
C GLY G 317 5.61 -39.35 13.57
N LEU G 318 6.07 -40.20 12.67
CA LEU G 318 6.72 -39.71 11.46
C LEU G 318 5.85 -39.93 10.25
N PRO G 319 6.14 -39.21 9.16
CA PRO G 319 5.35 -39.39 7.95
C PRO G 319 5.62 -40.83 7.48
N ILE G 320 4.57 -41.57 7.17
CA ILE G 320 4.75 -42.94 6.71
C ILE G 320 5.33 -42.92 5.30
N SER G 321 6.35 -43.71 5.05
CA SER G 321 6.96 -43.75 3.74
C SER G 321 6.01 -44.23 2.64
N PRO G 322 6.28 -43.83 1.39
CA PRO G 322 5.47 -44.20 0.22
C PRO G 322 5.22 -45.71 0.14
N PHE G 323 3.98 -46.10 -0.15
CA PHE G 323 3.60 -47.51 -0.26
C PHE G 323 3.72 -48.33 1.01
N MET G 324 4.00 -47.67 2.12
CA MET G 324 4.14 -48.42 3.36
C MET G 324 3.00 -48.26 4.37
N ASP G 325 1.97 -47.53 3.98
CA ASP G 325 0.80 -47.32 4.85
C ASP G 325 -0.26 -48.37 4.50
N ARG G 326 -0.50 -49.33 5.39
CA ARG G 326 -1.51 -50.34 5.10
C ARG G 326 -2.91 -49.75 5.01
N SER G 327 -3.15 -48.58 5.61
CA SER G 327 -4.45 -47.96 5.56
C SER G 327 -4.67 -47.32 4.19
N SER G 328 -3.60 -46.90 3.55
CA SER G 328 -3.69 -46.24 2.24
C SER G 328 -2.67 -46.85 1.28
N PRO G 329 -2.78 -48.15 1.02
CA PRO G 329 -1.91 -48.92 0.14
C PRO G 329 -2.00 -48.58 -1.34
N GLN G 330 -0.94 -48.94 -2.06
CA GLN G 330 -0.85 -48.69 -3.48
C GLN G 330 -0.04 -49.84 -4.04
N LEU G 331 -0.42 -51.04 -3.62
CA LEU G 331 0.23 -52.26 -4.03
C LEU G 331 0.55 -52.30 -5.52
N ALA G 332 -0.47 -52.14 -6.35
CA ALA G 332 -0.29 -52.17 -7.79
C ALA G 332 0.62 -51.05 -8.25
N LYS G 333 0.39 -49.84 -7.75
CA LYS G 333 1.25 -48.74 -8.15
C LYS G 333 2.70 -49.04 -7.77
N LEU G 334 2.89 -49.66 -6.62
CA LEU G 334 4.22 -50.02 -6.13
C LEU G 334 4.90 -50.98 -7.09
N GLN G 335 4.25 -52.12 -7.33
CA GLN G 335 4.80 -53.14 -8.22
C GLN G 335 4.99 -52.65 -9.64
N GLU G 336 4.02 -51.88 -10.15
CA GLU G 336 4.11 -51.37 -11.50
C GLU G 336 5.36 -50.50 -11.58
N SER G 337 5.47 -49.58 -10.63
CA SER G 337 6.59 -48.67 -10.57
C SER G 337 7.93 -49.38 -10.43
N PHE G 338 7.96 -50.39 -9.57
CA PHE G 338 9.18 -51.14 -9.36
C PHE G 338 9.68 -51.79 -10.63
N ILE G 339 8.79 -52.47 -11.33
CA ILE G 339 9.16 -53.15 -12.56
C ILE G 339 9.61 -52.15 -13.61
N THR G 340 8.87 -51.07 -13.74
CA THR G 340 9.22 -50.06 -14.73
C THR G 340 10.59 -49.41 -14.54
N HIS G 341 10.88 -48.98 -13.32
CA HIS G 341 12.15 -48.29 -13.04
C HIS G 341 13.35 -49.09 -12.57
N ILE G 342 13.11 -50.24 -11.94
CA ILE G 342 14.25 -50.99 -11.45
C ILE G 342 14.51 -52.33 -12.13
N VAL G 343 13.65 -53.32 -11.89
CA VAL G 343 13.87 -54.62 -12.51
C VAL G 343 13.87 -54.58 -14.02
N GLY G 344 12.90 -53.87 -14.58
CA GLY G 344 12.79 -53.78 -16.02
C GLY G 344 14.08 -53.36 -16.69
N PRO G 345 14.50 -52.10 -16.50
CA PRO G 345 15.74 -51.66 -17.13
C PRO G 345 16.95 -52.57 -16.88
N LEU G 346 17.03 -53.17 -15.70
CA LEU G 346 18.15 -54.06 -15.37
C LEU G 346 18.09 -55.29 -16.27
N CYS G 347 16.92 -55.90 -16.34
CA CYS G 347 16.71 -57.08 -17.16
C CYS G 347 17.01 -56.84 -18.61
N ASN G 348 16.63 -55.66 -19.08
CA ASN G 348 16.89 -55.37 -20.48
C ASN G 348 18.39 -55.30 -20.69
N SER G 349 19.08 -54.53 -19.87
CA SER G 349 20.53 -54.41 -20.01
C SER G 349 21.19 -55.79 -20.00
N TYR G 350 20.78 -56.61 -19.05
CA TYR G 350 21.36 -57.95 -18.95
C TYR G 350 21.00 -58.75 -20.21
N ASP G 351 19.76 -58.64 -20.66
CA ASP G 351 19.33 -59.35 -21.86
C ASP G 351 20.09 -58.87 -23.10
N ALA G 352 20.24 -57.56 -23.21
CA ALA G 352 20.96 -56.96 -24.33
C ALA G 352 22.41 -57.44 -24.40
N ALA G 353 22.97 -57.79 -23.26
CA ALA G 353 24.35 -58.26 -23.25
C ALA G 353 24.37 -59.74 -23.59
N GLY G 354 23.18 -60.30 -23.81
CA GLY G 354 23.06 -61.70 -24.16
C GLY G 354 23.62 -62.66 -23.14
N LEU G 355 23.31 -62.40 -21.86
CA LEU G 355 23.77 -63.25 -20.77
C LEU G 355 22.61 -64.01 -20.12
N LEU G 356 21.39 -63.74 -20.60
CA LEU G 356 20.21 -64.39 -20.05
C LEU G 356 20.02 -65.78 -20.60
N PRO G 357 19.83 -66.74 -19.71
CA PRO G 357 19.63 -68.10 -20.21
C PRO G 357 18.29 -68.22 -20.93
N GLY G 358 18.34 -68.79 -22.13
CA GLY G 358 17.14 -68.97 -22.92
C GLY G 358 17.33 -70.10 -23.91
N GLN G 359 16.48 -70.17 -24.93
CA GLN G 359 16.59 -71.21 -25.93
C GLN G 359 16.18 -70.65 -27.28
N TRP G 360 16.76 -71.20 -28.34
CA TRP G 360 16.45 -70.75 -29.69
C TRP G 360 15.05 -71.23 -30.05
N LEU G 361 14.49 -70.65 -31.11
CA LEU G 361 13.14 -71.01 -31.55
C LEU G 361 13.09 -71.91 -32.78
N GLU G 362 13.97 -71.64 -33.74
CA GLU G 362 13.99 -72.45 -34.95
C GLU G 362 15.28 -73.26 -35.10
N ALA G 363 15.46 -73.79 -36.31
CA ALA G 363 16.63 -74.59 -36.67
C ALA G 363 17.57 -73.80 -37.61
N GLU G 364 17.40 -72.48 -37.67
CA GLU G 364 18.19 -71.56 -38.50
C GLU G 364 19.66 -71.43 -38.05
N SER G 400 23.74 -63.27 -33.26
CA SER G 400 22.29 -63.16 -32.90
C SER G 400 21.44 -62.85 -34.14
N ARG G 401 21.07 -63.90 -34.88
CA ARG G 401 20.26 -63.78 -36.11
C ARG G 401 19.14 -64.84 -36.13
N ARG G 402 18.61 -65.16 -34.96
CA ARG G 402 17.54 -66.14 -34.84
C ARG G 402 16.73 -65.90 -33.56
N ARG G 403 15.46 -66.28 -33.58
CA ARG G 403 14.56 -66.08 -32.46
C ARG G 403 14.87 -66.96 -31.25
N ILE G 404 14.98 -66.31 -30.09
CA ILE G 404 15.24 -67.00 -28.84
C ILE G 404 14.13 -66.65 -27.87
N PHE G 405 13.77 -67.63 -27.05
CA PHE G 405 12.74 -67.46 -26.06
C PHE G 405 13.34 -67.34 -24.67
N CYS G 406 13.22 -66.19 -24.06
CA CYS G 406 13.77 -66.02 -22.73
C CYS G 406 12.68 -66.09 -21.64
N GLN G 407 12.53 -67.26 -21.02
CA GLN G 407 11.50 -67.45 -20.02
C GLN G 407 11.34 -66.38 -18.96
N LEU G 408 12.43 -65.91 -18.35
CA LEU G 408 12.25 -64.90 -17.31
C LEU G 408 11.91 -63.55 -17.90
N MET G 409 12.35 -63.33 -19.13
CA MET G 409 12.06 -62.08 -19.81
C MET G 409 10.56 -62.08 -20.11
N HIS G 410 10.03 -63.25 -20.41
CA HIS G 410 8.62 -63.40 -20.69
C HIS G 410 7.79 -63.13 -19.42
N HIS G 411 8.16 -63.79 -18.33
CA HIS G 411 7.47 -63.64 -17.06
C HIS G 411 7.41 -62.18 -16.62
N LEU G 412 8.52 -61.47 -16.83
CA LEU G 412 8.56 -60.09 -16.43
C LEU G 412 7.46 -59.32 -17.17
N THR G 413 7.43 -59.49 -18.49
CA THR G 413 6.44 -58.82 -19.33
C THR G 413 5.01 -59.13 -18.93
N GLU G 414 4.71 -60.39 -18.67
CA GLU G 414 3.37 -60.77 -18.27
C GLU G 414 2.99 -60.17 -16.93
N ASN G 415 3.92 -60.22 -15.98
CA ASN G 415 3.64 -59.70 -14.65
C ASN G 415 3.40 -58.21 -14.70
N HIS G 416 4.18 -57.51 -15.49
CA HIS G 416 4.01 -56.07 -15.60
C HIS G 416 2.55 -55.73 -15.94
N LYS G 417 1.94 -56.55 -16.79
CA LYS G 417 0.56 -56.32 -17.20
C LYS G 417 -0.43 -56.46 -16.06
N ILE G 418 -0.21 -57.39 -15.15
CA ILE G 418 -1.17 -57.56 -14.07
C ILE G 418 -1.12 -56.40 -13.10
N TRP G 419 -0.10 -55.56 -13.21
CA TRP G 419 -0.02 -54.43 -12.29
C TRP G 419 -0.44 -53.12 -12.95
N LYS G 420 -0.58 -53.16 -14.26
CA LYS G 420 -0.99 -51.97 -15.00
C LYS G 420 -2.46 -51.64 -14.76
N GLU H 3 35.22 -8.62 36.58
CA GLU H 3 34.03 -8.19 35.78
C GLU H 3 34.41 -7.47 34.47
N VAL H 4 34.97 -6.26 34.58
CA VAL H 4 35.39 -5.48 33.39
C VAL H 4 36.87 -5.71 33.03
N SER H 5 37.67 -6.11 34.03
CA SER H 5 39.10 -6.40 33.89
C SER H 5 39.30 -7.87 33.46
N LEU H 6 38.39 -8.74 33.90
CA LEU H 6 38.42 -10.17 33.58
C LEU H 6 37.98 -10.38 32.11
N ASP H 7 37.02 -9.56 31.68
CA ASP H 7 36.48 -9.60 30.31
C ASP H 7 37.44 -8.94 29.31
N LEU H 8 38.15 -7.89 29.76
CA LEU H 8 39.10 -7.17 28.92
C LEU H 8 40.37 -8.01 28.68
N ILE H 9 40.67 -8.93 29.60
CA ILE H 9 41.85 -9.81 29.50
C ILE H 9 41.54 -11.01 28.57
N LEU H 10 40.28 -11.44 28.57
CA LEU H 10 39.81 -12.55 27.74
C LEU H 10 39.83 -12.08 26.28
N VAL H 11 39.55 -10.79 26.08
CA VAL H 11 39.54 -10.18 24.74
C VAL H 11 40.96 -10.12 24.18
N GLU H 12 41.91 -9.77 25.05
CA GLU H 12 43.32 -9.68 24.67
C GLU H 12 43.81 -11.03 24.13
N GLU H 13 43.56 -12.10 24.86
CA GLU H 13 43.97 -13.42 24.44
C GLU H 13 43.41 -13.70 23.06
N TYR H 14 42.14 -13.37 22.90
CA TYR H 14 41.44 -13.55 21.63
C TYR H 14 42.21 -12.82 20.52
N ASP H 15 42.37 -11.51 20.66
CA ASP H 15 43.09 -10.74 19.65
C ASP H 15 44.49 -11.29 19.39
N SER H 16 45.14 -11.83 20.42
CA SER H 16 46.48 -12.40 20.26
C SER H 16 46.42 -13.60 19.35
N LEU H 17 45.63 -14.58 19.79
CA LEU H 17 45.48 -15.82 19.04
C LEU H 17 45.11 -15.53 17.59
N ILE H 18 44.13 -14.66 17.39
CA ILE H 18 43.70 -14.32 16.04
C ILE H 18 44.85 -13.75 15.25
N GLU H 19 45.57 -12.80 15.84
CA GLU H 19 46.69 -12.19 15.16
C GLU H 19 47.74 -13.24 14.79
N LYS H 20 48.00 -14.17 15.69
CA LYS H 20 48.97 -15.22 15.44
C LYS H 20 48.50 -16.16 14.33
N MET H 21 47.22 -16.52 14.36
CA MET H 21 46.68 -17.42 13.36
C MET H 21 46.52 -16.73 12.03
N SER H 22 46.48 -15.41 12.05
CA SER H 22 46.31 -14.66 10.81
C SER H 22 47.47 -14.85 9.86
N ASN H 23 48.31 -15.83 10.14
CA ASN H 23 49.46 -16.10 9.30
C ASN H 23 49.50 -17.57 8.87
N TRP H 24 49.72 -17.81 7.58
CA TRP H 24 49.76 -19.19 7.07
C TRP H 24 50.72 -20.05 7.90
N ASN H 25 51.83 -19.45 8.33
CA ASN H 25 52.78 -20.19 9.13
C ASN H 25 52.52 -19.95 10.60
N PHE H 26 51.28 -20.15 10.99
CA PHE H 26 50.89 -19.98 12.37
C PHE H 26 51.75 -20.87 13.26
N PRO H 27 52.40 -20.27 14.27
CA PRO H 27 53.26 -21.02 15.20
C PRO H 27 52.47 -21.80 16.25
N ILE H 28 51.91 -22.94 15.82
CA ILE H 28 51.10 -23.80 16.69
C ILE H 28 51.82 -24.25 17.94
N PHE H 29 53.02 -24.79 17.75
CA PHE H 29 53.77 -25.30 18.88
C PHE H 29 54.07 -24.26 19.95
N GLU H 30 54.25 -23.01 19.53
CA GLU H 30 54.49 -21.95 20.50
C GLU H 30 53.25 -21.82 21.37
N LEU H 31 52.08 -21.99 20.75
CA LEU H 31 50.82 -21.90 21.49
C LEU H 31 50.72 -23.09 22.45
N VAL H 32 51.17 -24.26 22.00
CA VAL H 32 51.12 -25.45 22.82
C VAL H 32 51.87 -25.21 24.13
N GLU H 33 53.00 -24.51 24.03
CA GLU H 33 53.77 -24.20 25.22
C GLU H 33 53.11 -23.11 26.03
N LYS H 34 52.71 -22.03 25.35
CA LYS H 34 52.06 -20.93 26.05
C LYS H 34 50.89 -21.46 26.89
N MET H 35 50.27 -22.56 26.47
CA MET H 35 49.16 -23.12 27.22
C MET H 35 49.64 -24.02 28.35
N GLY H 36 50.82 -24.61 28.14
CA GLY H 36 51.41 -25.47 29.14
C GLY H 36 50.56 -26.66 29.56
N GLU H 37 50.03 -26.61 30.78
CA GLU H 37 49.21 -27.70 31.29
C GLU H 37 47.82 -27.72 30.68
N LYS H 38 47.33 -26.55 30.32
CA LYS H 38 46.01 -26.45 29.69
C LYS H 38 46.17 -26.69 28.20
N SER H 39 47.34 -27.16 27.80
CA SER H 39 47.61 -27.43 26.39
C SER H 39 46.69 -28.51 25.82
N GLY H 40 46.09 -29.31 26.71
CA GLY H 40 45.20 -30.36 26.23
C GLY H 40 43.91 -29.86 25.58
N ARG H 41 43.68 -28.55 25.62
CA ARG H 41 42.48 -27.96 25.05
C ARG H 41 42.78 -27.01 23.89
N ILE H 42 43.78 -27.35 23.08
CA ILE H 42 44.12 -26.49 21.95
C ILE H 42 42.98 -26.46 20.95
N LEU H 43 42.51 -27.65 20.56
CA LEU H 43 41.43 -27.77 19.60
C LEU H 43 40.17 -27.01 20.00
N SER H 44 39.65 -27.29 21.19
CA SER H 44 38.45 -26.61 21.64
C SER H 44 38.65 -25.10 21.72
N GLN H 45 39.84 -24.64 22.08
CA GLN H 45 40.06 -23.19 22.16
C GLN H 45 40.16 -22.56 20.78
N VAL H 46 40.85 -23.23 19.87
CA VAL H 46 40.98 -22.67 18.53
C VAL H 46 39.63 -22.69 17.83
N MET H 47 38.88 -23.78 17.99
CA MET H 47 37.56 -23.90 17.38
C MET H 47 36.67 -22.75 17.80
N TYR H 48 36.63 -22.51 19.11
CA TYR H 48 35.82 -21.42 19.61
C TYR H 48 36.28 -20.11 19.05
N THR H 49 37.59 -19.92 18.98
CA THR H 49 38.12 -18.68 18.47
C THR H 49 37.73 -18.48 17.02
N LEU H 50 37.97 -19.49 16.19
CA LEU H 50 37.64 -19.39 14.78
C LEU H 50 36.15 -19.25 14.51
N PHE H 51 35.33 -19.82 15.38
CA PHE H 51 33.89 -19.71 15.18
C PHE H 51 33.39 -18.31 15.51
N GLN H 52 34.24 -17.49 16.11
CA GLN H 52 33.83 -16.11 16.40
C GLN H 52 34.36 -15.24 15.30
N ASP H 53 35.55 -15.57 14.82
CA ASP H 53 36.15 -14.80 13.76
C ASP H 53 35.32 -14.91 12.47
N THR H 54 34.59 -16.02 12.33
CA THR H 54 33.78 -16.26 11.15
C THR H 54 32.31 -15.83 11.32
N GLY H 55 31.85 -15.79 12.57
CA GLY H 55 30.49 -15.40 12.84
C GLY H 55 29.55 -16.58 12.89
N LEU H 56 30.10 -17.77 12.72
CA LEU H 56 29.29 -18.99 12.77
C LEU H 56 28.51 -19.12 14.07
N LEU H 57 29.09 -18.66 15.17
CA LEU H 57 28.37 -18.80 16.43
C LEU H 57 27.08 -18.04 16.38
N GLU H 58 27.12 -16.87 15.77
CA GLU H 58 25.94 -16.03 15.66
C GLU H 58 24.97 -16.49 14.59
N ILE H 59 25.50 -16.83 13.42
CA ILE H 59 24.68 -17.28 12.31
C ILE H 59 23.76 -18.43 12.72
N PHE H 60 24.32 -19.44 13.39
CA PHE H 60 23.48 -20.55 13.80
C PHE H 60 23.10 -20.54 15.27
N LYS H 61 23.22 -19.38 15.91
CA LYS H 61 22.87 -19.24 17.30
C LYS H 61 23.40 -20.44 18.09
N ILE H 62 24.71 -20.65 18.01
CA ILE H 62 25.30 -21.79 18.71
C ILE H 62 25.58 -21.46 20.16
N PRO H 63 24.97 -22.21 21.10
CA PRO H 63 25.18 -21.99 22.52
C PRO H 63 26.62 -22.33 22.89
N THR H 64 27.30 -21.44 23.63
CA THR H 64 28.69 -21.69 23.99
C THR H 64 28.93 -22.92 24.85
N GLN H 65 28.06 -23.14 25.82
CA GLN H 65 28.23 -24.30 26.69
C GLN H 65 28.32 -25.61 25.93
N GLN H 66 27.24 -25.98 25.23
CA GLN H 66 27.25 -27.23 24.49
C GLN H 66 28.39 -27.33 23.47
N PHE H 67 28.76 -26.19 22.89
CA PHE H 67 29.84 -26.16 21.90
C PHE H 67 31.12 -26.60 22.56
N MET H 68 31.47 -25.96 23.67
CA MET H 68 32.67 -26.30 24.39
C MET H 68 32.55 -27.74 24.89
N ASN H 69 31.43 -28.05 25.53
CA ASN H 69 31.25 -29.41 26.02
C ASN H 69 31.66 -30.44 24.98
N TYR H 70 31.06 -30.37 23.78
CA TYR H 70 31.35 -31.33 22.72
C TYR H 70 32.79 -31.29 22.24
N PHE H 71 33.29 -30.10 21.93
CA PHE H 71 34.65 -30.04 21.44
C PHE H 71 35.70 -30.39 22.48
N ARG H 72 35.39 -30.19 23.75
CA ARG H 72 36.31 -30.56 24.80
C ARG H 72 36.41 -32.09 24.73
N ALA H 73 35.26 -32.77 24.69
CA ALA H 73 35.20 -34.22 24.61
C ALA H 73 35.82 -34.75 23.34
N LEU H 74 35.66 -34.00 22.27
CA LEU H 74 36.22 -34.44 21.00
C LEU H 74 37.75 -34.49 21.09
N GLU H 75 38.35 -33.49 21.74
CA GLU H 75 39.81 -33.47 21.89
C GLU H 75 40.31 -34.71 22.61
N ASN H 76 39.71 -34.96 23.76
CA ASN H 76 40.09 -36.08 24.59
C ASN H 76 40.11 -37.38 23.84
N GLY H 77 39.40 -37.42 22.73
CA GLY H 77 39.36 -38.64 21.94
C GLY H 77 40.62 -38.83 21.12
N TYR H 78 41.40 -37.77 20.98
CA TYR H 78 42.65 -37.88 20.23
C TYR H 78 43.72 -38.48 21.14
N ARG H 79 44.22 -39.63 20.71
CA ARG H 79 45.25 -40.36 21.45
C ARG H 79 46.53 -39.57 21.50
N ASP H 80 47.32 -39.84 22.53
CA ASP H 80 48.59 -39.16 22.70
C ASP H 80 49.70 -39.89 21.93
N ILE H 81 49.66 -39.73 20.61
CA ILE H 81 50.65 -40.36 19.76
C ILE H 81 51.49 -39.27 19.10
N PRO H 82 52.58 -39.66 18.43
CA PRO H 82 53.48 -38.71 17.76
C PRO H 82 52.95 -37.76 16.66
N TYR H 83 51.94 -38.18 15.91
CA TYR H 83 51.45 -37.31 14.86
C TYR H 83 49.94 -37.03 14.83
N HIS H 84 49.16 -38.09 14.67
CA HIS H 84 47.71 -37.97 14.61
C HIS H 84 47.08 -37.66 15.96
N ASN H 85 47.34 -36.45 16.45
CA ASN H 85 46.85 -36.02 17.75
C ASN H 85 46.09 -34.69 17.67
N ARG H 86 45.48 -34.27 18.78
CA ARG H 86 44.73 -33.03 18.79
C ARG H 86 45.47 -31.87 18.17
N ILE H 87 46.80 -31.88 18.22
CA ILE H 87 47.57 -30.78 17.63
C ILE H 87 47.51 -30.81 16.12
N HIS H 88 47.59 -32.01 15.53
CA HIS H 88 47.51 -32.14 14.07
C HIS H 88 46.13 -31.64 13.64
N ALA H 89 45.12 -32.08 14.37
CA ALA H 89 43.74 -31.70 14.10
C ALA H 89 43.66 -30.20 14.07
N THR H 90 44.14 -29.56 15.13
CA THR H 90 44.10 -28.11 15.21
C THR H 90 44.79 -27.45 14.02
N ASP H 91 45.88 -28.08 13.57
CA ASP H 91 46.63 -27.54 12.44
C ASP H 91 45.78 -27.57 11.17
N VAL H 92 45.15 -28.71 10.91
CA VAL H 92 44.31 -28.87 9.73
C VAL H 92 43.14 -27.89 9.76
N LEU H 93 42.54 -27.75 10.94
CA LEU H 93 41.43 -26.84 11.13
C LEU H 93 41.89 -25.43 10.74
N HIS H 94 43.05 -25.04 11.23
CA HIS H 94 43.59 -23.72 10.92
C HIS H 94 43.80 -23.52 9.42
N ALA H 95 44.26 -24.57 8.75
CA ALA H 95 44.51 -24.52 7.31
C ALA H 95 43.23 -24.29 6.51
N VAL H 96 42.20 -25.13 6.71
CA VAL H 96 40.96 -24.96 5.95
C VAL H 96 40.37 -23.59 6.25
N TRP H 97 40.53 -23.13 7.48
CA TRP H 97 39.99 -21.83 7.83
C TRP H 97 40.71 -20.75 7.04
N TYR H 98 42.03 -20.87 6.97
CA TYR H 98 42.84 -19.89 6.26
C TYR H 98 42.54 -19.94 4.75
N LEU H 99 42.64 -21.12 4.17
CA LEU H 99 42.40 -21.31 2.75
C LEU H 99 41.06 -20.84 2.21
N THR H 100 40.03 -20.84 3.06
CA THR H 100 38.69 -20.46 2.64
C THR H 100 38.29 -19.09 3.18
N THR H 101 39.27 -18.26 3.44
CA THR H 101 38.99 -16.96 4.03
C THR H 101 39.86 -15.80 3.53
N ARG H 102 41.15 -16.08 3.40
CA ARG H 102 42.10 -15.07 2.95
C ARG H 102 41.88 -14.80 1.47
N PRO H 103 42.29 -13.60 1.03
CA PRO H 103 42.17 -13.15 -0.36
C PRO H 103 42.84 -14.04 -1.40
N VAL H 104 42.13 -14.23 -2.49
CA VAL H 104 42.61 -15.04 -3.59
C VAL H 104 42.60 -14.17 -4.84
N PRO H 105 43.79 -13.97 -5.45
CA PRO H 105 43.92 -13.16 -6.66
C PRO H 105 42.98 -13.60 -7.76
N GLY H 106 42.25 -12.63 -8.30
CA GLY H 106 41.31 -12.88 -9.39
C GLY H 106 40.16 -13.85 -9.19
N LEU H 107 39.76 -14.07 -7.94
CA LEU H 107 38.65 -14.98 -7.66
C LEU H 107 37.30 -14.29 -7.78
N GLN H 108 36.45 -14.85 -8.63
CA GLN H 108 35.14 -14.29 -8.85
C GLN H 108 34.30 -14.35 -7.55
N GLN H 109 33.92 -13.18 -7.04
CA GLN H 109 33.13 -13.09 -5.81
C GLN H 109 31.64 -13.27 -6.06
N ILE H 110 31.32 -13.78 -7.24
CA ILE H 110 29.93 -14.01 -7.61
C ILE H 110 29.18 -14.83 -6.55
N HIS H 111 28.24 -14.13 -5.89
CA HIS H 111 27.39 -14.69 -4.84
C HIS H 111 27.01 -13.58 -3.83
N ASN H 112 27.10 -13.92 -2.55
CA ASN H 112 26.80 -12.99 -1.48
C ASN H 112 28.13 -12.48 -0.95
N GLY H 113 28.80 -11.65 -1.74
CA GLY H 113 30.07 -11.07 -1.34
C GLY H 113 29.87 -9.61 -0.94
N ASP H 123 18.29 -9.88 13.76
CA ASP H 123 17.44 -10.02 14.98
C ASP H 123 17.69 -11.37 15.69
N GLY H 124 16.91 -11.62 16.74
CA GLY H 124 17.08 -12.83 17.51
C GLY H 124 16.59 -14.10 16.86
N ARG H 125 15.94 -13.98 15.71
CA ARG H 125 15.42 -15.17 15.04
C ARG H 125 16.19 -15.55 13.79
N ILE H 126 16.41 -16.84 13.61
CA ILE H 126 17.13 -17.30 12.43
C ILE H 126 16.19 -17.33 11.24
N ASN H 127 16.65 -16.84 10.10
CA ASN H 127 15.81 -16.89 8.92
C ASN H 127 16.27 -18.04 8.03
N HIS H 128 15.50 -19.13 8.01
CA HIS H 128 15.88 -20.30 7.22
C HIS H 128 15.57 -20.19 5.74
N GLY H 129 14.88 -19.11 5.36
CA GLY H 129 14.53 -18.92 3.96
C GLY H 129 15.69 -18.34 3.19
N ARG H 130 16.65 -17.78 3.92
CA ARG H 130 17.84 -17.16 3.35
C ARG H 130 19.15 -17.89 3.69
N ILE H 131 19.97 -18.09 2.66
CA ILE H 131 21.25 -18.78 2.78
C ILE H 131 22.34 -17.85 3.33
N ALA H 132 22.90 -18.20 4.47
CA ALA H 132 23.93 -17.38 5.07
C ALA H 132 25.34 -17.68 4.56
N TYR H 133 26.18 -16.64 4.56
CA TYR H 133 27.58 -16.74 4.14
C TYR H 133 28.43 -16.08 5.23
N ILE H 134 29.53 -16.72 5.63
CA ILE H 134 30.39 -16.17 6.68
C ILE H 134 31.42 -15.22 6.11
N SER H 135 31.97 -14.39 6.99
CA SER H 135 33.01 -13.43 6.61
C SER H 135 34.00 -13.27 7.76
N SER H 136 35.27 -13.57 7.50
CA SER H 136 36.29 -13.45 8.55
C SER H 136 36.54 -12.00 8.96
N LYS H 137 36.55 -11.77 10.26
CA LYS H 137 36.77 -10.43 10.77
C LYS H 137 38.26 -10.12 10.80
N SER H 138 39.09 -11.16 10.77
CA SER H 138 40.54 -10.96 10.82
C SER H 138 41.17 -10.65 9.46
N CYS H 139 40.37 -10.42 8.44
CA CYS H 139 40.90 -10.07 7.13
C CYS H 139 39.81 -9.66 6.17
N SER H 140 40.24 -9.18 5.00
CA SER H 140 39.31 -8.71 3.98
C SER H 140 40.08 -8.53 2.67
N ASN H 141 39.39 -8.74 1.55
CA ASN H 141 40.00 -8.62 0.24
C ASN H 141 40.59 -7.23 0.05
N PRO H 142 41.89 -7.19 -0.26
CA PRO H 142 42.57 -5.93 -0.48
C PRO H 142 41.70 -4.99 -1.36
N ASP H 143 41.27 -5.48 -2.51
CA ASP H 143 40.44 -4.71 -3.45
C ASP H 143 39.56 -5.64 -4.28
N GLU H 144 38.98 -5.11 -5.36
CA GLU H 144 38.12 -5.92 -6.22
C GLU H 144 38.89 -6.97 -7.03
N SER H 145 40.22 -6.87 -7.08
CA SER H 145 41.03 -7.85 -7.82
C SER H 145 41.11 -9.14 -7.03
N TYR H 146 40.69 -9.08 -5.76
CA TYR H 146 40.71 -10.25 -4.87
C TYR H 146 39.34 -10.80 -4.49
N GLY H 147 39.29 -12.10 -4.28
CA GLY H 147 38.06 -12.75 -3.87
C GLY H 147 38.40 -13.84 -2.89
N CYS H 148 37.53 -14.09 -1.91
CA CYS H 148 37.78 -15.16 -0.96
C CYS H 148 36.72 -16.24 -1.12
N LEU H 149 37.12 -17.47 -0.83
CA LEU H 149 36.24 -18.63 -0.94
C LEU H 149 34.97 -18.51 -0.11
N SER H 150 35.07 -17.90 1.07
CA SER H 150 33.93 -17.73 1.95
C SER H 150 32.77 -16.98 1.29
N SER H 151 33.01 -16.38 0.13
CA SER H 151 31.96 -15.63 -0.54
C SER H 151 31.22 -16.44 -1.59
N ASN H 152 31.72 -17.64 -1.87
CA ASN H 152 31.08 -18.51 -2.86
C ASN H 152 30.49 -19.78 -2.26
N ILE H 153 30.99 -20.17 -1.09
CA ILE H 153 30.50 -21.36 -0.42
C ILE H 153 29.71 -20.95 0.83
N PRO H 154 28.41 -21.27 0.86
CA PRO H 154 27.58 -20.91 2.01
C PRO H 154 28.15 -21.34 3.38
N ALA H 155 27.77 -20.58 4.40
CA ALA H 155 28.21 -20.79 5.77
C ALA H 155 28.00 -22.22 6.25
N LEU H 156 26.82 -22.77 5.97
CA LEU H 156 26.53 -24.13 6.40
C LEU H 156 27.59 -25.08 5.90
N GLU H 157 28.05 -24.87 4.66
CA GLU H 157 29.04 -25.74 4.07
C GLU H 157 30.44 -25.55 4.61
N LEU H 158 30.83 -24.32 4.89
CA LEU H 158 32.15 -24.08 5.45
C LEU H 158 32.16 -24.58 6.89
N MET H 159 31.08 -24.34 7.62
CA MET H 159 31.01 -24.81 8.99
C MET H 159 31.20 -26.32 9.03
N ALA H 160 30.65 -27.01 8.04
CA ALA H 160 30.78 -28.45 7.97
C ALA H 160 32.25 -28.80 7.74
N LEU H 161 32.91 -28.02 6.88
CA LEU H 161 34.32 -28.24 6.56
C LEU H 161 35.17 -28.10 7.83
N TYR H 162 34.96 -27.00 8.55
CA TYR H 162 35.70 -26.73 9.78
C TYR H 162 35.45 -27.82 10.81
N VAL H 163 34.18 -28.16 11.05
CA VAL H 163 33.85 -29.18 12.02
C VAL H 163 34.43 -30.54 11.62
N ALA H 164 34.52 -30.77 10.31
CA ALA H 164 35.06 -32.04 9.83
C ALA H 164 36.55 -32.08 10.14
N ALA H 165 37.23 -30.97 9.88
CA ALA H 165 38.65 -30.90 10.14
C ALA H 165 38.90 -31.22 11.59
N ALA H 166 38.10 -30.63 12.47
CA ALA H 166 38.26 -30.85 13.90
C ALA H 166 38.10 -32.31 14.31
N MET H 167 37.38 -33.09 13.52
CA MET H 167 37.19 -34.48 13.88
C MET H 167 37.75 -35.51 12.91
N HIS H 168 38.38 -35.07 11.83
CA HIS H 168 38.89 -36.00 10.82
C HIS H 168 39.85 -37.12 11.23
N ASP H 169 40.51 -36.98 12.37
CA ASP H 169 41.41 -38.04 12.82
C ASP H 169 41.08 -38.53 14.24
N TYR H 170 39.85 -38.27 14.67
CA TYR H 170 39.39 -38.67 16.01
C TYR H 170 39.75 -40.11 16.31
N ASP H 171 40.33 -40.33 17.49
CA ASP H 171 40.71 -41.67 17.94
C ASP H 171 41.61 -42.46 17.00
N HIS H 172 42.60 -41.81 16.44
CA HIS H 172 43.55 -42.44 15.54
C HIS H 172 44.49 -43.33 16.35
N PRO H 173 44.69 -44.59 15.91
CA PRO H 173 45.55 -45.57 16.58
C PRO H 173 47.04 -45.45 16.25
N GLY H 174 47.37 -44.54 15.33
CA GLY H 174 48.74 -44.35 14.93
C GLY H 174 49.20 -45.42 13.96
N ARG H 175 48.24 -46.07 13.32
CA ARG H 175 48.57 -47.11 12.34
C ARG H 175 47.89 -46.80 11.00
N THR H 176 48.46 -47.30 9.90
CA THR H 176 47.86 -47.02 8.59
C THR H 176 46.70 -47.95 8.31
N ASN H 177 45.91 -47.59 7.31
CA ASN H 177 44.78 -48.42 6.94
C ASN H 177 45.28 -49.79 6.51
N ALA H 178 46.31 -49.79 5.66
CA ALA H 178 46.91 -51.03 5.17
C ALA H 178 47.26 -51.95 6.33
N PHE H 179 47.87 -51.38 7.37
CA PHE H 179 48.24 -52.16 8.54
C PHE H 179 47.01 -52.88 9.09
N LEU H 180 45.97 -52.10 9.35
CA LEU H 180 44.72 -52.62 9.90
C LEU H 180 44.10 -53.71 9.04
N VAL H 181 44.13 -53.52 7.72
CA VAL H 181 43.58 -54.49 6.79
C VAL H 181 44.41 -55.75 6.82
N ALA H 182 45.73 -55.59 6.79
CA ALA H 182 46.66 -56.72 6.83
C ALA H 182 46.53 -57.52 8.12
N THR H 183 46.60 -56.84 9.27
CA THR H 183 46.49 -57.53 10.55
C THR H 183 45.06 -57.99 10.86
N ASN H 184 44.15 -57.81 9.91
CA ASN H 184 42.75 -58.17 10.10
C ASN H 184 42.18 -57.64 11.41
N ALA H 185 42.38 -56.34 11.61
CA ALA H 185 41.90 -55.69 12.80
C ALA H 185 40.39 -55.74 12.83
N PRO H 186 39.80 -55.82 14.02
CA PRO H 186 38.35 -55.86 14.10
C PRO H 186 37.73 -54.65 13.37
N GLN H 187 38.43 -53.52 13.37
CA GLN H 187 37.90 -52.36 12.70
C GLN H 187 37.91 -52.49 11.19
N ALA H 188 38.88 -53.22 10.65
CA ALA H 188 38.95 -53.39 9.21
C ALA H 188 37.85 -54.34 8.74
N VAL H 189 37.51 -55.31 9.57
CA VAL H 189 36.47 -56.24 9.21
C VAL H 189 35.13 -55.51 9.22
N LEU H 190 34.93 -54.70 10.26
CA LEU H 190 33.71 -53.91 10.45
C LEU H 190 33.37 -53.05 9.23
N TYR H 191 34.39 -52.42 8.65
CA TYR H 191 34.18 -51.55 7.49
C TYR H 191 34.56 -52.17 6.18
N ASN H 192 34.65 -53.50 6.17
CA ASN H 192 34.95 -54.23 4.95
C ASN H 192 36.16 -53.68 4.18
N ASP H 193 37.21 -53.33 4.93
CA ASP H 193 38.46 -52.78 4.40
C ASP H 193 38.33 -51.51 3.56
N ARG H 194 37.23 -50.78 3.67
CA ARG H 194 37.05 -49.56 2.89
C ARG H 194 37.21 -48.35 3.81
N SER H 195 38.19 -47.50 3.50
CA SER H 195 38.50 -46.33 4.30
C SER H 195 38.31 -46.60 5.80
N VAL H 196 38.83 -47.74 6.24
CA VAL H 196 38.73 -48.18 7.62
C VAL H 196 38.90 -47.08 8.66
N LEU H 197 40.01 -46.35 8.62
CA LEU H 197 40.23 -45.30 9.60
C LEU H 197 39.27 -44.12 9.44
N GLU H 198 39.26 -43.55 8.25
CA GLU H 198 38.40 -42.41 7.97
C GLU H 198 36.95 -42.70 8.37
N ASN H 199 36.47 -43.91 8.09
CA ASN H 199 35.10 -44.27 8.47
C ASN H 199 34.95 -44.23 9.97
N HIS H 200 35.95 -44.78 10.67
CA HIS H 200 35.93 -44.79 12.12
C HIS H 200 35.93 -43.39 12.72
N HIS H 201 36.73 -42.49 12.12
CA HIS H 201 36.80 -41.14 12.63
C HIS H 201 35.42 -40.48 12.62
N ALA H 202 34.77 -40.47 11.46
CA ALA H 202 33.44 -39.88 11.31
C ALA H 202 32.36 -40.54 12.15
N ALA H 203 32.28 -41.86 12.06
CA ALA H 203 31.28 -42.60 12.81
C ALA H 203 31.46 -42.41 14.32
N SER H 204 32.70 -42.30 14.75
CA SER H 204 33.00 -42.15 16.17
C SER H 204 32.67 -40.77 16.70
N ALA H 205 33.06 -39.75 15.96
CA ALA H 205 32.82 -38.38 16.36
C ALA H 205 31.32 -38.13 16.40
N TRP H 206 30.60 -38.66 15.39
CA TRP H 206 29.16 -38.47 15.35
C TRP H 206 28.50 -39.21 16.47
N ASN H 207 28.92 -40.43 16.71
CA ASN H 207 28.35 -41.17 17.81
C ASN H 207 28.57 -40.37 19.09
N LEU H 208 29.76 -39.78 19.25
CA LEU H 208 30.08 -38.98 20.42
C LEU H 208 29.10 -37.83 20.52
N TYR H 209 28.91 -37.12 19.40
CA TYR H 209 28.00 -35.98 19.35
C TYR H 209 26.59 -36.32 19.80
N LEU H 210 26.06 -37.45 19.35
CA LEU H 210 24.70 -37.82 19.72
C LEU H 210 24.63 -38.51 21.09
N SER H 211 25.79 -38.77 21.67
CA SER H 211 25.91 -39.45 22.96
C SER H 211 25.13 -38.83 24.08
N ARG H 212 25.30 -37.53 24.23
CA ARG H 212 24.67 -36.81 25.32
C ARG H 212 24.04 -35.52 24.84
N PRO H 213 22.94 -35.14 25.45
CA PRO H 213 22.27 -33.90 25.05
C PRO H 213 23.08 -32.63 25.25
N GLU H 214 24.02 -32.64 26.21
CA GLU H 214 24.83 -31.45 26.46
C GLU H 214 25.87 -31.18 25.37
N TYR H 215 25.91 -32.01 24.34
CA TYR H 215 26.85 -31.82 23.22
C TYR H 215 26.14 -31.19 22.04
N ASN H 216 24.81 -31.25 22.07
CA ASN H 216 23.98 -30.73 20.99
C ASN H 216 24.06 -29.24 20.73
N PHE H 217 25.17 -28.77 20.18
CA PHE H 217 25.28 -27.35 19.92
C PHE H 217 24.65 -26.92 18.59
N LEU H 218 24.17 -27.87 17.80
CA LEU H 218 23.54 -27.56 16.54
C LEU H 218 22.01 -27.60 16.66
N LEU H 219 21.53 -27.43 17.89
CA LEU H 219 20.11 -27.48 18.15
C LEU H 219 19.27 -26.44 17.49
N HIS H 220 19.87 -25.55 16.71
CA HIS H 220 19.05 -24.54 16.05
C HIS H 220 19.07 -24.64 14.53
N LEU H 221 19.39 -25.82 14.02
CA LEU H 221 19.37 -26.03 12.57
C LEU H 221 18.14 -26.88 12.34
N ASP H 222 17.35 -26.57 11.32
CA ASP H 222 16.16 -27.41 11.13
C ASP H 222 16.61 -28.77 10.65
N HIS H 223 15.68 -29.73 10.59
CA HIS H 223 16.02 -31.09 10.18
C HIS H 223 16.75 -31.11 8.87
N VAL H 224 16.30 -30.30 7.93
CA VAL H 224 16.94 -30.26 6.64
C VAL H 224 18.40 -29.84 6.78
N GLU H 225 18.60 -28.67 7.36
CA GLU H 225 19.95 -28.16 7.58
C GLU H 225 20.86 -29.15 8.30
N PHE H 226 20.36 -29.82 9.34
CA PHE H 226 21.18 -30.77 10.07
C PHE H 226 21.56 -31.93 9.20
N LYS H 227 20.56 -32.53 8.57
CA LYS H 227 20.76 -33.67 7.69
C LYS H 227 21.86 -33.35 6.68
N ARG H 228 21.78 -32.16 6.08
CA ARG H 228 22.78 -31.76 5.11
C ARG H 228 24.16 -31.55 5.75
N PHE H 229 24.17 -30.95 6.93
CA PHE H 229 25.43 -30.70 7.63
C PHE H 229 26.13 -32.03 7.88
N ARG H 230 25.39 -32.98 8.43
CA ARG H 230 25.95 -34.27 8.73
C ARG H 230 26.54 -34.90 7.47
N PHE H 231 25.78 -34.83 6.39
CA PHE H 231 26.23 -35.41 5.12
C PHE H 231 27.52 -34.75 4.64
N LEU H 232 27.58 -33.43 4.74
CA LEU H 232 28.74 -32.68 4.31
C LEU H 232 29.96 -33.04 5.14
N VAL H 233 29.78 -33.14 6.45
CA VAL H 233 30.91 -33.48 7.32
C VAL H 233 31.48 -34.84 6.93
N ILE H 234 30.62 -35.84 6.82
CA ILE H 234 31.08 -37.18 6.47
C ILE H 234 31.84 -37.19 5.14
N GLU H 235 31.32 -36.48 4.15
CA GLU H 235 31.98 -36.42 2.84
C GLU H 235 33.40 -35.84 2.95
N ALA H 236 33.57 -34.83 3.79
CA ALA H 236 34.88 -34.22 3.97
C ALA H 236 35.81 -35.20 4.65
N ILE H 237 35.42 -35.67 5.82
CA ILE H 237 36.26 -36.60 6.54
C ILE H 237 36.68 -37.77 5.67
N LEU H 238 35.75 -38.40 4.97
CA LEU H 238 36.09 -39.56 4.14
C LEU H 238 36.97 -39.26 2.93
N ALA H 239 37.16 -37.99 2.61
CA ALA H 239 38.00 -37.63 1.47
C ALA H 239 39.47 -37.60 1.89
N THR H 240 39.72 -37.68 3.18
CA THR H 240 41.08 -37.65 3.67
C THR H 240 41.78 -39.01 3.52
N ASP H 241 41.07 -40.02 3.06
CA ASP H 241 41.68 -41.34 2.85
C ASP H 241 42.57 -41.22 1.61
N LEU H 242 43.88 -41.28 1.82
CA LEU H 242 44.82 -41.14 0.72
C LEU H 242 44.69 -42.17 -0.42
N LYS H 243 44.05 -43.31 -0.16
CA LYS H 243 43.88 -44.32 -1.20
C LYS H 243 43.12 -43.72 -2.37
N LYS H 244 42.22 -42.80 -2.07
CA LYS H 244 41.43 -42.17 -3.12
C LYS H 244 42.06 -40.85 -3.57
N HIS H 245 43.28 -40.60 -3.13
CA HIS H 245 43.98 -39.36 -3.46
C HIS H 245 43.99 -39.01 -4.94
N PHE H 246 44.44 -39.96 -5.77
CA PHE H 246 44.53 -39.67 -7.19
C PHE H 246 43.18 -39.52 -7.86
N ASP H 247 42.17 -40.18 -7.31
CA ASP H 247 40.82 -40.10 -7.85
C ASP H 247 40.26 -38.70 -7.64
N PHE H 248 40.42 -38.15 -6.44
CA PHE H 248 39.93 -36.80 -6.16
C PHE H 248 40.68 -35.81 -7.01
N LEU H 249 41.98 -36.04 -7.16
CA LEU H 249 42.80 -35.14 -7.92
C LEU H 249 42.33 -35.13 -9.38
N ALA H 250 42.10 -36.32 -9.91
CA ALA H 250 41.64 -36.49 -11.28
C ALA H 250 40.34 -35.74 -11.51
N GLU H 251 39.33 -36.09 -10.70
CA GLU H 251 38.02 -35.48 -10.79
C GLU H 251 38.13 -33.97 -10.67
N PHE H 252 38.93 -33.50 -9.72
CA PHE H 252 39.06 -32.08 -9.54
C PHE H 252 39.62 -31.43 -10.80
N ASN H 253 40.64 -32.04 -11.39
CA ASN H 253 41.21 -31.46 -12.59
C ASN H 253 40.19 -31.42 -13.70
N ALA H 254 39.44 -32.50 -13.87
CA ALA H 254 38.41 -32.57 -14.89
C ALA H 254 37.49 -31.34 -14.87
N LYS H 255 37.11 -30.90 -13.68
CA LYS H 255 36.22 -29.74 -13.58
C LYS H 255 36.99 -28.45 -13.72
N ALA H 256 37.90 -28.22 -12.77
CA ALA H 256 38.68 -26.99 -12.72
C ALA H 256 39.65 -26.68 -13.85
N ASN H 257 40.64 -27.53 -14.07
CA ASN H 257 41.61 -27.24 -15.13
C ASN H 257 42.13 -28.44 -15.87
N ASP H 258 41.57 -28.66 -17.05
CA ASP H 258 41.98 -29.75 -17.92
C ASP H 258 41.86 -29.23 -19.33
N VAL H 259 42.14 -30.07 -20.32
CA VAL H 259 42.05 -29.64 -21.71
C VAL H 259 40.64 -29.12 -22.03
N ASN H 260 39.64 -29.95 -21.75
CA ASN H 260 38.26 -29.56 -22.02
C ASN H 260 37.55 -29.16 -20.71
N SER H 261 38.33 -28.75 -19.71
CA SER H 261 37.78 -28.35 -18.42
C SER H 261 36.60 -27.39 -18.62
N ASN H 262 35.66 -27.44 -17.67
CA ASN H 262 34.46 -26.60 -17.74
C ASN H 262 34.60 -25.31 -16.92
N GLY H 263 34.89 -25.47 -15.63
CA GLY H 263 35.04 -24.32 -14.72
C GLY H 263 34.68 -24.73 -13.29
N ILE H 264 33.72 -24.05 -12.68
CA ILE H 264 33.32 -24.43 -11.33
C ILE H 264 31.82 -24.28 -11.07
N GLU H 265 31.25 -23.13 -11.45
CA GLU H 265 29.83 -22.88 -11.24
C GLU H 265 29.55 -23.14 -9.76
N TRP H 266 29.81 -22.12 -8.95
CA TRP H 266 29.60 -22.23 -7.52
C TRP H 266 28.14 -22.53 -7.19
N SER H 267 27.28 -22.46 -8.21
CA SER H 267 25.86 -22.71 -8.02
C SER H 267 25.59 -24.22 -8.05
N ASN H 268 26.63 -24.97 -8.38
CA ASN H 268 26.54 -26.43 -8.46
C ASN H 268 27.01 -27.04 -7.12
N GLU H 269 26.08 -27.58 -6.33
CA GLU H 269 26.42 -28.16 -5.04
C GLU H 269 27.56 -29.13 -5.14
N ASN H 270 27.54 -29.98 -6.15
CA ASN H 270 28.58 -30.98 -6.32
C ASN H 270 29.95 -30.37 -6.46
N ASP H 271 30.05 -29.35 -7.31
CA ASP H 271 31.33 -28.70 -7.54
C ASP H 271 31.80 -28.06 -6.25
N ARG H 272 30.87 -27.46 -5.52
CA ARG H 272 31.24 -26.85 -4.27
C ARG H 272 31.83 -27.87 -3.31
N LEU H 273 31.22 -29.06 -3.22
CA LEU H 273 31.71 -30.10 -2.33
C LEU H 273 33.10 -30.52 -2.76
N LEU H 274 33.29 -30.69 -4.06
CA LEU H 274 34.59 -31.11 -4.56
C LEU H 274 35.66 -30.13 -4.12
N VAL H 275 35.37 -28.85 -4.23
CA VAL H 275 36.33 -27.85 -3.81
C VAL H 275 36.60 -28.01 -2.32
N CYS H 276 35.55 -28.20 -1.53
CA CYS H 276 35.72 -28.35 -0.10
C CYS H 276 36.56 -29.56 0.24
N GLN H 277 36.37 -30.63 -0.51
CA GLN H 277 37.13 -31.84 -0.25
C GLN H 277 38.58 -31.65 -0.60
N VAL H 278 38.85 -31.00 -1.72
CA VAL H 278 40.22 -30.77 -2.13
C VAL H 278 40.91 -29.87 -1.09
N CYS H 279 40.11 -29.08 -0.39
CA CYS H 279 40.63 -28.20 0.63
C CYS H 279 41.14 -29.00 1.85
N ILE H 280 40.29 -29.75 2.54
CA ILE H 280 40.76 -30.55 3.69
C ILE H 280 41.88 -31.43 3.21
N LYS H 281 41.76 -31.92 1.97
CA LYS H 281 42.77 -32.79 1.40
C LYS H 281 44.14 -32.13 1.53
N LEU H 282 44.19 -30.86 1.14
CA LEU H 282 45.42 -30.07 1.19
C LEU H 282 45.77 -29.73 2.63
N ALA H 283 44.78 -29.27 3.38
CA ALA H 283 45.00 -28.91 4.76
C ALA H 283 45.47 -30.11 5.58
N ASP H 284 45.10 -31.33 5.18
CA ASP H 284 45.49 -32.51 5.94
C ASP H 284 46.96 -32.81 5.72
N ILE H 285 47.50 -32.37 4.60
CA ILE H 285 48.91 -32.63 4.32
C ILE H 285 49.70 -31.35 4.03
N ASN H 286 49.36 -30.29 4.76
CA ASN H 286 50.02 -28.99 4.57
C ASN H 286 51.47 -28.99 5.00
N GLY H 287 51.91 -30.04 5.70
CA GLY H 287 53.30 -30.10 6.15
C GLY H 287 54.36 -29.47 5.25
N PRO H 288 54.74 -30.15 4.15
CA PRO H 288 55.75 -29.61 3.26
C PRO H 288 55.38 -28.33 2.52
N ALA H 289 54.33 -27.65 2.96
CA ALA H 289 53.93 -26.42 2.29
C ALA H 289 54.03 -25.27 3.27
N LYS H 290 54.55 -25.55 4.44
CA LYS H 290 54.74 -24.52 5.45
C LYS H 290 56.23 -24.13 5.41
N VAL H 291 56.63 -23.26 6.33
CA VAL H 291 58.01 -22.85 6.41
C VAL H 291 58.88 -24.03 6.93
N ARG H 292 60.16 -24.02 6.57
CA ARG H 292 61.10 -25.08 6.95
C ARG H 292 60.93 -25.50 8.41
N ASP H 293 60.95 -24.51 9.30
CA ASP H 293 60.79 -24.78 10.72
C ASP H 293 59.64 -25.79 10.95
N LEU H 294 58.43 -25.36 10.61
CA LEU H 294 57.21 -26.15 10.76
C LEU H 294 57.26 -27.47 10.02
N HIS H 295 57.67 -27.44 8.75
CA HIS H 295 57.75 -28.65 7.95
C HIS H 295 58.50 -29.79 8.65
N LEU H 296 59.70 -29.47 9.13
CA LEU H 296 60.52 -30.46 9.80
C LEU H 296 59.90 -31.00 11.09
N LYS H 297 59.36 -30.09 11.90
CA LYS H 297 58.74 -30.49 13.16
C LYS H 297 57.61 -31.52 12.93
N TRP H 298 56.86 -31.34 11.85
CA TRP H 298 55.78 -32.28 11.48
C TRP H 298 56.40 -33.58 10.99
N THR H 299 57.38 -33.47 10.12
CA THR H 299 58.07 -34.64 9.57
C THR H 299 58.55 -35.52 10.71
N GLU H 300 59.02 -34.89 11.78
CA GLU H 300 59.50 -35.63 12.93
C GLU H 300 58.40 -36.50 13.51
N GLY H 301 57.23 -35.91 13.77
CA GLY H 301 56.12 -36.65 14.34
C GLY H 301 55.66 -37.84 13.49
N ILE H 302 55.62 -37.65 12.18
CA ILE H 302 55.18 -38.70 11.27
C ILE H 302 56.09 -39.91 11.28
N VAL H 303 57.38 -39.68 11.09
CA VAL H 303 58.35 -40.76 11.10
C VAL H 303 58.35 -41.48 12.44
N ASN H 304 58.34 -40.74 13.55
CA ASN H 304 58.35 -41.39 14.86
C ASN H 304 57.18 -42.36 14.97
N GLU H 305 56.04 -41.93 14.43
CA GLU H 305 54.85 -42.76 14.47
C GLU H 305 55.03 -43.94 13.52
N PHE H 306 55.53 -43.67 12.32
CA PHE H 306 55.76 -44.72 11.34
C PHE H 306 56.61 -45.83 11.95
N TYR H 307 57.64 -45.42 12.71
CA TYR H 307 58.57 -46.33 13.37
C TYR H 307 57.86 -47.11 14.46
N GLU H 308 57.05 -46.42 15.26
CA GLU H 308 56.31 -47.10 16.32
C GLU H 308 55.49 -48.22 15.70
N GLN H 309 55.07 -48.03 14.46
CA GLN H 309 54.28 -49.05 13.77
C GLN H 309 55.19 -50.19 13.36
N GLY H 310 56.33 -49.84 12.78
CA GLY H 310 57.31 -50.84 12.36
C GLY H 310 57.67 -51.76 13.52
N ASP H 311 57.77 -51.21 14.72
CA ASP H 311 58.10 -52.00 15.89
C ASP H 311 57.03 -53.06 16.10
N GLU H 312 55.77 -52.64 16.13
CA GLU H 312 54.65 -53.57 16.34
C GLU H 312 54.57 -54.57 15.18
N GLU H 313 54.93 -54.13 13.98
CA GLU H 313 54.90 -55.04 12.83
C GLU H 313 55.90 -56.16 13.10
N ALA H 314 57.02 -55.79 13.72
CA ALA H 314 58.05 -56.75 14.07
C ALA H 314 57.57 -57.67 15.17
N ASN H 315 57.02 -57.11 16.24
CA ASN H 315 56.53 -57.93 17.35
C ASN H 315 55.42 -58.86 16.89
N LEU H 316 54.93 -58.66 15.68
CA LEU H 316 53.86 -59.50 15.16
C LEU H 316 54.41 -60.45 14.11
N GLY H 317 55.70 -60.30 13.82
CA GLY H 317 56.33 -61.15 12.84
C GLY H 317 55.88 -60.81 11.44
N LEU H 318 55.81 -59.51 11.15
CA LEU H 318 55.39 -59.08 9.84
C LEU H 318 56.47 -58.23 9.22
N PRO H 319 56.58 -58.28 7.89
CA PRO H 319 57.58 -57.49 7.16
C PRO H 319 57.42 -56.02 7.52
N ILE H 320 58.51 -55.37 7.89
CA ILE H 320 58.41 -53.94 8.24
C ILE H 320 58.07 -53.16 6.98
N SER H 321 57.06 -52.31 7.10
CA SER H 321 56.60 -51.52 5.98
C SER H 321 57.62 -50.45 5.59
N PRO H 322 57.73 -50.17 4.29
CA PRO H 322 58.66 -49.18 3.75
C PRO H 322 58.74 -47.92 4.59
N PHE H 323 59.96 -47.46 4.83
CA PHE H 323 60.19 -46.25 5.61
C PHE H 323 59.79 -46.35 7.08
N MET H 324 59.30 -47.51 7.52
CA MET H 324 58.87 -47.63 8.90
C MET H 324 59.85 -48.36 9.79
N ASP H 325 60.99 -48.71 9.22
CA ASP H 325 62.05 -49.40 9.96
C ASP H 325 63.08 -48.39 10.44
N ARG H 326 63.08 -48.11 11.75
CA ARG H 326 64.03 -47.13 12.33
C ARG H 326 65.49 -47.55 12.24
N SER H 327 65.73 -48.85 12.22
CA SER H 327 67.10 -49.36 12.11
C SER H 327 67.49 -49.38 10.62
N SER H 328 66.88 -48.49 9.84
CA SER H 328 67.16 -48.42 8.40
C SER H 328 66.30 -47.32 7.75
N PRO H 329 66.23 -46.15 8.41
CA PRO H 329 65.44 -45.01 7.94
C PRO H 329 65.83 -44.52 6.56
N GLN H 330 64.87 -43.89 5.87
CA GLN H 330 65.12 -43.35 4.55
C GLN H 330 64.34 -42.05 4.39
N LEU H 331 64.35 -41.30 5.48
CA LEU H 331 63.67 -40.02 5.59
C LEU H 331 63.74 -39.16 4.33
N ALA H 332 64.94 -38.88 3.85
CA ALA H 332 65.11 -38.05 2.66
C ALA H 332 64.31 -38.59 1.48
N LYS H 333 64.39 -39.90 1.27
CA LYS H 333 63.69 -40.57 0.17
C LYS H 333 62.18 -40.41 0.33
N LEU H 334 61.73 -40.62 1.56
CA LEU H 334 60.32 -40.52 1.94
C LEU H 334 59.75 -39.16 1.55
N GLN H 335 60.20 -38.13 2.25
CA GLN H 335 59.74 -36.76 1.99
C GLN H 335 59.86 -36.39 0.53
N GLU H 336 60.98 -36.75 -0.08
CA GLU H 336 61.19 -36.42 -1.48
C GLU H 336 60.02 -36.94 -2.31
N SER H 337 59.76 -38.24 -2.17
CA SER H 337 58.67 -38.89 -2.90
C SER H 337 57.29 -38.30 -2.61
N PHE H 338 57.02 -38.11 -1.31
CA PHE H 338 55.74 -37.56 -0.88
C PHE H 338 55.48 -36.19 -1.49
N ILE H 339 56.47 -35.32 -1.42
CA ILE H 339 56.32 -33.98 -1.97
C ILE H 339 56.25 -34.03 -3.48
N THR H 340 56.64 -35.13 -4.07
CA THR H 340 56.63 -35.21 -5.52
C THR H 340 55.39 -35.84 -6.12
N HIS H 341 54.91 -36.91 -5.49
CA HIS H 341 53.74 -37.63 -5.98
C HIS H 341 52.41 -37.32 -5.28
N ILE H 342 52.47 -36.63 -4.14
CA ILE H 342 51.23 -36.34 -3.43
C ILE H 342 50.97 -34.85 -3.21
N VAL H 343 51.62 -34.25 -2.23
CA VAL H 343 51.40 -32.83 -1.95
C VAL H 343 51.70 -31.96 -3.17
N GLY H 344 52.75 -32.31 -3.89
CA GLY H 344 53.13 -31.54 -5.05
C GLY H 344 52.01 -31.38 -6.04
N PRO H 345 51.64 -32.46 -6.76
CA PRO H 345 50.55 -32.37 -7.74
C PRO H 345 49.26 -31.78 -7.20
N LEU H 346 48.98 -31.98 -5.90
CA LEU H 346 47.76 -31.43 -5.30
C LEU H 346 47.81 -29.91 -5.30
N CYS H 347 48.88 -29.35 -4.75
CA CYS H 347 48.99 -27.90 -4.72
C CYS H 347 48.96 -27.29 -6.10
N ASN H 348 49.60 -27.95 -7.06
CA ASN H 348 49.62 -27.42 -8.41
C ASN H 348 48.22 -27.36 -8.95
N SER H 349 47.53 -28.49 -8.84
CA SER H 349 46.16 -28.59 -9.32
C SER H 349 45.27 -27.54 -8.67
N TYR H 350 45.42 -27.38 -7.36
CA TYR H 350 44.62 -26.43 -6.61
C TYR H 350 45.01 -25.01 -7.00
N ASP H 351 46.29 -24.84 -7.33
CA ASP H 351 46.79 -23.53 -7.73
C ASP H 351 46.31 -23.17 -9.11
N ALA H 352 46.34 -24.16 -10.01
CA ALA H 352 45.90 -23.99 -11.38
C ALA H 352 44.45 -23.52 -11.42
N ALA H 353 43.66 -23.99 -10.46
CA ALA H 353 42.26 -23.59 -10.40
C ALA H 353 42.18 -22.17 -9.87
N GLY H 354 43.30 -21.64 -9.41
CA GLY H 354 43.33 -20.27 -8.89
C GLY H 354 42.49 -20.09 -7.63
N LEU H 355 42.56 -21.06 -6.72
CA LEU H 355 41.80 -21.02 -5.48
C LEU H 355 42.72 -20.81 -4.28
N LEU H 356 44.01 -20.59 -4.56
CA LEU H 356 44.99 -20.41 -3.51
C LEU H 356 45.24 -18.98 -3.11
N PRO H 357 45.17 -18.69 -1.80
CA PRO H 357 45.42 -17.32 -1.35
C PRO H 357 46.78 -16.87 -1.87
N GLY H 358 46.96 -15.56 -2.01
CA GLY H 358 48.23 -15.07 -2.52
C GLY H 358 48.10 -13.58 -2.79
N GLN H 359 49.11 -13.00 -3.42
CA GLN H 359 49.06 -11.59 -3.73
C GLN H 359 49.67 -11.29 -5.09
N TRP H 360 49.10 -10.29 -5.74
CA TRP H 360 49.56 -9.86 -7.06
C TRP H 360 50.96 -9.29 -6.92
N LEU H 361 51.80 -9.53 -7.93
CA LEU H 361 53.17 -9.02 -7.91
C LEU H 361 53.27 -7.56 -8.38
N GLU H 362 52.61 -7.27 -9.50
CA GLU H 362 52.64 -5.93 -10.10
C GLU H 362 51.23 -5.34 -10.22
N ALA H 363 51.15 -4.17 -10.89
CA ALA H 363 49.86 -3.45 -11.12
C ALA H 363 49.15 -4.10 -12.33
N GLU H 364 48.00 -3.56 -12.75
CA GLU H 364 47.26 -4.14 -13.90
C GLU H 364 48.01 -3.97 -15.23
N GLU H 365 48.70 -2.84 -15.35
CA GLU H 365 49.49 -2.52 -16.54
C GLU H 365 50.83 -3.25 -16.41
N ASP H 366 50.83 -4.56 -16.71
CA ASP H 366 52.02 -5.41 -16.63
C ASP H 366 52.55 -5.92 -18.00
N ASN H 367 52.49 -5.05 -19.02
CA ASN H 367 52.98 -5.36 -20.39
C ASN H 367 54.30 -4.63 -20.74
N ASP H 368 55.32 -5.42 -21.06
CA ASP H 368 56.64 -4.89 -21.45
C ASP H 368 56.77 -4.86 -22.98
N THR H 369 56.62 -3.67 -23.56
CA THR H 369 56.71 -3.44 -25.00
C THR H 369 58.18 -3.30 -25.46
N GLU H 370 59.09 -3.27 -24.49
CA GLU H 370 60.55 -3.17 -24.74
C GLU H 370 61.37 -4.10 -23.82
N SER H 371 61.01 -5.40 -23.78
CA SER H 371 61.69 -6.41 -22.95
C SER H 371 62.69 -7.31 -23.72
N SER H 400 44.07 -13.71 -14.96
CA SER H 400 44.36 -14.77 -16.00
C SER H 400 45.49 -14.36 -16.97
N ARG H 401 46.34 -13.42 -16.53
CA ARG H 401 47.49 -12.92 -17.31
C ARG H 401 48.55 -12.21 -16.44
N ARG H 402 48.13 -11.39 -15.47
CA ARG H 402 49.11 -10.71 -14.61
C ARG H 402 49.78 -11.75 -13.71
N ARG H 403 50.95 -11.39 -13.19
CA ARG H 403 51.71 -12.30 -12.32
C ARG H 403 51.31 -12.15 -10.84
N ILE H 404 51.39 -13.27 -10.11
CA ILE H 404 51.02 -13.32 -8.69
C ILE H 404 52.08 -14.06 -7.87
N PHE H 405 51.87 -14.13 -6.55
CA PHE H 405 52.79 -14.79 -5.63
C PHE H 405 52.07 -15.61 -4.54
N CYS H 406 52.34 -16.93 -4.51
CA CYS H 406 51.74 -17.84 -3.53
C CYS H 406 52.72 -18.33 -2.48
N GLN H 407 52.47 -17.92 -1.26
CA GLN H 407 53.33 -18.30 -0.16
C GLN H 407 53.54 -19.81 -0.04
N LEU H 408 52.47 -20.57 0.17
CA LEU H 408 52.65 -22.02 0.32
C LEU H 408 53.13 -22.71 -0.95
N MET H 409 53.05 -22.01 -2.06
CA MET H 409 53.49 -22.58 -3.32
C MET H 409 55.03 -22.60 -3.33
N HIS H 410 55.64 -21.55 -2.79
CA HIS H 410 57.10 -21.48 -2.74
C HIS H 410 57.67 -22.34 -1.61
N HIS H 411 57.03 -22.32 -0.45
CA HIS H 411 57.48 -23.14 0.67
C HIS H 411 57.66 -24.57 0.19
N LEU H 412 56.78 -24.96 -0.71
CA LEU H 412 56.81 -26.32 -1.25
C LEU H 412 58.07 -26.57 -2.07
N THR H 413 58.43 -25.60 -2.91
CA THR H 413 59.63 -25.71 -3.77
C THR H 413 60.88 -25.73 -2.93
N GLU H 414 60.89 -24.90 -1.89
CA GLU H 414 62.01 -24.80 -0.98
C GLU H 414 62.22 -26.10 -0.22
N ASN H 415 61.21 -26.52 0.53
CA ASN H 415 61.33 -27.76 1.30
C ASN H 415 61.74 -28.94 0.44
N HIS H 416 61.30 -28.93 -0.81
CA HIS H 416 61.63 -30.02 -1.72
C HIS H 416 63.14 -30.17 -1.84
N LYS H 417 63.81 -29.03 -1.98
CA LYS H 417 65.26 -29.00 -2.11
C LYS H 417 65.96 -29.79 -1.01
N ILE H 418 65.66 -29.46 0.25
CA ILE H 418 66.31 -30.14 1.38
C ILE H 418 65.99 -31.63 1.56
N TRP H 419 65.63 -32.31 0.46
CA TRP H 419 65.33 -33.75 0.50
C TRP H 419 65.87 -34.44 -0.74
N LYS H 420 66.07 -33.68 -1.82
CA LYS H 420 66.59 -34.23 -3.06
C LYS H 420 68.01 -34.74 -2.89
N LEU I 6 -59.92 -36.59 39.45
CA LEU I 6 -58.88 -35.95 38.58
C LEU I 6 -58.49 -34.55 39.11
N ASP I 7 -59.50 -33.80 39.55
CA ASP I 7 -59.29 -32.45 40.11
C ASP I 7 -58.34 -32.50 41.31
N LEU I 8 -58.64 -33.38 42.26
CA LEU I 8 -57.81 -33.56 43.45
C LEU I 8 -56.45 -34.16 43.06
N ILE I 9 -56.44 -35.10 42.11
CA ILE I 9 -55.21 -35.74 41.64
C ILE I 9 -54.20 -34.71 41.10
N LEU I 10 -54.70 -33.69 40.41
CA LEU I 10 -53.87 -32.63 39.84
C LEU I 10 -53.36 -31.66 40.94
N VAL I 11 -54.21 -31.40 41.93
CA VAL I 11 -53.84 -30.52 43.03
C VAL I 11 -52.76 -31.20 43.89
N GLU I 12 -52.88 -32.51 44.08
CA GLU I 12 -51.90 -33.26 44.84
C GLU I 12 -50.54 -33.17 44.16
N GLU I 13 -50.52 -33.32 42.84
CA GLU I 13 -49.28 -33.25 42.08
C GLU I 13 -48.60 -31.89 42.24
N TYR I 14 -49.40 -30.82 42.26
CA TYR I 14 -48.86 -29.48 42.41
C TYR I 14 -48.20 -29.33 43.77
N ASP I 15 -48.92 -29.71 44.82
CA ASP I 15 -48.39 -29.59 46.17
C ASP I 15 -47.15 -30.46 46.31
N SER I 16 -47.16 -31.63 45.69
CA SER I 16 -46.04 -32.55 45.73
C SER I 16 -44.79 -31.86 45.18
N LEU I 17 -44.90 -31.37 43.95
CA LEU I 17 -43.79 -30.70 43.27
C LEU I 17 -43.27 -29.55 44.08
N ILE I 18 -44.15 -28.61 44.44
CA ILE I 18 -43.73 -27.47 45.23
C ILE I 18 -42.96 -27.89 46.47
N GLU I 19 -43.38 -28.97 47.11
CA GLU I 19 -42.68 -29.42 48.29
C GLU I 19 -41.26 -29.86 47.91
N LYS I 20 -41.17 -30.62 46.82
CA LYS I 20 -39.88 -31.08 46.33
C LYS I 20 -38.97 -29.90 45.95
N MET I 21 -39.51 -29.02 45.12
CA MET I 21 -38.76 -27.86 44.66
C MET I 21 -38.42 -26.85 45.74
N SER I 22 -38.99 -27.02 46.93
CA SER I 22 -38.69 -26.07 47.98
C SER I 22 -37.30 -26.22 48.57
N ASN I 23 -36.65 -27.34 48.24
CA ASN I 23 -35.31 -27.62 48.69
C ASN I 23 -34.34 -27.16 47.63
N TRP I 24 -33.28 -26.47 48.05
CA TRP I 24 -32.29 -26.02 47.09
C TRP I 24 -31.73 -27.24 46.35
N ASN I 25 -31.65 -28.37 47.04
CA ASN I 25 -31.15 -29.57 46.39
C ASN I 25 -32.32 -30.37 45.83
N PHE I 26 -33.15 -29.68 45.05
CA PHE I 26 -34.32 -30.30 44.44
C PHE I 26 -33.89 -31.50 43.59
N PRO I 27 -34.39 -32.70 43.93
CA PRO I 27 -34.08 -33.94 43.21
C PRO I 27 -34.69 -33.98 41.82
N ILE I 28 -34.27 -33.03 41.00
CA ILE I 28 -34.78 -32.92 39.64
C ILE I 28 -34.70 -34.22 38.86
N PHE I 29 -33.65 -35.00 39.04
CA PHE I 29 -33.54 -36.23 38.26
C PHE I 29 -34.58 -37.26 38.64
N GLU I 30 -35.10 -37.14 39.86
CA GLU I 30 -36.13 -38.06 40.33
C GLU I 30 -37.41 -37.71 39.62
N LEU I 31 -37.71 -36.41 39.54
CA LEU I 31 -38.90 -35.93 38.85
C LEU I 31 -38.87 -36.47 37.42
N VAL I 32 -37.72 -36.37 36.77
CA VAL I 32 -37.57 -36.88 35.41
C VAL I 32 -38.04 -38.32 35.35
N GLU I 33 -37.73 -39.09 36.39
CA GLU I 33 -38.15 -40.49 36.41
C GLU I 33 -39.63 -40.65 36.66
N LYS I 34 -40.14 -39.91 37.64
CA LYS I 34 -41.56 -39.98 37.95
C LYS I 34 -42.40 -39.67 36.71
N MET I 35 -41.99 -38.70 35.90
CA MET I 35 -42.76 -38.35 34.70
C MET I 35 -42.70 -39.43 33.63
N GLY I 36 -41.73 -40.32 33.72
CA GLY I 36 -41.62 -41.39 32.75
C GLY I 36 -41.66 -40.94 31.30
N GLU I 37 -42.60 -41.46 30.53
CA GLU I 37 -42.74 -41.09 29.13
C GLU I 37 -43.14 -39.65 28.91
N LYS I 38 -43.72 -39.02 29.92
CA LYS I 38 -44.10 -37.62 29.79
C LYS I 38 -42.95 -36.71 30.27
N SER I 39 -41.79 -37.32 30.40
CA SER I 39 -40.56 -36.65 30.84
C SER I 39 -40.23 -35.41 29.99
N GLY I 40 -40.51 -35.47 28.70
CA GLY I 40 -40.20 -34.37 27.81
C GLY I 40 -40.96 -33.08 28.05
N ARG I 41 -41.90 -33.10 28.98
CA ARG I 41 -42.68 -31.90 29.27
C ARG I 41 -42.32 -31.34 30.64
N ILE I 42 -41.14 -31.71 31.14
CA ILE I 42 -40.69 -31.26 32.44
C ILE I 42 -40.51 -29.74 32.56
N LEU I 43 -39.92 -29.11 31.55
CA LEU I 43 -39.71 -27.67 31.58
C LEU I 43 -41.03 -26.90 31.61
N SER I 44 -41.97 -27.28 30.76
CA SER I 44 -43.27 -26.59 30.72
C SER I 44 -44.03 -26.78 32.02
N GLN I 45 -44.03 -28.01 32.54
CA GLN I 45 -44.70 -28.32 33.82
C GLN I 45 -44.11 -27.53 34.99
N VAL I 46 -42.78 -27.40 35.02
CA VAL I 46 -42.15 -26.68 36.11
C VAL I 46 -42.44 -25.21 35.94
N MET I 47 -42.47 -24.75 34.70
CA MET I 47 -42.74 -23.34 34.43
C MET I 47 -44.15 -22.97 34.89
N TYR I 48 -45.09 -23.85 34.60
CA TYR I 48 -46.46 -23.62 34.99
C TYR I 48 -46.55 -23.58 36.53
N THR I 49 -45.99 -24.60 37.17
CA THR I 49 -46.00 -24.69 38.63
C THR I 49 -45.40 -23.44 39.27
N LEU I 50 -44.31 -22.94 38.73
CA LEU I 50 -43.67 -21.76 39.29
C LEU I 50 -44.44 -20.49 39.02
N PHE I 51 -44.99 -20.36 37.82
CA PHE I 51 -45.75 -19.16 37.51
C PHE I 51 -47.00 -19.08 38.39
N GLN I 52 -47.46 -20.23 38.87
CA GLN I 52 -48.61 -20.27 39.77
C GLN I 52 -48.13 -19.88 41.16
N ASP I 53 -47.17 -20.63 41.68
CA ASP I 53 -46.61 -20.35 42.99
C ASP I 53 -46.18 -18.89 43.12
N THR I 54 -45.79 -18.28 42.02
CA THR I 54 -45.35 -16.89 42.03
C THR I 54 -46.52 -15.91 41.90
N GLY I 55 -47.57 -16.35 41.20
CA GLY I 55 -48.74 -15.51 41.01
C GLY I 55 -48.62 -14.70 39.73
N LEU I 56 -47.51 -14.87 39.02
CA LEU I 56 -47.30 -14.15 37.78
C LEU I 56 -48.47 -14.33 36.80
N LEU I 57 -49.02 -15.53 36.74
CA LEU I 57 -50.14 -15.80 35.83
C LEU I 57 -51.26 -14.80 36.04
N GLU I 58 -51.59 -14.54 37.30
CA GLU I 58 -52.64 -13.60 37.60
C GLU I 58 -52.17 -12.16 37.47
N ILE I 59 -51.01 -11.85 38.02
CA ILE I 59 -50.46 -10.49 37.97
C ILE I 59 -50.41 -9.93 36.55
N PHE I 60 -50.18 -10.79 35.57
CA PHE I 60 -50.10 -10.37 34.18
C PHE I 60 -51.17 -10.98 33.29
N LYS I 61 -52.29 -11.39 33.89
CA LYS I 61 -53.38 -11.97 33.12
C LYS I 61 -52.90 -12.89 32.00
N ILE I 62 -52.10 -13.88 32.34
CA ILE I 62 -51.56 -14.78 31.32
C ILE I 62 -52.48 -15.95 31.05
N PRO I 63 -53.01 -16.04 29.82
CA PRO I 63 -53.91 -17.14 29.46
C PRO I 63 -53.19 -18.49 29.53
N THR I 64 -53.72 -19.40 30.33
CA THR I 64 -53.09 -20.70 30.50
C THR I 64 -52.75 -21.43 29.22
N GLN I 65 -53.63 -21.36 28.23
CA GLN I 65 -53.42 -22.06 26.97
C GLN I 65 -52.17 -21.63 26.20
N GLN I 66 -52.08 -20.35 25.85
CA GLN I 66 -50.93 -19.87 25.10
C GLN I 66 -49.63 -20.14 25.86
N PHE I 67 -49.65 -19.90 27.16
CA PHE I 67 -48.50 -20.14 28.01
C PHE I 67 -48.01 -21.55 27.76
N MET I 68 -48.86 -22.54 28.02
CA MET I 68 -48.43 -23.90 27.80
C MET I 68 -48.08 -24.18 26.34
N ASN I 69 -48.74 -23.51 25.42
CA ASN I 69 -48.44 -23.74 24.02
C ASN I 69 -47.02 -23.41 23.69
N TYR I 70 -46.58 -22.21 24.10
CA TYR I 70 -45.21 -21.75 23.84
C TYR I 70 -44.17 -22.58 24.56
N PHE I 71 -44.29 -22.71 25.87
CA PHE I 71 -43.30 -23.47 26.60
C PHE I 71 -43.27 -24.94 26.23
N ARG I 72 -44.39 -25.51 25.80
CA ARG I 72 -44.32 -26.90 25.38
C ARG I 72 -43.48 -26.95 24.12
N ALA I 73 -43.57 -25.89 23.33
CA ALA I 73 -42.85 -25.78 22.07
C ALA I 73 -41.37 -25.48 22.32
N LEU I 74 -41.13 -24.53 23.22
CA LEU I 74 -39.79 -24.16 23.57
C LEU I 74 -39.04 -25.42 24.01
N GLU I 75 -39.65 -26.23 24.87
CA GLU I 75 -39.03 -27.46 25.32
C GLU I 75 -38.50 -28.28 24.18
N ASN I 76 -39.34 -28.53 23.18
CA ASN I 76 -38.92 -29.37 22.09
C ASN I 76 -37.73 -28.81 21.34
N GLY I 77 -37.43 -27.55 21.59
CA GLY I 77 -36.29 -26.92 20.94
C GLY I 77 -34.96 -27.45 21.48
N TYR I 78 -35.00 -27.90 22.74
CA TYR I 78 -33.82 -28.44 23.38
C TYR I 78 -33.51 -29.81 22.84
N ARG I 79 -32.32 -29.95 22.27
CA ARG I 79 -31.85 -31.19 21.67
C ARG I 79 -31.63 -32.26 22.69
N ASP I 80 -31.47 -33.48 22.22
CA ASP I 80 -31.23 -34.58 23.11
C ASP I 80 -29.73 -34.81 23.25
N ILE I 81 -29.07 -33.88 23.93
CA ILE I 81 -27.64 -33.94 24.16
C ILE I 81 -27.40 -34.15 25.66
N PRO I 82 -26.23 -34.70 26.04
CA PRO I 82 -25.85 -34.99 27.42
C PRO I 82 -25.97 -33.91 28.49
N TYR I 83 -25.85 -32.64 28.13
CA TYR I 83 -25.97 -31.63 29.17
C TYR I 83 -26.89 -30.46 28.89
N HIS I 84 -26.66 -29.75 27.78
CA HIS I 84 -27.47 -28.59 27.44
C HIS I 84 -28.83 -28.98 26.87
N ASN I 85 -29.65 -29.58 27.73
CA ASN I 85 -30.97 -30.05 27.36
C ASN I 85 -32.05 -29.42 28.23
N ARG I 86 -33.31 -29.78 27.99
CA ARG I 86 -34.42 -29.23 28.76
C ARG I 86 -34.31 -29.42 30.26
N ILE I 87 -33.66 -30.50 30.70
CA ILE I 87 -33.49 -30.73 32.14
C ILE I 87 -32.56 -29.65 32.72
N HIS I 88 -31.50 -29.31 31.98
CA HIS I 88 -30.59 -28.27 32.43
C HIS I 88 -31.38 -26.97 32.58
N ALA I 89 -32.12 -26.61 31.52
CA ALA I 89 -32.93 -25.38 31.55
C ALA I 89 -33.85 -25.37 32.76
N THR I 90 -34.52 -26.50 33.00
CA THR I 90 -35.41 -26.58 34.13
C THR I 90 -34.64 -26.29 35.41
N ASP I 91 -33.47 -26.91 35.57
CA ASP I 91 -32.62 -26.69 36.74
C ASP I 91 -32.28 -25.21 36.88
N VAL I 92 -31.78 -24.60 35.80
CA VAL I 92 -31.43 -23.18 35.88
C VAL I 92 -32.65 -22.34 36.30
N LEU I 93 -33.83 -22.74 35.81
CA LEU I 93 -35.07 -22.05 36.15
C LEU I 93 -35.31 -22.15 37.65
N HIS I 94 -35.35 -23.37 38.15
CA HIS I 94 -35.56 -23.61 39.58
C HIS I 94 -34.60 -22.81 40.43
N ALA I 95 -33.36 -22.69 39.96
CA ALA I 95 -32.35 -21.95 40.70
C ALA I 95 -32.67 -20.46 40.82
N VAL I 96 -32.95 -19.77 39.69
CA VAL I 96 -33.28 -18.34 39.75
C VAL I 96 -34.55 -18.08 40.55
N TRP I 97 -35.49 -19.01 40.46
CA TRP I 97 -36.70 -18.87 41.22
C TRP I 97 -36.34 -18.91 42.70
N TYR I 98 -35.63 -19.97 43.09
CA TYR I 98 -35.23 -20.13 44.47
C TYR I 98 -34.36 -18.99 44.97
N LEU I 99 -33.39 -18.58 44.18
CA LEU I 99 -32.49 -17.50 44.60
C LEU I 99 -33.16 -16.16 44.79
N THR I 100 -34.30 -15.93 44.16
CA THR I 100 -34.97 -14.63 44.25
C THR I 100 -36.25 -14.71 45.08
N THR I 101 -36.46 -15.86 45.70
CA THR I 101 -37.66 -16.10 46.48
C THR I 101 -37.45 -16.37 47.96
N ARG I 102 -36.57 -17.32 48.27
CA ARG I 102 -36.29 -17.69 49.65
C ARG I 102 -35.68 -16.55 50.47
N PRO I 103 -35.76 -16.67 51.80
CA PRO I 103 -35.25 -15.69 52.76
C PRO I 103 -33.74 -15.47 52.73
N VAL I 104 -33.36 -14.21 52.69
CA VAL I 104 -31.98 -13.80 52.66
C VAL I 104 -31.65 -13.04 53.95
N PRO I 105 -30.83 -13.65 54.83
CA PRO I 105 -30.42 -13.08 56.11
C PRO I 105 -29.96 -11.64 55.99
N GLY I 106 -30.63 -10.75 56.72
CA GLY I 106 -30.26 -9.35 56.74
C GLY I 106 -30.57 -8.51 55.52
N LEU I 107 -31.25 -9.08 54.54
CA LEU I 107 -31.59 -8.32 53.32
C LEU I 107 -32.67 -7.26 53.53
N GLN I 108 -32.37 -6.04 53.11
CA GLN I 108 -33.31 -4.92 53.22
C GLN I 108 -34.52 -5.12 52.29
N GLN I 109 -35.62 -4.43 52.59
CA GLN I 109 -36.82 -4.56 51.77
C GLN I 109 -37.42 -3.21 51.38
N ILE I 110 -36.71 -2.52 50.50
CA ILE I 110 -37.12 -1.19 50.01
C ILE I 110 -38.55 -1.16 49.53
N HIS I 111 -38.73 -1.41 48.23
CA HIS I 111 -40.05 -1.40 47.61
C HIS I 111 -40.81 -2.70 47.89
N ASN I 112 -40.59 -3.25 49.10
CA ASN I 112 -41.22 -4.50 49.59
C ASN I 112 -42.53 -4.87 48.89
N GLY I 113 -42.81 -6.18 48.78
CA GLY I 113 -44.04 -6.66 48.14
C GLY I 113 -45.23 -6.73 49.10
N ARG I 130 -49.21 1.97 40.01
CA ARG I 130 -48.34 1.12 40.90
C ARG I 130 -47.67 -0.03 40.14
N ILE I 131 -46.52 -0.47 40.65
CA ILE I 131 -45.77 -1.58 40.07
C ILE I 131 -46.03 -2.83 40.92
N ALA I 132 -46.19 -3.98 40.26
CA ALA I 132 -46.46 -5.21 40.97
C ALA I 132 -45.19 -5.94 41.42
N TYR I 133 -45.31 -6.70 42.50
CA TYR I 133 -44.21 -7.46 43.04
C TYR I 133 -44.72 -8.85 43.37
N ILE I 134 -43.94 -9.88 43.08
CA ILE I 134 -44.39 -11.22 43.38
C ILE I 134 -44.07 -11.63 44.81
N SER I 135 -44.50 -12.83 45.18
CA SER I 135 -44.25 -13.38 46.50
C SER I 135 -44.61 -14.86 46.42
N SER I 136 -43.63 -15.73 46.65
CA SER I 136 -43.88 -17.15 46.57
C SER I 136 -44.81 -17.59 47.68
N LYS I 137 -45.77 -18.42 47.28
CA LYS I 137 -46.77 -18.96 48.19
C LYS I 137 -46.18 -20.16 48.91
N SER I 138 -44.95 -20.54 48.58
CA SER I 138 -44.36 -21.70 49.21
C SER I 138 -43.28 -21.41 50.24
N CYS I 139 -43.19 -20.15 50.67
CA CYS I 139 -42.22 -19.77 51.69
C CYS I 139 -42.44 -18.31 52.09
N SER I 140 -41.82 -17.93 53.20
CA SER I 140 -41.92 -16.56 53.71
C SER I 140 -40.77 -16.31 54.68
N ASN I 141 -40.37 -15.05 54.81
CA ASN I 141 -39.29 -14.69 55.71
C ASN I 141 -39.69 -14.95 57.15
N PRO I 142 -38.83 -15.63 57.92
CA PRO I 142 -39.11 -15.95 59.32
C PRO I 142 -39.46 -14.70 60.13
N ASP I 143 -38.83 -13.58 59.79
CA ASP I 143 -39.07 -12.33 60.51
C ASP I 143 -38.39 -11.15 59.82
N GLU I 144 -38.41 -10.00 60.47
CA GLU I 144 -37.80 -8.81 59.90
C GLU I 144 -36.29 -8.96 59.72
N SER I 145 -35.70 -10.01 60.28
CA SER I 145 -34.26 -10.23 60.16
C SER I 145 -33.93 -10.74 58.75
N TYR I 146 -34.98 -11.09 57.99
CA TYR I 146 -34.81 -11.59 56.63
C TYR I 146 -35.41 -10.70 55.55
N GLY I 147 -35.18 -11.11 54.30
CA GLY I 147 -35.70 -10.38 53.16
C GLY I 147 -35.56 -11.27 51.94
N CYS I 148 -35.95 -10.77 50.78
CA CYS I 148 -35.82 -11.55 49.53
C CYS I 148 -35.91 -10.63 48.36
N LEU I 149 -35.27 -11.02 47.26
CA LEU I 149 -35.26 -10.20 46.06
C LEU I 149 -36.68 -9.93 45.53
N SER I 150 -37.58 -10.90 45.69
CA SER I 150 -38.94 -10.74 45.22
C SER I 150 -39.58 -9.45 45.73
N SER I 151 -39.01 -8.90 46.80
CA SER I 151 -39.54 -7.67 47.37
C SER I 151 -38.80 -6.43 46.93
N ASN I 152 -37.67 -6.59 46.25
CA ASN I 152 -36.92 -5.42 45.79
C ASN I 152 -36.92 -5.30 44.28
N ILE I 153 -37.27 -6.38 43.61
CA ILE I 153 -37.29 -6.38 42.17
C ILE I 153 -38.72 -6.60 41.67
N PRO I 154 -39.24 -5.64 40.88
CA PRO I 154 -40.60 -5.72 40.34
C PRO I 154 -40.89 -7.05 39.63
N ALA I 155 -42.15 -7.49 39.72
CA ALA I 155 -42.57 -8.76 39.11
C ALA I 155 -42.26 -8.88 37.62
N LEU I 156 -42.36 -7.77 36.90
CA LEU I 156 -42.09 -7.79 35.47
C LEU I 156 -40.68 -8.30 35.24
N GLU I 157 -39.74 -7.68 35.95
CA GLU I 157 -38.33 -8.02 35.86
C GLU I 157 -38.04 -9.47 36.27
N LEU I 158 -38.64 -9.94 37.36
CA LEU I 158 -38.38 -11.31 37.76
C LEU I 158 -39.03 -12.29 36.78
N MET I 159 -40.08 -11.87 36.10
CA MET I 159 -40.70 -12.79 35.14
C MET I 159 -39.78 -12.92 33.93
N ALA I 160 -39.13 -11.81 33.57
CA ALA I 160 -38.21 -11.83 32.46
C ALA I 160 -37.08 -12.80 32.79
N LEU I 161 -36.64 -12.79 34.05
CA LEU I 161 -35.59 -13.67 34.51
C LEU I 161 -35.99 -15.13 34.38
N TYR I 162 -37.17 -15.47 34.90
CA TYR I 162 -37.68 -16.84 34.83
C TYR I 162 -37.81 -17.30 33.39
N VAL I 163 -38.35 -16.45 32.53
CA VAL I 163 -38.53 -16.80 31.13
C VAL I 163 -37.17 -16.94 30.47
N ALA I 164 -36.28 -15.98 30.72
CA ALA I 164 -34.94 -16.02 30.15
C ALA I 164 -34.27 -17.34 30.52
N ALA I 165 -34.42 -17.75 31.78
CA ALA I 165 -33.82 -18.99 32.23
C ALA I 165 -34.36 -20.17 31.46
N ALA I 166 -35.65 -20.16 31.16
CA ALA I 166 -36.27 -21.26 30.45
C ALA I 166 -35.81 -21.36 29.02
N MET I 167 -35.43 -20.24 28.44
CA MET I 167 -34.98 -20.24 27.06
C MET I 167 -33.49 -19.97 26.85
N HIS I 168 -32.72 -19.81 27.93
CA HIS I 168 -31.31 -19.47 27.79
C HIS I 168 -30.39 -20.43 27.03
N ASP I 169 -30.72 -21.72 26.95
CA ASP I 169 -29.86 -22.61 26.19
C ASP I 169 -30.66 -23.25 25.05
N TYR I 170 -31.74 -22.58 24.63
CA TYR I 170 -32.61 -23.06 23.56
C TYR I 170 -31.84 -23.49 22.31
N ASP I 171 -32.12 -24.69 21.82
CA ASP I 171 -31.46 -25.24 20.62
C ASP I 171 -29.92 -25.28 20.67
N HIS I 172 -29.38 -25.70 21.80
CA HIS I 172 -27.94 -25.79 21.97
C HIS I 172 -27.46 -26.97 21.15
N PRO I 173 -26.38 -26.79 20.36
CA PRO I 173 -25.84 -27.88 19.53
C PRO I 173 -24.90 -28.83 20.28
N GLY I 174 -24.59 -28.47 21.53
CA GLY I 174 -23.70 -29.29 22.30
C GLY I 174 -22.26 -29.06 21.91
N ARG I 175 -21.99 -27.82 21.54
CA ARG I 175 -20.67 -27.43 21.11
C ARG I 175 -20.43 -26.03 21.69
N THR I 176 -19.18 -25.62 21.88
CA THR I 176 -18.88 -24.31 22.49
C THR I 176 -18.75 -23.18 21.50
N ASN I 177 -18.83 -21.94 21.95
CA ASN I 177 -18.71 -20.84 21.00
C ASN I 177 -17.36 -20.91 20.32
N ALA I 178 -16.33 -21.28 21.07
CA ALA I 178 -14.98 -21.36 20.54
C ALA I 178 -14.93 -22.31 19.35
N PHE I 179 -15.59 -23.46 19.49
CA PHE I 179 -15.61 -24.45 18.43
C PHE I 179 -16.27 -23.86 17.20
N LEU I 180 -17.44 -23.26 17.39
CA LEU I 180 -18.17 -22.67 16.30
C LEU I 180 -17.33 -21.61 15.63
N VAL I 181 -16.73 -20.74 16.42
CA VAL I 181 -15.90 -19.68 15.87
C VAL I 181 -14.70 -20.21 15.11
N ALA I 182 -14.06 -21.22 15.68
CA ALA I 182 -12.87 -21.84 15.09
C ALA I 182 -13.18 -22.51 13.77
N THR I 183 -14.25 -23.29 13.73
CA THR I 183 -14.62 -23.99 12.53
C THR I 183 -15.41 -23.12 11.55
N ASN I 184 -15.49 -21.83 11.82
CA ASN I 184 -16.24 -20.90 10.98
C ASN I 184 -17.64 -21.40 10.66
N ALA I 185 -18.32 -21.91 11.69
CA ALA I 185 -19.66 -22.41 11.59
C ALA I 185 -20.57 -21.29 11.13
N PRO I 186 -21.53 -21.59 10.24
CA PRO I 186 -22.44 -20.55 9.75
C PRO I 186 -23.01 -19.70 10.88
N GLN I 187 -23.37 -20.35 11.98
CA GLN I 187 -23.95 -19.63 13.08
C GLN I 187 -22.98 -18.61 13.67
N ALA I 188 -21.68 -18.92 13.60
CA ALA I 188 -20.65 -18.04 14.14
C ALA I 188 -20.43 -16.90 13.18
N VAL I 189 -20.49 -17.21 11.88
CA VAL I 189 -20.32 -16.17 10.88
C VAL I 189 -21.50 -15.22 10.92
N LEU I 190 -22.68 -15.79 11.18
CA LEU I 190 -23.90 -15.02 11.26
C LEU I 190 -23.85 -14.00 12.35
N TYR I 191 -23.30 -14.35 13.52
CA TYR I 191 -23.23 -13.41 14.63
C TYR I 191 -21.88 -12.70 14.81
N ASN I 192 -21.01 -12.83 13.81
CA ASN I 192 -19.71 -12.20 13.85
C ASN I 192 -18.89 -12.62 15.07
N ASP I 193 -18.94 -13.91 15.39
CA ASP I 193 -18.23 -14.52 16.49
C ASP I 193 -18.52 -13.93 17.88
N ARG I 194 -19.56 -13.12 18.01
CA ARG I 194 -19.87 -12.52 19.31
C ARG I 194 -21.05 -13.20 19.99
N SER I 195 -20.79 -13.86 21.12
CA SER I 195 -21.82 -14.59 21.86
C SER I 195 -22.68 -15.42 20.90
N VAL I 196 -22.01 -16.10 19.96
CA VAL I 196 -22.68 -16.93 18.97
C VAL I 196 -23.88 -17.70 19.51
N LEU I 197 -23.66 -18.64 20.41
CA LEU I 197 -24.76 -19.42 20.95
C LEU I 197 -25.78 -18.58 21.71
N GLU I 198 -25.33 -17.78 22.66
CA GLU I 198 -26.25 -16.94 23.43
C GLU I 198 -27.15 -16.12 22.52
N ASN I 199 -26.61 -15.49 21.48
CA ASN I 199 -27.45 -14.71 20.59
C ASN I 199 -28.49 -15.62 19.96
N HIS I 200 -28.01 -16.72 19.41
CA HIS I 200 -28.90 -17.68 18.77
C HIS I 200 -30.02 -18.19 19.69
N HIS I 201 -29.72 -18.39 20.98
CA HIS I 201 -30.75 -18.87 21.89
C HIS I 201 -31.86 -17.82 21.99
N ALA I 202 -31.48 -16.61 22.34
CA ALA I 202 -32.45 -15.54 22.49
C ALA I 202 -33.23 -15.29 21.20
N ALA I 203 -32.53 -15.18 20.08
CA ALA I 203 -33.18 -14.92 18.81
C ALA I 203 -34.13 -16.05 18.40
N SER I 204 -33.68 -17.29 18.51
CA SER I 204 -34.51 -18.43 18.13
C SER I 204 -35.77 -18.56 18.95
N ALA I 205 -35.65 -18.29 20.25
CA ALA I 205 -36.77 -18.40 21.16
C ALA I 205 -37.78 -17.29 20.93
N TRP I 206 -37.29 -16.07 20.73
CA TRP I 206 -38.18 -14.95 20.48
C TRP I 206 -38.84 -15.10 19.14
N ASN I 207 -38.12 -15.71 18.21
CA ASN I 207 -38.69 -15.92 16.90
C ASN I 207 -39.83 -16.91 17.01
N LEU I 208 -39.61 -17.98 17.76
CA LEU I 208 -40.61 -19.02 17.99
C LEU I 208 -41.87 -18.36 18.57
N TYR I 209 -41.66 -17.51 19.58
CA TYR I 209 -42.75 -16.83 20.23
C TYR I 209 -43.60 -16.03 19.25
N LEU I 210 -42.96 -15.35 18.30
CA LEU I 210 -43.71 -14.59 17.33
C LEU I 210 -44.24 -15.43 16.16
N SER I 211 -43.80 -16.69 16.07
CA SER I 211 -44.22 -17.59 14.99
C SER I 211 -45.71 -17.78 14.85
N ARG I 212 -46.37 -17.89 15.98
CA ARG I 212 -47.78 -18.15 15.95
C ARG I 212 -48.51 -17.33 17.00
N PRO I 213 -49.78 -17.00 16.71
CA PRO I 213 -50.54 -16.22 17.67
C PRO I 213 -50.93 -17.06 18.90
N GLU I 214 -50.94 -18.38 18.75
CA GLU I 214 -51.31 -19.23 19.88
C GLU I 214 -50.21 -19.33 20.96
N TYR I 215 -49.10 -18.64 20.74
CA TYR I 215 -47.98 -18.62 21.68
C TYR I 215 -48.03 -17.32 22.48
N ASN I 216 -48.54 -16.28 21.85
CA ASN I 216 -48.62 -14.98 22.50
C ASN I 216 -49.34 -14.96 23.85
N PHE I 217 -48.64 -15.30 24.92
CA PHE I 217 -49.25 -15.33 26.24
C PHE I 217 -49.00 -14.05 27.01
N LEU I 218 -48.39 -13.07 26.35
CA LEU I 218 -48.14 -11.81 26.99
C LEU I 218 -49.03 -10.73 26.36
N LEU I 219 -50.07 -11.19 25.67
CA LEU I 219 -51.00 -10.30 25.00
C LEU I 219 -51.56 -9.19 25.87
N HIS I 220 -51.65 -9.42 27.17
CA HIS I 220 -52.21 -8.37 28.02
C HIS I 220 -51.20 -7.38 28.57
N LEU I 221 -50.08 -7.23 27.87
CA LEU I 221 -49.06 -6.27 28.26
C LEU I 221 -49.06 -5.15 27.24
N ASP I 222 -49.05 -3.90 27.69
CA ASP I 222 -49.05 -2.80 26.73
C ASP I 222 -47.74 -2.80 25.97
N HIS I 223 -47.74 -2.21 24.79
CA HIS I 223 -46.53 -2.16 23.97
C HIS I 223 -45.32 -1.70 24.78
N VAL I 224 -45.54 -0.83 25.76
CA VAL I 224 -44.45 -0.34 26.57
C VAL I 224 -43.82 -1.44 27.42
N GLU I 225 -44.66 -2.14 28.16
CA GLU I 225 -44.20 -3.23 29.00
C GLU I 225 -43.54 -4.31 28.18
N PHE I 226 -44.23 -4.77 27.15
CA PHE I 226 -43.67 -5.81 26.32
C PHE I 226 -42.29 -5.44 25.77
N LYS I 227 -42.14 -4.21 25.31
CA LYS I 227 -40.87 -3.74 24.75
C LYS I 227 -39.77 -3.97 25.79
N ARG I 228 -40.02 -3.53 27.01
CA ARG I 228 -39.07 -3.68 28.09
C ARG I 228 -38.84 -5.13 28.47
N PHE I 229 -39.92 -5.90 28.53
CA PHE I 229 -39.79 -7.30 28.90
C PHE I 229 -38.86 -8.01 27.96
N ARG I 230 -39.02 -7.78 26.67
CA ARG I 230 -38.17 -8.43 25.69
C ARG I 230 -36.72 -8.03 25.92
N PHE I 231 -36.49 -6.76 26.21
CA PHE I 231 -35.15 -6.25 26.47
C PHE I 231 -34.54 -7.01 27.64
N LEU I 232 -35.25 -7.00 28.75
CA LEU I 232 -34.79 -7.68 29.94
C LEU I 232 -34.46 -9.14 29.66
N VAL I 233 -35.33 -9.85 28.95
CA VAL I 233 -35.05 -11.25 28.66
C VAL I 233 -33.75 -11.44 27.87
N ILE I 234 -33.52 -10.56 26.91
CA ILE I 234 -32.32 -10.66 26.09
C ILE I 234 -31.09 -10.40 26.94
N GLU I 235 -31.10 -9.31 27.71
CA GLU I 235 -29.99 -8.98 28.60
C GLU I 235 -29.65 -10.16 29.49
N ALA I 236 -30.65 -10.85 30.02
CA ALA I 236 -30.40 -11.97 30.90
C ALA I 236 -29.73 -13.10 30.14
N ILE I 237 -30.28 -13.46 29.00
CA ILE I 237 -29.70 -14.55 28.25
C ILE I 237 -28.28 -14.24 27.79
N LEU I 238 -28.06 -13.07 27.21
CA LEU I 238 -26.72 -12.77 26.73
C LEU I 238 -25.70 -12.69 27.85
N ALA I 239 -26.15 -12.48 29.08
CA ALA I 239 -25.23 -12.40 30.19
C ALA I 239 -24.67 -13.79 30.51
N THR I 240 -25.29 -14.83 29.96
CA THR I 240 -24.82 -16.17 30.24
C THR I 240 -23.66 -16.59 29.37
N ASP I 241 -23.03 -15.63 28.66
CA ASP I 241 -21.86 -15.95 27.84
C ASP I 241 -20.63 -15.84 28.76
N LEU I 242 -19.99 -16.96 29.03
CA LEU I 242 -18.84 -16.98 29.92
C LEU I 242 -17.68 -16.09 29.49
N LYS I 243 -17.53 -15.85 28.19
CA LYS I 243 -16.43 -14.99 27.74
C LYS I 243 -16.54 -13.62 28.38
N LYS I 244 -17.71 -13.27 28.88
CA LYS I 244 -17.87 -11.96 29.50
C LYS I 244 -18.01 -12.08 31.02
N HIS I 245 -17.74 -13.28 31.53
CA HIS I 245 -17.83 -13.56 32.96
C HIS I 245 -17.11 -12.59 33.87
N PHE I 246 -15.84 -12.32 33.59
CA PHE I 246 -15.09 -11.43 34.46
C PHE I 246 -15.49 -9.97 34.38
N ASP I 247 -16.10 -9.59 33.27
CA ASP I 247 -16.55 -8.22 33.12
C ASP I 247 -17.79 -8.01 33.98
N PHE I 248 -18.73 -8.95 33.94
CA PHE I 248 -19.92 -8.81 34.77
C PHE I 248 -19.49 -8.75 36.23
N LEU I 249 -18.69 -9.75 36.62
CA LEU I 249 -18.19 -9.85 37.99
C LEU I 249 -17.56 -8.53 38.43
N ALA I 250 -16.66 -8.00 37.61
CA ALA I 250 -16.00 -6.74 37.92
C ALA I 250 -17.01 -5.62 38.16
N GLU I 251 -17.93 -5.51 37.21
CA GLU I 251 -18.98 -4.49 37.23
C GLU I 251 -19.90 -4.67 38.44
N PHE I 252 -20.24 -5.91 38.74
CA PHE I 252 -21.12 -6.18 39.87
C PHE I 252 -20.45 -5.77 41.17
N ASN I 253 -19.18 -6.11 41.34
CA ASN I 253 -18.48 -5.75 42.57
C ASN I 253 -18.30 -4.25 42.73
N ALA I 254 -18.08 -3.57 41.63
CA ALA I 254 -17.89 -2.12 41.66
C ALA I 254 -19.13 -1.45 42.22
N LYS I 255 -20.28 -2.07 42.05
CA LYS I 255 -21.53 -1.49 42.54
C LYS I 255 -21.91 -2.03 43.90
N ALA I 256 -21.83 -3.34 44.08
CA ALA I 256 -22.25 -3.97 45.33
C ALA I 256 -21.23 -4.12 46.45
N ASN I 257 -20.03 -4.57 46.12
CA ASN I 257 -18.99 -4.81 47.12
C ASN I 257 -17.82 -3.85 47.11
N ASP I 258 -18.10 -2.58 47.32
CA ASP I 258 -17.04 -1.58 47.34
C ASP I 258 -17.35 -0.66 48.52
N VAL I 259 -16.48 -0.68 49.53
CA VAL I 259 -16.71 0.14 50.72
C VAL I 259 -16.79 1.64 50.42
N ASN I 260 -16.27 2.03 49.26
CA ASN I 260 -16.31 3.43 48.85
C ASN I 260 -17.50 3.70 47.94
N SER I 261 -18.19 2.62 47.53
CA SER I 261 -19.37 2.71 46.68
C SER I 261 -20.60 2.67 47.60
N ASN I 262 -21.75 2.34 47.02
CA ASN I 262 -22.98 2.26 47.79
C ASN I 262 -23.86 1.08 47.43
N GLY I 263 -24.18 0.30 48.45
CA GLY I 263 -25.02 -0.88 48.30
C GLY I 263 -25.50 -1.25 46.91
N ILE I 264 -26.77 -0.98 46.62
CA ILE I 264 -27.31 -1.34 45.33
C ILE I 264 -28.32 -0.32 44.82
N GLU I 265 -29.21 0.16 45.69
CA GLU I 265 -30.24 1.12 45.26
C GLU I 265 -31.21 0.39 44.35
N TRP I 266 -32.06 -0.45 44.94
CA TRP I 266 -33.00 -1.20 44.17
C TRP I 266 -33.97 -0.33 43.39
N SER I 267 -33.89 0.98 43.62
CA SER I 267 -34.75 1.92 42.92
C SER I 267 -34.13 2.29 41.59
N ASN I 268 -32.99 1.66 41.28
CA ASN I 268 -32.29 1.92 40.05
C ASN I 268 -32.44 0.75 39.08
N GLU I 269 -32.98 1.03 37.90
CA GLU I 269 -33.18 -0.01 36.91
C GLU I 269 -31.88 -0.74 36.60
N ASN I 270 -30.86 0.03 36.25
CA ASN I 270 -29.57 -0.53 35.91
C ASN I 270 -29.04 -1.43 37.01
N ASP I 271 -28.98 -0.92 38.24
CA ASP I 271 -28.49 -1.74 39.34
C ASP I 271 -29.29 -3.03 39.44
N ARG I 272 -30.62 -2.91 39.38
CA ARG I 272 -31.48 -4.08 39.47
C ARG I 272 -31.21 -5.09 38.35
N LEU I 273 -30.92 -4.60 37.15
CA LEU I 273 -30.66 -5.46 36.02
C LEU I 273 -29.41 -6.28 36.28
N LEU I 274 -28.37 -5.58 36.74
CA LEU I 274 -27.11 -6.21 37.07
C LEU I 274 -27.34 -7.33 38.09
N VAL I 275 -28.11 -7.02 39.13
CA VAL I 275 -28.39 -8.04 40.13
C VAL I 275 -29.01 -9.27 39.43
N CYS I 276 -29.96 -9.05 38.54
CA CYS I 276 -30.63 -10.13 37.81
C CYS I 276 -29.70 -10.93 36.93
N GLN I 277 -28.76 -10.25 36.30
CA GLN I 277 -27.82 -10.90 35.41
C GLN I 277 -26.87 -11.77 36.19
N VAL I 278 -26.35 -11.24 37.29
CA VAL I 278 -25.45 -12.00 38.13
C VAL I 278 -26.21 -13.20 38.68
N CYS I 279 -27.49 -13.00 38.97
CA CYS I 279 -28.30 -14.08 39.50
C CYS I 279 -28.49 -15.22 38.51
N ILE I 280 -28.79 -14.89 37.25
CA ILE I 280 -28.97 -15.96 36.30
C ILE I 280 -27.61 -16.61 36.01
N LYS I 281 -26.54 -15.81 36.04
CA LYS I 281 -25.19 -16.35 35.82
C LYS I 281 -24.90 -17.40 36.89
N LEU I 282 -25.23 -17.09 38.14
CA LEU I 282 -24.98 -18.03 39.23
C LEU I 282 -25.85 -19.26 39.05
N ALA I 283 -27.09 -19.05 38.63
CA ALA I 283 -28.01 -20.15 38.45
C ALA I 283 -27.60 -21.06 37.29
N ASP I 284 -26.96 -20.49 36.25
CA ASP I 284 -26.57 -21.30 35.09
C ASP I 284 -25.40 -22.21 35.44
N ILE I 285 -24.58 -21.80 36.42
CA ILE I 285 -23.45 -22.64 36.78
C ILE I 285 -23.49 -23.09 38.22
N ASN I 286 -24.69 -23.31 38.74
CA ASN I 286 -24.87 -23.74 40.12
C ASN I 286 -24.36 -25.15 40.41
N GLY I 287 -24.05 -25.92 39.38
CA GLY I 287 -23.58 -27.28 39.57
C GLY I 287 -22.82 -27.59 40.86
N PRO I 288 -21.57 -27.12 40.99
CA PRO I 288 -20.76 -27.37 42.17
C PRO I 288 -21.23 -26.73 43.47
N ALA I 289 -22.40 -26.11 43.47
CA ALA I 289 -22.88 -25.53 44.73
C ALA I 289 -24.07 -26.32 45.27
N LYS I 290 -24.28 -27.51 44.71
CA LYS I 290 -25.36 -28.40 45.14
C LYS I 290 -24.74 -29.57 45.95
N VAL I 291 -25.57 -30.49 46.42
CA VAL I 291 -25.07 -31.65 47.16
C VAL I 291 -24.20 -32.45 46.19
N ARG I 292 -23.28 -33.27 46.70
CA ARG I 292 -22.40 -34.03 45.81
C ARG I 292 -23.14 -34.88 44.81
N ASP I 293 -24.17 -35.57 45.30
CA ASP I 293 -24.99 -36.44 44.47
C ASP I 293 -25.38 -35.75 43.15
N LEU I 294 -25.94 -34.55 43.25
CA LEU I 294 -26.37 -33.79 42.09
C LEU I 294 -25.18 -33.28 41.29
N HIS I 295 -24.25 -32.64 41.99
CA HIS I 295 -23.06 -32.10 41.34
C HIS I 295 -22.39 -33.11 40.44
N LEU I 296 -22.20 -34.33 40.92
CA LEU I 296 -21.55 -35.32 40.08
C LEU I 296 -22.38 -35.69 38.86
N LYS I 297 -23.69 -35.78 39.04
CA LYS I 297 -24.57 -36.13 37.94
C LYS I 297 -24.42 -35.09 36.84
N TRP I 298 -24.43 -33.81 37.21
CA TRP I 298 -24.29 -32.76 36.20
C TRP I 298 -22.91 -32.83 35.55
N THR I 299 -21.88 -32.91 36.37
CA THR I 299 -20.51 -32.99 35.88
C THR I 299 -20.38 -34.06 34.82
N GLU I 300 -20.95 -35.23 35.12
CA GLU I 300 -20.92 -36.34 34.18
C GLU I 300 -21.48 -35.91 32.83
N GLY I 301 -22.55 -35.11 32.85
CA GLY I 301 -23.17 -34.66 31.63
C GLY I 301 -22.30 -33.71 30.84
N ILE I 302 -21.76 -32.71 31.52
CA ILE I 302 -20.89 -31.72 30.87
C ILE I 302 -19.73 -32.40 30.19
N VAL I 303 -19.01 -33.26 30.90
CA VAL I 303 -17.87 -33.90 30.27
C VAL I 303 -18.24 -34.80 29.12
N ASN I 304 -19.34 -35.52 29.23
CA ASN I 304 -19.72 -36.40 28.13
C ASN I 304 -19.97 -35.59 26.90
N GLU I 305 -20.52 -34.40 27.08
CA GLU I 305 -20.78 -33.49 25.98
C GLU I 305 -19.44 -32.98 25.44
N PHE I 306 -18.53 -32.59 26.33
CA PHE I 306 -17.19 -32.12 25.93
C PHE I 306 -16.46 -33.19 25.12
N TYR I 307 -16.53 -34.43 25.59
CA TYR I 307 -15.85 -35.51 24.89
C TYR I 307 -16.43 -35.71 23.49
N GLU I 308 -17.71 -35.43 23.30
CA GLU I 308 -18.33 -35.57 21.99
C GLU I 308 -17.74 -34.48 21.12
N GLN I 309 -17.63 -33.27 21.67
CA GLN I 309 -17.03 -32.20 20.88
C GLN I 309 -15.58 -32.56 20.57
N GLY I 310 -14.94 -33.26 21.51
CA GLY I 310 -13.56 -33.66 21.32
C GLY I 310 -13.43 -34.65 20.18
N ASP I 311 -14.32 -35.64 20.16
CA ASP I 311 -14.29 -36.64 19.09
C ASP I 311 -14.48 -35.94 17.74
N GLU I 312 -15.23 -34.85 17.70
CA GLU I 312 -15.41 -34.20 16.43
C GLU I 312 -14.16 -33.46 16.01
N GLU I 313 -13.60 -32.67 16.91
CA GLU I 313 -12.37 -31.96 16.60
C GLU I 313 -11.37 -32.99 16.06
N ALA I 314 -11.33 -34.15 16.71
CA ALA I 314 -10.46 -35.22 16.27
C ALA I 314 -10.81 -35.51 14.81
N ASN I 315 -12.06 -35.89 14.55
CA ASN I 315 -12.48 -36.21 13.18
C ASN I 315 -12.21 -35.12 12.16
N LEU I 316 -12.14 -33.88 12.60
CA LEU I 316 -11.86 -32.76 11.71
C LEU I 316 -10.38 -32.56 11.62
N GLY I 317 -9.62 -33.42 12.29
CA GLY I 317 -8.17 -33.34 12.31
C GLY I 317 -7.65 -32.09 13.00
N LEU I 318 -8.36 -31.66 14.03
CA LEU I 318 -7.96 -30.47 14.76
C LEU I 318 -7.45 -30.82 16.14
N PRO I 319 -6.73 -29.89 16.75
CA PRO I 319 -6.22 -30.14 18.09
C PRO I 319 -7.44 -30.24 19.01
N ILE I 320 -7.50 -31.29 19.83
CA ILE I 320 -8.63 -31.44 20.72
C ILE I 320 -8.53 -30.40 21.81
N SER I 321 -9.63 -29.72 22.10
CA SER I 321 -9.61 -28.69 23.12
C SER I 321 -9.30 -29.24 24.51
N PRO I 322 -8.80 -28.39 25.41
CA PRO I 322 -8.45 -28.76 26.79
C PRO I 322 -9.60 -29.48 27.52
N PHE I 323 -9.29 -30.56 28.22
CA PHE I 323 -10.28 -31.33 28.97
C PHE I 323 -11.35 -32.01 28.12
N MET I 324 -11.21 -31.97 26.81
CA MET I 324 -12.20 -32.58 25.97
C MET I 324 -11.79 -33.89 25.30
N ASP I 325 -10.58 -34.37 25.62
CA ASP I 325 -10.07 -35.63 25.04
C ASP I 325 -10.39 -36.78 26.00
N ARG I 326 -11.30 -37.67 25.64
CA ARG I 326 -11.63 -38.76 26.52
C ARG I 326 -10.46 -39.70 26.75
N SER I 327 -9.51 -39.72 25.82
CA SER I 327 -8.36 -40.60 25.94
C SER I 327 -7.37 -40.05 26.96
N SER I 328 -7.34 -38.73 27.11
CA SER I 328 -6.43 -38.08 28.04
C SER I 328 -7.18 -37.05 28.87
N PRO I 329 -8.19 -37.49 29.63
CA PRO I 329 -9.03 -36.66 30.49
C PRO I 329 -8.33 -36.04 31.70
N GLN I 330 -8.95 -34.99 32.22
CA GLN I 330 -8.44 -34.27 33.36
C GLN I 330 -9.66 -33.77 34.10
N LEU I 331 -10.60 -34.70 34.32
CA LEU I 331 -11.84 -34.40 34.98
C LEU I 331 -11.65 -33.57 36.24
N ALA I 332 -10.83 -34.07 37.16
CA ALA I 332 -10.58 -33.36 38.41
C ALA I 332 -9.96 -32.01 38.16
N LYS I 333 -8.94 -31.98 37.32
CA LYS I 333 -8.30 -30.70 37.04
C LYS I 333 -9.33 -29.72 36.47
N LEU I 334 -10.22 -30.22 35.62
CA LEU I 334 -11.27 -29.40 35.01
C LEU I 334 -12.19 -28.80 36.06
N GLN I 335 -12.75 -29.66 36.89
CA GLN I 335 -13.67 -29.20 37.92
C GLN I 335 -12.99 -28.31 38.95
N GLU I 336 -11.78 -28.68 39.35
CA GLU I 336 -11.06 -27.89 40.33
C GLU I 336 -10.86 -26.49 39.76
N SER I 337 -10.37 -26.45 38.53
CA SER I 337 -10.12 -25.19 37.85
C SER I 337 -11.37 -24.36 37.69
N PHE I 338 -12.46 -25.01 37.31
CA PHE I 338 -13.72 -24.32 37.11
C PHE I 338 -14.20 -23.64 38.36
N ILE I 339 -14.17 -24.36 39.46
CA ILE I 339 -14.62 -23.80 40.73
C ILE I 339 -13.73 -22.66 41.17
N THR I 340 -12.43 -22.84 41.03
CA THR I 340 -11.49 -21.81 41.45
C THR I 340 -11.62 -20.51 40.69
N HIS I 341 -11.70 -20.58 39.37
CA HIS I 341 -11.76 -19.37 38.55
C HIS I 341 -13.10 -18.81 38.15
N ILE I 342 -14.13 -19.65 38.09
CA ILE I 342 -15.42 -19.15 37.67
C ILE I 342 -16.51 -19.13 38.72
N VAL I 343 -17.01 -20.29 39.11
CA VAL I 343 -18.07 -20.32 40.10
C VAL I 343 -17.67 -19.72 41.45
N GLY I 344 -16.48 -20.07 41.91
CA GLY I 344 -16.00 -19.58 43.18
C GLY I 344 -16.06 -18.07 43.30
N PRO I 345 -15.24 -17.35 42.52
CA PRO I 345 -15.27 -15.90 42.60
C PRO I 345 -16.66 -15.28 42.43
N LEU I 346 -17.51 -15.87 41.58
CA LEU I 346 -18.86 -15.36 41.38
C LEU I 346 -19.66 -15.50 42.67
N CYS I 347 -19.63 -16.69 43.26
CA CYS I 347 -20.34 -16.96 44.50
C CYS I 347 -19.90 -16.07 45.64
N ASN I 348 -18.60 -15.78 45.69
CA ASN I 348 -18.13 -14.94 46.76
C ASN I 348 -18.70 -13.55 46.55
N SER I 349 -18.59 -13.01 45.34
CA SER I 349 -19.12 -11.67 45.08
C SER I 349 -20.60 -11.60 45.45
N TYR I 350 -21.35 -12.59 45.02
CA TYR I 350 -22.77 -12.60 45.30
C TYR I 350 -22.98 -12.68 46.81
N ASP I 351 -22.22 -13.55 47.47
CA ASP I 351 -22.32 -13.70 48.92
C ASP I 351 -21.96 -12.39 49.67
N ALA I 352 -20.88 -11.74 49.22
CA ALA I 352 -20.41 -10.50 49.82
C ALA I 352 -21.47 -9.42 49.70
N ALA I 353 -22.31 -9.49 48.67
CA ALA I 353 -23.35 -8.50 48.51
C ALA I 353 -24.54 -8.87 49.39
N GLY I 354 -24.41 -10.00 50.08
CA GLY I 354 -25.47 -10.45 50.97
C GLY I 354 -26.79 -10.71 50.31
N LEU I 355 -26.76 -11.37 49.15
CA LEU I 355 -27.97 -11.69 48.40
C LEU I 355 -28.23 -13.19 48.40
N LEU I 356 -27.31 -13.94 49.01
CA LEU I 356 -27.46 -15.40 49.06
C LEU I 356 -28.42 -15.83 50.14
N PRO I 357 -29.38 -16.70 49.78
CA PRO I 357 -30.32 -17.15 50.80
C PRO I 357 -29.62 -18.05 51.82
N GLY I 358 -29.83 -17.76 53.10
CA GLY I 358 -29.23 -18.55 54.15
C GLY I 358 -30.04 -18.39 55.42
N GLN I 359 -29.46 -18.73 56.56
CA GLN I 359 -30.15 -18.60 57.84
C GLN I 359 -29.15 -18.24 58.91
N TRP I 360 -29.62 -17.51 59.91
CA TRP I 360 -28.76 -17.10 61.01
C TRP I 360 -28.43 -18.31 61.86
N LEU I 361 -27.42 -18.18 62.72
CA LEU I 361 -27.01 -19.29 63.58
C LEU I 361 -27.43 -19.16 65.03
N GLU I 362 -27.37 -17.95 65.58
CA GLU I 362 -27.78 -17.74 66.96
C GLU I 362 -29.05 -16.89 67.06
N ALA I 363 -29.39 -16.50 68.29
CA ALA I 363 -30.59 -15.68 68.52
C ALA I 363 -30.18 -14.25 68.92
N GLU I 364 -29.83 -13.45 67.92
CA GLU I 364 -29.41 -12.06 68.13
C GLU I 364 -30.39 -11.12 67.41
N SER I 400 -24.90 -7.06 59.85
CA SER I 400 -24.52 -8.51 59.88
C SER I 400 -23.49 -8.84 60.99
N ARG I 401 -23.80 -8.42 62.22
CA ARG I 401 -22.94 -8.66 63.40
C ARG I 401 -23.19 -10.05 64.03
N ARG I 402 -23.90 -10.90 63.30
CA ARG I 402 -24.19 -12.26 63.76
C ARG I 402 -23.75 -13.22 62.66
N ARG I 403 -23.48 -14.47 63.04
CA ARG I 403 -23.03 -15.50 62.09
C ARG I 403 -24.19 -16.18 61.36
N ILE I 404 -24.03 -16.40 60.07
CA ILE I 404 -25.07 -17.04 59.27
C ILE I 404 -24.53 -18.28 58.57
N PHE I 405 -25.46 -19.15 58.15
CA PHE I 405 -25.11 -20.38 57.44
C PHE I 405 -25.71 -20.36 56.05
N CYS I 406 -24.86 -20.51 55.04
CA CYS I 406 -25.31 -20.51 53.67
C CYS I 406 -25.06 -21.87 53.03
N GLN I 407 -26.14 -22.62 52.91
CA GLN I 407 -26.07 -23.95 52.35
C GLN I 407 -25.32 -24.10 51.03
N LEU I 408 -25.57 -23.24 50.04
CA LEU I 408 -24.89 -23.43 48.77
C LEU I 408 -23.43 -23.03 48.85
N MET I 409 -23.14 -22.11 49.75
CA MET I 409 -21.78 -21.65 49.95
C MET I 409 -21.01 -22.81 50.58
N HIS I 410 -21.69 -23.56 51.43
CA HIS I 410 -21.09 -24.71 52.08
C HIS I 410 -20.80 -25.82 51.06
N HIS I 411 -21.79 -26.15 50.25
CA HIS I 411 -21.67 -27.19 49.22
C HIS I 411 -20.51 -26.89 48.28
N LEU I 412 -20.37 -25.63 47.90
CA LEU I 412 -19.30 -25.25 47.00
C LEU I 412 -17.95 -25.61 47.64
N THR I 413 -17.75 -25.18 48.89
CA THR I 413 -16.54 -25.47 49.62
C THR I 413 -16.22 -26.97 49.72
N GLU I 414 -17.22 -27.77 50.05
CA GLU I 414 -17.03 -29.20 50.18
C GLU I 414 -16.69 -29.86 48.85
N ASN I 415 -17.41 -29.45 47.79
CA ASN I 415 -17.15 -30.01 46.48
C ASN I 415 -15.75 -29.67 46.00
N HIS I 416 -15.31 -28.45 46.25
CA HIS I 416 -13.99 -28.06 45.82
C HIS I 416 -12.95 -29.04 46.34
N LYS I 417 -13.14 -29.50 47.58
CA LYS I 417 -12.22 -30.45 48.20
C LYS I 417 -12.14 -31.78 47.48
N ILE I 418 -13.27 -32.27 46.97
CA ILE I 418 -13.24 -33.57 46.31
C ILE I 418 -12.51 -33.49 44.98
N TRP I 419 -12.24 -32.29 44.48
CA TRP I 419 -11.55 -32.17 43.21
C TRP I 419 -10.08 -31.82 43.39
N LYS I 420 -9.70 -31.44 44.61
CA LYS I 420 -8.31 -31.10 44.91
C LYS I 420 -7.42 -32.33 44.91
N GLU J 3 0.77 -3.82 -26.27
CA GLU J 3 1.26 -4.38 -24.97
C GLU J 3 1.61 -3.22 -24.01
N VAL J 4 2.54 -2.35 -24.44
CA VAL J 4 2.98 -1.21 -23.64
C VAL J 4 2.10 0.04 -23.84
N SER J 5 1.40 0.12 -24.98
CA SER J 5 0.51 1.25 -25.27
C SER J 5 -0.75 1.14 -24.40
N LEU J 6 -1.29 -0.08 -24.31
CA LEU J 6 -2.47 -0.41 -23.50
C LEU J 6 -2.13 -0.31 -21.99
N ASP J 7 -0.88 -0.64 -21.66
CA ASP J 7 -0.37 -0.60 -20.29
C ASP J 7 -0.06 0.85 -19.86
N LEU J 8 0.37 1.67 -20.82
CA LEU J 8 0.70 3.08 -20.58
C LEU J 8 -0.56 3.92 -20.35
N ILE J 9 -1.69 3.46 -20.91
CA ILE J 9 -2.99 4.14 -20.78
C ILE J 9 -3.64 3.77 -19.43
N LEU J 10 -3.40 2.53 -18.99
CA LEU J 10 -3.93 2.03 -17.71
C LEU J 10 -3.23 2.78 -16.56
N VAL J 11 -1.97 3.13 -16.79
CA VAL J 11 -1.17 3.87 -15.81
C VAL J 11 -1.70 5.30 -15.68
N GLU J 12 -2.05 5.89 -16.81
CA GLU J 12 -2.57 7.26 -16.83
C GLU J 12 -3.83 7.36 -15.98
N GLU J 13 -4.76 6.44 -16.20
CA GLU J 13 -6.00 6.44 -15.43
C GLU J 13 -5.66 6.39 -13.94
N TYR J 14 -4.73 5.50 -13.61
CA TYR J 14 -4.27 5.34 -12.24
C TYR J 14 -3.79 6.69 -11.70
N ASP J 15 -2.81 7.28 -12.35
CA ASP J 15 -2.29 8.56 -11.89
C ASP J 15 -3.38 9.64 -11.78
N SER J 16 -4.37 9.57 -12.66
CA SER J 16 -5.47 10.54 -12.63
C SER J 16 -6.27 10.38 -11.37
N LEU J 17 -6.81 9.16 -11.20
CA LEU J 17 -7.63 8.84 -10.05
C LEU J 17 -6.90 9.20 -8.75
N ILE J 18 -5.64 8.80 -8.65
CA ILE J 18 -4.85 9.08 -7.48
C ILE J 18 -4.78 10.56 -7.25
N GLU J 19 -4.44 11.30 -8.30
CA GLU J 19 -4.32 12.74 -8.18
C GLU J 19 -5.63 13.35 -7.72
N LYS J 20 -6.74 12.84 -8.24
CA LYS J 20 -8.06 13.37 -7.86
C LYS J 20 -8.39 13.04 -6.43
N MET J 21 -8.09 11.81 -6.03
CA MET J 21 -8.36 11.38 -4.66
C MET J 21 -7.42 12.04 -3.66
N SER J 22 -6.28 12.51 -4.15
CA SER J 22 -5.30 13.14 -3.28
C SER J 22 -5.84 14.40 -2.64
N ASN J 23 -7.14 14.60 -2.70
CA ASN J 23 -7.74 15.79 -2.13
C ASN J 23 -8.88 15.41 -1.20
N TRP J 24 -8.95 16.02 -0.03
CA TRP J 24 -10.02 15.70 0.90
C TRP J 24 -11.39 15.84 0.26
N ASN J 25 -11.53 16.85 -0.59
CA ASN J 25 -12.79 17.06 -1.28
C ASN J 25 -12.76 16.37 -2.63
N PHE J 26 -12.41 15.09 -2.61
CA PHE J 26 -12.35 14.31 -3.83
C PHE J 26 -13.72 14.36 -4.51
N PRO J 27 -13.75 14.75 -5.80
CA PRO J 27 -15.00 14.84 -6.57
C PRO J 27 -15.50 13.45 -7.04
N ILE J 28 -16.08 12.69 -6.11
CA ILE J 28 -16.61 11.34 -6.38
C ILE J 28 -17.61 11.31 -7.52
N PHE J 29 -18.62 12.17 -7.43
CA PHE J 29 -19.65 12.19 -8.45
C PHE J 29 -19.13 12.44 -9.85
N GLU J 30 -18.09 13.25 -9.98
CA GLU J 30 -17.52 13.48 -11.28
C GLU J 30 -16.98 12.16 -11.82
N LEU J 31 -16.44 11.33 -10.94
CA LEU J 31 -15.90 10.04 -11.34
C LEU J 31 -17.05 9.12 -11.73
N VAL J 32 -18.17 9.24 -11.03
CA VAL J 32 -19.33 8.41 -11.31
C VAL J 32 -19.77 8.63 -12.75
N GLU J 33 -19.72 9.88 -13.19
CA GLU J 33 -20.08 10.20 -14.55
C GLU J 33 -19.00 9.76 -15.52
N LYS J 34 -17.75 10.09 -15.21
CA LYS J 34 -16.65 9.70 -16.09
C LYS J 34 -16.69 8.20 -16.36
N MET J 35 -17.25 7.42 -15.44
CA MET J 35 -17.34 5.97 -15.64
C MET J 35 -18.58 5.60 -16.42
N GLY J 36 -19.61 6.44 -16.32
CA GLY J 36 -20.84 6.22 -17.04
C GLY J 36 -21.52 4.88 -16.79
N GLU J 37 -21.46 4.00 -17.77
CA GLU J 37 -22.10 2.70 -17.64
C GLU J 37 -21.31 1.74 -16.75
N LYS J 38 -19.99 1.92 -16.73
CA LYS J 38 -19.15 1.09 -15.89
C LYS J 38 -19.11 1.70 -14.49
N SER J 39 -19.99 2.66 -14.23
CA SER J 39 -20.05 3.32 -12.94
C SER J 39 -20.40 2.35 -11.81
N GLY J 40 -20.95 1.20 -12.16
CA GLY J 40 -21.31 0.25 -11.13
C GLY J 40 -20.13 -0.39 -10.44
N ARG J 41 -18.92 -0.11 -10.90
CA ARG J 41 -17.71 -0.67 -10.33
C ARG J 41 -16.80 0.40 -9.70
N ILE J 42 -17.41 1.42 -9.09
CA ILE J 42 -16.60 2.45 -8.46
C ILE J 42 -15.80 1.88 -7.29
N LEU J 43 -16.50 1.19 -6.40
CA LEU J 43 -15.87 0.61 -5.22
C LEU J 43 -14.70 -0.30 -5.57
N SER J 44 -14.94 -1.31 -6.40
CA SER J 44 -13.87 -2.22 -6.75
C SER J 44 -12.70 -1.51 -7.44
N GLN J 45 -12.97 -0.46 -8.19
CA GLN J 45 -11.88 0.24 -8.86
C GLN J 45 -11.10 1.09 -7.88
N VAL J 46 -11.81 1.77 -7.00
CA VAL J 46 -11.12 2.59 -6.01
C VAL J 46 -10.33 1.72 -5.04
N MET J 47 -10.93 0.62 -4.60
CA MET J 47 -10.25 -0.30 -3.69
C MET J 47 -8.94 -0.75 -4.31
N TYR J 48 -8.99 -1.21 -5.54
CA TYR J 48 -7.77 -1.67 -6.19
C TYR J 48 -6.76 -0.54 -6.28
N THR J 49 -7.24 0.65 -6.61
CA THR J 49 -6.33 1.76 -6.73
C THR J 49 -5.66 2.06 -5.41
N LEU J 50 -6.45 2.18 -4.34
CA LEU J 50 -5.91 2.49 -3.03
C LEU J 50 -5.01 1.40 -2.49
N PHE J 51 -5.29 0.15 -2.84
CA PHE J 51 -4.44 -0.92 -2.36
C PHE J 51 -3.08 -0.92 -3.04
N GLN J 52 -2.92 -0.12 -4.09
CA GLN J 52 -1.62 -0.03 -4.76
C GLN J 52 -0.91 1.18 -4.20
N ASP J 53 -1.68 2.23 -3.95
CA ASP J 53 -1.09 3.44 -3.42
C ASP J 53 -0.50 3.18 -2.02
N THR J 54 -1.05 2.19 -1.32
CA THR J 54 -0.61 1.86 0.03
C THR J 54 0.43 0.73 0.06
N GLY J 55 0.43 -0.11 -0.96
CA GLY J 55 1.37 -1.21 -1.01
C GLY J 55 0.80 -2.49 -0.44
N LEU J 56 -0.44 -2.42 0.05
CA LEU J 56 -1.08 -3.59 0.63
C LEU J 56 -1.10 -4.78 -0.30
N LEU J 57 -1.21 -4.55 -1.59
CA LEU J 57 -1.25 -5.69 -2.49
C LEU J 57 0.04 -6.46 -2.42
N GLU J 58 1.14 -5.73 -2.30
CA GLU J 58 2.47 -6.35 -2.24
C GLU J 58 2.77 -6.95 -0.87
N ILE J 59 2.47 -6.18 0.18
CA ILE J 59 2.71 -6.62 1.55
C ILE J 59 2.10 -7.98 1.82
N PHE J 60 0.85 -8.18 1.43
CA PHE J 60 0.22 -9.46 1.68
C PHE J 60 0.10 -10.33 0.45
N LYS J 61 0.89 -10.02 -0.56
CA LYS J 61 0.88 -10.80 -1.79
C LYS J 61 -0.56 -11.12 -2.17
N ILE J 62 -1.37 -10.09 -2.37
CA ILE J 62 -2.76 -10.29 -2.72
C ILE J 62 -2.94 -10.48 -4.22
N PRO J 63 -3.48 -11.63 -4.63
CA PRO J 63 -3.69 -11.92 -6.05
C PRO J 63 -4.76 -10.99 -6.60
N THR J 64 -4.50 -10.36 -7.75
CA THR J 64 -5.47 -9.42 -8.33
C THR J 64 -6.81 -10.02 -8.72
N GLN J 65 -6.77 -11.21 -9.30
CA GLN J 65 -8.00 -11.84 -9.70
C GLN J 65 -9.01 -11.99 -8.55
N GLN J 66 -8.68 -12.78 -7.54
CA GLN J 66 -9.58 -12.96 -6.41
C GLN J 66 -9.98 -11.66 -5.74
N PHE J 67 -9.07 -10.69 -5.70
CA PHE J 67 -9.35 -9.40 -5.09
C PHE J 67 -10.50 -8.75 -5.82
N MET J 68 -10.35 -8.61 -7.14
CA MET J 68 -11.39 -8.01 -7.95
C MET J 68 -12.64 -8.85 -7.85
N ASN J 69 -12.51 -10.17 -8.04
CA ASN J 69 -13.67 -11.04 -7.94
C ASN J 69 -14.52 -10.70 -6.73
N TYR J 70 -13.92 -10.72 -5.54
CA TYR J 70 -14.66 -10.43 -4.32
C TYR J 70 -15.21 -9.03 -4.23
N PHE J 71 -14.40 -8.03 -4.52
CA PHE J 71 -14.90 -6.69 -4.41
C PHE J 71 -15.93 -6.31 -5.47
N ARG J 72 -15.89 -7.00 -6.61
CA ARG J 72 -16.88 -6.77 -7.66
C ARG J 72 -18.21 -7.25 -7.06
N ALA J 73 -18.20 -8.46 -6.51
CA ALA J 73 -19.39 -9.04 -5.89
C ALA J 73 -19.86 -8.24 -4.70
N LEU J 74 -18.91 -7.67 -3.96
CA LEU J 74 -19.29 -6.89 -2.80
C LEU J 74 -20.10 -5.67 -3.23
N GLU J 75 -19.68 -5.02 -4.32
CA GLU J 75 -20.40 -3.83 -4.83
C GLU J 75 -21.84 -4.18 -5.14
N ASN J 76 -22.00 -5.24 -5.94
CA ASN J 76 -23.31 -5.68 -6.36
C ASN J 76 -24.26 -5.87 -5.22
N GLY J 77 -23.72 -6.07 -4.03
CA GLY J 77 -24.57 -6.27 -2.87
C GLY J 77 -25.17 -4.97 -2.38
N TYR J 78 -24.64 -3.84 -2.83
CA TYR J 78 -25.16 -2.55 -2.42
C TYR J 78 -26.39 -2.22 -3.26
N ARG J 79 -27.53 -2.10 -2.58
CA ARG J 79 -28.79 -1.79 -3.23
C ARG J 79 -28.77 -0.42 -3.86
N ASP J 80 -29.60 -0.27 -4.89
CA ASP J 80 -29.68 1.00 -5.59
C ASP J 80 -30.65 1.94 -4.89
N ILE J 81 -30.23 2.48 -3.76
CA ILE J 81 -31.06 3.40 -3.01
C ILE J 81 -30.42 4.78 -3.01
N PRO J 82 -31.13 5.80 -2.53
CA PRO J 82 -30.61 7.17 -2.50
C PRO J 82 -29.33 7.51 -1.73
N TYR J 83 -29.03 6.79 -0.65
CA TYR J 83 -27.82 7.12 0.11
C TYR J 83 -26.86 5.97 0.37
N HIS J 84 -27.32 4.96 1.11
CA HIS J 84 -26.53 3.81 1.47
C HIS J 84 -26.23 2.89 0.29
N ASN J 85 -25.48 3.40 -0.66
CA ASN J 85 -25.13 2.65 -1.87
C ASN J 85 -23.62 2.56 -2.09
N ARG J 86 -23.20 1.80 -3.09
CA ARG J 86 -21.78 1.64 -3.37
C ARG J 86 -21.03 2.95 -3.43
N ILE J 87 -21.71 4.03 -3.79
CA ILE J 87 -21.01 5.32 -3.85
C ILE J 87 -20.68 5.85 -2.44
N HIS J 88 -21.60 5.66 -1.50
CA HIS J 88 -21.37 6.09 -0.12
C HIS J 88 -20.19 5.30 0.42
N ALA J 89 -20.22 4.00 0.18
CA ALA J 89 -19.16 3.11 0.61
C ALA J 89 -17.83 3.63 0.09
N THR J 90 -17.77 3.89 -1.20
CA THR J 90 -16.55 4.39 -1.80
C THR J 90 -16.08 5.68 -1.14
N ASP J 91 -17.02 6.53 -0.78
CA ASP J 91 -16.69 7.79 -0.13
C ASP J 91 -16.05 7.57 1.23
N VAL J 92 -16.63 6.67 2.03
CA VAL J 92 -16.11 6.34 3.38
C VAL J 92 -14.73 5.72 3.26
N LEU J 93 -14.57 4.83 2.29
CA LEU J 93 -13.30 4.19 2.06
C LEU J 93 -12.25 5.26 1.79
N HIS J 94 -12.57 6.20 0.93
CA HIS J 94 -11.65 7.28 0.59
C HIS J 94 -11.27 8.10 1.82
N ALA J 95 -12.24 8.35 2.69
CA ALA J 95 -12.00 9.14 3.90
C ALA J 95 -11.02 8.45 4.86
N VAL J 96 -11.28 7.19 5.21
CA VAL J 96 -10.39 6.50 6.12
C VAL J 96 -9.00 6.42 5.50
N TRP J 97 -8.94 6.25 4.20
CA TRP J 97 -7.65 6.19 3.54
C TRP J 97 -6.93 7.51 3.68
N TYR J 98 -7.65 8.60 3.48
CA TYR J 98 -7.08 9.93 3.57
C TYR J 98 -6.65 10.22 5.01
N LEU J 99 -7.57 10.06 5.94
CA LEU J 99 -7.31 10.33 7.36
C LEU J 99 -6.14 9.59 7.99
N THR J 100 -5.82 8.41 7.47
CA THR J 100 -4.74 7.60 8.04
C THR J 100 -3.51 7.58 7.16
N THR J 101 -3.32 8.63 6.38
CA THR J 101 -2.22 8.67 5.44
C THR J 101 -1.58 10.04 5.25
N ARG J 102 -2.42 11.06 5.17
CA ARG J 102 -1.93 12.41 4.99
C ARG J 102 -1.28 12.93 6.26
N PRO J 103 -0.36 13.90 6.11
CA PRO J 103 0.37 14.50 7.21
C PRO J 103 -0.49 15.09 8.31
N VAL J 104 -0.08 14.84 9.55
CA VAL J 104 -0.76 15.37 10.72
C VAL J 104 0.25 16.19 11.53
N PRO J 105 -0.02 17.48 11.71
CA PRO J 105 0.86 18.38 12.46
C PRO J 105 1.17 17.84 13.84
N GLY J 106 2.46 17.80 14.16
CA GLY J 106 2.94 17.33 15.46
C GLY J 106 2.66 15.90 15.91
N LEU J 107 2.43 15.00 14.98
CA LEU J 107 2.13 13.61 15.32
C LEU J 107 3.39 12.79 15.47
N GLN J 108 3.51 12.16 16.63
CA GLN J 108 4.65 11.33 16.94
C GLN J 108 4.69 10.11 16.00
N GLN J 109 5.74 10.03 15.19
CA GLN J 109 5.92 8.93 14.24
C GLN J 109 6.45 7.68 14.92
N ILE J 110 6.45 7.73 16.25
CA ILE J 110 6.92 6.61 17.07
C ILE J 110 6.39 5.26 16.62
N HIS J 111 7.24 4.58 15.87
CA HIS J 111 7.00 3.26 15.32
C HIS J 111 7.69 3.22 13.97
N ASN J 112 7.64 2.06 13.32
CA ASN J 112 8.26 1.87 12.01
C ASN J 112 7.97 3.07 11.10
N GLY J 113 8.95 3.98 11.02
CA GLY J 113 8.88 5.18 10.20
C GLY J 113 10.11 5.30 9.27
N ASP J 123 11.23 -9.94 -1.40
CA ASP J 123 11.17 -11.05 -2.38
C ASP J 123 9.81 -11.76 -2.37
N GLY J 124 9.78 -12.97 -2.95
CA GLY J 124 8.55 -13.73 -3.03
C GLY J 124 7.95 -14.20 -1.73
N ARG J 125 8.80 -14.61 -0.80
CA ARG J 125 8.34 -15.11 0.49
C ARG J 125 7.92 -13.98 1.43
N ILE J 126 6.93 -14.25 2.26
CA ILE J 126 6.45 -13.28 3.23
C ILE J 126 7.07 -13.55 4.59
N ASN J 127 7.66 -12.52 5.21
CA ASN J 127 8.25 -12.70 6.53
C ASN J 127 7.17 -12.40 7.58
N HIS J 128 6.63 -13.47 8.18
CA HIS J 128 5.59 -13.39 9.21
C HIS J 128 6.21 -13.08 10.57
N GLY J 129 7.49 -12.72 10.55
CA GLY J 129 8.20 -12.41 11.76
C GLY J 129 8.30 -10.93 11.94
N ARG J 130 8.15 -10.18 10.85
CA ARG J 130 8.22 -8.72 10.91
C ARG J 130 6.82 -8.12 10.73
N ILE J 131 6.42 -7.20 11.62
CA ILE J 131 5.12 -6.55 11.49
C ILE J 131 5.27 -5.45 10.44
N ALA J 132 4.47 -5.51 9.37
CA ALA J 132 4.54 -4.52 8.29
C ALA J 132 3.72 -3.24 8.50
N TYR J 133 4.18 -2.15 7.92
CA TYR J 133 3.51 -0.85 8.00
C TYR J 133 3.41 -0.30 6.57
N ILE J 134 2.25 0.23 6.19
CA ILE J 134 2.09 0.77 4.83
C ILE J 134 2.52 2.22 4.75
N SER J 135 2.75 2.66 3.52
CA SER J 135 3.14 4.05 3.26
C SER J 135 2.54 4.49 1.93
N SER J 136 1.72 5.55 1.96
CA SER J 136 1.10 6.04 0.73
C SER J 136 2.09 6.67 -0.22
N LYS J 137 2.01 6.27 -1.49
CA LYS J 137 2.92 6.77 -2.49
C LYS J 137 2.46 8.13 -2.96
N SER J 138 1.20 8.44 -2.76
CA SER J 138 0.65 9.72 -3.22
C SER J 138 0.89 10.88 -2.28
N CYS J 139 1.68 10.69 -1.23
CA CYS J 139 1.99 11.78 -0.33
C CYS J 139 3.09 11.40 0.66
N SER J 140 3.54 12.39 1.42
CA SER J 140 4.60 12.19 2.39
C SER J 140 4.65 13.39 3.32
N ASN J 141 5.03 13.16 4.57
CA ASN J 141 5.11 14.22 5.55
C ASN J 141 6.05 15.34 5.08
N PRO J 142 5.51 16.55 5.03
CA PRO J 142 6.30 17.70 4.61
C PRO J 142 7.71 17.67 5.26
N ASP J 143 7.76 17.57 6.58
CA ASP J 143 9.02 17.52 7.34
C ASP J 143 8.83 16.72 8.64
N GLU J 144 9.79 16.86 9.55
CA GLU J 144 9.72 16.15 10.82
C GLU J 144 8.62 16.68 11.75
N SER J 145 8.08 17.86 11.45
CA SER J 145 7.02 18.44 12.27
C SER J 145 5.70 17.70 12.01
N TYR J 146 5.69 16.87 10.97
CA TYR J 146 4.50 16.12 10.59
C TYR J 146 4.63 14.62 10.75
N GLY J 147 3.50 13.98 11.06
CA GLY J 147 3.48 12.54 11.21
C GLY J 147 2.17 12.03 10.64
N CYS J 148 2.18 10.84 10.08
CA CYS J 148 0.95 10.28 9.55
C CYS J 148 0.59 9.03 10.34
N LEU J 149 -0.71 8.77 10.44
CA LEU J 149 -1.23 7.62 11.16
C LEU J 149 -0.70 6.28 10.68
N SER J 150 -0.46 6.16 9.38
CA SER J 150 0.03 4.92 8.81
C SER J 150 1.36 4.48 9.38
N SER J 151 2.01 5.37 10.14
CA SER J 151 3.30 5.04 10.75
C SER J 151 3.20 4.50 12.16
N ASN J 152 2.00 4.56 12.74
CA ASN J 152 1.78 4.08 14.09
C ASN J 152 0.87 2.86 14.15
N ILE J 153 0.07 2.67 13.11
CA ILE J 153 -0.85 1.55 13.06
C ILE J 153 -0.40 0.57 12.01
N PRO J 154 -0.04 -0.66 12.42
CA PRO J 154 0.41 -1.65 11.44
C PRO J 154 -0.50 -1.85 10.23
N ALA J 155 0.11 -2.26 9.12
CA ALA J 155 -0.58 -2.51 7.87
C ALA J 155 -1.77 -3.44 8.00
N LEU J 156 -1.62 -4.54 8.72
CA LEU J 156 -2.73 -5.47 8.88
C LEU J 156 -3.94 -4.74 9.43
N GLU J 157 -3.72 -3.84 10.37
CA GLU J 157 -4.81 -3.11 10.99
C GLU J 157 -5.46 -2.06 10.09
N LEU J 158 -4.67 -1.37 9.27
CA LEU J 158 -5.23 -0.37 8.38
C LEU J 158 -5.97 -1.10 7.26
N MET J 159 -5.38 -2.20 6.78
CA MET J 159 -6.03 -2.96 5.73
C MET J 159 -7.42 -3.40 6.21
N ALA J 160 -7.53 -3.76 7.49
CA ALA J 160 -8.82 -4.18 8.03
C ALA J 160 -9.76 -2.96 8.03
N LEU J 161 -9.22 -1.79 8.34
CA LEU J 161 -10.04 -0.57 8.38
C LEU J 161 -10.60 -0.29 7.00
N TYR J 162 -9.72 -0.34 6.00
CA TYR J 162 -10.10 -0.08 4.62
C TYR J 162 -11.13 -1.10 4.14
N VAL J 163 -10.84 -2.38 4.35
CA VAL J 163 -11.77 -3.41 3.92
C VAL J 163 -13.10 -3.30 4.64
N ALA J 164 -13.09 -2.81 5.88
CA ALA J 164 -14.31 -2.67 6.63
C ALA J 164 -15.14 -1.55 6.02
N ALA J 165 -14.47 -0.45 5.68
CA ALA J 165 -15.16 0.67 5.10
C ALA J 165 -15.88 0.21 3.84
N ALA J 166 -15.19 -0.58 3.03
CA ALA J 166 -15.74 -1.07 1.79
C ALA J 166 -16.99 -1.93 1.98
N MET J 167 -17.13 -2.55 3.16
CA MET J 167 -18.29 -3.39 3.40
C MET J 167 -19.22 -2.95 4.52
N HIS J 168 -18.94 -1.81 5.15
CA HIS J 168 -19.74 -1.37 6.28
C HIS J 168 -21.24 -1.16 6.10
N ASP J 169 -21.70 -0.99 4.86
CA ASP J 169 -23.14 -0.80 4.63
C ASP J 169 -23.67 -1.82 3.60
N TYR J 170 -22.95 -2.92 3.42
CA TYR J 170 -23.36 -3.94 2.47
C TYR J 170 -24.81 -4.33 2.65
N ASP J 171 -25.53 -4.39 1.53
CA ASP J 171 -26.94 -4.75 1.52
C ASP J 171 -27.85 -3.96 2.44
N HIS J 172 -27.68 -2.64 2.44
CA HIS J 172 -28.49 -1.76 3.26
C HIS J 172 -29.88 -1.61 2.64
N PRO J 173 -30.93 -1.78 3.44
CA PRO J 173 -32.32 -1.67 3.01
C PRO J 173 -32.86 -0.25 2.89
N GLY J 174 -32.07 0.72 3.30
CA GLY J 174 -32.51 2.10 3.24
C GLY J 174 -33.42 2.44 4.40
N ARG J 175 -33.35 1.63 5.46
CA ARG J 175 -34.17 1.88 6.62
C ARG J 175 -33.31 1.95 7.89
N THR J 176 -33.76 2.66 8.91
CA THR J 176 -32.98 2.75 10.14
C THR J 176 -33.13 1.52 11.02
N ASN J 177 -32.24 1.39 11.99
CA ASN J 177 -32.31 0.26 12.89
C ASN J 177 -33.61 0.33 13.65
N ALA J 178 -33.94 1.52 14.15
CA ALA J 178 -35.18 1.72 14.90
C ALA J 178 -36.37 1.21 14.12
N PHE J 179 -36.41 1.54 12.83
CA PHE J 179 -37.50 1.09 11.97
C PHE J 179 -37.62 -0.42 12.03
N LEU J 180 -36.52 -1.11 11.74
CA LEU J 180 -36.47 -2.56 11.76
C LEU J 180 -36.90 -3.17 13.08
N VAL J 181 -36.49 -2.55 14.18
CA VAL J 181 -36.83 -3.03 15.50
C VAL J 181 -38.32 -2.86 15.76
N ALA J 182 -38.82 -1.68 15.40
CA ALA J 182 -40.22 -1.35 15.56
C ALA J 182 -41.10 -2.27 14.72
N THR J 183 -40.82 -2.38 13.43
CA THR J 183 -41.62 -3.23 12.56
C THR J 183 -41.36 -4.72 12.77
N ASN J 184 -40.58 -5.06 13.80
CA ASN J 184 -40.24 -6.44 14.09
C ASN J 184 -39.79 -7.21 12.88
N ALA J 185 -38.83 -6.62 12.17
CA ALA J 185 -38.30 -7.23 10.97
C ALA J 185 -37.61 -8.52 11.32
N PRO J 186 -37.63 -9.48 10.40
CA PRO J 186 -36.98 -10.76 10.71
C PRO J 186 -35.50 -10.55 11.09
N GLN J 187 -34.88 -9.52 10.51
CA GLN J 187 -33.48 -9.24 10.82
C GLN J 187 -33.29 -8.72 12.22
N ALA J 188 -34.26 -7.95 12.73
CA ALA J 188 -34.13 -7.43 14.07
C ALA J 188 -34.30 -8.54 15.10
N VAL J 189 -35.15 -9.52 14.80
CA VAL J 189 -35.34 -10.61 15.74
C VAL J 189 -34.06 -11.45 15.76
N LEU J 190 -33.50 -11.69 14.57
CA LEU J 190 -32.28 -12.48 14.41
C LEU J 190 -31.13 -11.98 15.26
N TYR J 191 -30.98 -10.66 15.30
CA TYR J 191 -29.90 -10.05 16.08
C TYR J 191 -30.35 -9.46 17.40
N ASN J 192 -31.48 -9.94 17.90
CA ASN J 192 -31.98 -9.48 19.18
C ASN J 192 -31.95 -7.95 19.38
N ASP J 193 -32.31 -7.23 18.32
CA ASP J 193 -32.36 -5.76 18.29
C ASP J 193 -31.06 -5.06 18.62
N ARG J 194 -29.93 -5.74 18.52
CA ARG J 194 -28.64 -5.11 18.82
C ARG J 194 -27.89 -4.87 17.52
N SER J 195 -27.60 -3.60 17.23
CA SER J 195 -26.91 -3.19 16.00
C SER J 195 -27.37 -4.03 14.81
N VAL J 196 -28.69 -4.17 14.69
CA VAL J 196 -29.31 -4.96 13.64
C VAL J 196 -28.67 -4.82 12.26
N LEU J 197 -28.60 -3.61 11.75
CA LEU J 197 -28.02 -3.39 10.45
C LEU J 197 -26.53 -3.68 10.38
N GLU J 198 -25.77 -3.02 11.24
CA GLU J 198 -24.32 -3.19 11.31
C GLU J 198 -23.93 -4.67 11.41
N ASN J 199 -24.66 -5.42 12.22
CA ASN J 199 -24.38 -6.84 12.34
C ASN J 199 -24.59 -7.54 11.00
N HIS J 200 -25.67 -7.17 10.32
CA HIS J 200 -26.02 -7.75 9.03
C HIS J 200 -24.96 -7.45 7.98
N HIS J 201 -24.48 -6.20 7.97
CA HIS J 201 -23.46 -5.81 7.01
C HIS J 201 -22.23 -6.71 7.12
N ALA J 202 -21.66 -6.78 8.32
CA ALA J 202 -20.49 -7.62 8.58
C ALA J 202 -20.70 -9.11 8.31
N ALA J 203 -21.76 -9.66 8.88
CA ALA J 203 -22.06 -11.07 8.71
C ALA J 203 -22.29 -11.44 7.26
N SER J 204 -22.90 -10.52 6.53
CA SER J 204 -23.23 -10.74 5.13
C SER J 204 -22.03 -10.70 4.22
N ALA J 205 -21.20 -9.67 4.41
CA ALA J 205 -19.99 -9.51 3.61
C ALA J 205 -19.04 -10.68 3.87
N TRP J 206 -18.95 -11.11 5.12
CA TRP J 206 -18.06 -12.21 5.45
C TRP J 206 -18.59 -13.50 4.86
N ASN J 207 -19.89 -13.70 5.00
CA ASN J 207 -20.47 -14.88 4.43
C ASN J 207 -20.18 -14.90 2.92
N LEU J 208 -20.30 -13.73 2.28
CA LEU J 208 -20.03 -13.59 0.86
C LEU J 208 -18.58 -13.99 0.58
N TYR J 209 -17.66 -13.47 1.40
CA TYR J 209 -16.24 -13.76 1.24
C TYR J 209 -15.94 -15.24 1.29
N LEU J 210 -16.55 -15.96 2.23
CA LEU J 210 -16.29 -17.38 2.36
C LEU J 210 -17.11 -18.23 1.41
N SER J 211 -18.04 -17.58 0.70
CA SER J 211 -18.93 -18.24 -0.27
C SER J 211 -18.25 -19.07 -1.30
N ARG J 212 -17.29 -18.47 -1.96
CA ARG J 212 -16.59 -19.14 -3.05
C ARG J 212 -15.09 -18.99 -2.94
N PRO J 213 -14.35 -20.01 -3.36
CA PRO J 213 -12.90 -19.93 -3.28
C PRO J 213 -12.26 -18.83 -4.12
N GLU J 214 -12.93 -18.42 -5.20
CA GLU J 214 -12.37 -17.37 -6.05
C GLU J 214 -12.39 -15.99 -5.41
N TYR J 215 -12.91 -15.89 -4.19
CA TYR J 215 -12.97 -14.60 -3.50
C TYR J 215 -11.84 -14.51 -2.48
N ASN J 216 -11.25 -15.66 -2.18
CA ASN J 216 -10.18 -15.73 -1.18
C ASN J 216 -8.90 -14.99 -1.52
N PHE J 217 -8.93 -13.66 -1.44
CA PHE J 217 -7.72 -12.92 -1.77
C PHE J 217 -6.77 -12.77 -0.61
N LEU J 218 -7.17 -13.24 0.56
CA LEU J 218 -6.33 -13.17 1.76
C LEU J 218 -5.65 -14.51 2.03
N LEU J 219 -5.54 -15.32 0.98
CA LEU J 219 -4.94 -16.63 1.11
C LEU J 219 -3.48 -16.67 1.53
N HIS J 220 -2.87 -15.53 1.77
CA HIS J 220 -1.47 -15.56 2.18
C HIS J 220 -1.26 -15.01 3.58
N LEU J 221 -2.31 -15.02 4.39
CA LEU J 221 -2.19 -14.57 5.76
C LEU J 221 -2.24 -15.84 6.57
N ASP J 222 -1.37 -16.01 7.56
CA ASP J 222 -1.45 -17.24 8.34
C ASP J 222 -2.73 -17.23 9.17
N HIS J 223 -3.06 -18.36 9.78
CA HIS J 223 -4.29 -18.44 10.57
C HIS J 223 -4.37 -17.32 11.58
N VAL J 224 -3.27 -17.03 12.25
CA VAL J 224 -3.29 -15.98 13.25
C VAL J 224 -3.67 -14.65 12.62
N GLU J 225 -2.94 -14.27 11.59
CA GLU J 225 -3.18 -13.02 10.88
C GLU J 225 -4.63 -12.90 10.39
N PHE J 226 -5.17 -13.97 9.82
CA PHE J 226 -6.53 -13.93 9.31
C PHE J 226 -7.52 -13.72 10.42
N LYS J 227 -7.41 -14.54 11.45
CA LYS J 227 -8.28 -14.48 12.61
C LYS J 227 -8.31 -13.05 13.15
N ARG J 228 -7.14 -12.43 13.26
CA ARG J 228 -7.08 -11.06 13.75
C ARG J 228 -7.70 -10.08 12.76
N PHE J 229 -7.47 -10.29 11.48
CA PHE J 229 -8.01 -9.42 10.45
C PHE J 229 -9.53 -9.43 10.55
N ARG J 230 -10.09 -10.63 10.57
CA ARG J 230 -11.54 -10.76 10.65
C ARG J 230 -12.08 -10.04 11.87
N PHE J 231 -11.44 -10.23 13.01
CA PHE J 231 -11.86 -9.58 14.25
C PHE J 231 -11.83 -8.07 14.14
N LEU J 232 -10.76 -7.54 13.53
CA LEU J 232 -10.60 -6.10 13.36
C LEU J 232 -11.67 -5.54 12.45
N VAL J 233 -11.95 -6.23 11.34
CA VAL J 233 -12.97 -5.76 10.43
C VAL J 233 -14.33 -5.65 11.14
N ILE J 234 -14.75 -6.72 11.79
CA ILE J 234 -16.01 -6.71 12.51
C ILE J 234 -16.09 -5.57 13.51
N GLU J 235 -15.04 -5.36 14.29
CA GLU J 235 -15.04 -4.29 15.28
C GLU J 235 -15.25 -2.92 14.63
N ALA J 236 -14.67 -2.72 13.46
CA ALA J 236 -14.81 -1.45 12.75
C ALA J 236 -16.24 -1.28 12.26
N ILE J 237 -16.72 -2.27 11.51
CA ILE J 237 -18.06 -2.20 10.99
C ILE J 237 -19.07 -1.94 12.11
N LEU J 238 -19.00 -2.72 13.18
CA LEU J 238 -19.96 -2.55 14.27
C LEU J 238 -19.88 -1.24 15.03
N ALA J 239 -18.85 -0.45 14.77
CA ALA J 239 -18.72 0.82 15.48
C ALA J 239 -19.48 1.90 14.75
N THR J 240 -19.96 1.57 13.55
CA THR J 240 -20.69 2.55 12.79
C THR J 240 -22.14 2.69 13.26
N ASP J 241 -22.56 1.87 14.23
CA ASP J 241 -23.91 1.94 14.75
C ASP J 241 -24.00 3.22 15.59
N LEU J 242 -24.75 4.20 15.11
CA LEU J 242 -24.87 5.46 15.83
C LEU J 242 -25.43 5.38 17.24
N LYS J 243 -26.10 4.29 17.59
CA LYS J 243 -26.66 4.17 18.92
C LYS J 243 -25.55 4.22 19.94
N LYS J 244 -24.39 3.71 19.56
CA LYS J 244 -23.25 3.69 20.46
C LYS J 244 -22.34 4.90 20.23
N HIS J 245 -22.82 5.85 19.46
CA HIS J 245 -22.02 7.04 19.13
C HIS J 245 -21.45 7.77 20.35
N PHE J 246 -22.28 8.09 21.31
CA PHE J 246 -21.78 8.81 22.46
C PHE J 246 -20.85 7.98 23.35
N ASP J 247 -21.03 6.67 23.33
CA ASP J 247 -20.20 5.78 24.11
C ASP J 247 -18.78 5.79 23.55
N PHE J 248 -18.65 5.66 22.24
CA PHE J 248 -17.32 5.68 21.61
C PHE J 248 -16.67 7.02 21.83
N LEU J 249 -17.47 8.07 21.74
CA LEU J 249 -16.93 9.40 21.90
C LEU J 249 -16.40 9.55 23.31
N ALA J 250 -17.18 9.09 24.29
CA ALA J 250 -16.80 9.18 25.69
C ALA J 250 -15.49 8.45 25.94
N GLU J 251 -15.47 7.17 25.57
CA GLU J 251 -14.29 6.34 25.74
C GLU J 251 -13.11 6.97 25.06
N PHE J 252 -13.29 7.46 23.85
CA PHE J 252 -12.18 8.07 23.14
C PHE J 252 -11.64 9.27 23.90
N ASN J 253 -12.53 10.10 24.41
CA ASN J 253 -12.07 11.26 25.14
C ASN J 253 -11.29 10.86 26.37
N ALA J 254 -11.78 9.85 27.09
CA ALA J 254 -11.13 9.34 28.29
C ALA J 254 -9.66 9.03 28.04
N LYS J 255 -9.35 8.41 26.91
CA LYS J 255 -7.96 8.10 26.60
C LYS J 255 -7.22 9.33 26.07
N ALA J 256 -7.64 9.81 24.91
CA ALA J 256 -7.01 10.93 24.22
C ALA J 256 -6.97 12.29 24.91
N ASN J 257 -8.13 12.88 25.19
CA ASN J 257 -8.12 14.21 25.77
C ASN J 257 -9.24 14.46 26.77
N ASP J 258 -8.90 14.36 28.05
CA ASP J 258 -9.86 14.60 29.12
C ASP J 258 -9.06 15.24 30.23
N VAL J 259 -9.68 15.53 31.36
CA VAL J 259 -8.98 16.16 32.47
C VAL J 259 -7.79 15.30 32.90
N ASN J 260 -8.05 14.04 33.21
CA ASN J 260 -6.99 13.13 33.63
C ASN J 260 -6.58 12.19 32.49
N SER J 261 -6.84 12.62 31.25
CA SER J 261 -6.51 11.81 30.08
C SER J 261 -5.08 11.27 30.19
N ASN J 262 -4.85 10.10 29.58
CA ASN J 262 -3.55 9.46 29.62
C ASN J 262 -2.71 9.76 28.38
N GLY J 263 -3.26 9.44 27.21
CA GLY J 263 -2.56 9.65 25.95
C GLY J 263 -3.02 8.65 24.90
N ILE J 264 -2.12 7.86 24.34
CA ILE J 264 -2.52 6.89 23.35
C ILE J 264 -1.73 5.59 23.41
N GLU J 265 -0.41 5.70 23.46
CA GLU J 265 0.44 4.53 23.52
C GLU J 265 0.06 3.65 22.34
N TRP J 266 0.65 3.93 21.19
CA TRP J 266 0.36 3.16 20.01
C TRP J 266 0.75 1.70 20.16
N SER J 267 1.43 1.39 21.26
CA SER J 267 1.87 0.02 21.53
C SER J 267 0.76 -0.77 22.18
N ASN J 268 -0.33 -0.09 22.51
CA ASN J 268 -1.51 -0.69 23.13
C ASN J 268 -2.54 -1.03 22.04
N GLU J 269 -2.72 -2.32 21.74
CA GLU J 269 -3.65 -2.74 20.69
C GLU J 269 -5.02 -2.12 20.86
N ASN J 270 -5.49 -2.06 22.09
CA ASN J 270 -6.81 -1.53 22.36
C ASN J 270 -6.94 -0.09 21.93
N ASP J 271 -5.96 0.72 22.32
CA ASP J 271 -5.97 2.12 21.96
C ASP J 271 -5.92 2.28 20.45
N ARG J 272 -5.14 1.44 19.79
CA ARG J 272 -5.06 1.51 18.36
C ARG J 272 -6.43 1.23 17.72
N LEU J 273 -7.14 0.24 18.21
CA LEU J 273 -8.45 -0.08 17.67
C LEU J 273 -9.40 1.08 17.88
N LEU J 274 -9.35 1.68 19.07
CA LEU J 274 -10.23 2.80 19.38
C LEU J 274 -10.02 3.90 18.37
N VAL J 275 -8.76 4.17 18.04
CA VAL J 275 -8.47 5.21 17.08
C VAL J 275 -9.05 4.81 15.72
N CYS J 276 -8.86 3.56 15.34
CA CYS J 276 -9.40 3.11 14.07
C CYS J 276 -10.91 3.22 14.01
N GLN J 277 -11.56 2.91 15.12
CA GLN J 277 -13.01 2.99 15.15
C GLN J 277 -13.48 4.43 15.05
N VAL J 278 -12.85 5.33 15.77
CA VAL J 278 -13.23 6.72 15.71
C VAL J 278 -13.00 7.23 14.29
N CYS J 279 -12.12 6.58 13.55
CA CYS J 279 -11.83 6.98 12.18
C CYS J 279 -13.00 6.64 11.26
N ILE J 280 -13.37 5.35 11.11
CA ILE J 280 -14.52 5.02 10.25
C ILE J 280 -15.70 5.82 10.76
N LYS J 281 -15.81 5.97 12.07
CA LYS J 281 -16.91 6.71 12.65
C LYS J 281 -17.04 8.07 11.97
N LEU J 282 -15.91 8.75 11.83
CA LEU J 282 -15.86 10.07 11.21
C LEU J 282 -16.04 9.95 9.71
N ALA J 283 -15.33 9.01 9.12
CA ALA J 283 -15.42 8.81 7.68
C ALA J 283 -16.85 8.42 7.27
N ASP J 284 -17.61 7.81 8.15
CA ASP J 284 -18.96 7.39 7.81
C ASP J 284 -19.90 8.60 7.75
N ILE J 285 -19.57 9.65 8.48
CA ILE J 285 -20.42 10.82 8.47
C ILE J 285 -19.64 12.09 8.06
N ASN J 286 -18.72 11.93 7.11
CA ASN J 286 -17.92 13.05 6.67
C ASN J 286 -18.70 14.13 5.94
N GLY J 287 -19.95 13.83 5.58
CA GLY J 287 -20.78 14.79 4.87
C GLY J 287 -20.58 16.26 5.21
N PRO J 288 -21.09 16.73 6.35
CA PRO J 288 -20.94 18.13 6.71
C PRO J 288 -19.52 18.61 7.00
N ALA J 289 -18.54 17.82 6.62
CA ALA J 289 -17.16 18.22 6.85
C ALA J 289 -16.43 18.38 5.53
N LYS J 290 -17.17 18.26 4.43
CA LYS J 290 -16.60 18.43 3.11
C LYS J 290 -17.00 19.81 2.63
N VAL J 291 -16.66 20.16 1.40
CA VAL J 291 -17.00 21.45 0.84
C VAL J 291 -18.52 21.52 0.62
N ARG J 292 -19.07 22.74 0.64
CA ARG J 292 -20.51 22.97 0.44
C ARG J 292 -21.09 22.11 -0.68
N ASP J 293 -20.46 22.18 -1.85
CA ASP J 293 -20.92 21.39 -2.99
C ASP J 293 -21.24 19.95 -2.54
N LEU J 294 -20.21 19.22 -2.11
CA LEU J 294 -20.33 17.84 -1.65
C LEU J 294 -21.31 17.65 -0.50
N HIS J 295 -21.21 18.51 0.51
CA HIS J 295 -22.11 18.41 1.65
C HIS J 295 -23.57 18.32 1.24
N LEU J 296 -24.01 19.27 0.42
CA LEU J 296 -25.39 19.31 -0.03
C LEU J 296 -25.79 18.10 -0.84
N LYS J 297 -24.95 17.70 -1.78
CA LYS J 297 -25.25 16.52 -2.61
C LYS J 297 -25.51 15.27 -1.77
N TRP J 298 -24.78 15.12 -0.66
CA TRP J 298 -24.96 13.99 0.26
C TRP J 298 -26.27 14.20 1.03
N THR J 299 -26.47 15.41 1.55
CA THR J 299 -27.68 15.73 2.30
C THR J 299 -28.91 15.36 1.47
N GLU J 300 -28.84 15.60 0.17
CA GLU J 300 -29.93 15.28 -0.71
C GLU J 300 -30.25 13.79 -0.64
N GLY J 301 -29.24 12.94 -0.83
CA GLY J 301 -29.47 11.51 -0.79
C GLY J 301 -30.04 10.97 0.51
N ILE J 302 -29.61 11.55 1.62
CA ILE J 302 -30.06 11.11 2.94
C ILE J 302 -31.54 11.40 3.14
N VAL J 303 -31.93 12.64 2.91
CA VAL J 303 -33.32 13.01 3.07
C VAL J 303 -34.23 12.22 2.12
N ASN J 304 -33.83 12.07 0.86
CA ASN J 304 -34.66 11.31 -0.07
C ASN J 304 -34.92 9.92 0.46
N GLU J 305 -33.91 9.32 1.05
CA GLU J 305 -34.02 7.99 1.61
C GLU J 305 -34.91 8.05 2.86
N PHE J 306 -34.67 9.04 3.72
CA PHE J 306 -35.48 9.22 4.93
C PHE J 306 -36.96 9.29 4.58
N TYR J 307 -37.26 10.00 3.49
CA TYR J 307 -38.63 10.18 3.01
C TYR J 307 -39.17 8.85 2.48
N GLU J 308 -38.37 8.13 1.70
CA GLU J 308 -38.81 6.85 1.19
C GLU J 308 -39.21 5.95 2.36
N GLN J 309 -38.57 6.14 3.51
CA GLN J 309 -38.91 5.35 4.68
C GLN J 309 -40.23 5.82 5.24
N GLY J 310 -40.38 7.14 5.36
CA GLY J 310 -41.61 7.73 5.86
C GLY J 310 -42.83 7.26 5.07
N ASP J 311 -42.64 7.07 3.77
CA ASP J 311 -43.71 6.60 2.92
C ASP J 311 -44.13 5.20 3.37
N GLU J 312 -43.18 4.29 3.49
CA GLU J 312 -43.46 2.92 3.93
C GLU J 312 -44.02 2.90 5.35
N GLU J 313 -43.59 3.86 6.16
CA GLU J 313 -44.09 3.92 7.53
C GLU J 313 -45.58 4.22 7.47
N ALA J 314 -45.97 5.05 6.51
CA ALA J 314 -47.36 5.43 6.29
C ALA J 314 -48.14 4.24 5.75
N ASN J 315 -47.61 3.57 4.72
CA ASN J 315 -48.29 2.42 4.16
C ASN J 315 -48.43 1.30 5.17
N LEU J 316 -47.77 1.43 6.31
CA LEU J 316 -47.86 0.41 7.33
C LEU J 316 -48.70 0.92 8.48
N GLY J 317 -49.13 2.16 8.38
CA GLY J 317 -49.96 2.72 9.44
C GLY J 317 -49.16 3.02 10.68
N LEU J 318 -47.96 3.55 10.47
CA LEU J 318 -47.10 3.90 11.60
C LEU J 318 -46.79 5.36 11.59
N PRO J 319 -46.61 5.94 12.76
CA PRO J 319 -46.30 7.37 12.88
C PRO J 319 -45.06 7.66 12.06
N ILE J 320 -45.10 8.69 11.22
CA ILE J 320 -43.92 9.02 10.42
C ILE J 320 -42.82 9.52 11.36
N SER J 321 -41.62 8.97 11.18
CA SER J 321 -40.49 9.32 12.02
C SER J 321 -40.02 10.74 11.75
N PRO J 322 -39.55 11.43 12.79
CA PRO J 322 -39.06 12.80 12.69
C PRO J 322 -38.20 13.04 11.45
N PHE J 323 -38.47 14.15 10.77
CA PHE J 323 -37.71 14.52 9.58
C PHE J 323 -37.91 13.59 8.40
N MET J 324 -38.73 12.56 8.54
CA MET J 324 -38.91 11.63 7.44
C MET J 324 -40.19 11.83 6.65
N ASP J 325 -40.95 12.87 7.00
CA ASP J 325 -42.21 13.18 6.34
C ASP J 325 -41.98 14.25 5.28
N ARG J 326 -42.01 13.87 4.01
CA ARG J 326 -41.77 14.83 2.92
C ARG J 326 -42.80 15.94 2.79
N SER J 327 -44.02 15.66 3.25
CA SER J 327 -45.08 16.65 3.20
C SER J 327 -44.98 17.54 4.44
N SER J 328 -43.77 17.67 4.97
CA SER J 328 -43.54 18.48 6.16
C SER J 328 -42.06 18.41 6.56
N PRO J 329 -41.16 18.56 5.57
CA PRO J 329 -39.71 18.51 5.77
C PRO J 329 -39.19 19.55 6.74
N GLN J 330 -38.06 19.25 7.37
CA GLN J 330 -37.44 20.19 8.29
C GLN J 330 -35.92 20.09 8.14
N LEU J 331 -35.51 19.99 6.88
CA LEU J 331 -34.11 19.86 6.47
C LEU J 331 -33.15 20.74 7.27
N ALA J 332 -33.40 22.04 7.31
CA ALA J 332 -32.53 22.94 8.05
C ALA J 332 -32.37 22.50 9.51
N LYS J 333 -33.48 22.17 10.16
CA LYS J 333 -33.46 21.74 11.56
C LYS J 333 -32.64 20.46 11.71
N LEU J 334 -32.84 19.53 10.78
CA LEU J 334 -32.15 18.25 10.75
C LEU J 334 -30.63 18.44 10.73
N GLN J 335 -30.13 18.97 9.62
CA GLN J 335 -28.70 19.19 9.47
C GLN J 335 -28.12 20.00 10.63
N GLU J 336 -28.82 21.04 11.04
CA GLU J 336 -28.34 21.87 12.13
C GLU J 336 -28.06 21.00 13.36
N SER J 337 -29.05 20.21 13.76
CA SER J 337 -28.93 19.34 14.91
C SER J 337 -27.82 18.30 14.75
N PHE J 338 -27.78 17.66 13.58
CA PHE J 338 -26.79 16.64 13.30
C PHE J 338 -25.38 17.18 13.42
N ILE J 339 -25.13 18.33 12.81
CA ILE J 339 -23.82 18.91 12.85
C ILE J 339 -23.51 19.41 14.26
N THR J 340 -24.52 19.55 15.10
CA THR J 340 -24.27 20.05 16.42
C THR J 340 -24.08 18.98 17.49
N HIS J 341 -24.86 17.91 17.41
CA HIS J 341 -24.79 16.86 18.40
C HIS J 341 -24.04 15.60 17.98
N ILE J 342 -23.73 15.48 16.71
CA ILE J 342 -23.03 14.29 16.25
C ILE J 342 -21.69 14.54 15.57
N VAL J 343 -21.71 14.97 14.31
CA VAL J 343 -20.46 15.23 13.60
C VAL J 343 -19.61 16.28 14.31
N GLY J 344 -20.27 17.31 14.84
CA GLY J 344 -19.57 18.37 15.52
C GLY J 344 -18.67 17.87 16.62
N PRO J 345 -19.23 17.40 17.74
CA PRO J 345 -18.42 16.90 18.85
C PRO J 345 -17.41 15.80 18.47
N LEU J 346 -17.71 15.00 17.46
CA LEU J 346 -16.79 13.96 17.01
C LEU J 346 -15.53 14.60 16.44
N CYS J 347 -15.68 15.52 15.49
CA CYS J 347 -14.52 16.18 14.90
C CYS J 347 -13.71 16.92 15.93
N ASN J 348 -14.37 17.56 16.87
CA ASN J 348 -13.65 18.28 17.88
C ASN J 348 -12.78 17.33 18.68
N SER J 349 -13.41 16.28 19.18
CA SER J 349 -12.74 15.28 19.96
C SER J 349 -11.56 14.68 19.19
N TYR J 350 -11.77 14.36 17.93
CA TYR J 350 -10.73 13.79 17.10
C TYR J 350 -9.65 14.82 16.85
N ASP J 351 -10.05 16.09 16.78
CA ASP J 351 -9.11 17.18 16.54
C ASP J 351 -8.27 17.44 17.79
N ALA J 352 -8.93 17.41 18.93
CA ALA J 352 -8.27 17.64 20.20
C ALA J 352 -7.16 16.63 20.41
N ALA J 353 -7.37 15.41 19.91
CA ALA J 353 -6.38 14.37 20.04
C ALA J 353 -5.24 14.64 19.06
N GLY J 354 -5.44 15.62 18.18
CA GLY J 354 -4.41 15.96 17.22
C GLY J 354 -4.12 14.85 16.23
N LEU J 355 -5.17 14.18 15.75
CA LEU J 355 -5.02 13.10 14.79
C LEU J 355 -5.55 13.48 13.42
N LEU J 356 -5.93 14.74 13.27
CA LEU J 356 -6.49 15.24 12.02
C LEU J 356 -5.49 15.86 11.08
N PRO J 357 -5.48 15.43 9.81
CA PRO J 357 -4.55 15.99 8.85
C PRO J 357 -4.70 17.50 8.86
N GLY J 358 -3.65 18.22 8.49
CA GLY J 358 -3.74 19.67 8.47
C GLY J 358 -2.39 20.24 8.16
N GLN J 359 -2.26 21.57 8.30
CA GLN J 359 -0.97 22.18 8.05
C GLN J 359 -0.73 23.31 9.02
N TRP J 360 0.55 23.50 9.36
CA TRP J 360 0.97 24.54 10.28
C TRP J 360 0.73 25.89 9.62
N LEU J 361 0.34 26.87 10.41
CA LEU J 361 0.09 28.21 9.89
C LEU J 361 1.37 29.04 9.77
N GLU J 362 2.18 29.03 10.83
CA GLU J 362 3.42 29.79 10.89
C GLU J 362 4.61 28.87 11.05
N ALA J 363 5.81 29.42 11.13
CA ALA J 363 6.98 28.57 11.29
C ALA J 363 7.11 28.19 12.77
N GLU J 364 8.16 27.44 13.11
CA GLU J 364 8.38 27.04 14.50
C GLU J 364 8.62 28.21 15.44
N GLU J 365 9.18 29.29 14.89
CA GLU J 365 9.43 30.52 15.64
C GLU J 365 8.24 31.45 15.41
N ASP J 366 7.11 31.09 16.03
CA ASP J 366 5.89 31.84 15.89
C ASP J 366 5.64 32.87 16.99
N ASN J 367 6.66 33.09 17.84
CA ASN J 367 6.53 34.04 18.94
C ASN J 367 6.61 35.53 18.54
N ASP J 368 5.88 36.37 19.31
CA ASP J 368 5.85 37.83 19.11
C ASP J 368 6.01 38.65 20.40
N THR J 369 7.23 39.17 20.59
CA THR J 369 7.62 39.98 21.74
C THR J 369 7.26 41.45 21.48
N GLU J 370 6.01 41.69 21.06
CA GLU J 370 5.50 43.05 20.77
C GLU J 370 4.01 43.04 20.39
N SER J 371 3.40 41.85 20.43
CA SER J 371 1.98 41.65 20.09
C SER J 371 1.07 41.58 21.32
N SER J 400 3.26 21.77 20.03
CA SER J 400 2.41 21.58 21.24
C SER J 400 1.52 22.81 21.51
N ARG J 401 1.90 23.95 20.93
CA ARG J 401 1.14 25.19 21.09
C ARG J 401 1.20 26.04 19.81
N ARG J 402 1.73 25.45 18.74
CA ARG J 402 1.82 26.15 17.48
C ARG J 402 0.46 26.06 16.82
N ARG J 403 -0.05 27.18 16.31
CA ARG J 403 -1.38 27.18 15.69
C ARG J 403 -1.43 26.28 14.45
N ILE J 404 -2.52 25.54 14.32
CA ILE J 404 -2.68 24.64 13.18
C ILE J 404 -4.04 24.81 12.53
N PHE J 405 -4.12 24.54 11.23
CA PHE J 405 -5.35 24.66 10.45
C PHE J 405 -5.79 23.30 9.90
N CYS J 406 -7.07 22.97 10.09
CA CYS J 406 -7.65 21.72 9.58
C CYS J 406 -8.71 22.01 8.54
N GLN J 407 -8.50 21.57 7.31
CA GLN J 407 -9.46 21.79 6.25
C GLN J 407 -10.87 21.34 6.65
N LEU J 408 -11.04 20.07 7.01
CA LEU J 408 -12.37 19.59 7.36
C LEU J 408 -12.93 20.22 8.61
N MET J 409 -12.08 20.85 9.38
CA MET J 409 -12.54 21.46 10.60
C MET J 409 -13.28 22.76 10.26
N HIS J 410 -12.82 23.47 9.23
CA HIS J 410 -13.45 24.70 8.81
C HIS J 410 -14.70 24.42 7.98
N HIS J 411 -14.61 23.45 7.08
CA HIS J 411 -15.75 23.07 6.26
C HIS J 411 -16.96 22.86 7.17
N LEU J 412 -16.70 22.30 8.33
CA LEU J 412 -17.74 22.02 9.29
C LEU J 412 -18.38 23.30 9.82
N THR J 413 -17.56 24.31 10.13
CA THR J 413 -18.05 25.57 10.67
C THR J 413 -18.86 26.31 9.61
N GLU J 414 -18.37 26.23 8.37
CA GLU J 414 -19.03 26.87 7.25
C GLU J 414 -20.40 26.25 6.99
N ASN J 415 -20.43 24.95 6.70
CA ASN J 415 -21.68 24.28 6.43
C ASN J 415 -22.69 24.51 7.55
N HIS J 416 -22.21 24.59 8.79
CA HIS J 416 -23.12 24.80 9.90
C HIS J 416 -23.93 26.05 9.70
N LYS J 417 -23.28 27.11 9.25
CA LYS J 417 -23.94 28.39 9.02
C LYS J 417 -25.18 28.25 8.14
N ILE J 418 -25.03 27.63 6.97
CA ILE J 418 -26.15 27.49 6.05
C ILE J 418 -27.29 26.59 6.51
N TRP J 419 -27.48 26.45 7.82
CA TRP J 419 -28.56 25.63 8.38
C TRP J 419 -29.13 26.29 9.62
N LYS J 420 -28.36 27.17 10.24
CA LYS J 420 -28.80 27.85 11.45
C LYS J 420 -29.94 28.80 11.13
N LEU K 6 14.70 -1.90 -49.05
CA LEU K 6 13.87 -2.63 -48.05
C LEU K 6 13.65 -4.08 -48.47
N ASP K 7 13.40 -4.28 -49.77
CA ASP K 7 13.19 -5.62 -50.34
C ASP K 7 14.41 -6.52 -50.08
N LEU K 8 15.60 -6.02 -50.44
CA LEU K 8 16.84 -6.75 -50.25
C LEU K 8 17.14 -6.89 -48.74
N ILE K 9 16.85 -5.84 -47.97
CA ILE K 9 17.06 -5.84 -46.52
C ILE K 9 16.32 -6.98 -45.83
N LEU K 10 15.09 -7.25 -46.30
CA LEU K 10 14.25 -8.31 -45.74
C LEU K 10 14.74 -9.70 -46.18
N VAL K 11 15.23 -9.79 -47.41
CA VAL K 11 15.76 -11.06 -47.94
C VAL K 11 17.05 -11.42 -47.20
N GLU K 12 17.87 -10.42 -46.90
CA GLU K 12 19.12 -10.65 -46.18
C GLU K 12 18.80 -11.20 -44.78
N GLU K 13 17.79 -10.62 -44.13
CA GLU K 13 17.40 -11.08 -42.79
C GLU K 13 16.98 -12.55 -42.81
N TYR K 14 16.23 -12.94 -43.84
CA TYR K 14 15.78 -14.32 -43.98
C TYR K 14 16.96 -15.27 -44.11
N ASP K 15 17.87 -14.96 -45.04
CA ASP K 15 19.04 -15.81 -45.26
C ASP K 15 19.89 -15.87 -43.99
N SER K 16 19.98 -14.73 -43.31
CA SER K 16 20.74 -14.64 -42.06
C SER K 16 20.20 -15.64 -41.03
N LEU K 17 18.91 -15.52 -40.75
CA LEU K 17 18.23 -16.39 -39.80
C LEU K 17 18.40 -17.86 -40.16
N ILE K 18 18.04 -18.23 -41.39
CA ILE K 18 18.15 -19.61 -41.82
C ILE K 18 19.56 -20.15 -41.60
N GLU K 19 20.56 -19.30 -41.83
CA GLU K 19 21.93 -19.75 -41.63
C GLU K 19 22.15 -20.07 -40.14
N LYS K 20 21.69 -19.16 -39.27
CA LYS K 20 21.81 -19.32 -37.83
C LYS K 20 21.06 -20.57 -37.36
N MET K 21 19.79 -20.66 -37.75
CA MET K 21 18.96 -21.79 -37.37
C MET K 21 19.40 -23.13 -37.94
N SER K 22 20.34 -23.12 -38.89
CA SER K 22 20.77 -24.37 -39.47
C SER K 22 21.63 -25.21 -38.54
N ASN K 23 22.09 -24.58 -37.45
CA ASN K 23 22.91 -25.25 -36.45
C ASN K 23 22.00 -25.76 -35.37
N TRP K 24 22.22 -26.99 -34.94
CA TRP K 24 21.41 -27.54 -33.87
C TRP K 24 21.54 -26.65 -32.63
N ASN K 25 22.73 -26.07 -32.45
CA ASN K 25 22.94 -25.18 -31.32
C ASN K 25 22.64 -23.75 -31.71
N PHE K 26 21.47 -23.56 -32.31
CA PHE K 26 21.04 -22.25 -32.76
C PHE K 26 21.08 -21.26 -31.59
N PRO K 27 21.88 -20.18 -31.72
CA PRO K 27 22.01 -19.15 -30.68
C PRO K 27 20.76 -18.30 -30.53
N ILE K 28 19.66 -18.96 -30.17
CA ILE K 28 18.38 -18.30 -30.01
C ILE K 28 18.42 -17.07 -29.12
N PHE K 29 19.21 -17.11 -28.05
CA PHE K 29 19.27 -15.95 -27.15
C PHE K 29 19.91 -14.74 -27.80
N GLU K 30 20.75 -14.98 -28.80
CA GLU K 30 21.38 -13.89 -29.53
C GLU K 30 20.31 -13.21 -30.38
N LEU K 31 19.51 -14.02 -31.06
CA LEU K 31 18.43 -13.50 -31.90
C LEU K 31 17.58 -12.59 -31.05
N VAL K 32 17.23 -13.08 -29.86
CA VAL K 32 16.41 -12.29 -28.94
C VAL K 32 17.01 -10.89 -28.75
N GLU K 33 18.34 -10.84 -28.68
CA GLU K 33 19.00 -9.56 -28.52
C GLU K 33 18.96 -8.73 -29.78
N LYS K 34 19.26 -9.37 -30.90
CA LYS K 34 19.24 -8.66 -32.18
C LYS K 34 17.88 -8.00 -32.42
N MET K 35 16.79 -8.69 -32.08
CA MET K 35 15.45 -8.12 -32.28
C MET K 35 15.15 -6.93 -31.37
N GLY K 36 15.92 -6.80 -30.30
CA GLY K 36 15.71 -5.70 -29.37
C GLY K 36 14.26 -5.54 -28.92
N GLU K 37 13.70 -4.36 -29.15
CA GLU K 37 12.33 -4.07 -28.76
C GLU K 37 11.29 -4.89 -29.51
N LYS K 38 11.68 -5.43 -30.66
CA LYS K 38 10.74 -6.24 -31.43
C LYS K 38 10.91 -7.71 -31.04
N SER K 39 11.60 -7.92 -29.92
CA SER K 39 11.87 -9.24 -29.38
C SER K 39 10.59 -10.08 -29.17
N GLY K 40 9.51 -9.42 -28.79
CA GLY K 40 8.26 -10.13 -28.54
C GLY K 40 7.61 -10.79 -29.74
N ARG K 41 8.19 -10.60 -30.93
CA ARG K 41 7.62 -11.20 -32.13
C ARG K 41 8.52 -12.32 -32.66
N ILE K 42 9.39 -12.81 -31.79
CA ILE K 42 10.31 -13.87 -32.20
C ILE K 42 9.65 -15.16 -32.65
N LEU K 43 8.61 -15.60 -31.94
CA LEU K 43 7.92 -16.84 -32.31
C LEU K 43 7.26 -16.74 -33.69
N SER K 44 6.56 -15.63 -33.93
CA SER K 44 5.88 -15.46 -35.21
C SER K 44 6.91 -15.38 -36.33
N GLN K 45 7.97 -14.58 -36.12
CA GLN K 45 9.02 -14.44 -37.13
C GLN K 45 9.67 -15.77 -37.48
N VAL K 46 9.95 -16.57 -36.46
CA VAL K 46 10.59 -17.86 -36.70
C VAL K 46 9.62 -18.79 -37.40
N MET K 47 8.35 -18.68 -37.05
CA MET K 47 7.32 -19.53 -37.66
C MET K 47 7.19 -19.22 -39.15
N TYR K 48 7.23 -17.93 -39.46
CA TYR K 48 7.13 -17.50 -40.84
C TYR K 48 8.33 -18.02 -41.61
N THR K 49 9.53 -17.77 -41.08
CA THR K 49 10.76 -18.20 -41.70
C THR K 49 10.76 -19.71 -41.97
N LEU K 50 10.29 -20.49 -41.02
CA LEU K 50 10.27 -21.94 -41.19
C LEU K 50 9.20 -22.39 -42.16
N PHE K 51 8.03 -21.78 -42.10
CA PHE K 51 6.98 -22.17 -43.02
C PHE K 51 7.38 -21.87 -44.47
N GLN K 52 8.31 -20.92 -44.64
CA GLN K 52 8.81 -20.59 -45.96
C GLN K 52 9.85 -21.63 -46.34
N ASP K 53 10.88 -21.75 -45.52
CA ASP K 53 11.94 -22.72 -45.75
C ASP K 53 11.37 -24.13 -45.99
N THR K 54 10.20 -24.40 -45.43
CA THR K 54 9.56 -25.70 -45.57
C THR K 54 8.70 -25.78 -46.82
N GLY K 55 8.14 -24.63 -47.21
CA GLY K 55 7.28 -24.57 -48.37
C GLY K 55 5.84 -24.81 -47.99
N LEU K 56 5.59 -25.04 -46.70
CA LEU K 56 4.22 -25.28 -46.24
C LEU K 56 3.26 -24.18 -46.67
N LEU K 57 3.73 -22.93 -46.65
CA LEU K 57 2.88 -21.80 -47.06
C LEU K 57 2.26 -22.04 -48.43
N GLU K 58 3.09 -22.50 -49.37
CA GLU K 58 2.61 -22.76 -50.71
C GLU K 58 1.84 -24.07 -50.79
N ILE K 59 2.41 -25.13 -50.22
CA ILE K 59 1.77 -26.44 -50.24
C ILE K 59 0.31 -26.39 -49.77
N PHE K 60 0.02 -25.51 -48.81
CA PHE K 60 -1.35 -25.39 -48.29
C PHE K 60 -1.97 -24.04 -48.51
N LYS K 61 -1.50 -23.34 -49.54
CA LYS K 61 -2.05 -22.03 -49.88
C LYS K 61 -2.40 -21.20 -48.65
N ILE K 62 -1.41 -21.00 -47.79
CA ILE K 62 -1.65 -20.24 -46.57
C ILE K 62 -1.45 -18.75 -46.74
N PRO K 63 -2.55 -17.97 -46.61
CA PRO K 63 -2.46 -16.51 -46.75
C PRO K 63 -1.53 -15.91 -45.70
N THR K 64 -0.50 -15.22 -46.16
CA THR K 64 0.47 -14.61 -45.24
C THR K 64 -0.13 -13.75 -44.12
N GLN K 65 -1.17 -12.99 -44.44
CA GLN K 65 -1.79 -12.12 -43.44
C GLN K 65 -2.37 -12.86 -42.23
N GLN K 66 -3.32 -13.76 -42.47
CA GLN K 66 -3.94 -14.50 -41.36
C GLN K 66 -2.89 -15.24 -40.55
N PHE K 67 -1.96 -15.88 -41.25
CA PHE K 67 -0.90 -16.63 -40.61
C PHE K 67 -0.25 -15.73 -39.57
N MET K 68 0.32 -14.63 -40.02
CA MET K 68 0.95 -13.72 -39.07
C MET K 68 -0.04 -13.18 -38.05
N ASN K 69 -1.30 -13.01 -38.41
CA ASN K 69 -2.27 -12.50 -37.45
C ASN K 69 -2.40 -13.42 -36.25
N TYR K 70 -2.60 -14.70 -36.51
CA TYR K 70 -2.76 -15.70 -35.47
C TYR K 70 -1.49 -15.89 -34.62
N PHE K 71 -0.38 -16.19 -35.27
CA PHE K 71 0.83 -16.38 -34.51
C PHE K 71 1.31 -15.14 -33.80
N ARG K 72 1.01 -13.95 -34.31
CA ARG K 72 1.42 -12.78 -33.56
C ARG K 72 0.60 -12.74 -32.28
N ALA K 73 -0.63 -13.24 -32.39
CA ALA K 73 -1.57 -13.27 -31.26
C ALA K 73 -1.18 -14.37 -30.28
N LEU K 74 -0.90 -15.54 -30.85
CA LEU K 74 -0.51 -16.68 -30.05
C LEU K 74 0.67 -16.27 -29.17
N GLU K 75 1.66 -15.61 -29.76
CA GLU K 75 2.83 -15.18 -29.00
C GLU K 75 2.46 -14.42 -27.76
N ASN K 76 1.58 -13.43 -27.91
CA ASN K 76 1.20 -12.64 -26.75
C ASN K 76 0.54 -13.46 -25.65
N GLY K 77 0.13 -14.68 -26.00
CA GLY K 77 -0.49 -15.54 -25.00
C GLY K 77 0.54 -16.05 -23.99
N TYR K 78 1.79 -16.12 -24.41
CA TYR K 78 2.87 -16.58 -23.53
C TYR K 78 3.21 -15.48 -22.54
N ARG K 79 3.08 -15.83 -21.25
CA ARG K 79 3.34 -14.91 -20.15
C ARG K 79 4.81 -14.58 -20.03
N ASP K 80 5.09 -13.55 -19.26
CA ASP K 80 6.46 -13.14 -19.06
C ASP K 80 7.02 -13.82 -17.81
N ILE K 81 7.24 -15.13 -17.93
CA ILE K 81 7.78 -15.93 -16.84
C ILE K 81 9.17 -16.44 -17.24
N PRO K 82 10.02 -16.77 -16.26
CA PRO K 82 11.38 -17.25 -16.47
C PRO K 82 11.67 -18.38 -17.45
N TYR K 83 10.72 -19.30 -17.64
CA TYR K 83 11.02 -20.37 -18.56
C TYR K 83 9.98 -20.67 -19.64
N HIS K 84 8.76 -20.97 -19.21
CA HIS K 84 7.69 -21.28 -20.15
C HIS K 84 7.12 -20.05 -20.87
N ASN K 85 7.97 -19.43 -21.68
CA ASN K 85 7.61 -18.23 -22.42
C ASN K 85 7.75 -18.45 -23.93
N ARG K 86 7.47 -17.42 -24.71
CA ARG K 86 7.57 -17.52 -26.17
C ARG K 86 8.94 -17.96 -26.67
N ILE K 87 10.01 -17.62 -25.96
CA ILE K 87 11.34 -18.05 -26.38
C ILE K 87 11.44 -19.57 -26.28
N HIS K 88 10.89 -20.14 -25.21
CA HIS K 88 10.92 -21.60 -25.05
C HIS K 88 10.18 -22.24 -26.23
N ALA K 89 8.97 -21.74 -26.50
CA ALA K 89 8.15 -22.25 -27.62
C ALA K 89 8.95 -22.19 -28.91
N THR K 90 9.57 -21.04 -29.16
CA THR K 90 10.36 -20.90 -30.36
C THR K 90 11.43 -21.99 -30.42
N ASP K 91 12.15 -22.18 -29.31
CA ASP K 91 13.19 -23.22 -29.23
C ASP K 91 12.60 -24.59 -29.54
N VAL K 92 11.50 -24.95 -28.89
CA VAL K 92 10.89 -26.25 -29.15
C VAL K 92 10.52 -26.37 -30.63
N LEU K 93 10.08 -25.26 -31.24
CA LEU K 93 9.72 -25.24 -32.66
C LEU K 93 10.95 -25.58 -33.49
N HIS K 94 12.00 -24.78 -33.32
CA HIS K 94 13.25 -24.98 -34.04
C HIS K 94 13.74 -26.41 -33.90
N ALA K 95 13.55 -27.01 -32.74
CA ALA K 95 13.99 -28.39 -32.51
C ALA K 95 13.23 -29.40 -33.39
N VAL K 96 11.89 -29.36 -33.36
CA VAL K 96 11.10 -30.32 -34.17
C VAL K 96 11.36 -30.11 -35.66
N TRP K 97 11.55 -28.86 -36.04
CA TRP K 97 11.84 -28.58 -37.43
C TRP K 97 13.15 -29.26 -37.80
N TYR K 98 14.19 -28.96 -37.02
CA TYR K 98 15.50 -29.54 -37.25
C TYR K 98 15.49 -31.05 -37.19
N LEU K 99 14.83 -31.62 -36.18
CA LEU K 99 14.80 -33.08 -36.03
C LEU K 99 14.09 -33.84 -37.15
N THR K 100 13.21 -33.17 -37.88
CA THR K 100 12.47 -33.84 -38.96
C THR K 100 12.91 -33.38 -40.33
N THR K 101 13.98 -32.60 -40.37
CA THR K 101 14.47 -32.03 -41.60
C THR K 101 15.88 -32.46 -42.00
N ARG K 102 16.83 -32.31 -41.08
CA ARG K 102 18.23 -32.66 -41.33
C ARG K 102 18.42 -34.15 -41.62
N PRO K 103 19.56 -34.50 -42.24
CA PRO K 103 19.96 -35.85 -42.62
C PRO K 103 20.14 -36.80 -41.47
N VAL K 104 19.52 -37.97 -41.61
CA VAL K 104 19.58 -39.03 -40.61
C VAL K 104 20.30 -40.23 -41.20
N PRO K 105 21.52 -40.50 -40.71
CA PRO K 105 22.37 -41.63 -41.17
C PRO K 105 21.61 -42.93 -41.25
N GLY K 106 21.60 -43.52 -42.43
CA GLY K 106 20.95 -44.81 -42.65
C GLY K 106 19.43 -44.83 -42.67
N LEU K 107 18.79 -43.66 -42.56
CA LEU K 107 17.32 -43.62 -42.56
C LEU K 107 16.72 -43.99 -43.91
N GLN K 108 15.93 -45.05 -43.88
CA GLN K 108 15.24 -45.55 -45.06
C GLN K 108 14.26 -44.50 -45.58
N GLN K 109 14.64 -43.87 -46.68
CA GLN K 109 13.85 -42.84 -47.35
C GLN K 109 12.70 -43.47 -48.13
N ILE K 110 11.90 -44.28 -47.46
CA ILE K 110 10.76 -44.96 -48.06
C ILE K 110 10.03 -44.06 -49.03
N HIS K 111 9.12 -43.22 -48.53
CA HIS K 111 8.40 -42.30 -49.43
C HIS K 111 9.36 -41.23 -49.99
N ASN K 112 9.90 -41.50 -51.17
CA ASN K 112 10.84 -40.59 -51.85
C ASN K 112 10.21 -39.22 -52.07
N GLY K 113 10.05 -38.45 -50.99
CA GLY K 113 9.48 -37.13 -51.08
C GLY K 113 10.39 -36.24 -51.93
N ARG K 130 -1.07 -37.23 -54.53
CA ARG K 130 -2.17 -36.59 -53.72
C ARG K 130 -1.69 -36.16 -52.31
N ILE K 131 -0.67 -36.87 -51.83
CA ILE K 131 -0.06 -36.66 -50.51
C ILE K 131 1.19 -35.78 -50.64
N ALA K 132 1.13 -34.53 -50.18
CA ALA K 132 2.30 -33.67 -50.27
C ALA K 132 3.32 -33.96 -49.17
N TYR K 133 4.59 -33.70 -49.49
CA TYR K 133 5.69 -33.91 -48.55
C TYR K 133 6.57 -32.68 -48.61
N ILE K 134 7.05 -32.22 -47.46
CA ILE K 134 7.91 -31.04 -47.48
C ILE K 134 9.37 -31.42 -47.70
N SER K 135 10.21 -30.39 -47.78
CA SER K 135 11.64 -30.55 -47.96
C SER K 135 12.28 -29.20 -47.68
N SER K 136 13.14 -29.17 -46.68
CA SER K 136 13.78 -27.92 -46.32
C SER K 136 14.72 -27.45 -47.42
N LYS K 137 14.61 -26.17 -47.73
CA LYS K 137 15.43 -25.54 -48.74
C LYS K 137 16.78 -25.17 -48.15
N SER K 138 16.98 -25.45 -46.86
CA SER K 138 18.24 -25.08 -46.23
C SER K 138 19.17 -26.26 -45.93
N CYS K 139 18.86 -27.41 -46.49
CA CYS K 139 19.72 -28.59 -46.31
C CYS K 139 19.22 -29.72 -47.20
N SER K 140 20.05 -30.75 -47.33
CA SER K 140 19.73 -31.92 -48.15
C SER K 140 20.64 -33.07 -47.76
N ASN K 141 20.16 -34.29 -47.94
CA ASN K 141 20.96 -35.47 -47.61
C ASN K 141 22.19 -35.55 -48.49
N PRO K 142 23.36 -35.77 -47.87
CA PRO K 142 24.63 -35.87 -48.62
C PRO K 142 24.57 -36.92 -49.73
N ASP K 143 23.85 -38.02 -49.48
CA ASP K 143 23.71 -39.09 -50.45
C ASP K 143 22.67 -40.10 -50.01
N GLU K 144 22.59 -41.20 -50.74
CA GLU K 144 21.61 -42.25 -50.43
C GLU K 144 21.86 -42.89 -49.07
N SER K 145 23.01 -42.60 -48.46
CA SER K 145 23.35 -43.16 -47.14
C SER K 145 22.54 -42.44 -46.05
N TYR K 146 21.87 -41.36 -46.42
CA TYR K 146 21.06 -40.58 -45.49
C TYR K 146 19.58 -40.57 -45.81
N GLY K 147 18.82 -39.92 -44.92
CA GLY K 147 17.38 -39.81 -45.08
C GLY K 147 16.88 -38.76 -44.10
N CYS K 148 15.58 -38.55 -44.06
CA CYS K 148 15.00 -37.58 -43.13
C CYS K 148 13.50 -37.84 -43.01
N LEU K 149 12.95 -37.46 -41.86
CA LEU K 149 11.54 -37.68 -41.61
C LEU K 149 10.66 -36.94 -42.63
N SER K 150 11.12 -35.79 -43.09
CA SER K 150 10.34 -34.99 -44.05
C SER K 150 9.94 -35.83 -45.25
N SER K 151 10.65 -36.93 -45.48
CA SER K 151 10.36 -37.78 -46.61
C SER K 151 9.48 -38.97 -46.26
N ASN K 152 9.28 -39.24 -44.98
CA ASN K 152 8.45 -40.38 -44.60
C ASN K 152 7.14 -39.95 -43.96
N ILE K 153 7.07 -38.68 -43.58
CA ILE K 153 5.89 -38.15 -42.94
C ILE K 153 5.28 -37.04 -43.79
N PRO K 154 4.02 -37.23 -44.21
CA PRO K 154 3.31 -36.24 -45.04
C PRO K 154 3.37 -34.82 -44.46
N ALA K 155 3.40 -33.83 -45.35
CA ALA K 155 3.49 -32.42 -44.95
C ALA K 155 2.39 -31.96 -44.01
N LEU K 156 1.20 -32.53 -44.15
CA LEU K 156 0.10 -32.15 -43.28
C LEU K 156 0.49 -32.45 -41.84
N GLU K 157 0.95 -33.67 -41.63
CA GLU K 157 1.36 -34.14 -40.33
C GLU K 157 2.51 -33.33 -39.75
N LEU K 158 3.54 -33.03 -40.55
CA LEU K 158 4.64 -32.25 -40.01
C LEU K 158 4.23 -30.81 -39.74
N MET K 159 3.21 -30.32 -40.44
CA MET K 159 2.78 -28.96 -40.18
C MET K 159 2.05 -28.93 -38.83
N ALA K 160 1.32 -30.01 -38.55
CA ALA K 160 0.60 -30.11 -37.28
C ALA K 160 1.63 -30.07 -36.16
N LEU K 161 2.75 -30.76 -36.37
CA LEU K 161 3.82 -30.81 -35.40
C LEU K 161 4.40 -29.42 -35.14
N TYR K 162 4.76 -28.72 -36.22
CA TYR K 162 5.33 -27.37 -36.10
C TYR K 162 4.36 -26.43 -35.39
N VAL K 163 3.08 -26.52 -35.74
CA VAL K 163 2.08 -25.66 -35.12
C VAL K 163 1.90 -26.05 -33.66
N ALA K 164 1.78 -27.35 -33.41
CA ALA K 164 1.62 -27.84 -32.05
C ALA K 164 2.76 -27.31 -31.19
N ALA K 165 3.98 -27.35 -31.73
CA ALA K 165 5.15 -26.89 -30.99
C ALA K 165 5.04 -25.41 -30.64
N ALA K 166 4.50 -24.63 -31.57
CA ALA K 166 4.36 -23.20 -31.35
C ALA K 166 3.33 -22.85 -30.29
N MET K 167 2.33 -23.73 -30.13
CA MET K 167 1.31 -23.49 -29.14
C MET K 167 1.31 -24.44 -27.94
N HIS K 168 2.28 -25.35 -27.86
CA HIS K 168 2.29 -26.33 -26.77
C HIS K 168 2.37 -25.83 -25.32
N ASP K 169 2.93 -24.64 -25.08
CA ASP K 169 2.96 -24.14 -23.70
C ASP K 169 2.19 -22.82 -23.62
N TYR K 170 1.26 -22.61 -24.55
CA TYR K 170 0.45 -21.40 -24.60
C TYR K 170 -0.18 -21.05 -23.25
N ASP K 171 -0.03 -19.79 -22.83
CA ASP K 171 -0.56 -19.31 -21.55
C ASP K 171 -0.18 -20.13 -20.31
N HIS K 172 1.10 -20.50 -20.22
CA HIS K 172 1.60 -21.25 -19.08
C HIS K 172 1.67 -20.32 -17.88
N PRO K 173 1.15 -20.76 -16.71
CA PRO K 173 1.15 -19.92 -15.51
C PRO K 173 2.47 -19.96 -14.74
N GLY K 174 3.37 -20.85 -15.16
CA GLY K 174 4.66 -20.98 -14.50
C GLY K 174 4.52 -21.81 -13.23
N ARG K 175 3.60 -22.75 -13.29
CA ARG K 175 3.33 -23.61 -12.18
C ARG K 175 3.12 -25.02 -12.75
N THR K 176 3.35 -26.07 -11.96
CA THR K 176 3.22 -27.44 -12.47
C THR K 176 1.83 -28.02 -12.33
N ASN K 177 1.54 -29.11 -13.06
CA ASN K 177 0.22 -29.69 -12.94
C ASN K 177 -0.02 -30.12 -11.51
N ALA K 178 1.03 -30.65 -10.88
CA ALA K 178 0.91 -31.13 -9.51
C ALA K 178 0.45 -30.01 -8.58
N PHE K 179 1.02 -28.83 -8.78
CA PHE K 179 0.66 -27.68 -7.95
C PHE K 179 -0.79 -27.35 -8.14
N LEU K 180 -1.21 -27.24 -9.40
CA LEU K 180 -2.59 -26.92 -9.71
C LEU K 180 -3.51 -27.95 -9.11
N VAL K 181 -3.19 -29.22 -9.32
CA VAL K 181 -4.04 -30.28 -8.78
C VAL K 181 -4.11 -30.27 -7.25
N ALA K 182 -2.97 -30.02 -6.62
CA ALA K 182 -2.87 -30.01 -5.17
C ALA K 182 -3.67 -28.86 -4.58
N THR K 183 -3.51 -27.67 -5.15
CA THR K 183 -4.21 -26.50 -4.65
C THR K 183 -5.65 -26.39 -5.17
N ASN K 184 -6.11 -27.44 -5.84
CA ASN K 184 -7.47 -27.48 -6.41
C ASN K 184 -7.77 -26.22 -7.22
N ALA K 185 -6.80 -25.85 -8.06
CA ALA K 185 -6.91 -24.68 -8.92
C ALA K 185 -8.08 -24.88 -9.86
N PRO K 186 -8.85 -23.82 -10.12
CA PRO K 186 -10.00 -23.95 -11.01
C PRO K 186 -9.66 -24.69 -12.30
N GLN K 187 -8.49 -24.38 -12.85
CA GLN K 187 -8.08 -25.00 -14.08
C GLN K 187 -7.91 -26.51 -13.93
N ALA K 188 -7.53 -26.95 -12.74
CA ALA K 188 -7.33 -28.38 -12.48
C ALA K 188 -8.67 -29.03 -12.26
N VAL K 189 -9.58 -28.32 -11.62
CA VAL K 189 -10.91 -28.85 -11.40
C VAL K 189 -11.64 -28.95 -12.74
N LEU K 190 -11.38 -27.97 -13.60
CA LEU K 190 -11.99 -27.94 -14.91
C LEU K 190 -11.62 -29.15 -15.73
N TYR K 191 -10.37 -29.56 -15.69
CA TYR K 191 -9.95 -30.72 -16.48
C TYR K 191 -9.86 -32.02 -15.71
N ASN K 192 -10.46 -32.05 -14.52
CA ASN K 192 -10.46 -33.27 -13.70
C ASN K 192 -9.05 -33.82 -13.43
N ASP K 193 -8.12 -32.89 -13.15
CA ASP K 193 -6.73 -33.20 -12.84
C ASP K 193 -5.97 -33.99 -13.91
N ARG K 194 -6.52 -34.10 -15.11
CA ARG K 194 -5.84 -34.84 -16.18
C ARG K 194 -5.17 -33.90 -17.19
N SER K 195 -3.84 -33.94 -17.24
CA SER K 195 -3.07 -33.08 -18.12
C SER K 195 -3.59 -31.66 -18.09
N VAL K 196 -3.88 -31.18 -16.89
CA VAL K 196 -4.40 -29.85 -16.71
C VAL K 196 -3.81 -28.81 -17.65
N LEU K 197 -2.53 -28.50 -17.53
CA LEU K 197 -1.91 -27.51 -18.38
C LEU K 197 -1.97 -27.85 -19.85
N GLU K 198 -1.49 -29.04 -20.22
CA GLU K 198 -1.51 -29.45 -21.61
C GLU K 198 -2.88 -29.27 -22.24
N ASN K 199 -3.94 -29.72 -21.57
CA ASN K 199 -5.28 -29.54 -22.12
C ASN K 199 -5.55 -28.07 -22.36
N HIS K 200 -5.31 -27.27 -21.33
CA HIS K 200 -5.53 -25.84 -21.40
C HIS K 200 -4.74 -25.19 -22.53
N HIS K 201 -3.51 -25.64 -22.79
CA HIS K 201 -2.73 -25.04 -23.86
C HIS K 201 -3.43 -25.26 -25.19
N ALA K 202 -3.70 -26.53 -25.51
CA ALA K 202 -4.37 -26.86 -26.76
C ALA K 202 -5.73 -26.18 -26.89
N ALA K 203 -6.58 -26.30 -25.87
CA ALA K 203 -7.89 -25.66 -25.92
C ALA K 203 -7.82 -24.14 -26.08
N SER K 204 -6.97 -23.48 -25.31
CA SER K 204 -6.86 -22.01 -25.39
C SER K 204 -6.39 -21.52 -26.75
N ALA K 205 -5.44 -22.23 -27.32
CA ALA K 205 -4.88 -21.88 -28.62
C ALA K 205 -5.89 -22.10 -29.74
N TRP K 206 -6.57 -23.24 -29.71
CA TRP K 206 -7.57 -23.53 -30.71
C TRP K 206 -8.74 -22.59 -30.58
N ASN K 207 -9.02 -22.18 -29.36
CA ASN K 207 -10.11 -21.26 -29.16
C ASN K 207 -9.75 -19.93 -29.78
N LEU K 208 -8.52 -19.48 -29.54
CA LEU K 208 -8.00 -18.22 -30.08
C LEU K 208 -8.15 -18.24 -31.61
N TYR K 209 -7.74 -19.36 -32.19
CA TYR K 209 -7.79 -19.54 -33.64
C TYR K 209 -9.20 -19.33 -34.18
N LEU K 210 -10.20 -19.87 -33.48
CA LEU K 210 -11.57 -19.71 -33.94
C LEU K 210 -12.18 -18.36 -33.53
N SER K 211 -11.48 -17.60 -32.68
CA SER K 211 -11.99 -16.32 -32.19
C SER K 211 -12.35 -15.34 -33.27
N ARG K 212 -11.49 -15.28 -34.28
CA ARG K 212 -11.68 -14.31 -35.33
C ARG K 212 -11.42 -14.91 -36.69
N PRO K 213 -12.10 -14.38 -37.71
CA PRO K 213 -11.89 -14.91 -39.05
C PRO K 213 -10.52 -14.50 -39.61
N GLU K 214 -9.95 -13.40 -39.09
CA GLU K 214 -8.65 -12.95 -39.58
C GLU K 214 -7.48 -13.85 -39.14
N TYR K 215 -7.81 -14.90 -38.39
CA TYR K 215 -6.79 -15.84 -37.91
C TYR K 215 -6.82 -17.07 -38.78
N ASN K 216 -8.00 -17.40 -39.29
CA ASN K 216 -8.18 -18.58 -40.12
C ASN K 216 -7.23 -18.67 -41.31
N PHE K 217 -6.01 -19.16 -41.11
CA PHE K 217 -5.05 -19.27 -42.19
C PHE K 217 -5.04 -20.65 -42.80
N LEU K 218 -5.96 -21.50 -42.37
CA LEU K 218 -6.04 -22.86 -42.92
C LEU K 218 -7.33 -22.97 -43.75
N LEU K 219 -7.88 -21.81 -44.10
CA LEU K 219 -9.12 -21.76 -44.89
C LEU K 219 -9.11 -22.63 -46.15
N HIS K 220 -7.93 -22.85 -46.74
CA HIS K 220 -7.92 -23.65 -47.95
C HIS K 220 -7.77 -25.14 -47.74
N LEU K 221 -8.19 -25.61 -46.56
CA LEU K 221 -8.13 -27.02 -46.26
C LEU K 221 -9.57 -27.51 -46.22
N ASP K 222 -9.86 -28.64 -46.87
CA ASP K 222 -11.23 -29.14 -46.83
C ASP K 222 -11.56 -29.59 -45.42
N HIS K 223 -12.85 -29.63 -45.10
CA HIS K 223 -13.29 -30.04 -43.77
C HIS K 223 -12.62 -31.34 -43.32
N VAL K 224 -12.32 -32.22 -44.27
CA VAL K 224 -11.68 -33.48 -43.92
C VAL K 224 -10.26 -33.26 -43.38
N GLU K 225 -9.45 -32.55 -44.16
CA GLU K 225 -8.08 -32.25 -43.75
C GLU K 225 -8.04 -31.49 -42.44
N PHE K 226 -8.80 -30.40 -42.38
CA PHE K 226 -8.81 -29.62 -41.16
C PHE K 226 -9.16 -30.44 -39.92
N LYS K 227 -10.16 -31.30 -40.04
CA LYS K 227 -10.58 -32.15 -38.94
C LYS K 227 -9.37 -32.94 -38.42
N ARG K 228 -8.65 -33.56 -39.35
CA ARG K 228 -7.48 -34.35 -38.99
C ARG K 228 -6.35 -33.49 -38.45
N PHE K 229 -6.12 -32.34 -39.08
CA PHE K 229 -5.06 -31.47 -38.64
C PHE K 229 -5.22 -31.10 -37.18
N ARG K 230 -6.44 -30.72 -36.81
CA ARG K 230 -6.74 -30.34 -35.45
C ARG K 230 -6.43 -31.51 -34.51
N PHE K 231 -6.83 -32.71 -34.91
CA PHE K 231 -6.60 -33.91 -34.13
C PHE K 231 -5.10 -34.08 -33.88
N LEU K 232 -4.34 -34.08 -34.96
CA LEU K 232 -2.91 -34.23 -34.88
C LEU K 232 -2.30 -33.19 -33.95
N VAL K 233 -2.69 -31.93 -34.09
CA VAL K 233 -2.13 -30.90 -33.21
C VAL K 233 -2.40 -31.17 -31.73
N ILE K 234 -3.61 -31.62 -31.42
CA ILE K 234 -3.96 -31.92 -30.05
C ILE K 234 -3.13 -33.08 -29.55
N GLU K 235 -3.09 -34.18 -30.30
CA GLU K 235 -2.29 -35.34 -29.91
C GLU K 235 -0.84 -34.95 -29.61
N ALA K 236 -0.28 -34.05 -30.42
CA ALA K 236 1.09 -33.65 -30.19
C ALA K 236 1.21 -32.87 -28.88
N ILE K 237 0.35 -31.89 -28.70
CA ILE K 237 0.43 -31.11 -27.47
C ILE K 237 0.20 -31.97 -26.22
N LEU K 238 -0.86 -32.77 -26.20
CA LEU K 238 -1.10 -33.56 -25.02
C LEU K 238 -0.01 -34.57 -24.72
N ALA K 239 0.80 -34.89 -25.71
CA ALA K 239 1.87 -35.86 -25.46
C ALA K 239 2.98 -35.19 -24.66
N THR K 240 2.96 -33.87 -24.56
CA THR K 240 3.99 -33.20 -23.79
C THR K 240 3.74 -33.21 -22.29
N ASP K 241 2.80 -34.02 -21.82
CA ASP K 241 2.54 -34.13 -20.38
C ASP K 241 3.50 -35.20 -19.84
N LEU K 242 4.48 -34.77 -19.05
CA LEU K 242 5.45 -35.70 -18.50
C LEU K 242 4.89 -36.86 -17.68
N LYS K 243 3.73 -36.67 -17.05
CA LYS K 243 3.13 -37.75 -16.26
C LYS K 243 2.92 -38.96 -17.16
N LYS K 244 2.89 -38.76 -18.46
CA LYS K 244 2.67 -39.90 -19.36
C LYS K 244 3.95 -40.30 -20.09
N HIS K 245 5.06 -39.67 -19.68
CA HIS K 245 6.36 -39.91 -20.29
C HIS K 245 6.74 -41.38 -20.46
N PHE K 246 6.65 -42.17 -19.40
CA PHE K 246 7.07 -43.55 -19.53
C PHE K 246 6.14 -44.43 -20.35
N ASP K 247 4.89 -43.99 -20.49
CA ASP K 247 3.94 -44.74 -21.28
C ASP K 247 4.27 -44.55 -22.76
N PHE K 248 4.52 -43.31 -23.17
CA PHE K 248 4.88 -43.08 -24.56
C PHE K 248 6.14 -43.85 -24.87
N LEU K 249 7.16 -43.67 -24.05
CA LEU K 249 8.44 -44.34 -24.21
C LEU K 249 8.26 -45.84 -24.37
N ALA K 250 7.48 -46.44 -23.49
CA ALA K 250 7.23 -47.88 -23.54
C ALA K 250 6.61 -48.26 -24.87
N GLU K 251 5.56 -47.53 -25.24
CA GLU K 251 4.83 -47.74 -26.46
C GLU K 251 5.71 -47.53 -27.70
N PHE K 252 6.53 -46.50 -27.68
CA PHE K 252 7.40 -46.23 -28.80
C PHE K 252 8.42 -47.36 -28.99
N ASN K 253 9.00 -47.85 -27.90
CA ASN K 253 9.98 -48.93 -28.01
C ASN K 253 9.36 -50.24 -28.49
N ALA K 254 8.14 -50.49 -28.06
CA ALA K 254 7.44 -51.72 -28.46
C ALA K 254 7.27 -51.76 -29.97
N LYS K 255 7.20 -50.60 -30.60
CA LYS K 255 7.03 -50.54 -32.04
C LYS K 255 8.37 -50.40 -32.77
N ALA K 256 9.20 -49.47 -32.31
CA ALA K 256 10.49 -49.21 -32.96
C ALA K 256 11.70 -50.04 -32.58
N ASN K 257 11.93 -50.23 -31.28
CA ASN K 257 13.11 -50.96 -30.83
C ASN K 257 12.85 -52.33 -30.21
N ASP K 258 12.28 -53.23 -31.00
CA ASP K 258 12.01 -54.57 -30.52
C ASP K 258 12.42 -55.51 -31.63
N VAL K 259 13.45 -56.32 -31.39
CA VAL K 259 13.95 -57.25 -32.39
C VAL K 259 12.89 -58.25 -32.87
N ASN K 260 11.84 -58.43 -32.08
CA ASN K 260 10.74 -59.33 -32.43
C ASN K 260 9.60 -58.57 -33.10
N SER K 261 9.69 -57.23 -33.07
CA SER K 261 8.69 -56.36 -33.69
C SER K 261 9.20 -55.99 -35.09
N ASN K 262 8.67 -54.91 -35.63
CA ASN K 262 9.05 -54.47 -36.96
C ASN K 262 9.18 -52.96 -37.07
N GLY K 263 10.36 -52.55 -37.52
CA GLY K 263 10.70 -51.14 -37.71
C GLY K 263 9.65 -50.10 -37.34
N ILE K 264 8.99 -49.53 -38.34
CA ILE K 264 7.99 -48.51 -38.07
C ILE K 264 6.81 -48.57 -39.02
N GLU K 265 7.08 -48.75 -40.31
CA GLU K 265 6.01 -48.78 -41.31
C GLU K 265 5.43 -47.38 -41.42
N TRP K 266 6.19 -46.49 -42.05
CA TRP K 266 5.74 -45.12 -42.20
C TRP K 266 4.42 -45.01 -42.97
N SER K 267 3.95 -46.14 -43.49
CA SER K 267 2.68 -46.17 -44.24
C SER K 267 1.51 -46.29 -43.26
N ASN K 268 1.85 -46.34 -41.98
CA ASN K 268 0.86 -46.48 -40.91
C ASN K 268 0.65 -45.15 -40.19
N GLU K 269 -0.59 -44.65 -40.20
CA GLU K 269 -0.89 -43.40 -39.53
C GLU K 269 -0.47 -43.44 -38.07
N ASN K 270 -0.96 -44.45 -37.35
CA ASN K 270 -0.66 -44.60 -35.94
C ASN K 270 0.84 -44.58 -35.67
N ASP K 271 1.58 -45.44 -36.36
CA ASP K 271 3.03 -45.47 -36.18
C ASP K 271 3.63 -44.10 -36.42
N ARG K 272 3.21 -43.45 -37.50
CA ARG K 272 3.72 -42.12 -37.81
C ARG K 272 3.41 -41.10 -36.71
N LEU K 273 2.21 -41.20 -36.14
CA LEU K 273 1.79 -40.29 -35.07
C LEU K 273 2.72 -40.42 -33.88
N LEU K 274 2.95 -41.67 -33.49
CA LEU K 274 3.82 -41.99 -32.39
C LEU K 274 5.18 -41.37 -32.63
N VAL K 275 5.72 -41.55 -33.84
CA VAL K 275 7.01 -40.96 -34.15
C VAL K 275 6.95 -39.45 -33.89
N CYS K 276 5.88 -38.80 -34.34
CA CYS K 276 5.73 -37.36 -34.14
C CYS K 276 5.64 -36.92 -32.69
N GLN K 277 4.95 -37.73 -31.89
CA GLN K 277 4.79 -37.42 -30.49
C GLN K 277 6.12 -37.53 -29.77
N VAL K 278 6.81 -38.63 -30.02
CA VAL K 278 8.11 -38.83 -29.40
C VAL K 278 9.02 -37.70 -29.84
N CYS K 279 8.85 -37.26 -31.08
CA CYS K 279 9.69 -36.18 -31.59
C CYS K 279 9.46 -34.84 -30.87
N ILE K 280 8.20 -34.49 -30.66
CA ILE K 280 7.93 -33.24 -29.98
C ILE K 280 8.34 -33.38 -28.51
N LYS K 281 8.16 -34.58 -27.94
CA LYS K 281 8.57 -34.82 -26.56
C LYS K 281 10.06 -34.54 -26.43
N LEU K 282 10.86 -35.07 -27.36
CA LEU K 282 12.31 -34.85 -27.29
C LEU K 282 12.64 -33.38 -27.47
N ALA K 283 11.91 -32.73 -28.37
CA ALA K 283 12.14 -31.32 -28.64
C ALA K 283 11.77 -30.44 -27.45
N ASP K 284 10.74 -30.85 -26.69
CA ASP K 284 10.29 -30.05 -25.53
C ASP K 284 11.32 -30.09 -24.40
N ILE K 285 12.07 -31.18 -24.31
CA ILE K 285 13.07 -31.28 -23.25
C ILE K 285 14.49 -31.42 -23.77
N ASN K 286 14.77 -30.77 -24.90
CA ASN K 286 16.09 -30.83 -25.51
C ASN K 286 17.19 -30.14 -24.72
N GLY K 287 16.81 -29.34 -23.73
CA GLY K 287 17.77 -28.61 -22.92
C GLY K 287 19.15 -29.23 -22.77
N PRO K 288 19.29 -30.32 -21.99
CA PRO K 288 20.57 -31.00 -21.76
C PRO K 288 21.20 -31.70 -22.97
N ALA K 289 20.63 -31.54 -24.15
CA ALA K 289 21.24 -32.17 -25.32
C ALA K 289 21.85 -31.10 -26.26
N LYS K 290 21.97 -29.88 -25.74
CA LYS K 290 22.57 -28.77 -26.49
C LYS K 290 23.96 -28.50 -25.91
N VAL K 291 24.67 -27.51 -26.46
CA VAL K 291 26.00 -27.16 -25.97
C VAL K 291 25.81 -26.67 -24.53
N ARG K 292 26.87 -26.72 -23.70
CA ARG K 292 26.74 -26.30 -22.31
C ARG K 292 26.21 -24.89 -22.17
N ASP K 293 26.75 -23.97 -22.96
CA ASP K 293 26.34 -22.58 -22.94
C ASP K 293 24.82 -22.43 -22.91
N LEU K 294 24.14 -23.09 -23.85
CA LEU K 294 22.69 -23.04 -23.96
C LEU K 294 22.01 -23.78 -22.83
N HIS K 295 22.46 -25.02 -22.61
CA HIS K 295 21.90 -25.84 -21.55
C HIS K 295 21.82 -25.10 -20.22
N LEU K 296 22.91 -24.45 -19.82
CA LEU K 296 22.89 -23.74 -18.55
C LEU K 296 21.89 -22.60 -18.55
N LYS K 297 21.83 -21.86 -19.65
CA LYS K 297 20.91 -20.74 -19.75
C LYS K 297 19.47 -21.24 -19.53
N TRP K 298 19.11 -22.34 -20.17
CA TRP K 298 17.76 -22.87 -19.99
C TRP K 298 17.57 -23.34 -18.54
N THR K 299 18.51 -24.13 -18.04
CA THR K 299 18.44 -24.63 -16.67
C THR K 299 18.16 -23.48 -15.71
N GLU K 300 18.91 -22.40 -15.86
CA GLU K 300 18.73 -21.23 -15.02
C GLU K 300 17.27 -20.79 -15.03
N GLY K 301 16.66 -20.84 -16.20
CA GLY K 301 15.27 -20.42 -16.32
C GLY K 301 14.30 -21.34 -15.61
N ILE K 302 14.46 -22.64 -15.83
CA ILE K 302 13.60 -23.61 -15.19
C ILE K 302 13.63 -23.50 -13.68
N VAL K 303 14.83 -23.47 -13.11
CA VAL K 303 14.90 -23.38 -11.66
C VAL K 303 14.34 -22.08 -11.13
N ASN K 304 14.59 -20.97 -11.82
CA ASN K 304 14.07 -19.72 -11.32
C ASN K 304 12.56 -19.77 -11.23
N GLU K 305 11.96 -20.45 -12.19
CA GLU K 305 10.53 -20.60 -12.23
C GLU K 305 10.10 -21.53 -11.09
N PHE K 306 10.83 -22.63 -10.90
CA PHE K 306 10.53 -23.58 -9.81
C PHE K 306 10.60 -22.85 -8.47
N TYR K 307 11.62 -22.03 -8.29
CA TYR K 307 11.77 -21.32 -7.03
C TYR K 307 10.60 -20.39 -6.78
N GLU K 308 10.01 -19.85 -7.86
CA GLU K 308 8.87 -18.95 -7.69
C GLU K 308 7.72 -19.79 -7.21
N GLN K 309 7.55 -20.97 -7.79
CA GLN K 309 6.47 -21.83 -7.35
C GLN K 309 6.73 -22.21 -5.90
N GLY K 310 7.99 -22.35 -5.54
CA GLY K 310 8.34 -22.72 -4.19
C GLY K 310 7.96 -21.64 -3.22
N ASP K 311 8.26 -20.40 -3.57
CA ASP K 311 7.92 -19.28 -2.71
C ASP K 311 6.42 -19.23 -2.51
N GLU K 312 5.65 -19.65 -3.51
CA GLU K 312 4.22 -19.61 -3.32
C GLU K 312 3.77 -20.70 -2.38
N GLU K 313 4.23 -21.93 -2.61
CA GLU K 313 3.86 -23.03 -1.73
C GLU K 313 4.18 -22.59 -0.30
N ALA K 314 5.32 -21.92 -0.13
CA ALA K 314 5.71 -21.40 1.16
C ALA K 314 4.59 -20.49 1.65
N ASN K 315 4.32 -19.43 0.91
CA ASN K 315 3.27 -18.49 1.30
C ASN K 315 1.91 -19.12 1.57
N LEU K 316 1.62 -20.26 0.97
CA LEU K 316 0.36 -20.94 1.19
C LEU K 316 0.51 -21.89 2.37
N GLY K 317 1.68 -21.85 3.01
CA GLY K 317 1.97 -22.71 4.14
C GLY K 317 1.99 -24.18 3.78
N LEU K 318 2.46 -24.50 2.58
CA LEU K 318 2.51 -25.89 2.14
C LEU K 318 3.94 -26.38 2.06
N PRO K 319 4.11 -27.70 2.06
CA PRO K 319 5.46 -28.25 1.97
C PRO K 319 5.99 -27.84 0.58
N ILE K 320 7.18 -27.26 0.54
CA ILE K 320 7.75 -26.86 -0.73
C ILE K 320 8.13 -28.10 -1.53
N SER K 321 7.77 -28.14 -2.81
CA SER K 321 8.07 -29.29 -3.64
C SER K 321 9.58 -29.52 -3.81
N PRO K 322 9.98 -30.77 -4.09
CA PRO K 322 11.38 -31.15 -4.28
C PRO K 322 12.09 -30.23 -5.27
N PHE K 323 13.31 -29.83 -4.96
CA PHE K 323 14.12 -28.97 -5.83
C PHE K 323 13.56 -27.59 -6.07
N MET K 324 12.49 -27.23 -5.38
CA MET K 324 11.91 -25.92 -5.59
C MET K 324 12.13 -24.90 -4.48
N ASP K 325 12.90 -25.29 -3.46
CA ASP K 325 13.21 -24.41 -2.34
C ASP K 325 14.55 -23.70 -2.60
N ARG K 326 14.52 -22.41 -2.89
CA ARG K 326 15.76 -21.69 -3.15
C ARG K 326 16.68 -21.67 -1.93
N SER K 327 16.13 -21.85 -0.74
CA SER K 327 16.94 -21.83 0.47
C SER K 327 17.69 -23.15 0.62
N SER K 328 17.11 -24.23 0.09
CA SER K 328 17.73 -25.54 0.18
C SER K 328 17.71 -26.23 -1.20
N PRO K 329 18.37 -25.60 -2.19
CA PRO K 329 18.45 -26.10 -3.56
C PRO K 329 19.27 -27.37 -3.77
N GLN K 330 19.01 -28.01 -4.89
CA GLN K 330 19.69 -29.24 -5.24
C GLN K 330 19.77 -29.24 -6.74
N LEU K 331 20.20 -28.09 -7.28
CA LEU K 331 20.32 -27.89 -8.70
C LEU K 331 20.97 -29.07 -9.41
N ALA K 332 22.17 -29.43 -8.99
CA ALA K 332 22.88 -30.56 -9.62
C ALA K 332 22.09 -31.85 -9.48
N LYS K 333 21.60 -32.14 -8.28
CA LYS K 333 20.83 -33.35 -8.09
C LYS K 333 19.62 -33.35 -9.03
N LEU K 334 19.00 -32.19 -9.19
CA LEU K 334 17.84 -32.03 -10.07
C LEU K 334 18.19 -32.39 -11.51
N GLN K 335 19.19 -31.69 -12.05
CA GLN K 335 19.60 -31.92 -13.42
C GLN K 335 20.12 -33.34 -13.65
N GLU K 336 20.91 -33.84 -12.71
CA GLU K 336 21.45 -35.18 -12.85
C GLU K 336 20.28 -36.14 -12.95
N SER K 337 19.36 -36.00 -12.01
CA SER K 337 18.20 -36.88 -11.95
C SER K 337 17.35 -36.78 -13.20
N PHE K 338 17.15 -35.56 -13.69
CA PHE K 338 16.33 -35.35 -14.86
C PHE K 338 16.91 -36.07 -16.08
N ILE K 339 18.19 -35.89 -16.31
CA ILE K 339 18.85 -36.53 -17.45
C ILE K 339 18.79 -38.03 -17.33
N THR K 340 19.08 -38.55 -16.15
CA THR K 340 19.07 -39.98 -15.94
C THR K 340 17.73 -40.67 -16.17
N HIS K 341 16.66 -40.11 -15.62
CA HIS K 341 15.33 -40.72 -15.74
C HIS K 341 14.42 -40.28 -16.86
N ILE K 342 14.61 -39.06 -17.36
CA ILE K 342 13.70 -38.60 -18.40
C ILE K 342 14.32 -38.40 -19.76
N VAL K 343 15.15 -37.37 -19.92
CA VAL K 343 15.75 -37.12 -21.23
C VAL K 343 16.61 -38.27 -21.72
N GLY K 344 17.43 -38.80 -20.82
CA GLY K 344 18.32 -39.88 -21.19
C GLY K 344 17.60 -41.03 -21.85
N PRO K 345 16.77 -41.76 -21.11
CA PRO K 345 16.06 -42.89 -21.70
C PRO K 345 15.28 -42.55 -23.00
N LEU K 346 14.73 -41.35 -23.08
CA LEU K 346 14.00 -40.94 -24.27
C LEU K 346 14.95 -40.87 -25.45
N CYS K 347 16.06 -40.17 -25.25
CA CYS K 347 17.08 -40.02 -26.29
C CYS K 347 17.63 -41.34 -26.77
N ASN K 348 17.81 -42.27 -25.86
CA ASN K 348 18.34 -43.55 -26.26
C ASN K 348 17.31 -44.23 -27.14
N SER K 349 16.05 -44.28 -26.70
CA SER K 349 15.01 -44.93 -27.50
C SER K 349 14.95 -44.32 -28.89
N TYR K 350 14.97 -42.99 -28.95
CA TYR K 350 14.90 -42.31 -30.23
C TYR K 350 16.15 -42.66 -31.05
N ASP K 351 17.32 -42.64 -30.41
CA ASP K 351 18.56 -42.98 -31.10
C ASP K 351 18.55 -44.44 -31.60
N ALA K 352 18.08 -45.37 -30.75
CA ALA K 352 18.01 -46.77 -31.11
C ALA K 352 17.11 -47.00 -32.32
N ALA K 353 16.13 -46.12 -32.51
CA ALA K 353 15.24 -46.26 -33.64
C ALA K 353 15.91 -45.65 -34.88
N GLY K 354 17.11 -45.11 -34.69
CA GLY K 354 17.85 -44.51 -35.78
C GLY K 354 17.14 -43.35 -36.46
N LEU K 355 16.56 -42.47 -35.66
CA LEU K 355 15.85 -41.31 -36.19
C LEU K 355 16.58 -40.02 -35.85
N LEU K 356 17.68 -40.15 -35.12
CA LEU K 356 18.45 -38.98 -34.72
C LEU K 356 19.37 -38.50 -35.83
N PRO K 357 19.29 -37.20 -36.13
CA PRO K 357 20.17 -36.71 -37.18
C PRO K 357 21.64 -36.74 -36.76
N GLY K 358 22.48 -37.32 -37.60
CA GLY K 358 23.90 -37.41 -37.31
C GLY K 358 24.68 -37.52 -38.61
N GLN K 359 25.91 -37.99 -38.52
CA GLN K 359 26.75 -38.16 -39.69
C GLN K 359 27.67 -39.33 -39.49
N TRP K 360 28.00 -39.99 -40.59
CA TRP K 360 28.89 -41.14 -40.55
C TRP K 360 30.30 -40.70 -40.21
N LEU K 361 31.14 -41.64 -39.83
CA LEU K 361 32.52 -41.32 -39.47
C LEU K 361 33.56 -41.70 -40.52
N GLU K 362 33.37 -42.85 -41.17
CA GLU K 362 34.30 -43.28 -42.19
C GLU K 362 33.65 -43.35 -43.56
N ALA K 363 34.29 -44.10 -44.46
CA ALA K 363 33.80 -44.29 -45.82
C ALA K 363 33.84 -45.77 -46.26
N GLU K 364 32.92 -46.57 -45.70
CA GLU K 364 32.79 -48.01 -46.01
C GLU K 364 31.31 -48.47 -46.23
N SER K 400 23.74 -50.38 -39.10
CA SER K 400 24.81 -50.03 -40.11
C SER K 400 26.23 -50.39 -39.63
N ARG K 401 27.00 -51.06 -40.49
CA ARG K 401 28.37 -51.48 -40.19
C ARG K 401 29.27 -50.30 -39.79
N ARG K 402 29.24 -49.26 -40.62
CA ARG K 402 30.03 -48.05 -40.38
C ARG K 402 29.43 -47.28 -39.21
N ARG K 403 30.32 -46.68 -38.42
CA ARG K 403 29.95 -45.90 -37.24
C ARG K 403 29.49 -44.48 -37.57
N ILE K 404 28.62 -43.93 -36.72
CA ILE K 404 28.10 -42.56 -36.88
C ILE K 404 28.43 -41.71 -35.65
N PHE K 405 28.11 -40.42 -35.72
CA PHE K 405 28.37 -39.50 -34.63
C PHE K 405 27.24 -38.51 -34.48
N CYS K 406 26.40 -38.76 -33.48
CA CYS K 406 25.26 -37.90 -33.22
C CYS K 406 25.67 -36.77 -32.25
N GLN K 407 25.62 -35.54 -32.73
CA GLN K 407 25.98 -34.36 -31.94
C GLN K 407 25.13 -34.15 -30.67
N LEU K 408 23.82 -34.30 -30.76
CA LEU K 408 23.02 -34.07 -29.55
C LEU K 408 23.19 -35.21 -28.56
N MET K 409 23.49 -36.39 -29.07
CA MET K 409 23.70 -37.54 -28.22
C MET K 409 24.99 -37.29 -27.45
N HIS K 410 25.94 -36.65 -28.11
CA HIS K 410 27.22 -36.33 -27.49
C HIS K 410 27.04 -35.29 -26.38
N HIS K 411 26.34 -34.20 -26.71
CA HIS K 411 26.06 -33.12 -25.76
C HIS K 411 25.38 -33.64 -24.49
N LEU K 412 24.43 -34.54 -24.68
CA LEU K 412 23.74 -35.11 -23.54
C LEU K 412 24.75 -35.76 -22.60
N THR K 413 25.59 -36.63 -23.16
CA THR K 413 26.62 -37.33 -22.39
C THR K 413 27.56 -36.39 -21.63
N GLU K 414 28.03 -35.35 -22.31
CA GLU K 414 28.94 -34.40 -21.68
C GLU K 414 28.25 -33.62 -20.57
N ASN K 415 27.02 -33.19 -20.81
CA ASN K 415 26.29 -32.43 -19.81
C ASN K 415 26.01 -33.27 -18.58
N HIS K 416 25.67 -34.54 -18.79
CA HIS K 416 25.41 -35.41 -17.66
C HIS K 416 26.58 -35.39 -16.70
N LYS K 417 27.80 -35.36 -17.24
CA LYS K 417 28.99 -35.35 -16.41
C LYS K 417 29.13 -34.11 -15.54
N ILE K 418 28.73 -32.96 -16.05
CA ILE K 418 28.88 -31.76 -15.25
C ILE K 418 27.92 -31.73 -14.08
N TRP K 419 26.93 -32.62 -14.08
CA TRP K 419 25.97 -32.64 -12.97
C TRP K 419 26.24 -33.77 -11.99
N LYS K 420 27.14 -34.68 -12.37
CA LYS K 420 27.51 -35.80 -11.51
C LYS K 420 28.36 -35.35 -10.35
N GLU L 3 -44.70 -35.63 17.21
CA GLU L 3 -43.26 -35.81 17.61
C GLU L 3 -42.77 -37.26 17.40
N VAL L 4 -43.19 -38.18 18.27
CA VAL L 4 -42.79 -39.60 18.17
C VAL L 4 -43.39 -40.23 16.91
N SER L 5 -44.56 -39.70 16.51
CA SER L 5 -45.28 -40.16 15.34
C SER L 5 -44.66 -39.58 14.07
N LEU L 6 -44.18 -38.33 14.15
CA LEU L 6 -43.55 -37.70 12.99
C LEU L 6 -42.30 -38.52 12.60
N ASP L 7 -41.58 -39.04 13.60
CA ASP L 7 -40.37 -39.85 13.43
C ASP L 7 -40.72 -41.29 13.00
N LEU L 8 -41.84 -41.80 13.52
CA LEU L 8 -42.32 -43.15 13.19
C LEU L 8 -42.84 -43.24 11.75
N ILE L 9 -43.33 -42.11 11.23
CA ILE L 9 -43.85 -42.02 9.86
C ILE L 9 -42.69 -41.91 8.85
N LEU L 10 -41.63 -41.22 9.27
CA LEU L 10 -40.43 -41.03 8.43
C LEU L 10 -39.74 -42.39 8.25
N VAL L 11 -39.82 -43.23 9.29
CA VAL L 11 -39.24 -44.56 9.29
C VAL L 11 -40.00 -45.47 8.32
N GLU L 12 -41.32 -45.32 8.31
CA GLU L 12 -42.19 -46.10 7.42
C GLU L 12 -41.82 -45.86 5.95
N GLU L 13 -41.70 -44.59 5.58
CA GLU L 13 -41.34 -44.23 4.20
C GLU L 13 -40.03 -44.90 3.84
N TYR L 14 -39.08 -44.82 4.77
CA TYR L 14 -37.77 -45.43 4.61
C TYR L 14 -37.93 -46.92 4.32
N ASP L 15 -38.56 -47.65 5.24
CA ASP L 15 -38.76 -49.08 5.02
C ASP L 15 -39.49 -49.40 3.71
N SER L 16 -40.39 -48.52 3.29
CA SER L 16 -41.11 -48.72 2.04
C SER L 16 -40.16 -48.64 0.87
N LEU L 17 -39.51 -47.49 0.75
CA LEU L 17 -38.57 -47.23 -0.32
C LEU L 17 -37.53 -48.35 -0.41
N ILE L 18 -36.98 -48.71 0.74
CA ILE L 18 -35.98 -49.78 0.78
C ILE L 18 -36.55 -51.07 0.24
N GLU L 19 -37.73 -51.43 0.74
CA GLU L 19 -38.38 -52.65 0.30
C GLU L 19 -38.61 -52.63 -1.21
N LYS L 20 -39.02 -51.47 -1.73
CA LYS L 20 -39.27 -51.34 -3.16
C LYS L 20 -37.98 -51.44 -3.97
N MET L 21 -36.92 -50.80 -3.48
CA MET L 21 -35.64 -50.82 -4.16
C MET L 21 -34.97 -52.16 -4.02
N SER L 22 -35.38 -52.94 -3.02
CA SER L 22 -34.79 -54.24 -2.80
C SER L 22 -35.03 -55.19 -3.96
N ASN L 23 -35.49 -54.66 -5.07
CA ASN L 23 -35.78 -55.50 -6.24
C ASN L 23 -35.08 -54.94 -7.48
N TRP L 24 -34.44 -55.81 -8.26
CA TRP L 24 -33.74 -55.37 -9.45
C TRP L 24 -34.64 -54.54 -10.35
N ASN L 25 -35.90 -54.94 -10.41
CA ASN L 25 -36.86 -54.22 -11.23
C ASN L 25 -37.59 -53.20 -10.38
N PHE L 26 -36.82 -52.39 -9.68
CA PHE L 26 -37.38 -51.35 -8.84
C PHE L 26 -38.27 -50.44 -9.69
N PRO L 27 -39.53 -50.27 -9.28
CA PRO L 27 -40.49 -49.41 -10.00
C PRO L 27 -40.25 -47.91 -9.74
N ILE L 28 -39.22 -47.36 -10.40
CA ILE L 28 -38.84 -45.94 -10.25
C ILE L 28 -39.98 -44.98 -10.58
N PHE L 29 -40.58 -45.17 -11.74
CA PHE L 29 -41.66 -44.28 -12.16
C PHE L 29 -42.83 -44.22 -11.19
N GLU L 30 -43.13 -45.34 -10.55
CA GLU L 30 -44.20 -45.35 -9.56
C GLU L 30 -43.82 -44.38 -8.44
N LEU L 31 -42.54 -44.36 -8.08
CA LEU L 31 -42.07 -43.48 -7.03
C LEU L 31 -42.17 -42.04 -7.52
N VAL L 32 -41.86 -41.82 -8.79
CA VAL L 32 -41.92 -40.48 -9.35
C VAL L 32 -43.30 -39.89 -9.15
N GLU L 33 -44.31 -40.73 -9.34
CA GLU L 33 -45.68 -40.29 -9.15
C GLU L 33 -46.01 -40.14 -7.68
N LYS L 34 -45.65 -41.15 -6.89
CA LYS L 34 -45.94 -41.09 -5.45
C LYS L 34 -45.39 -39.79 -4.86
N MET L 35 -44.33 -39.25 -5.46
CA MET L 35 -43.75 -38.00 -4.97
C MET L 35 -44.48 -36.78 -5.53
N GLY L 36 -45.06 -36.96 -6.72
CA GLY L 36 -45.80 -35.89 -7.37
C GLY L 36 -45.03 -34.59 -7.58
N GLU L 37 -45.36 -33.57 -6.81
CA GLU L 37 -44.68 -32.28 -6.95
C GLU L 37 -43.28 -32.28 -6.37
N LYS L 38 -43.07 -33.09 -5.33
CA LYS L 38 -41.77 -33.19 -4.71
C LYS L 38 -40.93 -34.19 -5.49
N SER L 39 -41.42 -34.58 -6.66
CA SER L 39 -40.74 -35.55 -7.51
C SER L 39 -39.37 -35.02 -7.96
N GLY L 40 -39.17 -33.70 -7.89
CA GLY L 40 -37.90 -33.16 -8.31
C GLY L 40 -36.71 -33.53 -7.42
N ARG L 41 -36.99 -34.21 -6.30
CA ARG L 41 -35.94 -34.60 -5.36
C ARG L 41 -35.78 -36.12 -5.24
N ILE L 42 -35.96 -36.83 -6.35
CA ILE L 42 -35.83 -38.27 -6.32
C ILE L 42 -34.40 -38.66 -5.98
N LEU L 43 -33.45 -38.08 -6.71
CA LEU L 43 -32.04 -38.37 -6.51
C LEU L 43 -31.58 -38.14 -5.07
N SER L 44 -31.79 -36.93 -4.57
CA SER L 44 -31.38 -36.63 -3.22
C SER L 44 -32.05 -37.55 -2.19
N GLN L 45 -33.30 -37.95 -2.44
CA GLN L 45 -33.97 -38.81 -1.47
C GLN L 45 -33.44 -40.23 -1.54
N VAL L 46 -33.21 -40.73 -2.75
CA VAL L 46 -32.71 -42.07 -2.89
C VAL L 46 -31.28 -42.16 -2.36
N MET L 47 -30.46 -41.16 -2.68
CA MET L 47 -29.09 -41.12 -2.20
C MET L 47 -29.05 -41.23 -0.67
N TYR L 48 -29.84 -40.39 -0.02
CA TYR L 48 -29.88 -40.41 1.43
C TYR L 48 -30.33 -41.76 1.93
N THR L 49 -31.31 -42.33 1.25
CA THR L 49 -31.81 -43.61 1.69
C THR L 49 -30.73 -44.67 1.56
N LEU L 50 -30.11 -44.75 0.40
CA LEU L 50 -29.07 -45.73 0.16
C LEU L 50 -27.86 -45.55 1.04
N PHE L 51 -27.53 -44.31 1.38
CA PHE L 51 -26.39 -44.08 2.26
C PHE L 51 -26.66 -44.51 3.69
N GLN L 52 -27.91 -44.84 4.01
CA GLN L 52 -28.22 -45.33 5.35
C GLN L 52 -28.25 -46.83 5.30
N ASP L 53 -28.76 -47.35 4.19
CA ASP L 53 -28.84 -48.79 4.03
C ASP L 53 -27.42 -49.41 3.99
N THR L 54 -26.46 -48.62 3.55
CA THR L 54 -25.07 -49.07 3.45
C THR L 54 -24.22 -48.74 4.68
N GLY L 55 -24.61 -47.71 5.41
CA GLY L 55 -23.87 -47.31 6.60
C GLY L 55 -22.84 -46.24 6.31
N LEU L 56 -22.74 -45.86 5.03
CA LEU L 56 -21.79 -44.83 4.64
C LEU L 56 -21.93 -43.56 5.44
N LEU L 57 -23.15 -43.20 5.83
CA LEU L 57 -23.30 -41.97 6.58
C LEU L 57 -22.55 -42.04 7.88
N GLU L 58 -22.59 -43.22 8.50
CA GLU L 58 -21.91 -43.42 9.78
C GLU L 58 -20.40 -43.61 9.63
N ILE L 59 -20.01 -44.46 8.69
CA ILE L 59 -18.62 -44.74 8.42
C ILE L 59 -17.82 -43.46 8.25
N PHE L 60 -18.31 -42.53 7.44
CA PHE L 60 -17.57 -41.31 7.24
C PHE L 60 -18.13 -40.11 7.98
N LYS L 61 -18.96 -40.38 8.99
CA LYS L 61 -19.54 -39.32 9.78
C LYS L 61 -20.00 -38.20 8.85
N ILE L 62 -20.89 -38.52 7.91
CA ILE L 62 -21.37 -37.52 6.98
C ILE L 62 -22.53 -36.73 7.56
N PRO L 63 -22.37 -35.41 7.69
CA PRO L 63 -23.44 -34.56 8.24
C PRO L 63 -24.63 -34.54 7.27
N THR L 64 -25.83 -34.74 7.79
CA THR L 64 -27.02 -34.78 6.92
C THR L 64 -27.30 -33.48 6.18
N GLN L 65 -27.12 -32.35 6.85
CA GLN L 65 -27.39 -31.07 6.22
C GLN L 65 -26.61 -30.87 4.93
N GLN L 66 -25.29 -30.82 5.04
CA GLN L 66 -24.46 -30.62 3.85
C GLN L 66 -24.69 -31.67 2.77
N PHE L 67 -24.98 -32.90 3.18
CA PHE L 67 -25.22 -33.98 2.24
C PHE L 67 -26.43 -33.64 1.38
N MET L 68 -27.53 -33.32 2.06
CA MET L 68 -28.76 -32.97 1.35
C MET L 68 -28.48 -31.71 0.54
N ASN L 69 -27.92 -30.69 1.19
CA ASN L 69 -27.63 -29.45 0.46
C ASN L 69 -27.00 -29.72 -0.90
N TYR L 70 -25.88 -30.45 -0.90
CA TYR L 70 -25.19 -30.75 -2.15
C TYR L 70 -25.98 -31.59 -3.12
N PHE L 71 -26.58 -32.67 -2.66
CA PHE L 71 -27.31 -33.50 -3.57
C PHE L 71 -28.60 -32.88 -4.10
N ARG L 72 -29.17 -31.95 -3.33
CA ARG L 72 -30.36 -31.25 -3.76
C ARG L 72 -29.90 -30.43 -4.97
N ALA L 73 -28.80 -29.67 -4.79
CA ALA L 73 -28.25 -28.84 -5.86
C ALA L 73 -27.80 -29.66 -7.06
N LEU L 74 -27.30 -30.86 -6.79
CA LEU L 74 -26.84 -31.71 -7.86
C LEU L 74 -28.01 -32.07 -8.78
N GLU L 75 -29.17 -32.40 -8.18
CA GLU L 75 -30.37 -32.76 -8.95
C GLU L 75 -30.75 -31.64 -9.89
N ASN L 76 -30.90 -30.46 -9.31
CA ASN L 76 -31.29 -29.29 -10.08
C ASN L 76 -30.45 -29.07 -11.31
N GLY L 77 -29.25 -29.63 -11.31
CA GLY L 77 -28.37 -29.48 -12.47
C GLY L 77 -28.79 -30.36 -13.62
N TYR L 78 -29.63 -31.35 -13.34
CA TYR L 78 -30.10 -32.22 -14.40
C TYR L 78 -31.24 -31.53 -15.16
N ARG L 79 -30.99 -31.30 -16.45
CA ARG L 79 -31.95 -30.65 -17.33
C ARG L 79 -33.20 -31.50 -17.49
N ASP L 80 -34.30 -30.83 -17.78
CA ASP L 80 -35.57 -31.50 -17.97
C ASP L 80 -35.71 -32.00 -19.42
N ILE L 81 -34.99 -33.05 -19.74
CA ILE L 81 -35.03 -33.62 -21.07
C ILE L 81 -35.61 -35.01 -20.99
N PRO L 82 -35.91 -35.62 -22.14
CA PRO L 82 -36.49 -36.98 -22.20
C PRO L 82 -35.77 -38.17 -21.58
N TYR L 83 -34.44 -38.16 -21.56
CA TYR L 83 -33.73 -39.31 -21.00
C TYR L 83 -32.68 -39.02 -19.91
N HIS L 84 -31.66 -38.26 -20.30
CA HIS L 84 -30.57 -37.90 -19.40
C HIS L 84 -31.00 -36.89 -18.33
N ASN L 85 -31.87 -37.33 -17.43
CA ASN L 85 -32.39 -36.49 -16.37
C ASN L 85 -32.19 -37.12 -14.99
N ARG L 86 -32.51 -36.35 -13.94
CA ARG L 86 -32.35 -36.84 -12.57
C ARG L 86 -32.93 -38.24 -12.39
N ILE L 87 -33.96 -38.60 -13.15
CA ILE L 87 -34.53 -39.94 -12.99
C ILE L 87 -33.60 -41.03 -13.51
N HIS L 88 -32.92 -40.74 -14.63
CA HIS L 88 -31.98 -41.72 -15.19
C HIS L 88 -30.86 -41.92 -14.17
N ALA L 89 -30.39 -40.79 -13.65
CA ALA L 89 -29.32 -40.78 -12.66
C ALA L 89 -29.73 -41.70 -11.52
N THR L 90 -30.91 -41.44 -10.97
CA THR L 90 -31.39 -42.24 -9.86
C THR L 90 -31.42 -43.71 -10.20
N ASP L 91 -31.75 -44.02 -11.45
CA ASP L 91 -31.83 -45.41 -11.86
C ASP L 91 -30.46 -46.07 -11.85
N VAL L 92 -29.46 -45.37 -12.40
CA VAL L 92 -28.10 -45.89 -12.45
C VAL L 92 -27.54 -46.08 -11.04
N LEU L 93 -27.81 -45.10 -10.18
CA LEU L 93 -27.39 -45.17 -8.78
C LEU L 93 -27.97 -46.44 -8.15
N HIS L 94 -29.25 -46.68 -8.35
CA HIS L 94 -29.90 -47.86 -7.81
C HIS L 94 -29.24 -49.15 -8.32
N ALA L 95 -28.86 -49.15 -9.60
CA ALA L 95 -28.24 -50.33 -10.20
C ALA L 95 -26.88 -50.67 -9.58
N VAL L 96 -25.97 -49.68 -9.51
CA VAL L 96 -24.65 -49.94 -8.92
C VAL L 96 -24.83 -50.36 -7.48
N TRP L 97 -25.78 -49.76 -6.80
CA TRP L 97 -26.01 -50.13 -5.42
C TRP L 97 -26.44 -51.59 -5.31
N TYR L 98 -27.36 -51.98 -6.19
CA TYR L 98 -27.85 -53.36 -6.20
C TYR L 98 -26.74 -54.34 -6.60
N LEU L 99 -26.08 -54.08 -7.72
CA LEU L 99 -25.02 -54.94 -8.22
C LEU L 99 -23.85 -55.20 -7.29
N THR L 100 -23.57 -54.25 -6.39
CA THR L 100 -22.45 -54.36 -5.46
C THR L 100 -22.90 -54.65 -4.04
N THR L 101 -24.05 -55.28 -3.90
CA THR L 101 -24.59 -55.54 -2.58
C THR L 101 -25.33 -56.87 -2.41
N ARG L 102 -26.13 -57.21 -3.42
CA ARG L 102 -26.90 -58.44 -3.39
C ARG L 102 -25.97 -59.64 -3.58
N PRO L 103 -26.41 -60.80 -3.09
CA PRO L 103 -25.66 -62.05 -3.16
C PRO L 103 -25.26 -62.47 -4.57
N VAL L 104 -24.03 -62.96 -4.68
CA VAL L 104 -23.50 -63.44 -5.95
C VAL L 104 -23.04 -64.88 -5.73
N PRO L 105 -23.64 -65.82 -6.49
CA PRO L 105 -23.30 -67.24 -6.38
C PRO L 105 -21.81 -67.48 -6.55
N GLY L 106 -21.25 -68.23 -5.61
CA GLY L 106 -19.84 -68.58 -5.64
C GLY L 106 -18.78 -67.49 -5.60
N LEU L 107 -19.12 -66.31 -5.07
CA LEU L 107 -18.16 -65.21 -4.99
C LEU L 107 -17.32 -65.30 -3.72
N GLN L 108 -16.00 -65.39 -3.87
CA GLN L 108 -15.13 -65.47 -2.72
C GLN L 108 -15.24 -64.19 -1.89
N GLN L 109 -15.20 -64.32 -0.56
CA GLN L 109 -15.29 -63.14 0.31
C GLN L 109 -13.92 -62.70 0.80
N ILE L 110 -12.93 -62.91 -0.07
CA ILE L 110 -11.54 -62.56 0.22
C ILE L 110 -11.42 -61.09 0.57
N HIS L 111 -11.47 -60.81 1.86
CA HIS L 111 -11.37 -59.48 2.43
C HIS L 111 -12.31 -59.38 3.63
N ASN L 112 -12.27 -58.24 4.32
CA ASN L 112 -13.12 -57.98 5.48
C ASN L 112 -14.55 -58.48 5.21
N GLY L 113 -14.86 -59.64 5.79
CA GLY L 113 -16.18 -60.28 5.66
C GLY L 113 -16.72 -60.75 7.02
N ASP L 123 -16.33 -45.80 18.28
CA ASP L 123 -16.92 -44.62 18.97
C ASP L 123 -17.15 -43.47 17.98
N GLY L 124 -17.05 -42.23 18.44
CA GLY L 124 -17.29 -41.10 17.57
C GLY L 124 -16.07 -40.67 16.80
N ARG L 125 -15.05 -41.50 16.77
CA ARG L 125 -13.85 -41.12 16.06
C ARG L 125 -13.57 -42.00 14.89
N ILE L 126 -13.21 -41.41 13.75
CA ILE L 126 -12.92 -42.23 12.61
C ILE L 126 -11.51 -42.75 12.79
N ASN L 127 -11.32 -44.02 12.48
CA ASN L 127 -10.01 -44.63 12.56
C ASN L 127 -9.43 -44.72 11.16
N HIS L 128 -8.70 -43.69 10.77
CA HIS L 128 -8.13 -43.64 9.44
C HIS L 128 -7.03 -44.68 9.21
N GLY L 129 -6.82 -45.57 10.19
CA GLY L 129 -5.81 -46.59 10.06
C GLY L 129 -6.37 -47.95 9.66
N ARG L 130 -7.69 -48.11 9.85
CA ARG L 130 -8.37 -49.33 9.48
C ARG L 130 -9.25 -49.03 8.26
N ILE L 131 -9.17 -49.89 7.24
CA ILE L 131 -9.95 -49.77 6.01
C ILE L 131 -11.38 -50.31 6.18
N ALA L 132 -12.37 -49.42 6.11
CA ALA L 132 -13.80 -49.78 6.27
C ALA L 132 -14.47 -50.42 5.06
N TYR L 133 -15.42 -51.30 5.33
CA TYR L 133 -16.21 -51.98 4.29
C TYR L 133 -17.70 -51.84 4.64
N ILE L 134 -18.54 -51.49 3.67
CA ILE L 134 -19.98 -51.33 3.94
C ILE L 134 -20.72 -52.66 3.84
N SER L 135 -21.91 -52.68 4.41
CA SER L 135 -22.76 -53.87 4.38
C SER L 135 -24.21 -53.42 4.34
N SER L 136 -24.93 -53.82 3.28
CA SER L 136 -26.34 -53.45 3.14
C SER L 136 -27.21 -54.11 4.20
N LYS L 137 -28.07 -53.29 4.81
CA LYS L 137 -28.96 -53.78 5.84
C LYS L 137 -30.18 -54.43 5.22
N SER L 138 -30.45 -54.10 3.95
CA SER L 138 -31.62 -54.63 3.26
C SER L 138 -31.40 -56.02 2.65
N CYS L 139 -30.28 -56.65 2.95
CA CYS L 139 -30.04 -57.99 2.43
C CYS L 139 -28.80 -58.61 3.04
N SER L 140 -28.59 -59.88 2.72
CA SER L 140 -27.45 -60.63 3.25
C SER L 140 -27.32 -61.93 2.47
N ASN L 141 -26.09 -62.41 2.32
CA ASN L 141 -25.82 -63.65 1.59
C ASN L 141 -26.59 -64.81 2.20
N PRO L 142 -27.39 -65.49 1.38
CA PRO L 142 -28.17 -66.62 1.84
C PRO L 142 -27.32 -67.53 2.73
N ASP L 143 -26.17 -67.97 2.21
CA ASP L 143 -25.26 -68.85 2.95
C ASP L 143 -23.80 -68.61 2.50
N GLU L 144 -22.91 -69.54 2.84
CA GLU L 144 -21.51 -69.43 2.46
C GLU L 144 -21.26 -69.64 0.95
N SER L 145 -22.26 -70.15 0.23
CA SER L 145 -22.14 -70.36 -1.22
C SER L 145 -22.25 -69.02 -1.94
N TYR L 146 -22.68 -68.00 -1.20
CA TYR L 146 -22.85 -66.65 -1.76
C TYR L 146 -21.87 -65.61 -1.23
N GLY L 147 -21.54 -64.66 -2.09
CA GLY L 147 -20.66 -63.58 -1.70
C GLY L 147 -21.14 -62.30 -2.36
N CYS L 148 -20.96 -61.16 -1.69
CA CYS L 148 -21.37 -59.91 -2.30
C CYS L 148 -20.15 -59.05 -2.52
N LEU L 149 -20.23 -58.20 -3.54
CA LEU L 149 -19.14 -57.32 -3.92
C LEU L 149 -18.70 -56.37 -2.80
N SER L 150 -19.66 -55.92 -2.00
CA SER L 150 -19.36 -55.00 -0.91
C SER L 150 -18.36 -55.55 0.10
N SER L 151 -18.07 -56.84 0.00
CA SER L 151 -17.12 -57.47 0.91
C SER L 151 -15.69 -57.52 0.37
N ASN L 152 -15.51 -57.14 -0.88
CA ASN L 152 -14.20 -57.16 -1.50
C ASN L 152 -13.70 -55.77 -1.88
N ILE L 153 -14.63 -54.84 -2.04
CA ILE L 153 -14.27 -53.48 -2.40
C ILE L 153 -14.53 -52.56 -1.22
N PRO L 154 -13.46 -51.94 -0.68
CA PRO L 154 -13.63 -51.05 0.46
C PRO L 154 -14.70 -49.96 0.31
N ALA L 155 -15.27 -49.56 1.44
CA ALA L 155 -16.32 -48.56 1.52
C ALA L 155 -15.98 -47.29 0.76
N LEU L 156 -14.78 -46.77 0.97
CA LEU L 156 -14.40 -45.53 0.28
C LEU L 156 -14.60 -45.68 -1.23
N GLU L 157 -14.27 -46.84 -1.76
CA GLU L 157 -14.38 -47.10 -3.19
C GLU L 157 -15.80 -47.25 -3.68
N LEU L 158 -16.66 -47.92 -2.92
CA LEU L 158 -18.05 -48.05 -3.32
C LEU L 158 -18.74 -46.68 -3.19
N MET L 159 -18.45 -45.96 -2.13
CA MET L 159 -19.04 -44.66 -1.95
C MET L 159 -18.71 -43.78 -3.16
N ALA L 160 -17.51 -43.92 -3.68
CA ALA L 160 -17.11 -43.14 -4.85
C ALA L 160 -17.96 -43.58 -6.04
N LEU L 161 -18.21 -44.89 -6.15
CA LEU L 161 -18.99 -45.43 -7.24
C LEU L 161 -20.41 -44.86 -7.20
N TYR L 162 -21.01 -44.92 -6.02
CA TYR L 162 -22.38 -44.40 -5.82
C TYR L 162 -22.44 -42.91 -6.11
N VAL L 163 -21.52 -42.14 -5.55
CA VAL L 163 -21.53 -40.71 -5.78
C VAL L 163 -21.29 -40.38 -7.24
N ALA L 164 -20.53 -41.21 -7.93
CA ALA L 164 -20.24 -40.97 -9.33
C ALA L 164 -21.51 -41.21 -10.10
N ALA L 165 -22.22 -42.29 -9.79
CA ALA L 165 -23.46 -42.58 -10.48
C ALA L 165 -24.40 -41.38 -10.37
N ALA L 166 -24.51 -40.85 -9.16
CA ALA L 166 -25.40 -39.72 -8.92
C ALA L 166 -25.04 -38.49 -9.74
N MET L 167 -23.79 -38.39 -10.20
CA MET L 167 -23.41 -37.20 -10.96
C MET L 167 -22.92 -37.47 -12.38
N HIS L 168 -22.94 -38.74 -12.80
CA HIS L 168 -22.41 -39.08 -14.13
C HIS L 168 -23.01 -38.41 -15.37
N ASP L 169 -24.21 -37.86 -15.27
CA ASP L 169 -24.81 -37.18 -16.41
C ASP L 169 -25.22 -35.76 -16.07
N TYR L 170 -24.64 -35.20 -15.01
CA TYR L 170 -24.95 -33.84 -14.58
C TYR L 170 -24.93 -32.85 -15.73
N ASP L 171 -25.99 -32.04 -15.83
CA ASP L 171 -26.12 -31.03 -16.86
C ASP L 171 -25.97 -31.52 -18.31
N HIS L 172 -26.62 -32.64 -18.60
CA HIS L 172 -26.60 -33.21 -19.94
C HIS L 172 -27.49 -32.39 -20.86
N PRO L 173 -26.96 -32.01 -22.04
CA PRO L 173 -27.68 -31.21 -23.04
C PRO L 173 -28.64 -32.02 -23.93
N GLY L 174 -28.66 -33.34 -23.76
CA GLY L 174 -29.53 -34.17 -24.57
C GLY L 174 -28.95 -34.40 -25.96
N ARG L 175 -27.65 -34.17 -26.11
CA ARG L 175 -27.00 -34.36 -27.39
C ARG L 175 -25.81 -35.32 -27.24
N THR L 176 -25.45 -36.02 -28.32
CA THR L 176 -24.31 -36.94 -28.23
C THR L 176 -22.98 -36.23 -28.33
N ASN L 177 -21.93 -36.94 -27.98
CA ASN L 177 -20.60 -36.36 -28.04
C ASN L 177 -20.29 -36.01 -29.48
N ALA L 178 -20.57 -36.96 -30.38
CA ALA L 178 -20.32 -36.76 -31.81
C ALA L 178 -20.97 -35.46 -32.28
N PHE L 179 -22.22 -35.24 -31.86
CA PHE L 179 -22.92 -34.02 -32.24
C PHE L 179 -22.10 -32.80 -31.87
N LEU L 180 -21.72 -32.74 -30.58
CA LEU L 180 -20.94 -31.62 -30.05
C LEU L 180 -19.63 -31.40 -30.79
N VAL L 181 -18.96 -32.50 -31.12
CA VAL L 181 -17.69 -32.43 -31.82
C VAL L 181 -17.89 -31.90 -33.24
N ALA L 182 -18.93 -32.43 -33.90
CA ALA L 182 -19.28 -32.04 -35.25
C ALA L 182 -19.67 -30.57 -35.30
N THR L 183 -20.62 -30.17 -34.46
CA THR L 183 -21.07 -28.77 -34.44
C THR L 183 -20.05 -27.81 -33.83
N ASN L 184 -18.86 -28.34 -33.51
CA ASN L 184 -17.80 -27.53 -32.89
C ASN L 184 -18.30 -26.71 -31.72
N ALA L 185 -19.00 -27.40 -30.82
CA ALA L 185 -19.55 -26.76 -29.64
C ALA L 185 -18.41 -26.23 -28.79
N PRO L 186 -18.64 -25.12 -28.08
CA PRO L 186 -17.58 -24.58 -27.24
C PRO L 186 -17.06 -25.65 -26.25
N GLN L 187 -17.95 -26.54 -25.80
CA GLN L 187 -17.54 -27.58 -24.88
C GLN L 187 -16.61 -28.61 -25.52
N ALA L 188 -16.81 -28.88 -26.80
CA ALA L 188 -15.97 -29.86 -27.47
C ALA L 188 -14.58 -29.29 -27.68
N VAL L 189 -14.51 -27.99 -27.90
CA VAL L 189 -13.20 -27.36 -28.11
C VAL L 189 -12.44 -27.37 -26.78
N LEU L 190 -13.16 -27.03 -25.71
CA LEU L 190 -12.60 -26.98 -24.35
C LEU L 190 -11.92 -28.28 -23.94
N TYR L 191 -12.55 -29.41 -24.27
CA TYR L 191 -12.00 -30.71 -23.92
C TYR L 191 -11.32 -31.42 -25.08
N ASN L 192 -10.92 -30.65 -26.09
CA ASN L 192 -10.22 -31.22 -27.24
C ASN L 192 -10.86 -32.50 -27.82
N ASP L 193 -12.19 -32.50 -27.90
CA ASP L 193 -12.99 -33.61 -28.41
C ASP L 193 -12.81 -34.95 -27.70
N ARG L 194 -12.29 -34.94 -26.48
CA ARG L 194 -12.08 -36.21 -25.75
C ARG L 194 -13.13 -36.30 -24.65
N SER L 195 -13.96 -37.33 -24.71
CA SER L 195 -15.04 -37.56 -23.73
C SER L 195 -15.69 -36.24 -23.31
N VAL L 196 -15.96 -35.39 -24.29
CA VAL L 196 -16.54 -34.07 -24.08
C VAL L 196 -17.63 -34.01 -23.00
N LEU L 197 -18.67 -34.83 -23.14
CA LEU L 197 -19.75 -34.83 -22.15
C LEU L 197 -19.32 -35.33 -20.79
N GLU L 198 -18.80 -36.56 -20.77
CA GLU L 198 -18.34 -37.17 -19.54
C GLU L 198 -17.40 -36.24 -18.75
N ASN L 199 -16.48 -35.58 -19.46
CA ASN L 199 -15.58 -34.66 -18.79
C ASN L 199 -16.35 -33.52 -18.16
N HIS L 200 -17.34 -33.02 -18.88
CA HIS L 200 -18.16 -31.92 -18.39
C HIS L 200 -18.97 -32.32 -17.17
N HIS L 201 -19.49 -33.54 -17.17
CA HIS L 201 -20.28 -34.01 -16.03
C HIS L 201 -19.45 -33.97 -14.76
N ALA L 202 -18.29 -34.64 -14.79
CA ALA L 202 -17.39 -34.68 -13.62
C ALA L 202 -16.88 -33.30 -13.19
N ALA L 203 -16.34 -32.56 -14.15
CA ALA L 203 -15.79 -31.25 -13.84
C ALA L 203 -16.84 -30.30 -13.27
N SER L 204 -18.07 -30.44 -13.76
CA SER L 204 -19.17 -29.60 -13.34
C SER L 204 -19.68 -29.93 -11.95
N ALA L 205 -19.87 -31.21 -11.70
CA ALA L 205 -20.36 -31.67 -10.40
C ALA L 205 -19.33 -31.32 -9.33
N TRP L 206 -18.04 -31.50 -9.64
CA TRP L 206 -16.99 -31.20 -8.67
C TRP L 206 -16.93 -29.72 -8.43
N ASN L 207 -16.96 -28.95 -9.50
CA ASN L 207 -16.93 -27.51 -9.33
C ASN L 207 -18.10 -27.12 -8.41
N LEU L 208 -19.26 -27.73 -8.63
CA LEU L 208 -20.45 -27.44 -7.83
C LEU L 208 -20.14 -27.76 -6.36
N TYR L 209 -19.56 -28.95 -6.14
CA TYR L 209 -19.22 -29.39 -4.79
C TYR L 209 -18.32 -28.41 -4.05
N LEU L 210 -17.30 -27.91 -4.72
CA LEU L 210 -16.38 -26.97 -4.08
C LEU L 210 -16.90 -25.53 -4.07
N SER L 211 -18.03 -25.30 -4.75
CA SER L 211 -18.67 -23.98 -4.85
C SER L 211 -18.92 -23.29 -3.55
N ARG L 212 -19.56 -24.01 -2.64
CA ARG L 212 -19.95 -23.45 -1.37
C ARG L 212 -19.62 -24.38 -0.24
N PRO L 213 -19.25 -23.82 0.92
CA PRO L 213 -18.92 -24.66 2.07
C PRO L 213 -20.06 -25.52 2.59
N GLU L 214 -21.31 -25.10 2.38
CA GLU L 214 -22.45 -25.89 2.87
C GLU L 214 -22.68 -27.19 2.09
N TYR L 215 -21.83 -27.45 1.09
CA TYR L 215 -21.95 -28.66 0.29
C TYR L 215 -20.94 -29.70 0.76
N ASN L 216 -19.93 -29.22 1.50
CA ASN L 216 -18.86 -30.07 1.98
C ASN L 216 -19.25 -31.17 2.95
N PHE L 217 -19.89 -32.22 2.45
CA PHE L 217 -20.30 -33.30 3.34
C PHE L 217 -19.20 -34.33 3.57
N LEU L 218 -18.07 -34.18 2.87
CA LEU L 218 -16.95 -35.12 3.03
C LEU L 218 -15.87 -34.51 3.94
N LEU L 219 -16.28 -33.56 4.76
CA LEU L 219 -15.35 -32.88 5.64
C LEU L 219 -14.66 -33.75 6.67
N HIS L 220 -14.94 -35.04 6.70
CA HIS L 220 -14.27 -35.87 7.68
C HIS L 220 -13.37 -36.92 7.07
N LEU L 221 -12.93 -36.68 5.83
CA LEU L 221 -12.01 -37.61 5.20
C LEU L 221 -10.68 -36.89 5.23
N ASP L 222 -9.60 -37.58 5.56
CA ASP L 222 -8.33 -36.85 5.56
C ASP L 222 -7.95 -36.51 4.12
N HIS L 223 -6.91 -35.68 3.96
CA HIS L 223 -6.50 -35.27 2.62
C HIS L 223 -6.27 -36.46 1.71
N VAL L 224 -5.64 -37.49 2.25
CA VAL L 224 -5.38 -38.66 1.44
C VAL L 224 -6.69 -39.26 0.95
N GLU L 225 -7.56 -39.59 1.89
CA GLU L 225 -8.85 -40.17 1.57
C GLU L 225 -9.65 -39.33 0.55
N PHE L 226 -9.66 -38.02 0.74
CA PHE L 226 -10.41 -37.18 -0.20
C PHE L 226 -9.81 -37.26 -1.59
N LYS L 227 -8.51 -37.03 -1.66
CA LYS L 227 -7.78 -37.06 -2.91
C LYS L 227 -8.12 -38.35 -3.67
N ARG L 228 -8.11 -39.46 -2.96
CA ARG L 228 -8.39 -40.74 -3.59
C ARG L 228 -9.86 -40.83 -4.00
N PHE L 229 -10.74 -40.31 -3.18
CA PHE L 229 -12.17 -40.34 -3.48
C PHE L 229 -12.41 -39.60 -4.78
N ARG L 230 -11.89 -38.38 -4.85
CA ARG L 230 -12.06 -37.57 -6.04
C ARG L 230 -11.57 -38.30 -7.27
N PHE L 231 -10.38 -38.88 -7.17
CA PHE L 231 -9.81 -39.62 -8.28
C PHE L 231 -10.70 -40.79 -8.72
N LEU L 232 -11.22 -41.52 -7.75
CA LEU L 232 -12.09 -42.66 -8.03
C LEU L 232 -13.38 -42.21 -8.71
N VAL L 233 -13.97 -41.13 -8.23
CA VAL L 233 -15.20 -40.64 -8.83
C VAL L 233 -14.99 -40.30 -10.29
N ILE L 234 -13.98 -39.48 -10.57
CA ILE L 234 -13.68 -39.10 -11.93
C ILE L 234 -13.47 -40.32 -12.84
N GLU L 235 -12.72 -41.31 -12.37
CA GLU L 235 -12.48 -42.50 -13.17
C GLU L 235 -13.78 -43.22 -13.54
N ALA L 236 -14.73 -43.24 -12.60
CA ALA L 236 -15.99 -43.90 -12.85
C ALA L 236 -16.79 -43.12 -13.89
N ILE L 237 -17.01 -41.85 -13.61
CA ILE L 237 -17.77 -41.03 -14.53
C ILE L 237 -17.19 -41.10 -15.93
N LEU L 238 -15.88 -40.91 -16.09
CA LEU L 238 -15.31 -40.95 -17.43
C LEU L 238 -15.35 -42.31 -18.14
N ALA L 239 -15.73 -43.36 -17.42
CA ALA L 239 -15.79 -44.67 -18.04
C ALA L 239 -17.13 -44.86 -18.74
N THR L 240 -18.04 -43.92 -18.51
CA THR L 240 -19.36 -44.02 -19.10
C THR L 240 -19.38 -43.55 -20.56
N ASP L 241 -18.25 -43.05 -21.05
CA ASP L 241 -18.16 -42.61 -22.44
C ASP L 241 -18.14 -43.88 -23.30
N LEU L 242 -19.22 -44.10 -24.05
CA LEU L 242 -19.32 -45.29 -24.89
C LEU L 242 -18.24 -45.46 -25.95
N LYS L 243 -17.55 -44.38 -26.32
CA LYS L 243 -16.49 -44.49 -27.32
C LYS L 243 -15.44 -45.47 -26.85
N LYS L 244 -15.23 -45.53 -25.55
CA LYS L 244 -14.23 -46.42 -24.99
C LYS L 244 -14.87 -47.75 -24.54
N HIS L 245 -16.12 -47.95 -24.92
CA HIS L 245 -16.83 -49.17 -24.52
C HIS L 245 -16.09 -50.47 -24.79
N PHE L 246 -15.64 -50.65 -26.04
CA PHE L 246 -14.96 -51.90 -26.36
C PHE L 246 -13.61 -52.06 -25.71
N ASP L 247 -12.98 -50.93 -25.41
CA ASP L 247 -11.67 -50.96 -24.76
C ASP L 247 -11.83 -51.48 -23.33
N PHE L 248 -12.81 -50.95 -22.61
CA PHE L 248 -13.04 -51.41 -21.24
C PHE L 248 -13.43 -52.86 -21.24
N LEU L 249 -14.25 -53.24 -22.22
CA LEU L 249 -14.70 -54.61 -22.30
C LEU L 249 -13.51 -55.54 -22.53
N ALA L 250 -12.64 -55.13 -23.45
CA ALA L 250 -11.44 -55.90 -23.79
C ALA L 250 -10.57 -56.10 -22.56
N GLU L 251 -10.18 -54.98 -21.95
CA GLU L 251 -9.36 -54.99 -20.76
C GLU L 251 -9.99 -55.84 -19.67
N PHE L 252 -11.28 -55.68 -19.45
CA PHE L 252 -11.94 -56.45 -18.43
C PHE L 252 -11.84 -57.94 -18.73
N ASN L 253 -12.05 -58.33 -19.98
CA ASN L 253 -11.96 -59.73 -20.31
C ASN L 253 -10.56 -60.27 -20.07
N ALA L 254 -9.55 -59.50 -20.47
CA ALA L 254 -8.16 -59.89 -20.28
C ALA L 254 -7.88 -60.31 -18.83
N LYS L 255 -8.41 -59.57 -17.86
CA LYS L 255 -8.20 -59.91 -16.46
C LYS L 255 -9.11 -61.05 -16.02
N ALA L 256 -10.41 -60.77 -16.04
CA ALA L 256 -11.43 -61.72 -15.59
C ALA L 256 -11.59 -63.05 -16.32
N ASN L 257 -11.94 -63.02 -17.60
CA ASN L 257 -12.14 -64.27 -18.31
C ASN L 257 -11.71 -64.26 -19.76
N ASP L 258 -10.54 -64.83 -20.01
CA ASP L 258 -9.99 -64.93 -21.35
C ASP L 258 -9.24 -66.25 -21.39
N VAL L 259 -8.61 -66.56 -22.51
CA VAL L 259 -7.87 -67.80 -22.63
C VAL L 259 -6.81 -67.90 -21.54
N ASN L 260 -5.94 -66.89 -21.46
CA ASN L 260 -4.89 -66.87 -20.47
C ASN L 260 -5.24 -65.93 -19.31
N SER L 261 -6.54 -65.69 -19.11
CA SER L 261 -7.00 -64.81 -18.05
C SER L 261 -6.30 -65.14 -16.72
N ASN L 262 -6.13 -64.13 -15.88
CA ASN L 262 -5.47 -64.31 -14.60
C ASN L 262 -6.47 -64.53 -13.44
N GLY L 263 -7.38 -63.57 -13.27
CA GLY L 263 -8.38 -63.64 -12.20
C GLY L 263 -8.80 -62.23 -11.80
N ILE L 264 -8.64 -61.88 -10.53
CA ILE L 264 -9.02 -60.55 -10.11
C ILE L 264 -8.10 -59.97 -9.02
N GLU L 265 -7.84 -60.76 -7.98
CA GLU L 265 -6.98 -60.30 -6.90
C GLU L 265 -7.57 -58.99 -6.41
N TRP L 266 -8.55 -59.08 -5.53
CA TRP L 266 -9.17 -57.89 -5.00
C TRP L 266 -8.18 -57.01 -4.25
N SER L 267 -6.97 -57.54 -4.04
CA SER L 267 -5.94 -56.79 -3.35
C SER L 267 -5.25 -55.84 -4.28
N ASN L 268 -5.58 -55.94 -5.56
CA ASN L 268 -5.00 -55.10 -6.59
C ASN L 268 -5.94 -53.90 -6.85
N GLU L 269 -5.53 -52.70 -6.42
CA GLU L 269 -6.35 -51.51 -6.60
C GLU L 269 -6.84 -51.35 -8.03
N ASN L 270 -5.95 -51.59 -8.99
CA ASN L 270 -6.32 -51.44 -10.40
C ASN L 270 -7.46 -52.34 -10.80
N ASP L 271 -7.35 -53.62 -10.44
CA ASP L 271 -8.40 -54.57 -10.76
C ASP L 271 -9.70 -54.14 -10.12
N ARG L 272 -9.64 -53.68 -8.87
CA ARG L 272 -10.83 -53.24 -8.20
C ARG L 272 -11.51 -52.10 -8.96
N LEU L 273 -10.72 -51.15 -9.43
CA LEU L 273 -11.27 -50.03 -10.18
C LEU L 273 -11.92 -50.52 -11.46
N LEU L 274 -11.25 -51.44 -12.14
CA LEU L 274 -11.79 -51.96 -13.39
C LEU L 274 -13.16 -52.57 -13.14
N VAL L 275 -13.29 -53.33 -12.06
CA VAL L 275 -14.58 -53.92 -11.74
C VAL L 275 -15.59 -52.82 -11.48
N CYS L 276 -15.21 -51.79 -10.73
CA CYS L 276 -16.13 -50.71 -10.46
C CYS L 276 -16.56 -50.00 -11.72
N GLN L 277 -15.64 -49.83 -12.66
CA GLN L 277 -15.99 -49.16 -13.89
C GLN L 277 -16.93 -49.99 -14.74
N VAL L 278 -16.67 -51.29 -14.83
CA VAL L 278 -17.53 -52.16 -15.60
C VAL L 278 -18.94 -52.14 -14.97
N CYS L 279 -19.00 -51.85 -13.68
CA CYS L 279 -20.27 -51.79 -12.97
C CYS L 279 -21.11 -50.59 -13.42
N ILE L 280 -20.63 -49.35 -13.24
CA ILE L 280 -21.39 -48.18 -13.70
C ILE L 280 -21.67 -48.37 -15.17
N LYS L 281 -20.69 -48.93 -15.89
CA LYS L 281 -20.86 -49.15 -17.32
C LYS L 281 -22.16 -49.89 -17.59
N LEU L 282 -22.39 -50.96 -16.83
CA LEU L 282 -23.59 -51.78 -16.96
C LEU L 282 -24.79 -51.04 -16.39
N ALA L 283 -24.62 -50.45 -15.22
CA ALA L 283 -25.71 -49.72 -14.60
C ALA L 283 -26.16 -48.54 -15.46
N ASP L 284 -25.26 -48.01 -16.28
CA ASP L 284 -25.62 -46.85 -17.12
C ASP L 284 -26.51 -47.29 -18.28
N ILE L 285 -26.41 -48.56 -18.67
CA ILE L 285 -27.21 -49.05 -19.77
C ILE L 285 -28.05 -50.27 -19.38
N ASN L 286 -28.55 -50.26 -18.15
CA ASN L 286 -29.33 -51.39 -17.65
C ASN L 286 -30.68 -51.55 -18.36
N GLY L 287 -31.08 -50.55 -19.12
CA GLY L 287 -32.36 -50.60 -19.83
C GLY L 287 -32.82 -51.98 -20.30
N PRO L 288 -32.25 -52.49 -21.41
CA PRO L 288 -32.64 -53.81 -21.92
C PRO L 288 -32.33 -55.00 -21.02
N ALA L 289 -32.05 -54.75 -19.75
CA ALA L 289 -31.76 -55.85 -18.85
C ALA L 289 -32.77 -55.87 -17.72
N LYS L 290 -33.76 -54.99 -17.83
CA LYS L 290 -34.82 -54.93 -16.83
C LYS L 290 -36.02 -55.66 -17.42
N VAL L 291 -37.13 -55.62 -16.70
CA VAL L 291 -38.36 -56.26 -17.18
C VAL L 291 -38.91 -55.45 -18.37
N ARG L 292 -39.66 -56.13 -19.24
CA ARG L 292 -40.25 -55.51 -20.43
C ARG L 292 -40.84 -54.13 -20.13
N ASP L 293 -41.69 -54.07 -19.11
CA ASP L 293 -42.31 -52.81 -18.71
C ASP L 293 -41.27 -51.69 -18.71
N LEU L 294 -40.30 -51.80 -17.80
CA LEU L 294 -39.21 -50.83 -17.63
C LEU L 294 -38.39 -50.60 -18.89
N HIS L 295 -38.00 -51.69 -19.54
CA HIS L 295 -37.20 -51.57 -20.76
C HIS L 295 -37.80 -50.60 -21.77
N LEU L 296 -39.08 -50.82 -22.09
CA LEU L 296 -39.77 -49.99 -23.06
C LEU L 296 -39.85 -48.53 -22.63
N LYS L 297 -40.26 -48.31 -21.38
CA LYS L 297 -40.38 -46.95 -20.86
C LYS L 297 -39.08 -46.14 -21.05
N TRP L 298 -37.94 -46.80 -20.87
CA TRP L 298 -36.63 -46.17 -21.03
C TRP L 298 -36.40 -45.94 -22.51
N THR L 299 -36.66 -46.97 -23.30
CA THR L 299 -36.48 -46.88 -24.75
C THR L 299 -37.21 -45.67 -25.29
N GLU L 300 -38.38 -45.41 -24.72
CA GLU L 300 -39.17 -44.27 -25.15
C GLU L 300 -38.40 -42.97 -24.95
N GLY L 301 -37.88 -42.77 -23.72
CA GLY L 301 -37.14 -41.55 -23.44
C GLY L 301 -35.92 -41.32 -24.32
N ILE L 302 -35.20 -42.39 -24.64
CA ILE L 302 -34.00 -42.28 -25.46
C ILE L 302 -34.30 -41.83 -26.87
N VAL L 303 -35.24 -42.52 -27.52
CA VAL L 303 -35.60 -42.16 -28.88
C VAL L 303 -36.15 -40.73 -28.94
N ASN L 304 -37.03 -40.37 -28.02
CA ASN L 304 -37.59 -39.02 -28.04
C ASN L 304 -36.47 -37.99 -28.03
N GLU L 305 -35.44 -38.28 -27.24
CA GLU L 305 -34.30 -37.40 -27.14
C GLU L 305 -33.51 -37.43 -28.44
N PHE L 306 -33.29 -38.64 -28.94
CA PHE L 306 -32.56 -38.80 -30.20
C PHE L 306 -33.18 -37.96 -31.30
N TYR L 307 -34.52 -37.97 -31.33
CA TYR L 307 -35.31 -37.24 -32.31
C TYR L 307 -35.16 -35.73 -32.09
N GLU L 308 -35.26 -35.30 -30.84
CA GLU L 308 -35.11 -33.88 -30.54
C GLU L 308 -33.77 -33.41 -31.08
N GLN L 309 -32.79 -34.32 -31.12
CA GLN L 309 -31.47 -33.96 -31.64
C GLN L 309 -31.55 -33.85 -33.16
N GLY L 310 -32.19 -34.85 -33.77
CA GLY L 310 -32.36 -34.86 -35.23
C GLY L 310 -33.00 -33.57 -35.73
N ASP L 311 -33.96 -33.06 -34.95
CA ASP L 311 -34.63 -31.82 -35.31
C ASP L 311 -33.61 -30.69 -35.40
N GLU L 312 -32.82 -30.52 -34.34
CA GLU L 312 -31.80 -29.46 -34.29
C GLU L 312 -30.75 -29.68 -35.38
N GLU L 313 -30.47 -30.94 -35.70
CA GLU L 313 -29.48 -31.24 -36.73
C GLU L 313 -30.02 -30.67 -38.05
N ALA L 314 -31.34 -30.80 -38.23
CA ALA L 314 -32.01 -30.30 -39.42
C ALA L 314 -32.00 -28.77 -39.42
N ASN L 315 -32.41 -28.14 -38.32
CA ASN L 315 -32.42 -26.69 -38.25
C ASN L 315 -31.02 -26.11 -38.45
N LEU L 316 -30.01 -26.99 -38.42
CA LEU L 316 -28.64 -26.53 -38.59
C LEU L 316 -28.16 -26.90 -39.98
N GLY L 317 -29.00 -27.62 -40.72
CA GLY L 317 -28.62 -28.01 -42.06
C GLY L 317 -27.56 -29.10 -42.02
N LEU L 318 -27.75 -30.06 -41.13
CA LEU L 318 -26.81 -31.16 -41.02
C LEU L 318 -27.54 -32.47 -41.23
N PRO L 319 -26.83 -33.46 -41.81
CA PRO L 319 -27.40 -34.79 -42.08
C PRO L 319 -27.96 -35.35 -40.77
N ILE L 320 -29.20 -35.82 -40.80
CA ILE L 320 -29.78 -36.37 -39.59
C ILE L 320 -29.03 -37.66 -39.25
N SER L 321 -28.63 -37.77 -37.99
CA SER L 321 -27.88 -38.93 -37.53
C SER L 321 -28.75 -40.17 -37.47
N PRO L 322 -28.17 -41.33 -37.79
CA PRO L 322 -28.87 -42.62 -37.79
C PRO L 322 -29.82 -42.79 -36.61
N PHE L 323 -31.03 -43.28 -36.91
CA PHE L 323 -32.05 -43.51 -35.89
C PHE L 323 -32.55 -42.24 -35.21
N MET L 324 -32.07 -41.07 -35.64
CA MET L 324 -32.53 -39.84 -34.99
C MET L 324 -33.56 -39.05 -35.77
N ASP L 325 -33.96 -39.61 -36.90
CA ASP L 325 -34.96 -38.97 -37.77
C ASP L 325 -36.35 -39.55 -37.48
N ARG L 326 -37.19 -38.77 -36.80
CA ARG L 326 -38.54 -39.23 -36.44
C ARG L 326 -39.45 -39.51 -37.63
N SER L 327 -39.18 -38.83 -38.74
CA SER L 327 -39.98 -39.03 -39.95
C SER L 327 -39.39 -40.23 -40.71
N SER L 328 -38.77 -41.15 -39.97
CA SER L 328 -38.17 -42.34 -40.58
C SER L 328 -37.50 -43.20 -39.49
N PRO L 329 -38.21 -43.39 -38.36
CA PRO L 329 -37.70 -44.18 -37.23
C PRO L 329 -37.35 -45.62 -37.58
N GLN L 330 -36.43 -46.20 -36.81
CA GLN L 330 -36.04 -47.57 -37.01
C GLN L 330 -35.79 -48.22 -35.67
N LEU L 331 -36.66 -47.87 -34.73
CA LEU L 331 -36.62 -48.35 -33.35
C LEU L 331 -36.22 -49.81 -33.20
N ALA L 332 -36.94 -50.71 -33.85
CA ALA L 332 -36.62 -52.15 -33.77
C ALA L 332 -35.16 -52.43 -34.12
N LYS L 333 -34.68 -51.82 -35.21
CA LYS L 333 -33.31 -52.00 -35.67
C LYS L 333 -32.31 -51.50 -34.62
N LEU L 334 -32.62 -50.32 -34.09
CA LEU L 334 -31.82 -49.67 -33.05
C LEU L 334 -31.60 -50.58 -31.85
N GLN L 335 -32.69 -50.83 -31.11
CA GLN L 335 -32.62 -51.70 -29.93
C GLN L 335 -31.97 -53.03 -30.22
N GLU L 336 -32.34 -53.63 -31.35
CA GLU L 336 -31.78 -54.92 -31.73
C GLU L 336 -30.25 -54.85 -31.74
N SER L 337 -29.73 -53.88 -32.48
CA SER L 337 -28.28 -53.69 -32.58
C SER L 337 -27.62 -53.39 -31.23
N PHE L 338 -28.22 -52.47 -30.48
CA PHE L 338 -27.70 -52.07 -29.18
C PHE L 338 -27.58 -53.27 -28.23
N ILE L 339 -28.66 -54.04 -28.14
CA ILE L 339 -28.64 -55.19 -27.27
C ILE L 339 -27.70 -56.26 -27.79
N THR L 340 -27.28 -56.14 -29.04
CA THR L 340 -26.41 -57.16 -29.59
C THR L 340 -24.94 -56.83 -29.54
N HIS L 341 -24.60 -55.57 -29.81
CA HIS L 341 -23.21 -55.14 -29.83
C HIS L 341 -22.74 -54.40 -28.58
N ILE L 342 -23.66 -53.99 -27.73
CA ILE L 342 -23.25 -53.25 -26.54
C ILE L 342 -23.65 -53.90 -25.22
N VAL L 343 -24.90 -53.73 -24.82
CA VAL L 343 -25.35 -54.31 -23.55
C VAL L 343 -25.15 -55.83 -23.51
N GLY L 344 -25.40 -56.49 -24.63
CA GLY L 344 -25.26 -57.93 -24.69
C GLY L 344 -23.88 -58.41 -24.28
N PRO L 345 -22.84 -58.15 -25.09
CA PRO L 345 -21.48 -58.60 -24.74
C PRO L 345 -21.01 -58.14 -23.35
N LEU L 346 -21.51 -56.97 -22.88
CA LEU L 346 -21.12 -56.48 -21.57
C LEU L 346 -21.65 -57.41 -20.49
N CYS L 347 -22.95 -57.67 -20.49
CA CYS L 347 -23.49 -58.56 -19.48
C CYS L 347 -22.86 -59.93 -19.51
N ASN L 348 -22.57 -60.43 -20.70
CA ASN L 348 -21.97 -61.75 -20.79
C ASN L 348 -20.64 -61.74 -20.10
N SER L 349 -19.82 -60.77 -20.50
CA SER L 349 -18.49 -60.63 -19.95
C SER L 349 -18.54 -60.51 -18.42
N TYR L 350 -19.45 -59.68 -17.94
CA TYR L 350 -19.60 -59.46 -16.51
C TYR L 350 -20.13 -60.72 -15.85
N ASP L 351 -20.92 -61.46 -16.59
CA ASP L 351 -21.49 -62.70 -16.06
C ASP L 351 -20.43 -63.80 -16.01
N ALA L 352 -19.61 -63.85 -17.05
CA ALA L 352 -18.54 -64.82 -17.15
C ALA L 352 -17.60 -64.67 -15.97
N ALA L 353 -17.41 -63.44 -15.53
CA ALA L 353 -16.54 -63.18 -14.39
C ALA L 353 -17.23 -63.63 -13.09
N GLY L 354 -18.52 -63.96 -13.20
CA GLY L 354 -19.27 -64.41 -12.05
C GLY L 354 -19.45 -63.34 -10.99
N LEU L 355 -19.70 -62.11 -11.42
CA LEU L 355 -19.88 -60.98 -10.52
C LEU L 355 -21.32 -60.51 -10.49
N LEU L 356 -22.20 -61.25 -11.16
CA LEU L 356 -23.61 -60.90 -11.26
C LEU L 356 -24.48 -61.55 -10.20
N PRO L 357 -25.29 -60.74 -9.50
CA PRO L 357 -26.17 -61.31 -8.48
C PRO L 357 -27.02 -62.40 -9.12
N GLY L 358 -27.49 -63.35 -8.33
CA GLY L 358 -28.29 -64.41 -8.87
C GLY L 358 -28.52 -65.46 -7.82
N GLN L 359 -29.09 -66.59 -8.20
CA GLN L 359 -29.32 -67.66 -7.23
C GLN L 359 -29.09 -69.01 -7.85
N TRP L 360 -28.61 -69.91 -7.00
CA TRP L 360 -28.33 -71.28 -7.40
C TRP L 360 -29.63 -71.97 -7.76
N LEU L 361 -29.59 -72.83 -8.77
CA LEU L 361 -30.79 -73.55 -9.18
C LEU L 361 -31.04 -74.80 -8.34
N GLU L 362 -29.99 -75.59 -8.12
CA GLU L 362 -30.09 -76.85 -7.38
C GLU L 362 -29.17 -76.85 -6.15
N ALA L 363 -29.15 -78.00 -5.44
CA ALA L 363 -28.32 -78.24 -4.24
C ALA L 363 -26.88 -78.55 -4.76
N GLU L 364 -25.87 -78.51 -3.90
CA GLU L 364 -24.47 -78.77 -4.32
C GLU L 364 -24.35 -80.04 -5.19
N GLU L 365 -25.30 -80.97 -4.99
CA GLU L 365 -25.39 -82.25 -5.71
C GLU L 365 -26.18 -82.03 -7.03
N ASP L 366 -25.43 -81.81 -8.11
CA ASP L 366 -26.00 -81.57 -9.43
C ASP L 366 -25.48 -82.52 -10.53
N ASN L 367 -24.94 -83.68 -10.13
CA ASN L 367 -24.41 -84.69 -11.07
C ASN L 367 -25.56 -85.47 -11.76
N ASP L 368 -25.46 -86.80 -11.84
CA ASP L 368 -26.48 -87.65 -12.48
C ASP L 368 -26.15 -89.15 -12.18
N THR L 369 -26.95 -90.07 -12.71
CA THR L 369 -26.74 -91.50 -12.52
C THR L 369 -27.34 -92.27 -13.72
N GLU L 370 -28.18 -91.57 -14.50
CA GLU L 370 -28.82 -92.14 -15.69
C GLU L 370 -29.60 -91.11 -16.53
N SER L 371 -28.88 -90.17 -17.15
CA SER L 371 -29.46 -89.12 -18.00
C SER L 371 -29.38 -89.52 -19.48
N SER L 400 -18.75 -73.38 -9.62
CA SER L 400 -17.89 -73.36 -10.84
C SER L 400 -18.34 -74.41 -11.90
N ARG L 401 -19.32 -75.23 -11.53
CA ARG L 401 -19.89 -76.27 -12.40
C ARG L 401 -21.44 -76.32 -12.33
N ARG L 402 -22.02 -76.07 -11.14
CA ARG L 402 -23.48 -76.09 -10.99
C ARG L 402 -24.14 -74.88 -11.69
N ARG L 403 -25.37 -75.07 -12.17
CA ARG L 403 -26.07 -73.99 -12.87
C ARG L 403 -26.72 -72.97 -11.94
N ILE L 404 -26.83 -71.76 -12.45
CA ILE L 404 -27.39 -70.64 -11.71
C ILE L 404 -28.31 -69.80 -12.61
N PHE L 405 -29.26 -69.12 -11.97
CA PHE L 405 -30.21 -68.26 -12.68
C PHE L 405 -29.96 -66.77 -12.40
N CYS L 406 -29.64 -66.03 -13.46
CA CYS L 406 -29.39 -64.59 -13.30
C CYS L 406 -30.57 -63.82 -13.88
N GLN L 407 -31.29 -63.12 -13.00
CA GLN L 407 -32.46 -62.35 -13.41
C GLN L 407 -32.20 -61.41 -14.58
N LEU L 408 -31.28 -60.47 -14.45
CA LEU L 408 -31.05 -59.53 -15.55
C LEU L 408 -30.47 -60.22 -16.79
N MET L 409 -29.98 -61.43 -16.61
CA MET L 409 -29.39 -62.14 -17.73
C MET L 409 -30.52 -62.62 -18.66
N HIS L 410 -31.63 -63.06 -18.05
CA HIS L 410 -32.78 -63.52 -18.83
C HIS L 410 -33.57 -62.36 -19.40
N HIS L 411 -33.78 -61.30 -18.60
CA HIS L 411 -34.51 -60.13 -19.08
C HIS L 411 -33.90 -59.68 -20.39
N LEU L 412 -32.59 -59.82 -20.49
CA LEU L 412 -31.87 -59.42 -21.69
C LEU L 412 -32.26 -60.27 -22.90
N THR L 413 -32.34 -61.59 -22.69
CA THR L 413 -32.70 -62.52 -23.77
C THR L 413 -34.13 -62.30 -24.22
N GLU L 414 -35.01 -62.03 -23.26
CA GLU L 414 -36.41 -61.78 -23.52
C GLU L 414 -36.60 -60.50 -24.33
N ASN L 415 -36.15 -59.37 -23.79
CA ASN L 415 -36.29 -58.11 -24.50
C ASN L 415 -35.71 -58.18 -25.90
N HIS L 416 -34.65 -58.97 -26.07
CA HIS L 416 -34.02 -59.07 -27.38
C HIS L 416 -35.04 -59.55 -28.42
N LYS L 417 -35.82 -60.55 -28.03
CA LYS L 417 -36.84 -61.12 -28.90
C LYS L 417 -37.76 -60.05 -29.50
N ILE L 418 -38.38 -59.24 -28.65
CA ILE L 418 -39.29 -58.20 -29.13
C ILE L 418 -38.67 -57.08 -29.96
N TRP L 419 -37.56 -57.36 -30.65
CA TRP L 419 -36.90 -56.36 -31.51
C TRP L 419 -36.36 -57.03 -32.76
N LYS L 420 -36.12 -58.35 -32.68
CA LYS L 420 -35.60 -59.10 -33.83
C LYS L 420 -36.62 -59.13 -34.98
MG MG M . -0.65 52.26 -5.06
MG MG N . 2.33 54.24 -6.56
N9 IBM O . -6.21 58.91 -11.02
C8 IBM O . -7.44 59.48 -11.14
N7 IBM O . -8.44 58.74 -10.62
C5 IBM O . -7.80 57.56 -10.11
C4 IBM O . -6.50 57.64 -10.35
N3 IBM O . -5.60 56.54 -9.89
C2 IBM O . -6.12 55.39 -9.25
N1 IBM O . -7.50 55.36 -9.02
C6 IBM O . -8.38 56.36 -9.43
O6 IBM O . -9.60 56.38 -9.26
O2 IBM O . -5.38 54.49 -8.88
C10 IBM O . -8.04 54.16 -8.34
C11 IBM O . -4.16 56.64 -10.13
C12 IBM O . -3.54 57.84 -9.35
C13 IBM O . -2.02 57.95 -9.60
C14 IBM O . -3.83 57.74 -7.83
MG MG P . 33.72 56.19 -19.74
MG MG Q . 31.24 54.40 -17.51
N9 IBM R . 37.30 45.97 -20.82
C8 IBM R . 38.33 45.19 -21.25
N7 IBM R . 39.18 45.80 -22.10
C5 IBM R . 38.64 47.13 -22.26
C4 IBM R . 37.54 47.24 -21.52
N3 IBM R . 36.78 48.50 -21.50
C2 IBM R . 37.19 49.63 -22.26
N1 IBM R . 38.36 49.46 -23.03
C6 IBM R . 39.11 48.27 -23.07
O6 IBM R . 40.13 48.08 -23.73
O2 IBM R . 36.55 50.69 -22.24
C10 IBM R . 38.80 50.64 -23.84
C11 IBM R . 35.57 48.58 -20.66
C12 IBM R . 35.89 48.64 -19.15
C13 IBM R . 34.59 48.69 -18.35
C14 IBM R . 36.77 49.86 -18.80
MG MG S . -10.21 63.21 -43.42
MG MG T . -12.12 65.74 -41.02
N9 IBM U . -2.97 63.13 -36.11
C8 IBM U . -1.67 62.94 -35.78
N7 IBM U . -1.02 62.04 -36.55
C5 IBM U . -2.03 61.58 -37.50
C4 IBM U . -3.16 62.23 -37.24
N3 IBM U . -4.35 61.94 -38.07
C2 IBM U . -4.32 61.02 -39.13
N1 IBM U . -3.11 60.37 -39.36
C6 IBM U . -1.95 60.59 -38.62
O6 IBM U . -0.87 60.04 -38.79
O2 IBM U . -5.32 60.80 -39.81
C10 IBM U . -3.07 59.39 -40.48
C11 IBM U . -5.59 62.69 -37.77
C12 IBM U . -5.39 64.20 -37.92
C13 IBM U . -6.66 64.99 -37.60
C14 IBM U . -4.86 64.56 -39.34
MG MG V . -39.20 78.26 -24.91
MG MG W . -37.50 76.45 -27.89
N9 IBM X . -47.11 71.60 -27.64
C8 IBM X . -48.41 71.22 -27.67
N7 IBM X . -49.17 71.72 -26.67
C5 IBM X . -48.24 72.50 -25.86
C4 IBM X . -47.03 72.46 -26.45
N3 IBM X . -45.89 73.16 -25.83
C2 IBM X . -46.04 73.95 -24.66
N1 IBM X . -47.33 73.97 -24.09
C6 IBM X . -48.44 73.33 -24.63
O6 IBM X . -49.58 73.34 -24.17
O2 IBM X . -45.08 74.53 -24.16
C10 IBM X . -47.53 74.78 -22.85
C11 IBM X . -44.60 73.04 -26.53
C12 IBM X . -44.55 73.89 -27.83
C13 IBM X . -43.22 73.68 -28.57
C14 IBM X . -44.68 75.38 -27.52
MG MG Y . 11.00 -11.13 40.77
MG MG Z . 10.71 -14.87 40.27
N9 IBM AA . 3.63 -11.05 33.43
C8 IBM AA . 3.03 -10.26 32.50
N7 IBM AA . 2.91 -8.97 32.84
C5 IBM AA . 3.50 -8.88 34.16
C4 IBM AA . 3.91 -10.11 34.54
N3 IBM AA . 4.55 -10.31 35.85
C2 IBM AA . 4.71 -9.26 36.74
N1 IBM AA . 4.28 -7.98 36.33
C6 IBM AA . 3.66 -7.73 35.09
O6 IBM AA . 3.26 -6.63 34.68
O2 IBM AA . 5.26 -9.44 37.84
C10 IBM AA . 4.46 -6.87 37.28
C11 IBM AA . 5.02 -11.64 36.25
C12 IBM AA . 6.24 -12.09 35.39
C13 IBM AA . 6.75 -13.47 35.82
C14 IBM AA . 7.39 -11.07 35.49
MG MG BA . 13.09 -47.67 49.46
MG MG CA . 13.60 -43.97 50.10
N9 IBM DA . 12.84 -47.66 60.14
C8 IBM DA . 12.93 -48.41 61.26
N7 IBM DA . 12.61 -49.71 61.10
C5 IBM DA . 12.28 -49.83 59.71
C4 IBM DA . 12.40 -48.64 59.14
N3 IBM DA . 12.11 -48.49 57.70
C2 IBM DA . 11.69 -49.57 56.91
N1 IBM DA . 11.58 -50.80 57.56
C6 IBM DA . 11.84 -51.00 58.92
O6 IBM DA . 11.74 -52.07 59.53
O2 IBM DA . 11.46 -49.44 55.70
C10 IBM DA . 11.14 -51.96 56.73
C11 IBM DA . 12.27 -47.13 57.11
C12 IBM DA . 13.74 -46.67 56.97
C13 IBM DA . 13.82 -45.28 56.34
C14 IBM DA . 14.55 -47.64 56.11
MG MG EA . 17.97 -59.69 -0.75
MG MG FA . 19.46 -56.67 1.00
N9 IBM GA . 10.21 -53.13 -3.76
C8 IBM GA . 8.91 -53.15 -4.11
N7 IBM GA . 8.50 -54.29 -4.71
C5 IBM GA . 9.69 -55.13 -4.74
C4 IBM GA . 10.70 -54.44 -4.20
N3 IBM GA . 12.04 -55.06 -4.10
C2 IBM GA . 12.28 -56.35 -4.59
N1 IBM GA . 11.20 -57.04 -5.16
C6 IBM GA . 9.91 -56.50 -5.28
O6 IBM GA . 8.92 -57.07 -5.78
O2 IBM GA . 13.41 -56.85 -4.50
C10 IBM GA . 11.46 -58.39 -5.67
C11 IBM GA . 13.13 -54.28 -3.48
C12 IBM GA . 12.97 -54.16 -1.95
C13 IBM GA . 14.10 -53.32 -1.35
C14 IBM GA . 12.95 -55.54 -1.27
MG MG HA . 45.07 -35.76 9.38
MG MG IA . 43.41 -39.21 8.46
N9 IBM JA . 53.72 -39.39 4.54
C8 IBM JA . 55.06 -39.16 4.40
N7 IBM JA . 55.44 -37.90 4.66
C5 IBM JA . 54.21 -37.20 5.02
C4 IBM JA . 53.20 -38.07 4.94
N3 IBM JA . 51.83 -37.63 5.25
C2 IBM JA . 51.54 -36.31 5.61
N1 IBM JA . 52.64 -35.42 5.68
C6 IBM JA . 53.95 -35.79 5.39
O6 IBM JA . 54.94 -35.04 5.45
O2 IBM JA . 50.38 -35.95 5.86
C10 IBM JA . 52.34 -34.01 6.07
C11 IBM JA . 50.74 -38.61 5.16
C12 IBM JA . 50.75 -39.66 6.32
C13 IBM JA . 49.60 -40.67 6.15
C14 IBM JA . 50.64 -38.97 7.70
MG MG KA . -27.32 -23.16 30.83
MG MG LA . -25.51 -21.33 27.83
N9 IBM MA . -17.41 -26.22 32.60
C8 IBM MA . -16.62 -27.19 33.13
N7 IBM MA . -17.13 -27.79 34.22
C5 IBM MA . -18.40 -27.12 34.45
C4 IBM MA . -18.58 -26.21 33.49
N3 IBM MA . -19.79 -25.38 33.47
C2 IBM MA . -20.80 -25.54 34.43
N1 IBM MA . -20.58 -26.51 35.42
C6 IBM MA . -19.46 -27.33 35.48
O6 IBM MA . -19.23 -28.19 36.33
O2 IBM MA . -21.81 -24.84 34.41
C10 IBM MA . -21.64 -26.69 36.44
C11 IBM MA . -19.93 -24.38 32.39
C12 IBM MA . -19.97 -25.05 30.98
C13 IBM MA . -20.10 -24.05 29.83
C14 IBM MA . -21.13 -26.07 30.88
MG MG NA . -21.99 4.21 5.86
MG MG OA . -24.35 2.20 8.48
N9 IBM PA . -28.38 12.07 9.54
C8 IBM PA . -28.93 13.28 9.37
N7 IBM PA . -28.22 14.12 8.59
C5 IBM PA . -27.06 13.34 8.20
C4 IBM PA . -27.14 12.15 8.77
N3 IBM PA . -26.08 11.15 8.53
C2 IBM PA . -24.95 11.45 7.74
N1 IBM PA . -24.91 12.73 7.16
C6 IBM PA . -25.87 13.70 7.34
O6 IBM PA . -25.87 14.83 6.85
O2 IBM PA . -24.06 10.61 7.55
C10 IBM PA . -23.74 13.04 6.31
C11 IBM PA . -26.21 9.83 9.17
C12 IBM PA . -27.42 9.01 8.66
C13 IBM PA . -27.51 7.67 9.38
C14 IBM PA . -27.35 8.77 7.15
MG MG QA . 7.69 -26.73 -23.39
MG MG RA . 4.62 -27.77 -21.10
N9 IBM SA . 12.68 -30.52 -15.09
C8 IBM SA . 13.79 -30.47 -14.32
N7 IBM SA . 14.91 -30.10 -14.98
C5 IBM SA . 14.47 -29.89 -16.34
C4 IBM SA . 13.15 -30.13 -16.41
N3 IBM SA . 12.46 -29.98 -17.71
C2 IBM SA . 13.14 -29.59 -18.87
N1 IBM SA . 14.52 -29.34 -18.74
C6 IBM SA . 15.22 -29.47 -17.55
O6 IBM SA . 16.42 -29.26 -17.40
O2 IBM SA . 12.56 -29.47 -19.95
C10 IBM SA . 15.25 -28.93 -19.95
C11 IBM SA . 10.99 -30.23 -17.79
C12 IBM SA . 10.18 -29.24 -16.91
C13 IBM SA . 8.67 -29.48 -17.01
C14 IBM SA . 10.51 -27.77 -17.27
MG MG TA . -26.15 -42.16 -17.98
MG MG UA . -23.77 -40.13 -19.82
N9 IBM VA . -28.70 -46.38 -27.62
C8 IBM VA . -29.62 -47.13 -28.29
N7 IBM VA . -30.46 -47.84 -27.49
C5 IBM VA . -30.04 -47.51 -26.14
C4 IBM VA . -29.01 -46.64 -26.21
N3 IBM VA . -28.38 -46.15 -24.95
C2 IBM VA . -28.85 -46.56 -23.70
N1 IBM VA . -29.94 -47.46 -23.68
C6 IBM VA . -30.56 -47.96 -24.82
O6 IBM VA . -31.50 -48.76 -24.85
O2 IBM VA . -28.33 -46.13 -22.67
C10 IBM VA . -30.45 -47.91 -22.35
C11 IBM VA . -27.24 -45.21 -25.08
C12 IBM VA . -27.61 -43.74 -25.41
C13 IBM VA . -26.34 -42.88 -25.58
C14 IBM VA . -28.50 -43.13 -24.31
#